data_4C5R
#
_entry.id   4C5R
#
_cell.length_a   99.395
_cell.length_b   145.477
_cell.length_c   99.564
_cell.angle_alpha   90.00
_cell.angle_beta   99.54
_cell.angle_gamma   90.00
#
_symmetry.space_group_name_H-M   'P 1 21 1'
#
loop_
_entity.id
_entity.type
_entity.pdbx_description
1 polymer 'PHENYLALANINE AMMONIA-LYASE'
2 non-polymer '(3S)-3-amino-2,2-difluoro-3-phenylpropanoic acid'
3 non-polymer GLYCEROL
4 water water
#
_entity_poly.entity_id   1
_entity_poly.type   'polypeptide(L)'
_entity_poly.pdbx_seq_one_letter_code
;MGSSHHHHHHSSGLVPRGSHMGFAVESRSHVKDILGLINAFNEVKKITVDGTTPITVAHVAALARRHDVKVALEAEQCRA
RVETCSSWVQRKAEDGADIYGVTTGFGACSSRRTNRLSELQESLIRCLLAGVFTKGCAPSVDELPATATRSAMLLRLNSF
TYGCSGIRWEVMEALEKLLNSNVSPKVPLRGSVS(MDO)DLIPLAYIAGLLIGKPSVIARIGDDVEVPAPEALSRVGLRP
FKLQAKEGLALVNGTSFATAVASTVMYDANVLLLLVETLCGMFCEVIFGREEFAHPLIHKVKPHPGQIESAELLEWLLRS
SPFQELSREYYSIDKLKKPKQDRYALRSSPQWLAPLVQTIRDATTTVETEVNSANDNPIIDHANDRALHGANFQGSAVGF
YMDYVRIAVAGLGKLLFAQFTELMIEYYSNGLPGNLSLGPDLSVDYGLKGLDIAMAAYSSELQYLANPVTTHVHSAEQHN
QDINSLALISARKTEEALDILKLMIASHLTAMCQAVDLRQLEEALVKVVENVVSTLADECGLPNDTKARLLYVAKAVPVY
TYLESPCDPTLPLLLGLKQSCFDTILALHKKDGIETDTLVDRLAEFEKRLSDRLENEMTAVRVLYEKKGHKTADNNDALV
RIQGSKFLPFYRFVREELDTGVMSARREQTPQEDVQKVFDAIADGRITVPLLHCLQGFLGQPNGCANGV
;
_entity_poly.pdbx_strand_id   A,B,C,D
#
loop_
_chem_comp.id
_chem_comp.type
_chem_comp.name
_chem_comp.formula
BQ7 non-polymer '(3S)-3-amino-2,2-difluoro-3-phenylpropanoic acid' 'C9 H9 F2 N O2'
GOL non-polymer GLYCEROL 'C3 H8 O3'
#
# COMPACT_ATOMS: atom_id res chain seq x y z
N SER A 29 -31.48 -13.93 -7.21
CA SER A 29 -30.88 -12.83 -6.37
C SER A 29 -29.93 -13.36 -5.32
N HIS A 30 -28.82 -12.64 -5.10
CA HIS A 30 -27.84 -12.98 -4.07
C HIS A 30 -28.44 -12.99 -2.68
N VAL A 31 -29.49 -12.20 -2.47
CA VAL A 31 -30.17 -12.15 -1.17
C VAL A 31 -30.72 -13.54 -0.80
N LYS A 32 -31.32 -14.24 -1.77
CA LYS A 32 -31.78 -15.62 -1.55
C LYS A 32 -30.61 -16.55 -1.22
N ASP A 33 -29.53 -16.44 -2.00
CA ASP A 33 -28.33 -17.27 -1.77
C ASP A 33 -27.76 -17.07 -0.36
N ILE A 34 -27.70 -15.83 0.10
CA ILE A 34 -27.17 -15.54 1.44
C ILE A 34 -28.10 -16.08 2.54
N LEU A 35 -29.42 -15.94 2.33
CA LEU A 35 -30.39 -16.50 3.30
C LEU A 35 -30.27 -18.03 3.30
N GLY A 36 -30.03 -18.61 2.12
CA GLY A 36 -29.74 -20.04 2.01
C GLY A 36 -28.52 -20.45 2.81
N LEU A 37 -27.49 -19.60 2.81
CA LEU A 37 -26.28 -19.85 3.60
C LEU A 37 -26.52 -19.76 5.10
N ILE A 38 -27.29 -18.77 5.53
CA ILE A 38 -27.59 -18.60 6.95
C ILE A 38 -28.40 -19.80 7.49
N ASN A 39 -29.43 -20.20 6.75
CA ASN A 39 -30.21 -21.41 7.06
C ASN A 39 -29.34 -22.65 7.17
N ALA A 40 -28.47 -22.87 6.17
CA ALA A 40 -27.57 -24.02 6.20
C ALA A 40 -26.67 -24.04 7.43
N PHE A 41 -26.07 -22.89 7.75
CA PHE A 41 -25.25 -22.74 8.95
C PHE A 41 -26.02 -23.13 10.21
N ASN A 42 -27.28 -22.72 10.27
CA ASN A 42 -28.12 -22.98 11.44
C ASN A 42 -28.63 -24.40 11.53
N GLU A 43 -28.86 -25.04 10.37
CA GLU A 43 -29.59 -26.31 10.32
C GLU A 43 -28.75 -27.57 10.21
N VAL A 44 -27.54 -27.46 9.65
CA VAL A 44 -26.66 -28.61 9.45
C VAL A 44 -26.33 -29.30 10.78
N LYS A 45 -26.44 -30.63 10.78
CA LYS A 45 -26.15 -31.46 11.96
C LYS A 45 -24.96 -32.35 11.66
N LYS A 46 -24.93 -32.90 10.46
CA LYS A 46 -23.84 -33.75 10.00
C LYS A 46 -23.27 -33.18 8.72
N ILE A 47 -21.94 -33.11 8.64
CA ILE A 47 -21.29 -32.79 7.37
C ILE A 47 -20.81 -34.08 6.72
N THR A 48 -21.50 -34.50 5.66
CA THR A 48 -21.09 -35.73 4.99
C THR A 48 -19.91 -35.43 4.08
N VAL A 49 -18.84 -36.21 4.23
CA VAL A 49 -17.66 -36.07 3.39
C VAL A 49 -17.49 -37.39 2.66
N ASP A 50 -17.74 -37.36 1.36
CA ASP A 50 -17.91 -38.57 0.59
C ASP A 50 -17.27 -38.53 -0.80
N GLY A 51 -16.55 -37.45 -1.10
CA GLY A 51 -15.86 -37.33 -2.38
C GLY A 51 -16.75 -36.81 -3.49
N THR A 52 -17.97 -36.47 -3.16
CA THR A 52 -18.95 -36.05 -4.14
C THR A 52 -19.88 -34.94 -3.70
N THR A 53 -20.37 -35.01 -2.49
CA THR A 53 -21.24 -33.98 -1.93
C THR A 53 -20.40 -32.74 -1.60
N PRO A 54 -20.76 -31.57 -2.16
CA PRO A 54 -20.04 -30.33 -1.86
C PRO A 54 -20.11 -29.93 -0.38
N ILE A 55 -18.99 -29.42 0.14
CA ILE A 55 -18.96 -28.74 1.43
C ILE A 55 -18.99 -27.23 1.13
N THR A 56 -19.95 -26.51 1.73
CA THR A 56 -20.08 -25.06 1.52
C THR A 56 -19.36 -24.28 2.63
N VAL A 57 -19.25 -22.95 2.46
CA VAL A 57 -18.61 -22.14 3.52
C VAL A 57 -19.47 -22.12 4.80
N ALA A 58 -20.77 -22.34 4.65
CA ALA A 58 -21.65 -22.49 5.82
C ALA A 58 -21.36 -23.77 6.60
N HIS A 59 -21.12 -24.88 5.88
CA HIS A 59 -20.78 -26.14 6.51
C HIS A 59 -19.52 -25.99 7.32
N VAL A 60 -18.51 -25.36 6.71
CA VAL A 60 -17.20 -25.15 7.35
C VAL A 60 -17.32 -24.27 8.59
N ALA A 61 -18.04 -23.15 8.45
CA ALA A 61 -18.24 -22.25 9.57
C ALA A 61 -19.05 -22.90 10.69
N ALA A 62 -20.01 -23.75 10.33
CA ALA A 62 -20.82 -24.49 11.30
C ALA A 62 -20.00 -25.50 12.08
N LEU A 63 -19.15 -26.25 11.37
CA LEU A 63 -18.20 -27.16 12.01
C LEU A 63 -17.31 -26.40 13.02
N ALA A 64 -16.76 -25.27 12.58
CA ALA A 64 -15.85 -24.48 13.40
C ALA A 64 -16.52 -23.92 14.66
N ARG A 65 -17.76 -23.46 14.51
CA ARG A 65 -18.40 -22.65 15.55
C ARG A 65 -19.46 -23.35 16.39
N ARG A 66 -20.05 -24.43 15.86
CA ARG A 66 -21.08 -25.18 16.58
C ARG A 66 -20.57 -26.59 16.95
N HIS A 67 -20.32 -26.81 18.25
CA HIS A 67 -19.76 -28.10 18.71
C HIS A 67 -20.65 -29.31 18.49
N ASP A 68 -21.95 -29.11 18.38
CA ASP A 68 -22.87 -30.22 18.07
C ASP A 68 -22.84 -30.69 16.60
N VAL A 69 -22.07 -30.00 15.74
CA VAL A 69 -21.95 -30.38 14.32
C VAL A 69 -20.89 -31.46 14.16
N LYS A 70 -21.27 -32.59 13.57
CA LYS A 70 -20.36 -33.71 13.44
C LYS A 70 -19.98 -34.01 11.99
N VAL A 71 -18.80 -34.60 11.81
CA VAL A 71 -18.33 -35.03 10.50
C VAL A 71 -18.73 -36.49 10.31
N ALA A 72 -19.24 -36.79 9.11
CA ALA A 72 -19.59 -38.17 8.75
C ALA A 72 -18.86 -38.56 7.47
N LEU A 73 -17.77 -39.30 7.64
CA LEU A 73 -16.95 -39.76 6.52
C LEU A 73 -17.58 -41.03 5.96
N GLU A 74 -17.98 -40.99 4.70
CA GLU A 74 -18.79 -42.06 4.08
C GLU A 74 -17.99 -43.05 3.23
N ALA A 75 -17.87 -44.27 3.74
CA ALA A 75 -17.06 -45.35 3.13
C ALA A 75 -17.27 -45.56 1.62
N CYS A 78 -16.58 -43.87 -1.06
CA CYS A 78 -15.28 -43.38 -1.50
C CYS A 78 -14.08 -44.13 -0.89
N ARG A 79 -14.36 -45.00 0.07
CA ARG A 79 -13.32 -45.88 0.64
C ARG A 79 -12.61 -46.71 -0.46
N ALA A 80 -13.39 -47.29 -1.36
CA ALA A 80 -12.87 -48.05 -2.49
C ALA A 80 -11.78 -47.29 -3.26
N ARG A 81 -12.05 -46.05 -3.64
CA ARG A 81 -11.08 -45.29 -4.44
C ARG A 81 -9.86 -44.87 -3.60
N VAL A 82 -10.08 -44.63 -2.30
CA VAL A 82 -9.00 -44.32 -1.36
C VAL A 82 -8.00 -45.48 -1.24
N GLU A 83 -8.53 -46.70 -1.07
CA GLU A 83 -7.71 -47.89 -0.92
C GLU A 83 -6.99 -48.28 -2.22
N THR A 84 -7.66 -48.11 -3.36
CA THR A 84 -7.02 -48.36 -4.65
C THR A 84 -5.80 -47.44 -4.81
N CYS A 85 -6.02 -46.14 -4.57
CA CYS A 85 -4.98 -45.13 -4.72
C CYS A 85 -3.80 -45.40 -3.76
N SER A 86 -4.16 -45.72 -2.52
CA SER A 86 -3.24 -46.04 -1.44
C SER A 86 -2.39 -47.25 -1.79
N SER A 87 -3.07 -48.31 -2.26
CA SER A 87 -2.41 -49.53 -2.67
C SER A 87 -1.47 -49.30 -3.86
N TRP A 88 -1.93 -48.53 -4.84
CA TRP A 88 -1.12 -48.18 -6.00
C TRP A 88 0.16 -47.49 -5.62
N VAL A 89 0.07 -46.50 -4.72
CA VAL A 89 1.24 -45.71 -4.32
C VAL A 89 2.31 -46.55 -3.61
N GLN A 90 1.89 -47.33 -2.61
CA GLN A 90 2.82 -48.17 -1.85
C GLN A 90 3.49 -49.22 -2.74
N ARG A 91 2.72 -49.87 -3.60
CA ARG A 91 3.23 -50.93 -4.46
C ARG A 91 4.22 -50.38 -5.49
N LYS A 92 3.87 -49.25 -6.12
CA LYS A 92 4.77 -48.61 -7.07
C LYS A 92 6.05 -48.15 -6.38
N ALA A 93 5.91 -47.53 -5.21
CA ALA A 93 7.07 -47.08 -4.45
C ALA A 93 8.01 -48.26 -4.12
N GLU A 94 7.45 -49.38 -3.69
CA GLU A 94 8.27 -50.58 -3.41
C GLU A 94 8.91 -51.17 -4.67
N ASP A 95 8.23 -51.04 -5.82
CA ASP A 95 8.77 -51.50 -7.09
C ASP A 95 9.88 -50.58 -7.56
N GLY A 96 10.09 -49.48 -6.85
CA GLY A 96 11.10 -48.51 -7.21
C GLY A 96 10.72 -47.60 -8.36
N ALA A 97 9.42 -47.32 -8.53
CA ALA A 97 9.01 -46.30 -9.49
C ALA A 97 9.52 -44.91 -9.05
N ASP A 98 9.79 -44.06 -10.03
CA ASP A 98 10.40 -42.76 -9.77
C ASP A 98 9.28 -41.73 -9.66
N ILE A 99 8.84 -41.47 -8.43
CA ILE A 99 7.74 -40.54 -8.23
C ILE A 99 8.12 -39.44 -7.24
N TYR A 100 7.86 -38.19 -7.60
CA TYR A 100 8.24 -37.05 -6.75
C TYR A 100 7.72 -37.23 -5.32
N GLY A 101 8.59 -36.98 -4.35
CA GLY A 101 8.16 -36.96 -2.95
C GLY A 101 7.71 -38.30 -2.40
N VAL A 102 7.79 -39.36 -3.22
CA VAL A 102 7.61 -40.72 -2.71
C VAL A 102 8.89 -41.55 -2.81
N THR A 103 9.62 -41.41 -3.91
CA THR A 103 10.98 -41.95 -4.01
C THR A 103 11.99 -40.85 -4.37
N THR A 104 11.61 -39.59 -4.17
CA THR A 104 12.53 -38.48 -4.41
C THR A 104 12.49 -37.47 -3.28
N GLY A 105 13.52 -36.65 -3.20
CA GLY A 105 13.54 -35.51 -2.29
C GLY A 105 12.44 -34.51 -2.60
N PHE A 106 12.27 -33.54 -1.71
CA PHE A 106 11.18 -32.57 -1.79
C PHE A 106 11.65 -31.20 -2.28
N GLY A 107 10.73 -30.47 -2.90
CA GLY A 107 11.01 -29.10 -3.35
C GLY A 107 12.22 -29.03 -4.26
N ALA A 108 13.12 -28.09 -3.97
CA ALA A 108 14.36 -27.93 -4.73
C ALA A 108 15.31 -29.13 -4.68
N CYS A 109 15.05 -30.10 -3.79
CA CYS A 109 15.87 -31.31 -3.69
C CYS A 109 15.32 -32.51 -4.49
N SER A 110 14.50 -32.26 -5.50
CA SER A 110 13.76 -33.34 -6.19
C SER A 110 14.63 -34.24 -7.07
N SER A 111 15.91 -33.91 -7.19
CA SER A 111 16.80 -34.77 -7.97
C SER A 111 17.40 -35.90 -7.15
N ARG A 112 17.28 -35.84 -5.81
CA ARG A 112 17.76 -36.90 -4.93
C ARG A 112 16.75 -38.04 -4.89
N ARG A 113 17.19 -39.26 -5.21
CA ARG A 113 16.33 -40.44 -5.12
C ARG A 113 16.62 -41.22 -3.83
N THR A 114 15.64 -42.00 -3.36
CA THR A 114 15.81 -42.81 -2.16
C THR A 114 14.78 -43.95 -2.16
N ASN A 115 15.16 -45.07 -1.54
CA ASN A 115 14.23 -46.19 -1.28
C ASN A 115 13.80 -46.23 0.19
N ARG A 116 14.25 -45.26 0.98
CA ARG A 116 13.89 -45.19 2.40
C ARG A 116 12.50 -44.56 2.55
N LEU A 117 11.48 -45.32 2.18
CA LEU A 117 10.11 -44.83 1.97
C LEU A 117 9.49 -44.10 3.17
N SER A 118 9.52 -44.72 4.34
CA SER A 118 8.96 -44.15 5.56
C SER A 118 9.83 -43.06 6.15
N GLU A 119 11.14 -43.30 6.16
CA GLU A 119 12.11 -42.30 6.59
C GLU A 119 12.02 -40.97 5.78
N LEU A 120 11.89 -41.08 4.46
CA LEU A 120 11.68 -39.90 3.61
C LEU A 120 10.51 -39.04 4.14
N GLN A 121 9.35 -39.67 4.35
CA GLN A 121 8.15 -39.00 4.86
C GLN A 121 8.32 -38.38 6.25
N GLU A 122 8.97 -39.12 7.14
CA GLU A 122 9.25 -38.65 8.51
C GLU A 122 10.19 -37.44 8.54
N SER A 123 11.20 -37.44 7.69
CA SER A 123 12.17 -36.34 7.63
C SER A 123 11.52 -35.06 7.12
N LEU A 124 10.48 -35.19 6.31
CA LEU A 124 9.68 -34.05 5.86
C LEU A 124 8.94 -33.39 7.03
N ILE A 125 8.24 -34.19 7.84
CA ILE A 125 7.51 -33.66 9.00
C ILE A 125 8.46 -32.99 9.99
N ARG A 126 9.56 -33.68 10.31
CA ARG A 126 10.61 -33.16 11.20
C ARG A 126 11.05 -31.78 10.73
N CYS A 127 11.36 -31.69 9.44
CA CYS A 127 11.84 -30.48 8.81
C CYS A 127 10.80 -29.34 8.89
N LEU A 128 9.52 -29.70 8.82
CA LEU A 128 8.43 -28.72 8.77
C LEU A 128 7.85 -28.30 10.13
N LEU A 129 8.31 -28.96 11.20
CA LEU A 129 7.92 -28.55 12.54
C LEU A 129 8.84 -27.43 12.96
N ALA A 130 8.54 -26.26 12.40
CA ALA A 130 9.48 -25.16 12.30
C ALA A 130 8.83 -23.80 12.60
N GLY A 131 7.58 -23.83 13.05
CA GLY A 131 6.90 -22.62 13.49
C GLY A 131 7.37 -22.21 14.87
N VAL A 132 6.95 -21.03 15.30
CA VAL A 132 7.30 -20.51 16.62
C VAL A 132 6.05 -19.90 17.25
N PHE A 133 5.85 -20.13 18.55
CA PHE A 133 4.79 -19.46 19.28
C PHE A 133 5.30 -18.12 19.82
N THR A 134 4.76 -17.03 19.28
CA THR A 134 5.12 -15.67 19.68
C THR A 134 4.10 -15.13 20.67
N GLU A 143 -0.98 -17.98 17.87
CA GLU A 143 -1.35 -19.25 17.26
C GLU A 143 -2.55 -19.16 16.32
N LEU A 144 -2.64 -20.08 15.36
CA LEU A 144 -3.87 -20.23 14.58
C LEU A 144 -4.91 -20.82 15.55
N PRO A 145 -6.14 -20.29 15.55
CA PRO A 145 -7.11 -20.73 16.56
C PRO A 145 -7.68 -22.13 16.27
N ALA A 146 -8.29 -22.74 17.28
CA ALA A 146 -8.86 -24.07 17.18
C ALA A 146 -9.90 -24.16 16.07
N THR A 147 -10.70 -23.10 15.92
CA THR A 147 -11.67 -23.01 14.84
C THR A 147 -11.00 -23.20 13.46
N ALA A 148 -9.91 -22.47 13.22
CA ALA A 148 -9.16 -22.57 11.96
C ALA A 148 -8.57 -23.95 11.78
N THR A 149 -8.00 -24.49 12.86
CA THR A 149 -7.30 -25.77 12.84
C THR A 149 -8.27 -26.90 12.53
N ARG A 150 -9.42 -26.91 13.19
CA ARG A 150 -10.44 -27.92 12.93
C ARG A 150 -10.98 -27.81 11.50
N SER A 151 -11.14 -26.59 11.02
CA SER A 151 -11.56 -26.36 9.64
C SER A 151 -10.52 -26.91 8.66
N ALA A 152 -9.24 -26.61 8.92
CA ALA A 152 -8.15 -27.17 8.13
C ALA A 152 -8.21 -28.70 8.12
N MET A 153 -8.49 -29.30 9.28
CA MET A 153 -8.54 -30.78 9.38
C MET A 153 -9.62 -31.36 8.48
N LEU A 154 -10.81 -30.76 8.54
CA LEU A 154 -11.95 -31.11 7.66
C LEU A 154 -11.61 -30.96 6.18
N LEU A 155 -10.97 -29.84 5.83
CA LEU A 155 -10.65 -29.59 4.44
C LEU A 155 -9.59 -30.57 3.92
N ARG A 156 -8.62 -30.92 4.76
CA ARG A 156 -7.64 -31.96 4.36
C ARG A 156 -8.34 -33.31 4.17
N LEU A 157 -9.18 -33.69 5.13
CA LEU A 157 -9.94 -34.93 5.05
C LEU A 157 -10.74 -34.96 3.74
N ASN A 158 -11.40 -33.85 3.42
CA ASN A 158 -12.17 -33.72 2.18
C ASN A 158 -11.35 -33.93 0.90
N SER A 159 -10.16 -33.34 0.85
CA SER A 159 -9.24 -33.50 -0.27
C SER A 159 -8.93 -34.96 -0.55
N PHE A 160 -8.70 -35.71 0.54
CA PHE A 160 -8.35 -37.12 0.49
C PHE A 160 -9.45 -38.01 -0.11
N THR A 161 -10.70 -37.61 0.07
CA THR A 161 -11.85 -38.39 -0.42
C THR A 161 -11.91 -38.52 -1.95
N TYR A 162 -11.22 -37.63 -2.68
CA TYR A 162 -11.21 -37.69 -4.14
C TYR A 162 -10.36 -38.83 -4.69
N GLY A 163 -9.57 -39.45 -3.82
CA GLY A 163 -8.77 -40.63 -4.15
C GLY A 163 -7.57 -40.38 -5.04
N CYS A 164 -6.93 -39.23 -4.86
CA CYS A 164 -5.74 -38.87 -5.63
C CYS A 164 -4.49 -38.80 -4.77
N SER A 165 -4.63 -38.99 -3.45
CA SER A 165 -3.54 -38.66 -2.52
C SER A 165 -2.65 -39.82 -2.13
N GLY A 166 -3.23 -41.02 -2.05
CA GLY A 166 -2.50 -42.21 -1.66
C GLY A 166 -2.39 -42.34 -0.15
N ILE A 167 -3.11 -41.49 0.58
CA ILE A 167 -3.21 -41.62 2.04
C ILE A 167 -4.05 -42.85 2.39
N ARG A 168 -3.73 -43.50 3.51
CA ARG A 168 -4.50 -44.66 3.96
C ARG A 168 -5.87 -44.25 4.50
N TRP A 169 -6.88 -45.06 4.21
CA TRP A 169 -8.22 -44.85 4.74
C TRP A 169 -8.18 -44.67 6.25
N GLU A 170 -7.36 -45.48 6.91
CA GLU A 170 -7.25 -45.44 8.35
C GLU A 170 -6.83 -44.06 8.88
N VAL A 171 -6.00 -43.35 8.13
CA VAL A 171 -5.60 -41.99 8.52
C VAL A 171 -6.79 -41.04 8.40
N MET A 172 -7.56 -41.20 7.34
CA MET A 172 -8.82 -40.47 7.21
C MET A 172 -9.81 -40.70 8.36
N GLU A 173 -9.94 -41.95 8.80
CA GLU A 173 -10.80 -42.29 9.95
C GLU A 173 -10.30 -41.63 11.24
N ALA A 174 -8.99 -41.57 11.39
CA ALA A 174 -8.37 -40.88 12.52
C ALA A 174 -8.67 -39.37 12.48
N LEU A 175 -8.61 -38.79 11.29
CA LEU A 175 -8.97 -37.38 11.14
C LEU A 175 -10.42 -37.14 11.53
N GLU A 176 -11.34 -37.98 11.06
CA GLU A 176 -12.76 -37.88 11.41
C GLU A 176 -12.97 -38.04 12.93
N LYS A 177 -12.29 -39.02 13.52
CA LYS A 177 -12.38 -39.24 14.97
C LYS A 177 -11.82 -38.05 15.76
N LEU A 178 -10.63 -37.57 15.37
CA LEU A 178 -10.08 -36.35 15.99
C LEU A 178 -11.03 -35.15 15.92
N LEU A 179 -11.65 -34.95 14.76
CA LEU A 179 -12.62 -33.85 14.56
C LEU A 179 -13.86 -33.94 15.46
N ASN A 180 -14.44 -35.14 15.53
CA ASN A 180 -15.62 -35.36 16.36
C ASN A 180 -15.34 -35.40 17.85
N SER A 181 -14.08 -35.63 18.23
CA SER A 181 -13.66 -35.65 19.62
C SER A 181 -13.13 -34.31 20.11
N ASN A 182 -13.19 -33.29 19.27
CA ASN A 182 -12.67 -31.96 19.62
C ASN A 182 -11.18 -31.94 19.99
N VAL A 183 -10.40 -32.78 19.30
CA VAL A 183 -8.95 -32.78 19.48
C VAL A 183 -8.27 -32.04 18.31
N SER A 184 -7.36 -31.11 18.64
CA SER A 184 -6.66 -30.26 17.66
C SER A 184 -5.27 -29.89 18.12
N PRO A 185 -4.29 -29.97 17.21
CA PRO A 185 -2.96 -29.51 17.57
C PRO A 185 -2.92 -27.99 17.76
N LYS A 186 -2.04 -27.52 18.66
CA LYS A 186 -1.71 -26.11 18.78
C LYS A 186 -0.76 -25.79 17.63
N VAL A 187 -1.15 -24.84 16.79
CA VAL A 187 -0.40 -24.51 15.58
C VAL A 187 0.05 -23.03 15.58
N PRO A 188 1.36 -22.78 15.34
CA PRO A 188 1.87 -21.41 15.21
C PRO A 188 1.17 -20.63 14.08
N LEU A 189 1.05 -19.31 14.28
CA LEU A 189 0.29 -18.45 13.39
C LEU A 189 0.95 -18.31 12.02
N ARG A 190 2.27 -18.17 12.03
CA ARG A 190 3.01 -17.77 10.84
C ARG A 190 3.97 -18.85 10.33
N GLY A 191 4.41 -18.70 9.08
CA GLY A 191 5.36 -19.64 8.47
C GLY A 191 4.89 -20.15 7.11
N SER A 192 3.60 -20.07 6.84
CA SER A 192 3.09 -20.51 5.52
C SER A 192 3.10 -19.41 4.46
N VAL A 193 3.52 -19.78 3.24
CA VAL A 193 3.31 -18.96 2.06
C VAL A 193 2.21 -19.56 1.18
N SER A 194 1.61 -20.65 1.66
CA SER A 194 0.43 -21.24 1.04
C SER A 194 0.68 -21.72 -0.40
N1 MDO A 195 1.86 -22.12 -0.64
CA1 MDO A 195 2.12 -22.93 -1.83
C1 MDO A 195 2.63 -24.34 -1.43
CB MDO A 195 3.08 -22.18 -2.74
N2 MDO A 195 3.77 -24.90 -1.85
CA2 MDO A 195 3.82 -26.12 -1.30
C2 MDO A 195 2.68 -26.32 -0.53
O2 MDO A 195 2.33 -27.41 0.19
CB2 MDO A 195 4.94 -27.13 -1.49
N3 MDO A 195 1.97 -25.22 -0.63
CA3 MDO A 195 0.67 -25.05 0.05
C3 MDO A 195 0.87 -24.85 1.56
O3 MDO A 195 2.08 -24.12 1.80
N ASP A 196 0.18 -25.10 2.60
CA ASP A 196 0.27 -24.65 4.02
C ASP A 196 1.14 -25.63 4.80
N LEU A 197 2.37 -25.82 4.30
CA LEU A 197 3.36 -26.82 4.77
C LEU A 197 3.60 -26.87 6.27
N ILE A 198 4.02 -25.75 6.84
CA ILE A 198 4.34 -25.70 8.26
C ILE A 198 3.10 -25.90 9.14
N PRO A 199 2.03 -25.10 8.94
CA PRO A 199 0.88 -25.34 9.83
C PRO A 199 0.28 -26.76 9.68
N LEU A 200 0.21 -27.28 8.46
CA LEU A 200 -0.27 -28.67 8.27
C LEU A 200 0.64 -29.77 8.89
N ALA A 201 1.93 -29.48 9.06
CA ALA A 201 2.86 -30.41 9.70
C ALA A 201 2.49 -30.69 11.16
N TYR A 202 1.71 -29.80 11.78
CA TYR A 202 1.30 -29.99 13.18
C TYR A 202 0.15 -30.97 13.28
N ILE A 203 -0.70 -31.01 12.27
CA ILE A 203 -1.75 -32.04 12.15
C ILE A 203 -1.12 -33.40 11.90
N ALA A 204 -0.14 -33.45 10.99
CA ALA A 204 0.65 -34.66 10.77
C ALA A 204 1.44 -35.05 12.02
N GLY A 205 1.96 -34.05 12.74
CA GLY A 205 2.70 -34.29 13.98
C GLY A 205 1.83 -34.95 15.05
N LEU A 206 0.59 -34.48 15.14
CA LEU A 206 -0.38 -35.08 16.05
C LEU A 206 -0.66 -36.55 15.67
N LEU A 207 -0.93 -36.78 14.39
CA LEU A 207 -1.24 -38.12 13.87
C LEU A 207 -0.12 -39.16 14.06
N ILE A 208 1.14 -38.72 14.00
CA ILE A 208 2.29 -39.60 14.22
C ILE A 208 2.82 -39.55 15.67
N GLY A 209 2.11 -38.83 16.54
CA GLY A 209 2.47 -38.74 17.95
C GLY A 209 3.78 -38.05 18.31
N LYS A 210 4.13 -36.97 17.61
CA LYS A 210 5.31 -36.18 17.99
C LYS A 210 5.12 -35.60 19.39
N PRO A 211 6.02 -35.94 20.33
CA PRO A 211 5.94 -35.47 21.72
C PRO A 211 5.92 -33.95 21.84
N SER A 212 6.59 -33.26 20.93
CA SER A 212 6.69 -31.80 20.95
C SER A 212 5.42 -31.10 20.49
N VAL A 213 4.49 -31.85 19.92
CA VAL A 213 3.24 -31.26 19.44
C VAL A 213 2.21 -31.32 20.55
N ILE A 214 1.62 -30.16 20.87
CA ILE A 214 0.62 -30.08 21.94
C ILE A 214 -0.78 -30.03 21.32
N ALA A 215 -1.68 -30.84 21.85
CA ALA A 215 -3.06 -30.90 21.36
C ALA A 215 -4.07 -30.37 22.40
N ARG A 216 -5.10 -29.69 21.93
CA ARG A 216 -6.25 -29.38 22.77
C ARG A 216 -7.21 -30.55 22.72
N ILE A 217 -7.82 -30.85 23.86
CA ILE A 217 -8.98 -31.73 23.93
C ILE A 217 -10.08 -30.89 24.58
N GLY A 218 -10.97 -30.35 23.75
CA GLY A 218 -11.94 -29.35 24.20
C GLY A 218 -11.23 -28.04 24.50
N ASP A 219 -11.83 -27.23 25.36
CA ASP A 219 -11.29 -25.91 25.67
C ASP A 219 -10.45 -25.90 26.94
N ASP A 220 -10.47 -27.00 27.69
CA ASP A 220 -9.92 -27.03 29.04
C ASP A 220 -8.68 -27.90 29.23
N VAL A 221 -8.28 -28.62 28.19
CA VAL A 221 -7.22 -29.61 28.32
C VAL A 221 -6.15 -29.44 27.23
N GLU A 222 -4.89 -29.48 27.63
CA GLU A 222 -3.76 -29.48 26.72
C GLU A 222 -2.79 -30.57 27.11
N VAL A 223 -2.47 -31.45 26.17
CA VAL A 223 -1.57 -32.57 26.43
C VAL A 223 -0.68 -32.84 25.22
N PRO A 224 0.53 -33.40 25.44
CA PRO A 224 1.35 -33.84 24.31
C PRO A 224 0.57 -34.76 23.38
N ALA A 225 0.93 -34.75 22.09
CA ALA A 225 0.23 -35.53 21.06
C ALA A 225 0.00 -37.03 21.37
N PRO A 226 1.02 -37.74 21.92
CA PRO A 226 0.77 -39.17 22.18
C PRO A 226 -0.35 -39.39 23.19
N GLU A 227 -0.41 -38.58 24.24
CA GLU A 227 -1.46 -38.64 25.26
C GLU A 227 -2.85 -38.35 24.65
N ALA A 228 -2.93 -37.32 23.82
CA ALA A 228 -4.18 -37.00 23.09
C ALA A 228 -4.68 -38.16 22.24
N LEU A 229 -3.78 -38.82 21.51
CA LEU A 229 -4.15 -39.97 20.67
C LEU A 229 -4.68 -41.11 21.55
N SER A 230 -3.93 -41.40 22.62
CA SER A 230 -4.31 -42.39 23.62
C SER A 230 -5.73 -42.16 24.13
N ARG A 231 -5.99 -40.95 24.63
CA ARG A 231 -7.30 -40.62 25.19
C ARG A 231 -8.49 -40.74 24.22
N VAL A 232 -8.22 -40.78 22.92
CA VAL A 232 -9.30 -41.00 21.95
C VAL A 232 -9.25 -42.37 21.30
N GLY A 233 -8.46 -43.27 21.87
CA GLY A 233 -8.36 -44.64 21.41
C GLY A 233 -7.63 -44.81 20.09
N LEU A 234 -6.64 -43.96 19.84
CA LEU A 234 -5.82 -44.08 18.63
C LEU A 234 -4.38 -44.37 18.98
N ARG A 235 -3.67 -45.00 18.06
CA ARG A 235 -2.24 -45.25 18.20
C ARG A 235 -1.48 -44.35 17.21
N PRO A 236 -0.24 -43.94 17.56
CA PRO A 236 0.48 -43.12 16.58
C PRO A 236 0.70 -43.84 15.26
N PHE A 237 0.43 -43.16 14.15
CA PHE A 237 0.70 -43.72 12.82
C PHE A 237 2.18 -43.75 12.46
N LYS A 238 2.54 -44.78 11.68
CA LYS A 238 3.84 -44.85 11.05
C LYS A 238 3.61 -44.50 9.57
N LEU A 239 4.18 -43.38 9.14
CA LEU A 239 3.97 -42.86 7.77
C LEU A 239 4.43 -43.84 6.70
N GLN A 240 3.52 -44.17 5.79
CA GLN A 240 3.83 -44.97 4.62
C GLN A 240 4.20 -44.03 3.47
N ALA A 241 4.45 -44.61 2.29
CA ALA A 241 4.89 -43.87 1.13
C ALA A 241 3.94 -42.72 0.79
N LYS A 242 4.50 -41.51 0.65
CA LYS A 242 3.75 -40.31 0.28
C LYS A 242 2.87 -39.71 1.40
N GLU A 243 2.77 -40.37 2.55
CA GLU A 243 1.81 -39.97 3.58
C GLU A 243 2.15 -38.65 4.29
N GLY A 244 3.44 -38.43 4.58
CA GLY A 244 3.90 -37.14 5.07
C GLY A 244 3.51 -36.06 4.08
N LEU A 245 3.95 -36.18 2.84
CA LEU A 245 3.67 -35.19 1.80
C LEU A 245 2.16 -35.00 1.57
N ALA A 246 1.40 -36.10 1.56
CA ALA A 246 -0.05 -35.99 1.38
C ALA A 246 -0.70 -35.15 2.49
N LEU A 247 -0.22 -35.30 3.71
CA LEU A 247 -0.80 -34.58 4.85
C LEU A 247 -0.50 -33.07 4.82
N VAL A 248 0.67 -32.69 4.28
CA VAL A 248 1.13 -31.30 4.29
C VAL A 248 0.93 -30.49 2.98
N ASN A 249 0.76 -31.16 1.84
CA ASN A 249 0.79 -30.52 0.52
C ASN A 249 -0.56 -29.92 0.07
N GLY A 250 -1.25 -29.26 0.99
CA GLY A 250 -2.60 -28.74 0.70
C GLY A 250 -2.73 -27.25 0.97
N THR A 251 -3.90 -26.72 0.68
CA THR A 251 -4.22 -25.31 0.91
C THR A 251 -5.20 -25.17 2.09
N SER A 252 -5.18 -26.17 2.98
CA SER A 252 -6.24 -26.34 3.98
C SER A 252 -6.35 -25.20 5.00
N PHE A 253 -5.24 -24.61 5.41
CA PHE A 253 -5.34 -23.49 6.37
C PHE A 253 -5.80 -22.18 5.73
N ALA A 254 -5.25 -21.84 4.56
CA ALA A 254 -5.70 -20.63 3.82
C ALA A 254 -7.19 -20.72 3.50
N THR A 255 -7.60 -21.89 3.02
CA THR A 255 -8.98 -22.12 2.58
C THR A 255 -9.92 -22.21 3.79
N ALA A 256 -9.43 -22.74 4.90
CA ALA A 256 -10.17 -22.78 6.15
C ALA A 256 -10.51 -21.37 6.65
N VAL A 257 -9.49 -20.51 6.77
CA VAL A 257 -9.73 -19.12 7.19
C VAL A 257 -10.59 -18.39 6.15
N ALA A 258 -10.33 -18.66 4.87
CA ALA A 258 -11.12 -18.02 3.80
C ALA A 258 -12.61 -18.44 3.82
N SER A 259 -12.88 -19.66 4.27
CA SER A 259 -14.27 -20.15 4.31
C SER A 259 -15.08 -19.39 5.36
N THR A 260 -14.54 -19.26 6.56
CA THR A 260 -15.25 -18.50 7.60
C THR A 260 -15.25 -17.02 7.29
N VAL A 261 -14.19 -16.54 6.62
CA VAL A 261 -14.17 -15.17 6.12
C VAL A 261 -15.35 -14.94 5.16
N MET A 262 -15.50 -15.84 4.17
CA MET A 262 -16.58 -15.71 3.19
C MET A 262 -17.97 -15.88 3.76
N TYR A 263 -18.14 -16.78 4.73
CA TYR A 263 -19.44 -16.91 5.40
C TYR A 263 -19.78 -15.57 6.07
N ASP A 264 -18.88 -15.06 6.90
CA ASP A 264 -19.06 -13.75 7.54
C ASP A 264 -19.27 -12.61 6.55
N ALA A 265 -18.47 -12.59 5.48
CA ALA A 265 -18.60 -11.52 4.48
C ALA A 265 -20.00 -11.50 3.84
N ASN A 266 -20.56 -12.68 3.55
CA ASN A 266 -21.93 -12.76 2.99
C ASN A 266 -22.98 -12.21 3.94
N VAL A 267 -22.91 -12.66 5.19
CA VAL A 267 -23.86 -12.25 6.23
C VAL A 267 -23.75 -10.76 6.54
N LEU A 268 -22.52 -10.27 6.73
CA LEU A 268 -22.30 -8.84 6.99
C LEU A 268 -22.67 -8.00 5.77
N LEU A 269 -22.42 -8.53 4.58
CA LEU A 269 -22.87 -7.84 3.38
C LEU A 269 -24.39 -7.64 3.38
N LEU A 270 -25.14 -8.71 3.60
CA LEU A 270 -26.60 -8.61 3.62
C LEU A 270 -27.07 -7.64 4.71
N LEU A 271 -26.40 -7.70 5.86
CA LEU A 271 -26.70 -6.83 6.99
C LEU A 271 -26.52 -5.36 6.64
N VAL A 272 -25.42 -5.03 5.94
CA VAL A 272 -25.16 -3.65 5.53
C VAL A 272 -26.19 -3.15 4.52
N GLU A 273 -26.48 -3.96 3.51
CA GLU A 273 -27.49 -3.62 2.49
C GLU A 273 -28.83 -3.32 3.15
N THR A 274 -29.25 -4.20 4.05
CA THR A 274 -30.53 -4.09 4.74
C THR A 274 -30.58 -2.82 5.59
N LEU A 275 -29.50 -2.57 6.32
CA LEU A 275 -29.41 -1.39 7.19
C LEU A 275 -29.39 -0.06 6.44
N CYS A 276 -29.02 -0.09 5.15
CA CYS A 276 -29.17 1.10 4.31
C CYS A 276 -30.61 1.59 4.29
N GLY A 277 -31.56 0.67 4.44
CA GLY A 277 -32.98 1.01 4.46
C GLY A 277 -33.39 1.63 5.77
N MET A 278 -32.88 1.09 6.87
CA MET A 278 -33.07 1.69 8.17
C MET A 278 -32.49 3.11 8.21
N PHE A 279 -31.32 3.29 7.59
CA PHE A 279 -30.70 4.60 7.47
C PHE A 279 -31.59 5.58 6.73
N CYS A 280 -32.13 5.16 5.59
CA CYS A 280 -33.10 5.99 4.86
C CYS A 280 -34.26 6.44 5.73
N GLU A 281 -34.82 5.50 6.50
CA GLU A 281 -35.95 5.79 7.39
C GLU A 281 -35.65 6.84 8.45
N VAL A 282 -34.56 6.65 9.20
CA VAL A 282 -34.19 7.58 10.29
C VAL A 282 -33.64 8.93 9.81
N ILE A 283 -32.97 8.97 8.65
CA ILE A 283 -32.38 10.21 8.09
C ILE A 283 -33.39 11.09 7.31
N PHE A 284 -34.61 10.59 7.13
CA PHE A 284 -35.60 11.23 6.22
C PHE A 284 -35.05 11.26 4.79
N GLY A 285 -34.65 10.11 4.30
CA GLY A 285 -34.22 10.00 2.91
C GLY A 285 -35.40 9.97 1.96
N ARG A 286 -35.09 10.05 0.66
CA ARG A 286 -36.05 9.92 -0.42
C ARG A 286 -35.86 8.54 -1.03
N GLU A 287 -36.88 7.67 -0.95
CA GLU A 287 -36.72 6.26 -1.35
C GLU A 287 -36.62 6.04 -2.87
N GLU A 288 -36.91 7.08 -3.62
CA GLU A 288 -36.81 7.10 -5.07
C GLU A 288 -35.45 6.62 -5.58
N PHE A 289 -34.40 6.76 -4.76
CA PHE A 289 -33.03 6.38 -5.20
C PHE A 289 -32.95 4.89 -5.58
N ALA A 290 -33.89 4.11 -5.06
CA ALA A 290 -33.96 2.66 -5.27
C ALA A 290 -34.96 2.24 -6.37
N HIS A 291 -35.51 3.22 -7.10
CA HIS A 291 -36.48 2.98 -8.19
C HIS A 291 -35.94 2.07 -9.24
N PRO A 292 -36.72 1.04 -9.65
CA PRO A 292 -36.21 -0.01 -10.53
C PRO A 292 -35.67 0.46 -11.87
N LEU A 293 -36.25 1.51 -12.45
CA LEU A 293 -35.80 2.00 -13.77
C LEU A 293 -34.38 2.58 -13.74
N ILE A 294 -34.00 3.21 -12.62
CA ILE A 294 -32.65 3.78 -12.46
C ILE A 294 -31.62 2.68 -12.65
N HIS A 295 -31.89 1.50 -12.11
CA HIS A 295 -30.93 0.41 -12.11
C HIS A 295 -31.05 -0.52 -13.31
N LYS A 296 -32.25 -0.65 -13.88
CA LYS A 296 -32.41 -1.34 -15.18
C LYS A 296 -31.49 -0.73 -16.24
N VAL A 297 -31.41 0.59 -16.20
CA VAL A 297 -30.68 1.40 -17.16
C VAL A 297 -29.14 1.49 -16.88
N LYS A 298 -28.71 0.92 -15.75
CA LYS A 298 -27.28 0.74 -15.41
C LYS A 298 -27.17 -0.61 -14.70
N PRO A 299 -27.34 -1.71 -15.46
CA PRO A 299 -27.68 -3.03 -14.92
C PRO A 299 -26.53 -3.90 -14.39
N HIS A 300 -25.68 -3.34 -13.53
CA HIS A 300 -24.75 -4.17 -12.75
C HIS A 300 -25.59 -5.01 -11.82
N PRO A 301 -25.42 -6.36 -11.87
CA PRO A 301 -26.27 -7.27 -11.07
C PRO A 301 -26.36 -6.89 -9.59
N GLY A 302 -25.24 -6.49 -8.98
CA GLY A 302 -25.27 -6.09 -7.58
C GLY A 302 -26.06 -4.80 -7.38
N GLN A 303 -26.13 -3.99 -8.42
CA GLN A 303 -26.87 -2.72 -8.35
C GLN A 303 -28.36 -2.96 -8.42
N ILE A 304 -28.81 -3.73 -9.41
CA ILE A 304 -30.24 -4.13 -9.49
C ILE A 304 -30.68 -4.84 -8.21
N GLU A 305 -29.88 -5.79 -7.74
CA GLU A 305 -30.34 -6.64 -6.64
C GLU A 305 -30.39 -5.91 -5.31
N SER A 306 -29.43 -5.03 -5.03
CA SER A 306 -29.43 -4.28 -3.79
C SER A 306 -30.57 -3.25 -3.78
N ALA A 307 -30.75 -2.57 -4.91
CA ALA A 307 -31.84 -1.61 -5.10
C ALA A 307 -33.22 -2.28 -4.97
N GLU A 308 -33.35 -3.50 -5.51
CA GLU A 308 -34.58 -4.26 -5.42
C GLU A 308 -34.92 -4.60 -3.97
N LEU A 309 -33.92 -4.99 -3.19
CA LEU A 309 -34.09 -5.15 -1.75
C LEU A 309 -34.52 -3.86 -1.06
N LEU A 310 -33.86 -2.76 -1.41
CA LEU A 310 -34.13 -1.47 -0.75
C LEU A 310 -35.52 -0.90 -1.11
N GLU A 311 -35.93 -1.05 -2.37
CA GLU A 311 -37.29 -0.65 -2.78
C GLU A 311 -38.33 -1.39 -1.93
N TRP A 312 -38.14 -2.69 -1.76
CA TRP A 312 -39.07 -3.53 -1.01
C TRP A 312 -39.11 -3.21 0.45
N LEU A 313 -37.94 -2.98 1.05
CA LEU A 313 -37.84 -2.63 2.47
C LEU A 313 -38.56 -1.33 2.83
N LEU A 314 -38.59 -0.41 1.87
CA LEU A 314 -39.10 0.94 2.09
C LEU A 314 -40.51 1.19 1.52
N ARG A 315 -41.13 0.17 0.94
CA ARG A 315 -42.35 0.35 0.14
C ARG A 315 -43.49 1.01 0.90
N SER A 316 -43.83 0.48 2.06
CA SER A 316 -44.96 1.02 2.81
C SER A 316 -44.48 1.52 4.15
N SER A 317 -43.35 2.23 4.12
CA SER A 317 -42.71 2.67 5.36
C SER A 317 -43.48 3.80 6.03
N PRO A 318 -43.77 3.66 7.33
CA PRO A 318 -44.29 4.79 8.11
C PRO A 318 -43.31 5.97 8.16
N PHE A 319 -42.01 5.67 8.18
CA PHE A 319 -40.99 6.72 8.28
C PHE A 319 -40.87 7.48 6.95
N GLN A 320 -40.99 6.78 5.83
CA GLN A 320 -41.01 7.45 4.52
C GLN A 320 -42.23 8.37 4.38
N GLU A 321 -43.30 8.02 5.10
CA GLU A 321 -44.49 8.88 5.16
C GLU A 321 -44.15 10.20 5.86
N LEU A 322 -43.47 10.11 7.01
CA LEU A 322 -42.95 11.28 7.72
C LEU A 322 -42.00 12.09 6.88
N SER A 323 -41.14 11.39 6.14
CA SER A 323 -40.19 12.03 5.24
C SER A 323 -40.93 12.93 4.24
N ARG A 324 -41.98 12.38 3.61
CA ARG A 324 -42.84 13.15 2.68
C ARG A 324 -43.50 14.35 3.35
N GLU A 325 -43.98 14.17 4.58
CA GLU A 325 -44.48 15.30 5.38
C GLU A 325 -43.40 16.35 5.61
N TYR A 326 -42.21 15.91 6.03
CA TYR A 326 -41.09 16.82 6.29
C TYR A 326 -40.72 17.71 5.09
N TYR A 327 -40.60 17.12 3.91
CA TYR A 327 -40.20 17.88 2.74
C TYR A 327 -41.33 18.72 2.13
N SER A 328 -42.57 18.48 2.55
CA SER A 328 -43.68 19.34 2.12
C SER A 328 -43.76 20.64 2.93
N ILE A 329 -43.10 20.67 4.09
CA ILE A 329 -43.00 21.90 4.89
C ILE A 329 -41.73 22.63 4.46
N ASP A 330 -41.90 23.85 3.95
CA ASP A 330 -40.82 24.68 3.39
C ASP A 330 -39.99 23.97 2.31
N LYS A 331 -40.69 23.30 1.40
CA LYS A 331 -40.08 22.47 0.38
C LYS A 331 -38.93 23.13 -0.35
N LEU A 332 -39.04 24.44 -0.57
CA LEU A 332 -38.05 25.16 -1.40
C LEU A 332 -36.87 25.70 -0.58
N LYS A 333 -36.82 25.35 0.70
CA LYS A 333 -35.67 25.69 1.54
C LYS A 333 -34.90 24.42 1.92
N LYS A 334 -35.29 23.27 1.36
CA LYS A 334 -34.72 21.97 1.71
C LYS A 334 -34.13 21.24 0.49
N PRO A 335 -33.12 20.35 0.71
CA PRO A 335 -32.48 19.64 -0.41
C PRO A 335 -33.46 18.90 -1.34
N LYS A 336 -33.21 18.96 -2.64
CA LYS A 336 -33.97 18.20 -3.63
C LYS A 336 -33.59 16.71 -3.59
N GLN A 337 -32.32 16.43 -3.30
CA GLN A 337 -31.81 15.07 -3.24
C GLN A 337 -31.07 14.82 -1.94
N ASP A 338 -31.00 13.55 -1.57
CA ASP A 338 -30.13 13.08 -0.51
C ASP A 338 -28.65 13.15 -0.97
N ARG A 339 -27.75 13.18 0.02
CA ARG A 339 -26.31 13.06 -0.21
C ARG A 339 -25.96 11.61 -0.55
N TYR A 340 -24.74 11.39 -1.06
CA TYR A 340 -24.35 10.10 -1.64
C TYR A 340 -24.47 8.86 -0.76
N ALA A 341 -24.16 8.98 0.53
CA ALA A 341 -24.12 7.81 1.41
C ALA A 341 -25.43 7.01 1.35
N LEU A 342 -26.56 7.70 1.25
CA LEU A 342 -27.82 7.02 0.94
C LEU A 342 -28.07 6.85 -0.57
N ARG A 343 -28.09 7.97 -1.30
CA ARG A 343 -28.59 8.00 -2.68
C ARG A 343 -27.74 7.16 -3.66
N SER A 344 -26.45 7.02 -3.35
CA SER A 344 -25.52 6.29 -4.19
C SER A 344 -25.22 4.89 -3.63
N SER A 345 -26.00 4.46 -2.64
CA SER A 345 -25.75 3.16 -2.00
C SER A 345 -25.88 1.93 -2.94
N PRO A 346 -26.91 1.87 -3.83
CA PRO A 346 -26.94 0.70 -4.73
C PRO A 346 -25.77 0.67 -5.71
N GLN A 347 -25.38 1.82 -6.24
CA GLN A 347 -24.25 1.89 -7.17
C GLN A 347 -22.96 1.47 -6.47
N TRP A 348 -22.82 1.90 -5.22
CA TRP A 348 -21.67 1.58 -4.39
C TRP A 348 -21.61 0.11 -4.01
N LEU A 349 -22.75 -0.43 -3.58
CA LEU A 349 -22.83 -1.82 -3.14
C LEU A 349 -22.56 -2.82 -4.26
N ALA A 350 -22.86 -2.43 -5.49
CA ALA A 350 -22.84 -3.32 -6.65
C ALA A 350 -21.54 -4.16 -6.83
N PRO A 351 -20.36 -3.50 -6.94
CA PRO A 351 -19.12 -4.31 -7.06
C PRO A 351 -18.83 -5.11 -5.79
N LEU A 352 -19.27 -4.59 -4.65
CA LEU A 352 -19.04 -5.24 -3.36
C LEU A 352 -19.83 -6.55 -3.23
N VAL A 353 -21.11 -6.50 -3.56
CA VAL A 353 -21.94 -7.71 -3.67
C VAL A 353 -21.31 -8.75 -4.59
N GLN A 354 -20.88 -8.29 -5.76
CA GLN A 354 -20.41 -9.18 -6.82
C GLN A 354 -19.07 -9.82 -6.46
N THR A 355 -18.20 -9.03 -5.83
CA THR A 355 -16.90 -9.53 -5.36
C THR A 355 -17.11 -10.59 -4.30
N ILE A 356 -17.97 -10.30 -3.34
CA ILE A 356 -18.20 -11.24 -2.25
C ILE A 356 -18.88 -12.53 -2.76
N ARG A 357 -19.87 -12.39 -3.64
CA ARG A 357 -20.48 -13.58 -4.25
C ARG A 357 -19.46 -14.42 -5.04
N ASP A 358 -18.74 -13.78 -5.96
CA ASP A 358 -17.74 -14.51 -6.76
C ASP A 358 -16.65 -15.20 -5.93
N ALA A 359 -16.18 -14.51 -4.87
CA ALA A 359 -15.14 -15.06 -4.02
C ALA A 359 -15.62 -16.29 -3.27
N THR A 360 -16.92 -16.32 -2.97
CA THR A 360 -17.52 -17.46 -2.30
C THR A 360 -17.44 -18.70 -3.19
N THR A 361 -17.84 -18.56 -4.45
CA THR A 361 -17.71 -19.63 -5.44
C THR A 361 -16.29 -20.17 -5.48
N THR A 362 -15.32 -19.25 -5.62
CA THR A 362 -13.90 -19.60 -5.70
C THR A 362 -13.41 -20.38 -4.50
N VAL A 363 -13.77 -19.91 -3.30
CA VAL A 363 -13.35 -20.56 -2.06
C VAL A 363 -13.96 -21.99 -1.95
N GLU A 364 -15.23 -22.12 -2.34
CA GLU A 364 -15.91 -23.44 -2.32
C GLU A 364 -15.31 -24.42 -3.32
N THR A 365 -14.92 -23.93 -4.49
CA THR A 365 -14.17 -24.76 -5.45
C THR A 365 -12.88 -25.30 -4.82
N GLU A 366 -12.19 -24.44 -4.08
CA GLU A 366 -10.97 -24.85 -3.39
C GLU A 366 -11.25 -25.86 -2.27
N VAL A 367 -12.32 -25.62 -1.50
CA VAL A 367 -12.76 -26.55 -0.44
C VAL A 367 -12.98 -27.94 -1.05
N ASN A 368 -13.62 -27.95 -2.21
CA ASN A 368 -13.94 -29.18 -2.92
C ASN A 368 -12.96 -29.45 -4.05
N SER A 369 -11.69 -29.66 -3.69
CA SER A 369 -10.64 -29.91 -4.66
C SER A 369 -9.64 -30.86 -4.06
N ALA A 370 -8.93 -31.59 -4.92
CA ALA A 370 -7.79 -32.35 -4.45
C ALA A 370 -6.56 -31.44 -4.55
N ASN A 371 -6.38 -30.61 -3.51
CA ASN A 371 -5.17 -29.81 -3.36
C ASN A 371 -4.06 -30.68 -2.75
N ASP A 372 -3.20 -31.18 -3.64
CA ASP A 372 -2.18 -32.16 -3.30
C ASP A 372 -1.29 -32.31 -4.52
N ASN A 373 -0.11 -32.88 -4.33
CA ASN A 373 0.83 -33.22 -5.41
C ASN A 373 1.84 -34.26 -4.95
N PRO A 374 2.16 -35.27 -5.79
CA PRO A 374 1.54 -35.64 -7.08
C PRO A 374 0.05 -36.00 -6.96
N ILE A 375 -0.66 -35.88 -8.08
CA ILE A 375 -2.04 -36.35 -8.22
C ILE A 375 -1.97 -37.77 -8.80
N ILE A 376 -2.45 -38.74 -8.07
CA ILE A 376 -2.44 -40.13 -8.52
C ILE A 376 -3.60 -40.46 -9.45
N ASP A 377 -3.28 -40.73 -10.68
CA ASP A 377 -4.22 -41.19 -11.68
C ASP A 377 -4.14 -42.72 -11.84
N HIS A 378 -4.66 -43.41 -10.85
CA HIS A 378 -4.51 -44.82 -10.77
C HIS A 378 -5.23 -45.58 -11.89
N ALA A 379 -6.30 -45.01 -12.40
CA ALA A 379 -7.05 -45.61 -13.52
C ALA A 379 -6.18 -45.68 -14.78
N ASN A 380 -5.21 -44.79 -14.88
CA ASN A 380 -4.35 -44.76 -16.06
C ASN A 380 -2.90 -45.09 -15.70
N ASP A 381 -2.73 -45.65 -14.50
CA ASP A 381 -1.44 -46.17 -14.04
C ASP A 381 -0.30 -45.13 -14.05
N ARG A 382 -0.60 -43.93 -13.57
CA ARG A 382 0.43 -42.88 -13.53
C ARG A 382 0.24 -41.88 -12.38
N ALA A 383 1.35 -41.33 -11.93
CA ALA A 383 1.37 -40.21 -11.00
C ALA A 383 1.58 -38.94 -11.82
N LEU A 384 0.75 -37.92 -11.56
CA LEU A 384 0.81 -36.66 -12.29
C LEU A 384 1.43 -35.52 -11.47
N HIS A 385 2.43 -34.87 -12.03
CA HIS A 385 3.21 -33.85 -11.34
C HIS A 385 2.73 -32.45 -11.72
N GLY A 386 2.20 -31.72 -10.78
CA GLY A 386 1.64 -30.41 -10.98
C GLY A 386 1.71 -29.53 -9.73
N ALA A 387 0.84 -28.57 -9.61
CA ALA A 387 0.90 -27.65 -8.51
C ALA A 387 -0.43 -27.28 -7.82
N ASN A 388 -1.26 -28.26 -7.53
CA ASN A 388 -2.52 -28.06 -6.86
C ASN A 388 -2.45 -27.57 -5.41
N PHE A 389 -1.28 -27.67 -4.81
CA PHE A 389 -1.00 -27.07 -3.51
C PHE A 389 -0.99 -25.52 -3.59
N GLN A 390 -1.05 -24.97 -4.80
CA GLN A 390 -0.88 -23.51 -4.98
C GLN A 390 -2.19 -22.78 -4.68
N GLY A 391 -2.22 -21.98 -3.61
CA GLY A 391 -3.45 -21.36 -3.14
C GLY A 391 -3.78 -20.00 -3.73
N SER A 392 -3.45 -19.80 -5.01
CA SER A 392 -3.52 -18.49 -5.66
C SER A 392 -4.93 -18.00 -5.96
N ALA A 393 -5.82 -18.91 -6.36
CA ALA A 393 -7.24 -18.52 -6.51
C ALA A 393 -7.75 -17.89 -5.21
N VAL A 394 -7.55 -18.58 -4.10
CA VAL A 394 -7.93 -18.09 -2.78
C VAL A 394 -7.20 -16.78 -2.39
N GLY A 395 -5.88 -16.74 -2.57
CA GLY A 395 -5.08 -15.56 -2.20
C GLY A 395 -5.51 -14.29 -2.91
N PHE A 396 -5.69 -14.38 -4.23
CA PHE A 396 -6.07 -13.22 -5.02
C PHE A 396 -7.46 -12.73 -4.60
N TYR A 397 -8.40 -13.66 -4.40
CA TYR A 397 -9.74 -13.28 -4.04
C TYR A 397 -9.82 -12.75 -2.61
N MET A 398 -8.94 -13.23 -1.73
CA MET A 398 -8.80 -12.62 -0.41
C MET A 398 -8.40 -11.15 -0.51
N ASP A 399 -7.50 -10.80 -1.43
CA ASP A 399 -7.12 -9.40 -1.66
C ASP A 399 -8.30 -8.56 -2.14
N TYR A 400 -9.11 -9.11 -3.04
CA TYR A 400 -10.25 -8.37 -3.59
C TYR A 400 -11.33 -8.13 -2.55
N VAL A 401 -11.63 -9.15 -1.76
CA VAL A 401 -12.67 -9.08 -0.76
C VAL A 401 -12.29 -8.10 0.36
N ARG A 402 -11.00 -8.00 0.68
CA ARG A 402 -10.57 -7.06 1.71
C ARG A 402 -10.81 -5.64 1.24
N ILE A 403 -10.58 -5.42 -0.05
CA ILE A 403 -10.87 -4.13 -0.68
C ILE A 403 -12.39 -3.86 -0.66
N ALA A 404 -13.21 -4.88 -0.93
CA ALA A 404 -14.67 -4.73 -0.91
C ALA A 404 -15.20 -4.46 0.51
N VAL A 405 -14.63 -5.16 1.49
CA VAL A 405 -14.95 -4.94 2.89
C VAL A 405 -14.59 -3.52 3.33
N ALA A 406 -13.46 -3.01 2.84
CA ALA A 406 -13.12 -1.61 3.10
C ALA A 406 -14.17 -0.69 2.48
N GLY A 407 -14.67 -1.05 1.31
CA GLY A 407 -15.71 -0.27 0.64
C GLY A 407 -17.01 -0.26 1.45
N LEU A 408 -17.35 -1.41 2.03
CA LEU A 408 -18.47 -1.52 2.96
C LEU A 408 -18.28 -0.63 4.19
N GLY A 409 -17.07 -0.62 4.74
CA GLY A 409 -16.77 0.22 5.90
C GLY A 409 -16.89 1.71 5.58
N LYS A 410 -16.49 2.08 4.36
CA LYS A 410 -16.54 3.49 3.97
C LYS A 410 -17.98 4.01 3.88
N LEU A 411 -18.85 3.19 3.32
CA LEU A 411 -20.28 3.46 3.26
C LEU A 411 -20.89 3.67 4.66
N LEU A 412 -20.58 2.77 5.59
CA LEU A 412 -21.05 2.86 6.96
C LEU A 412 -20.55 4.14 7.63
N PHE A 413 -19.28 4.44 7.40
CA PHE A 413 -18.66 5.65 7.98
C PHE A 413 -19.32 6.93 7.45
N ALA A 414 -19.54 6.97 6.14
CA ALA A 414 -20.22 8.11 5.51
C ALA A 414 -21.64 8.29 6.06
N GLN A 415 -22.37 7.19 6.22
CA GLN A 415 -23.75 7.26 6.76
C GLN A 415 -23.76 7.74 8.22
N PHE A 416 -22.90 7.16 9.04
CA PHE A 416 -22.73 7.53 10.44
C PHE A 416 -22.40 9.02 10.60
N THR A 417 -21.48 9.51 9.79
CA THR A 417 -21.06 10.90 9.79
C THR A 417 -22.26 11.85 9.54
N GLU A 418 -23.06 11.52 8.52
CA GLU A 418 -24.28 12.26 8.23
C GLU A 418 -25.21 12.29 9.44
N LEU A 419 -25.42 11.11 10.04
CA LEU A 419 -26.34 10.94 11.16
C LEU A 419 -25.95 11.81 12.38
N MET A 420 -24.66 12.11 12.51
CA MET A 420 -24.12 12.83 13.67
C MET A 420 -24.13 14.35 13.54
N ILE A 421 -24.42 14.87 12.35
CA ILE A 421 -24.29 16.29 12.05
C ILE A 421 -25.66 16.89 11.74
N GLU A 422 -26.09 17.84 12.57
CA GLU A 422 -27.44 18.42 12.48
C GLU A 422 -27.72 19.04 11.11
N TYR A 423 -26.68 19.59 10.49
CA TYR A 423 -26.80 20.18 9.16
C TYR A 423 -27.27 19.17 8.10
N TYR A 424 -26.93 17.88 8.31
CA TYR A 424 -27.21 16.82 7.34
C TYR A 424 -28.23 15.78 7.80
N SER A 425 -28.81 15.94 8.99
CA SER A 425 -29.63 14.87 9.56
C SER A 425 -31.15 15.14 9.56
N ASN A 426 -31.52 16.29 8.98
CA ASN A 426 -32.91 16.65 8.73
C ASN A 426 -33.77 16.71 9.97
N GLY A 427 -33.26 17.43 10.97
CA GLY A 427 -34.01 17.63 12.22
C GLY A 427 -33.44 16.94 13.44
N LEU A 428 -32.66 15.87 13.24
CA LEU A 428 -32.03 15.16 14.37
C LEU A 428 -30.99 16.04 15.10
N PRO A 429 -30.85 15.85 16.42
CA PRO A 429 -29.85 16.65 17.15
C PRO A 429 -28.43 16.17 16.82
N GLY A 430 -27.46 17.07 16.96
CA GLY A 430 -26.04 16.75 16.75
C GLY A 430 -25.63 15.64 17.69
N ASN A 431 -24.84 14.68 17.17
CA ASN A 431 -24.39 13.50 17.93
C ASN A 431 -25.52 12.61 18.43
N LEU A 432 -26.74 12.84 17.92
CA LEU A 432 -27.96 12.19 18.42
C LEU A 432 -28.12 12.31 19.94
N SER A 433 -27.64 13.45 20.47
CA SER A 433 -27.77 13.77 21.89
C SER A 433 -29.23 14.07 22.25
N LEU A 434 -29.78 13.34 23.20
CA LEU A 434 -31.15 13.57 23.64
C LEU A 434 -31.25 14.87 24.44
N GLY A 435 -30.25 15.13 25.29
CA GLY A 435 -30.33 16.25 26.22
C GLY A 435 -31.45 16.04 27.22
N PRO A 436 -32.31 17.06 27.43
CA PRO A 436 -32.33 18.36 26.70
C PRO A 436 -31.13 19.26 26.94
N ASP A 437 -30.49 19.13 28.11
CA ASP A 437 -29.29 19.91 28.39
C ASP A 437 -28.08 19.33 27.64
N LEU A 438 -27.79 19.93 26.49
CA LEU A 438 -26.73 19.46 25.59
C LEU A 438 -25.32 19.76 26.12
N SER A 439 -25.22 20.65 27.10
CA SER A 439 -23.94 20.99 27.69
C SER A 439 -23.36 19.84 28.56
N VAL A 440 -24.23 18.92 28.98
CA VAL A 440 -23.80 17.73 29.73
C VAL A 440 -24.24 16.42 29.06
N ASP A 441 -24.46 16.47 27.74
CA ASP A 441 -24.81 15.28 26.95
C ASP A 441 -24.24 15.39 25.55
N TYR A 442 -23.12 14.70 25.34
CA TYR A 442 -22.41 14.71 24.07
C TYR A 442 -22.77 13.51 23.19
N GLY A 443 -23.80 12.79 23.61
CA GLY A 443 -24.43 11.78 22.78
C GLY A 443 -23.47 10.72 22.29
N LEU A 444 -23.53 10.46 21.00
CA LEU A 444 -22.76 9.37 20.41
C LEU A 444 -21.40 9.83 19.87
N LYS A 445 -20.93 10.99 20.33
CA LYS A 445 -19.64 11.55 19.89
C LYS A 445 -18.48 10.55 20.02
N GLY A 446 -18.45 9.81 21.13
CA GLY A 446 -17.46 8.74 21.32
C GLY A 446 -17.53 7.71 20.22
N LEU A 447 -18.74 7.21 19.94
CA LEU A 447 -18.93 6.26 18.85
C LEU A 447 -18.48 6.85 17.50
N ASP A 448 -18.77 8.13 17.27
CA ASP A 448 -18.37 8.83 16.03
C ASP A 448 -16.85 8.84 15.83
N ILE A 449 -16.13 9.25 16.86
CA ILE A 449 -14.66 9.22 16.83
C ILE A 449 -14.16 7.81 16.52
N ALA A 450 -14.71 6.83 17.23
CA ALA A 450 -14.33 5.42 17.03
C ALA A 450 -14.57 4.96 15.58
N MET A 451 -15.64 5.43 14.96
CA MET A 451 -15.95 5.07 13.57
C MET A 451 -14.87 5.53 12.59
N ALA A 452 -14.31 6.71 12.85
CA ALA A 452 -13.18 7.21 12.07
C ALA A 452 -11.93 6.33 12.25
N ALA A 453 -11.67 5.90 13.49
CA ALA A 453 -10.55 4.99 13.79
C ALA A 453 -10.73 3.64 13.12
N TYR A 454 -11.95 3.13 13.13
CA TYR A 454 -12.27 1.85 12.53
C TYR A 454 -12.02 1.89 11.02
N SER A 455 -12.65 2.86 10.36
CA SER A 455 -12.49 3.04 8.92
C SER A 455 -11.05 3.24 8.52
N SER A 456 -10.34 4.06 9.30
CA SER A 456 -8.96 4.39 8.99
C SER A 456 -8.10 3.12 8.94
N GLU A 457 -8.17 2.30 9.99
CA GLU A 457 -7.38 1.08 10.05
C GLU A 457 -7.82 0.09 8.96
N LEU A 458 -9.12 -0.02 8.76
CA LEU A 458 -9.71 -0.85 7.71
C LEU A 458 -9.14 -0.54 6.31
N GLN A 459 -9.08 0.74 5.95
CA GLN A 459 -8.57 1.16 4.65
C GLN A 459 -7.11 0.76 4.50
N TYR A 460 -6.33 0.92 5.58
CA TYR A 460 -4.94 0.45 5.59
C TYR A 460 -4.82 -1.05 5.35
N LEU A 461 -5.66 -1.82 6.01
CA LEU A 461 -5.60 -3.29 5.91
C LEU A 461 -5.82 -3.77 4.48
N ALA A 462 -6.57 -2.98 3.71
CA ALA A 462 -7.02 -3.39 2.38
C ALA A 462 -5.97 -3.30 1.26
N ASN A 463 -4.74 -2.87 1.57
CA ASN A 463 -3.66 -3.01 0.61
C ASN A 463 -3.46 -4.53 0.37
N PRO A 464 -2.99 -4.94 -0.85
CA PRO A 464 -2.85 -6.37 -1.15
C PRO A 464 -1.64 -7.03 -0.48
N VAL A 465 -1.77 -8.30 -0.14
CA VAL A 465 -0.68 -9.14 0.32
C VAL A 465 0.00 -9.79 -0.90
N THR A 466 -0.80 -10.06 -1.91
CA THR A 466 -0.45 -10.82 -3.08
C THR A 466 0.65 -10.16 -3.96
N THR A 467 0.86 -8.86 -3.81
CA THR A 467 1.92 -8.13 -4.51
C THR A 467 3.32 -8.30 -3.84
N HIS A 468 3.37 -8.95 -2.68
CA HIS A 468 4.62 -9.12 -1.93
C HIS A 468 5.24 -10.49 -2.04
N VAL A 469 5.13 -11.11 -3.21
CA VAL A 469 5.70 -12.43 -3.49
C VAL A 469 7.24 -12.41 -3.48
N HIS A 470 7.82 -13.22 -2.60
CA HIS A 470 9.26 -13.42 -2.52
C HIS A 470 9.60 -14.71 -3.22
N SER A 471 10.78 -14.77 -3.84
CA SER A 471 11.30 -16.04 -4.39
C SER A 471 11.80 -16.92 -3.25
N ALA A 472 11.08 -17.97 -2.97
CA ALA A 472 11.24 -18.79 -1.76
C ALA A 472 11.73 -20.23 -1.96
N GLU A 473 12.19 -20.82 -0.85
CA GLU A 473 12.59 -22.22 -0.75
C GLU A 473 13.62 -22.63 -1.81
N GLN A 474 14.82 -22.10 -1.65
CA GLN A 474 15.93 -22.26 -2.56
C GLN A 474 15.52 -21.88 -3.96
N HIS A 475 14.80 -20.81 -4.10
CA HIS A 475 14.21 -20.37 -5.31
C HIS A 475 13.35 -21.35 -6.10
N ASN A 476 12.91 -22.41 -5.48
CA ASN A 476 11.95 -23.34 -6.03
C ASN A 476 10.57 -22.73 -6.10
N GLN A 477 10.18 -22.08 -5.01
CA GLN A 477 8.86 -21.45 -4.94
C GLN A 477 8.94 -19.98 -5.37
N ASP A 478 9.25 -19.77 -6.65
CA ASP A 478 9.45 -18.41 -7.17
C ASP A 478 8.14 -17.68 -7.47
N ILE A 479 7.02 -18.39 -7.38
CA ILE A 479 5.70 -17.76 -7.19
C ILE A 479 5.04 -18.50 -6.06
N ASN A 480 4.34 -17.76 -5.20
CA ASN A 480 3.60 -18.36 -4.10
C ASN A 480 2.48 -17.43 -3.71
N SER A 481 1.39 -17.99 -3.23
CA SER A 481 0.12 -17.26 -3.17
C SER A 481 -0.06 -16.37 -1.95
N LEU A 482 0.61 -16.73 -0.85
CA LEU A 482 0.49 -15.98 0.41
C LEU A 482 -0.97 -15.89 0.89
N ALA A 483 -1.77 -16.91 0.50
CA ALA A 483 -3.21 -16.93 0.71
C ALA A 483 -3.64 -16.94 2.19
N LEU A 484 -2.93 -17.69 3.03
CA LEU A 484 -3.21 -17.69 4.47
C LEU A 484 -2.98 -16.30 5.08
N ILE A 485 -1.86 -15.68 4.73
CA ILE A 485 -1.60 -14.31 5.23
C ILE A 485 -2.70 -13.36 4.76
N SER A 486 -3.05 -13.43 3.48
CA SER A 486 -4.14 -12.59 2.97
C SER A 486 -5.46 -12.87 3.68
N ALA A 487 -5.79 -14.15 3.83
CA ALA A 487 -7.03 -14.54 4.51
C ALA A 487 -7.10 -13.98 5.94
N ARG A 488 -5.99 -14.04 6.68
CA ARG A 488 -5.87 -13.42 8.01
C ARG A 488 -6.14 -11.90 8.01
N LYS A 489 -5.67 -11.20 6.99
CA LYS A 489 -5.89 -9.76 6.92
C LYS A 489 -7.33 -9.42 6.57
N THR A 490 -7.95 -10.26 5.75
CA THR A 490 -9.35 -10.05 5.40
C THR A 490 -10.23 -10.33 6.62
N GLU A 491 -9.81 -11.32 7.42
CA GLU A 491 -10.48 -11.64 8.68
C GLU A 491 -10.38 -10.50 9.70
N GLU A 492 -9.21 -9.87 9.78
CA GLU A 492 -9.03 -8.69 10.63
C GLU A 492 -9.89 -7.53 10.16
N ALA A 493 -9.97 -7.33 8.84
CA ALA A 493 -10.84 -6.34 8.24
C ALA A 493 -12.31 -6.55 8.62
N LEU A 494 -12.79 -7.79 8.53
CA LEU A 494 -14.17 -8.14 8.93
C LEU A 494 -14.46 -7.94 10.42
N ASP A 495 -13.46 -8.17 11.27
CA ASP A 495 -13.58 -7.89 12.71
C ASP A 495 -13.92 -6.43 12.91
N ILE A 496 -13.20 -5.57 12.16
CA ILE A 496 -13.45 -4.13 12.22
C ILE A 496 -14.82 -3.79 11.64
N LEU A 497 -15.18 -4.40 10.52
CA LEU A 497 -16.50 -4.18 9.93
C LEU A 497 -17.61 -4.49 10.95
N LYS A 498 -17.45 -5.59 11.69
CA LYS A 498 -18.41 -5.97 12.75
C LYS A 498 -18.55 -4.86 13.79
N LEU A 499 -17.42 -4.33 14.27
CA LEU A 499 -17.41 -3.14 15.15
C LEU A 499 -18.24 -2.00 14.55
N MET A 500 -18.01 -1.73 13.26
CA MET A 500 -18.67 -0.61 12.57
C MET A 500 -20.17 -0.82 12.40
N ILE A 501 -20.57 -2.06 12.11
CA ILE A 501 -21.97 -2.40 11.98
C ILE A 501 -22.69 -2.29 13.33
N ALA A 502 -22.06 -2.80 14.39
CA ALA A 502 -22.65 -2.72 15.73
C ALA A 502 -22.92 -1.26 16.13
N SER A 503 -21.95 -0.39 15.86
CA SER A 503 -22.06 1.04 16.16
C SER A 503 -23.17 1.67 15.35
N HIS A 504 -23.18 1.37 14.06
CA HIS A 504 -24.16 1.97 13.16
C HIS A 504 -25.57 1.58 13.54
N LEU A 505 -25.78 0.29 13.83
CA LEU A 505 -27.11 -0.19 14.22
C LEU A 505 -27.58 0.46 15.52
N THR A 506 -26.65 0.60 16.48
CA THR A 506 -26.94 1.23 17.77
C THR A 506 -27.36 2.69 17.60
N ALA A 507 -26.63 3.45 16.78
CA ALA A 507 -27.01 4.82 16.45
C ALA A 507 -28.38 4.90 15.76
N MET A 508 -28.68 3.93 14.90
CA MET A 508 -29.95 3.98 14.19
C MET A 508 -31.15 3.73 15.10
N CYS A 509 -30.94 2.88 16.10
CA CYS A 509 -31.93 2.64 17.13
C CYS A 509 -32.14 3.90 17.97
N GLN A 510 -31.05 4.54 18.35
CA GLN A 510 -31.11 5.84 19.00
C GLN A 510 -31.92 6.82 18.15
N ALA A 511 -31.59 6.89 16.85
CA ALA A 511 -32.30 7.76 15.90
C ALA A 511 -33.79 7.43 15.75
N VAL A 512 -34.16 6.14 15.81
CA VAL A 512 -35.59 5.77 15.79
C VAL A 512 -36.32 6.40 16.98
N ASP A 513 -35.77 6.23 18.19
CA ASP A 513 -36.34 6.81 19.39
C ASP A 513 -36.47 8.32 19.28
N LEU A 514 -35.45 8.94 18.71
CA LEU A 514 -35.42 10.38 18.55
C LEU A 514 -36.45 10.88 17.53
N ARG A 515 -36.65 10.12 16.45
CA ARG A 515 -37.70 10.47 15.47
C ARG A 515 -39.09 10.31 16.09
N GLN A 516 -39.26 9.26 16.88
CA GLN A 516 -40.57 8.99 17.51
C GLN A 516 -40.87 10.04 18.58
N LEU A 517 -39.88 10.35 19.43
CA LEU A 517 -40.02 11.45 20.36
C LEU A 517 -40.30 12.77 19.65
N GLU A 518 -39.61 13.03 18.54
CA GLU A 518 -39.80 14.25 17.75
C GLU A 518 -41.28 14.46 17.33
N GLU A 519 -41.87 13.42 16.77
CA GLU A 519 -43.27 13.45 16.34
C GLU A 519 -44.19 13.80 17.51
N ALA A 520 -44.00 13.14 18.65
CA ALA A 520 -44.81 13.36 19.85
C ALA A 520 -44.57 14.75 20.46
N LEU A 521 -43.33 15.23 20.40
CA LEU A 521 -43.02 16.59 20.87
C LEU A 521 -43.67 17.68 20.03
N VAL A 522 -43.59 17.55 18.69
CA VAL A 522 -44.19 18.52 17.77
C VAL A 522 -45.72 18.64 17.97
N LYS A 523 -46.37 17.51 18.21
CA LYS A 523 -47.82 17.48 18.48
C LYS A 523 -48.19 18.24 19.75
N VAL A 524 -47.40 18.05 20.81
CA VAL A 524 -47.51 18.87 22.02
C VAL A 524 -47.36 20.37 21.73
N VAL A 525 -46.28 20.77 21.05
CA VAL A 525 -46.04 22.17 20.77
C VAL A 525 -47.26 22.78 20.04
N GLU A 526 -47.67 22.11 18.96
CA GLU A 526 -48.87 22.47 18.20
C GLU A 526 -50.11 22.60 19.12
N ASN A 527 -50.30 21.62 20.01
CA ASN A 527 -51.45 21.62 20.92
C ASN A 527 -51.40 22.77 21.92
N VAL A 528 -50.22 23.03 22.47
CA VAL A 528 -50.05 24.12 23.42
C VAL A 528 -50.19 25.48 22.72
N VAL A 529 -49.68 25.60 21.50
CA VAL A 529 -49.79 26.84 20.74
C VAL A 529 -51.26 27.10 20.38
N SER A 530 -51.94 26.06 19.89
CA SER A 530 -53.33 26.16 19.47
C SER A 530 -54.26 26.56 20.61
N THR A 531 -54.20 25.82 21.72
CA THR A 531 -55.04 26.08 22.88
C THR A 531 -54.76 27.44 23.52
N LEU A 532 -53.51 27.86 23.58
CA LEU A 532 -53.16 29.17 24.14
C LEU A 532 -53.60 30.34 23.26
N ALA A 533 -53.56 30.16 21.95
CA ALA A 533 -54.06 31.16 21.01
C ALA A 533 -55.57 31.37 21.19
N ASP A 534 -56.29 30.27 21.41
CA ASP A 534 -57.73 30.31 21.70
C ASP A 534 -58.00 31.11 22.97
N GLU A 535 -57.40 30.67 24.08
CA GLU A 535 -57.54 31.32 25.38
C GLU A 535 -57.23 32.83 25.33
N CYS A 536 -56.15 33.20 24.64
CA CYS A 536 -55.77 34.61 24.51
C CYS A 536 -56.59 35.34 23.45
N GLY A 537 -57.54 34.63 22.84
CA GLY A 537 -58.48 35.20 21.88
C GLY A 537 -57.84 35.88 20.69
N LEU A 538 -56.74 35.31 20.20
CA LEU A 538 -56.04 35.84 19.03
C LEU A 538 -56.87 35.58 17.77
N PRO A 539 -56.75 36.47 16.76
CA PRO A 539 -57.47 36.27 15.49
C PRO A 539 -57.04 35.01 14.73
N ASN A 540 -57.82 34.64 13.71
CA ASN A 540 -57.49 33.50 12.85
C ASN A 540 -56.17 33.68 12.10
N ASP A 541 -55.95 34.88 11.57
CA ASP A 541 -54.68 35.24 10.92
C ASP A 541 -53.50 34.84 11.81
N THR A 542 -53.54 35.28 13.06
CA THR A 542 -52.49 35.01 14.04
C THR A 542 -52.31 33.51 14.30
N LYS A 543 -53.42 32.84 14.61
CA LYS A 543 -53.39 31.42 14.94
C LYS A 543 -52.76 30.55 13.84
N ALA A 544 -53.10 30.85 12.59
CA ALA A 544 -52.50 30.15 11.45
C ALA A 544 -50.97 30.33 11.37
N ARG A 545 -50.50 31.58 11.50
CA ARG A 545 -49.06 31.89 11.45
C ARG A 545 -48.27 31.17 12.54
N LEU A 546 -48.82 31.17 13.76
CA LEU A 546 -48.16 30.53 14.91
C LEU A 546 -48.14 29.01 14.81
N LEU A 547 -49.23 28.43 14.32
CA LEU A 547 -49.32 26.97 14.15
C LEU A 547 -48.41 26.46 13.04
N TYR A 548 -48.21 27.26 12.00
CA TYR A 548 -47.26 26.93 10.95
C TYR A 548 -45.84 26.91 11.49
N VAL A 549 -45.50 27.91 12.30
CA VAL A 549 -44.20 27.96 12.97
C VAL A 549 -44.02 26.70 13.82
N ALA A 550 -45.02 26.38 14.64
CA ALA A 550 -44.99 25.20 15.50
C ALA A 550 -44.78 23.88 14.75
N LYS A 551 -45.18 23.83 13.48
CA LYS A 551 -45.04 22.63 12.65
C LYS A 551 -43.72 22.63 11.89
N ALA A 552 -43.23 23.81 11.56
CA ALA A 552 -42.09 23.98 10.67
C ALA A 552 -40.73 23.92 11.38
N VAL A 553 -40.54 24.65 12.48
CA VAL A 553 -39.21 24.68 13.11
C VAL A 553 -38.85 23.33 13.75
N PRO A 554 -37.68 22.77 13.40
CA PRO A 554 -37.28 21.46 13.95
C PRO A 554 -37.18 21.51 15.48
N VAL A 555 -37.87 20.61 16.15
CA VAL A 555 -37.99 20.65 17.62
C VAL A 555 -36.65 20.53 18.37
N TYR A 556 -35.70 19.79 17.82
CA TYR A 556 -34.42 19.65 18.49
C TYR A 556 -33.54 20.88 18.47
N THR A 557 -33.90 21.89 17.66
CA THR A 557 -33.19 23.17 17.73
C THR A 557 -33.55 23.97 19.00
N TYR A 558 -34.65 23.63 19.66
CA TYR A 558 -35.05 24.43 20.82
C TYR A 558 -35.42 23.63 22.07
N LEU A 559 -35.31 22.31 21.99
CA LEU A 559 -35.64 21.43 23.10
C LEU A 559 -34.94 21.80 24.42
N GLU A 560 -33.66 22.13 24.36
CA GLU A 560 -32.87 22.55 25.51
C GLU A 560 -33.50 23.66 26.36
N SER A 561 -34.21 24.57 25.73
CA SER A 561 -34.86 25.67 26.42
C SER A 561 -35.95 26.29 25.54
N PRO A 562 -37.12 25.68 25.53
CA PRO A 562 -38.16 25.94 24.54
C PRO A 562 -38.60 27.40 24.39
N CYS A 563 -38.57 28.16 25.49
CA CYS A 563 -38.99 29.56 25.47
C CYS A 563 -37.83 30.57 25.56
N ASP A 564 -36.61 30.07 25.41
CA ASP A 564 -35.45 30.93 25.22
C ASP A 564 -35.72 31.82 24.01
N PRO A 565 -35.74 33.17 24.22
CA PRO A 565 -36.11 34.08 23.14
C PRO A 565 -35.13 34.09 21.97
N THR A 566 -33.90 33.60 22.22
CA THR A 566 -32.87 33.51 21.16
C THR A 566 -32.87 32.17 20.39
N LEU A 567 -33.73 31.24 20.78
CA LEU A 567 -33.84 29.93 20.10
C LEU A 567 -34.97 29.92 19.07
N PRO A 568 -34.91 29.00 18.08
CA PRO A 568 -35.75 29.10 16.87
C PRO A 568 -37.28 29.13 17.01
N LEU A 569 -37.84 28.46 18.02
CA LEU A 569 -39.29 28.51 18.24
C LEU A 569 -39.81 29.92 18.49
N LEU A 570 -39.23 30.60 19.49
CA LEU A 570 -39.66 31.95 19.87
C LEU A 570 -39.24 32.98 18.84
N LEU A 571 -38.10 32.75 18.20
CA LEU A 571 -37.68 33.57 17.06
C LEU A 571 -38.75 33.60 15.98
N GLY A 572 -39.20 32.42 15.56
CA GLY A 572 -40.28 32.31 14.58
C GLY A 572 -41.59 32.91 15.09
N LEU A 573 -41.93 32.61 16.33
CA LEU A 573 -43.16 33.13 16.94
C LEU A 573 -43.19 34.67 16.95
N LYS A 574 -42.06 35.29 17.33
CA LYS A 574 -41.93 36.75 17.32
C LYS A 574 -42.04 37.35 15.92
N GLN A 575 -41.43 36.69 14.94
CA GLN A 575 -41.56 37.07 13.53
C GLN A 575 -43.02 37.10 13.09
N SER A 576 -43.76 36.04 13.41
CA SER A 576 -45.18 35.91 13.10
C SER A 576 -46.02 37.01 13.76
N CYS A 577 -45.74 37.27 15.04
CA CYS A 577 -46.51 38.23 15.82
C CYS A 577 -46.36 39.63 15.29
N PHE A 578 -45.16 39.97 14.83
CA PHE A 578 -44.96 41.26 14.19
C PHE A 578 -45.72 41.36 12.87
N ASP A 579 -45.72 40.25 12.12
CA ASP A 579 -46.41 40.18 10.83
C ASP A 579 -47.92 40.28 10.97
N THR A 580 -48.46 39.67 12.02
CA THR A 580 -49.89 39.70 12.29
C THR A 580 -50.35 41.11 12.73
N ILE A 581 -49.41 41.88 13.31
CA ILE A 581 -49.69 43.24 13.75
C ILE A 581 -49.71 44.18 12.54
N LEU A 582 -48.78 43.99 11.61
CA LEU A 582 -48.77 44.77 10.37
C LEU A 582 -49.97 44.43 9.49
N ALA A 583 -50.41 43.17 9.53
CA ALA A 583 -51.52 42.72 8.71
C ALA A 583 -52.87 43.14 9.28
N LEU A 584 -52.89 43.49 10.57
CA LEU A 584 -54.13 43.88 11.24
C LEU A 584 -53.91 45.11 12.11
N THR A 594 -54.54 46.37 22.41
CA THR A 594 -55.29 45.18 22.82
C THR A 594 -54.77 43.92 22.15
N LEU A 595 -54.73 43.94 20.81
CA LEU A 595 -54.14 42.85 20.02
C LEU A 595 -52.73 42.58 20.54
N VAL A 596 -51.98 43.66 20.78
CA VAL A 596 -50.65 43.59 21.38
C VAL A 596 -50.70 42.94 22.77
N ASP A 597 -51.66 43.35 23.60
CA ASP A 597 -51.80 42.78 24.95
C ASP A 597 -52.06 41.28 24.93
N ARG A 598 -52.93 40.85 24.00
CA ARG A 598 -53.26 39.44 23.83
C ARG A 598 -52.08 38.63 23.29
N LEU A 599 -51.17 39.29 22.58
CA LEU A 599 -49.95 38.64 22.06
C LEU A 599 -48.88 38.49 23.14
N ALA A 600 -48.76 39.51 23.98
CA ALA A 600 -47.79 39.51 25.09
C ALA A 600 -48.20 38.48 26.14
N GLU A 601 -49.51 38.32 26.30
CA GLU A 601 -50.06 37.35 27.23
C GLU A 601 -49.83 35.93 26.71
N PHE A 602 -50.00 35.76 25.39
CA PHE A 602 -49.70 34.49 24.74
C PHE A 602 -48.26 34.05 25.01
N GLU A 603 -47.32 34.98 24.83
CA GLU A 603 -45.90 34.73 25.02
C GLU A 603 -45.53 34.41 26.47
N LYS A 604 -46.25 35.00 27.42
CA LYS A 604 -46.07 34.69 28.85
C LYS A 604 -46.63 33.31 29.22
N ARG A 605 -47.83 33.01 28.72
CA ARG A 605 -48.47 31.73 29.00
C ARG A 605 -47.72 30.55 28.37
N LEU A 606 -47.17 30.77 27.17
CA LEU A 606 -46.33 29.77 26.51
C LEU A 606 -45.06 29.52 27.32
N SER A 607 -44.49 30.61 27.83
CA SER A 607 -43.30 30.57 28.68
C SER A 607 -43.52 29.79 29.98
N ASP A 608 -44.76 29.75 30.45
CA ASP A 608 -45.10 29.02 31.68
C ASP A 608 -45.50 27.57 31.41
N ARG A 609 -46.21 27.33 30.32
CA ARG A 609 -46.87 26.04 30.12
C ARG A 609 -46.08 25.05 29.26
N LEU A 610 -45.29 25.54 28.30
CA LEU A 610 -44.80 24.68 27.22
C LEU A 610 -43.75 23.67 27.63
N GLU A 611 -42.65 24.14 28.23
CA GLU A 611 -41.56 23.24 28.61
C GLU A 611 -42.02 22.11 29.51
N ASN A 612 -42.89 22.43 30.48
CA ASN A 612 -43.50 21.43 31.37
C ASN A 612 -44.22 20.31 30.65
N GLU A 613 -44.98 20.67 29.62
CA GLU A 613 -45.74 19.67 28.85
C GLU A 613 -44.84 18.88 27.90
N MET A 614 -43.74 19.48 27.47
CA MET A 614 -42.74 18.82 26.64
C MET A 614 -41.98 17.81 27.48
N THR A 615 -41.56 18.22 28.67
CA THR A 615 -40.89 17.35 29.63
C THR A 615 -41.76 16.14 29.95
N ALA A 616 -43.07 16.37 30.09
CA ALA A 616 -44.02 15.31 30.42
C ALA A 616 -43.98 14.18 29.39
N VAL A 617 -44.18 14.52 28.11
CA VAL A 617 -44.15 13.50 27.06
C VAL A 617 -42.77 12.84 26.90
N ARG A 618 -41.71 13.63 27.08
CA ARG A 618 -40.34 13.09 27.05
C ARG A 618 -40.10 12.07 28.16
N VAL A 619 -40.40 12.44 29.40
CA VAL A 619 -40.25 11.55 30.56
C VAL A 619 -41.12 10.29 30.38
N LEU A 620 -42.36 10.47 29.91
CA LEU A 620 -43.23 9.33 29.60
C LEU A 620 -42.51 8.38 28.61
N TYR A 621 -41.99 8.96 27.52
CA TYR A 621 -41.28 8.19 26.50
C TYR A 621 -40.09 7.41 27.06
N GLU A 622 -39.31 8.08 27.91
CA GLU A 622 -38.19 7.45 28.59
C GLU A 622 -38.73 6.46 29.61
N VAL A 636 -46.62 3.58 17.72
CA VAL A 636 -45.34 4.15 17.31
C VAL A 636 -45.00 3.71 15.88
N ARG A 637 -44.29 4.58 15.15
CA ARG A 637 -43.94 4.34 13.76
C ARG A 637 -43.06 3.11 13.48
N ILE A 638 -42.20 2.72 14.42
CA ILE A 638 -41.37 1.53 14.22
C ILE A 638 -42.21 0.25 14.15
N GLN A 639 -43.39 0.27 14.75
CA GLN A 639 -44.29 -0.89 14.74
C GLN A 639 -44.78 -1.25 13.35
N GLY A 640 -44.79 -0.28 12.45
CA GLY A 640 -45.15 -0.52 11.05
C GLY A 640 -43.96 -0.65 10.12
N SER A 641 -42.75 -0.53 10.66
CA SER A 641 -41.51 -0.60 9.86
C SER A 641 -41.04 -2.04 9.67
N LYS A 642 -40.43 -2.32 8.52
CA LYS A 642 -39.79 -3.62 8.30
C LYS A 642 -38.55 -3.82 9.20
N PHE A 643 -38.06 -2.73 9.79
CA PHE A 643 -36.90 -2.77 10.67
C PHE A 643 -37.28 -2.93 12.15
N LEU A 644 -38.56 -3.14 12.41
CA LEU A 644 -39.05 -3.46 13.76
C LEU A 644 -38.24 -4.57 14.44
N PRO A 645 -38.01 -5.73 13.75
CA PRO A 645 -37.22 -6.80 14.41
C PRO A 645 -35.87 -6.34 14.92
N PHE A 646 -35.15 -5.51 14.16
CA PHE A 646 -33.88 -4.95 14.63
C PHE A 646 -34.04 -4.07 15.88
N TYR A 647 -35.03 -3.18 15.85
CA TYR A 647 -35.26 -2.26 16.96
C TYR A 647 -35.69 -3.05 18.20
N ARG A 648 -36.58 -3.99 18.00
CA ARG A 648 -37.08 -4.83 19.07
C ARG A 648 -35.97 -5.71 19.63
N PHE A 649 -35.14 -6.24 18.74
CA PHE A 649 -33.99 -7.05 19.16
C PHE A 649 -33.03 -6.27 20.06
N VAL A 650 -32.64 -5.07 19.62
CA VAL A 650 -31.66 -4.24 20.34
C VAL A 650 -32.25 -3.66 21.64
N ARG A 651 -33.48 -3.16 21.58
CA ARG A 651 -34.10 -2.55 22.75
C ARG A 651 -34.57 -3.57 23.79
N GLU A 652 -35.33 -4.56 23.35
CA GLU A 652 -35.97 -5.51 24.28
C GLU A 652 -35.12 -6.73 24.60
N GLU A 653 -34.73 -7.47 23.57
CA GLU A 653 -33.95 -8.70 23.79
C GLU A 653 -32.58 -8.41 24.41
N LEU A 654 -31.93 -7.37 23.94
CA LEU A 654 -30.65 -7.00 24.47
C LEU A 654 -30.77 -6.09 25.69
N ASP A 655 -31.99 -5.71 26.04
CA ASP A 655 -32.28 -4.81 27.14
C ASP A 655 -31.50 -3.47 27.13
N THR A 656 -31.83 -2.61 26.19
CA THR A 656 -31.25 -1.26 26.11
C THR A 656 -32.35 -0.20 26.10
N GLY A 657 -31.96 1.06 26.09
CA GLY A 657 -32.92 2.16 26.02
C GLY A 657 -32.34 3.38 25.32
N VAL A 658 -33.17 4.39 25.10
CA VAL A 658 -32.70 5.65 24.54
C VAL A 658 -31.48 6.16 25.34
N MET A 659 -30.47 6.64 24.63
CA MET A 659 -29.21 7.04 25.25
C MET A 659 -29.29 8.49 25.73
N SER A 660 -28.88 8.72 26.98
CA SER A 660 -28.90 10.07 27.56
C SER A 660 -28.11 10.07 28.86
N ALA A 661 -27.97 11.26 29.46
CA ALA A 661 -27.33 11.40 30.77
C ALA A 661 -28.09 10.70 31.89
N ARG A 662 -29.38 10.43 31.68
CA ARG A 662 -30.19 9.72 32.67
C ARG A 662 -30.03 8.19 32.60
N ARG A 663 -29.50 7.69 31.51
CA ARG A 663 -29.24 6.26 31.36
C ARG A 663 -27.82 5.92 31.88
N GLU A 664 -27.71 5.03 32.87
CA GLU A 664 -26.40 4.76 33.48
C GLU A 664 -25.44 3.96 32.60
N GLN A 665 -26.00 3.13 31.72
CA GLN A 665 -25.21 2.31 30.80
C GLN A 665 -24.36 3.18 29.88
N THR A 666 -23.09 2.80 29.75
CA THR A 666 -22.18 3.52 28.86
C THR A 666 -22.43 3.08 27.42
N PRO A 667 -21.97 3.89 26.45
CA PRO A 667 -22.03 3.47 25.04
C PRO A 667 -21.35 2.09 24.82
N GLN A 668 -20.19 1.88 25.46
CA GLN A 668 -19.54 0.58 25.45
C GLN A 668 -20.52 -0.56 25.78
N GLU A 669 -21.25 -0.41 26.90
CA GLU A 669 -22.16 -1.46 27.39
C GLU A 669 -23.23 -1.76 26.38
N ASP A 670 -23.79 -0.72 25.77
CA ASP A 670 -24.80 -0.89 24.72
C ASP A 670 -24.26 -1.50 23.41
N VAL A 671 -23.13 -0.97 22.91
CA VAL A 671 -22.57 -1.45 21.63
C VAL A 671 -21.98 -2.86 21.74
N GLN A 672 -21.39 -3.17 22.89
CA GLN A 672 -20.91 -4.52 23.21
C GLN A 672 -21.99 -5.60 23.02
N LYS A 673 -23.19 -5.35 23.54
CA LYS A 673 -24.29 -6.32 23.37
C LYS A 673 -24.62 -6.51 21.89
N VAL A 674 -24.70 -5.42 21.15
CA VAL A 674 -25.01 -5.48 19.72
C VAL A 674 -23.88 -6.23 18.99
N PHE A 675 -22.64 -5.85 19.30
CA PHE A 675 -21.49 -6.52 18.70
C PHE A 675 -21.49 -8.02 18.98
N ASP A 676 -21.68 -8.41 20.24
CA ASP A 676 -21.69 -9.83 20.61
C ASP A 676 -22.74 -10.62 19.84
N ALA A 677 -23.93 -10.03 19.67
CA ALA A 677 -25.00 -10.63 18.88
C ALA A 677 -24.61 -10.79 17.39
N ILE A 678 -23.86 -9.83 16.87
CA ILE A 678 -23.30 -9.93 15.52
C ILE A 678 -22.23 -11.04 15.43
N ALA A 679 -21.31 -11.05 16.40
CA ALA A 679 -20.20 -11.99 16.38
C ALA A 679 -20.68 -13.44 16.48
N ASP A 680 -21.69 -13.67 17.30
CA ASP A 680 -22.18 -15.03 17.51
C ASP A 680 -23.37 -15.44 16.62
N GLY A 681 -23.79 -14.57 15.71
CA GLY A 681 -24.86 -14.89 14.79
C GLY A 681 -26.31 -14.75 15.27
N ARG A 682 -26.52 -14.34 16.51
CA ARG A 682 -27.89 -14.03 16.95
C ARG A 682 -28.53 -12.92 16.08
N ILE A 683 -27.72 -12.05 15.48
CA ILE A 683 -28.20 -10.98 14.58
C ILE A 683 -28.95 -11.49 13.35
N THR A 684 -28.75 -12.76 12.99
CA THR A 684 -29.46 -13.30 11.84
C THR A 684 -30.97 -13.50 12.11
N VAL A 685 -31.35 -13.67 13.37
CA VAL A 685 -32.79 -13.83 13.71
C VAL A 685 -33.56 -12.55 13.31
N PRO A 686 -33.23 -11.38 13.91
CA PRO A 686 -33.87 -10.16 13.41
C PRO A 686 -33.70 -9.93 11.90
N LEU A 687 -32.55 -10.31 11.35
CA LEU A 687 -32.31 -10.15 9.91
C LEU A 687 -33.28 -10.99 9.07
N LEU A 688 -33.43 -12.26 9.42
CA LEU A 688 -34.37 -13.15 8.74
C LEU A 688 -35.83 -12.72 8.92
N HIS A 689 -36.19 -12.23 10.10
CA HIS A 689 -37.57 -11.71 10.29
C HIS A 689 -37.85 -10.52 9.42
N CYS A 690 -36.91 -9.57 9.38
CA CYS A 690 -37.02 -8.37 8.54
C CYS A 690 -37.18 -8.69 7.05
N LEU A 691 -36.47 -9.73 6.60
CA LEU A 691 -36.46 -10.09 5.18
C LEU A 691 -37.61 -11.05 4.81
N GLN A 692 -38.44 -11.39 5.80
CA GLN A 692 -39.53 -12.36 5.62
C GLN A 692 -40.49 -11.93 4.50
N GLY A 693 -40.60 -12.77 3.47
CA GLY A 693 -41.52 -12.49 2.37
C GLY A 693 -40.92 -11.85 1.14
N PHE A 694 -39.67 -11.40 1.23
CA PHE A 694 -38.97 -10.85 0.06
C PHE A 694 -38.63 -11.98 -0.93
N LEU A 695 -39.01 -11.82 -2.19
CA LEU A 695 -38.69 -12.82 -3.21
C LEU A 695 -38.43 -12.19 -4.57
N SER B 29 -14.47 -21.43 -23.68
CA SER B 29 -13.12 -20.97 -23.19
C SER B 29 -12.97 -19.45 -23.34
N HIS B 30 -12.45 -18.81 -22.30
CA HIS B 30 -12.07 -17.40 -22.38
C HIS B 30 -11.15 -17.17 -23.56
N VAL B 31 -10.42 -18.20 -24.00
CA VAL B 31 -9.53 -18.08 -25.17
C VAL B 31 -10.34 -17.73 -26.43
N LYS B 32 -11.49 -18.37 -26.61
CA LYS B 32 -12.41 -18.06 -27.71
C LYS B 32 -12.89 -16.62 -27.61
N ASP B 33 -13.35 -16.21 -26.43
CA ASP B 33 -13.81 -14.84 -26.19
C ASP B 33 -12.76 -13.76 -26.54
N ILE B 34 -11.50 -14.00 -26.20
CA ILE B 34 -10.42 -13.02 -26.44
C ILE B 34 -10.06 -12.97 -27.92
N LEU B 35 -9.97 -14.13 -28.55
CA LEU B 35 -9.81 -14.20 -30.01
C LEU B 35 -10.95 -13.45 -30.71
N GLY B 36 -12.16 -13.60 -30.19
CA GLY B 36 -13.32 -12.80 -30.67
C GLY B 36 -13.09 -11.31 -30.53
N LEU B 37 -12.64 -10.87 -29.36
CA LEU B 37 -12.30 -9.46 -29.15
C LEU B 37 -11.31 -8.92 -30.17
N ILE B 38 -10.22 -9.67 -30.39
CA ILE B 38 -9.16 -9.32 -31.33
C ILE B 38 -9.70 -9.21 -32.75
N ASN B 39 -10.49 -10.19 -33.18
CA ASN B 39 -11.15 -10.16 -34.48
C ASN B 39 -12.01 -8.93 -34.66
N ALA B 40 -12.80 -8.62 -33.64
CA ALA B 40 -13.71 -7.47 -33.67
C ALA B 40 -12.92 -6.16 -33.76
N PHE B 41 -11.82 -6.07 -33.02
CA PHE B 41 -10.97 -4.88 -33.02
C PHE B 41 -10.36 -4.63 -34.41
N ASN B 42 -9.93 -5.69 -35.08
CA ASN B 42 -9.32 -5.60 -36.40
C ASN B 42 -10.31 -5.35 -37.54
N GLU B 43 -11.53 -5.86 -37.38
CA GLU B 43 -12.49 -5.94 -38.47
C GLU B 43 -13.55 -4.84 -38.53
N VAL B 44 -13.86 -4.24 -37.38
CA VAL B 44 -14.94 -3.26 -37.31
C VAL B 44 -14.63 -2.01 -38.16
N LYS B 45 -15.64 -1.49 -38.85
CA LYS B 45 -15.48 -0.30 -39.71
C LYS B 45 -16.36 0.85 -39.24
N LYS B 46 -17.54 0.52 -38.73
CA LYS B 46 -18.49 1.49 -38.20
C LYS B 46 -18.94 1.00 -36.85
N ILE B 47 -18.97 1.89 -35.86
CA ILE B 47 -19.58 1.56 -34.59
C ILE B 47 -20.98 2.12 -34.60
N THR B 48 -21.96 1.22 -34.60
CA THR B 48 -23.35 1.63 -34.64
C THR B 48 -23.80 2.00 -33.22
N VAL B 49 -24.30 3.22 -33.09
CA VAL B 49 -24.71 3.78 -31.80
C VAL B 49 -26.21 4.02 -31.87
N ASP B 50 -26.99 3.07 -31.34
CA ASP B 50 -28.42 3.03 -31.63
C ASP B 50 -29.34 2.82 -30.42
N GLY B 51 -28.75 2.74 -29.22
CA GLY B 51 -29.51 2.53 -27.99
C GLY B 51 -29.87 1.09 -27.66
N THR B 52 -29.45 0.14 -28.48
CA THR B 52 -29.71 -1.26 -28.21
C THR B 52 -28.60 -2.27 -28.58
N THR B 53 -27.85 -1.99 -29.63
CA THR B 53 -26.68 -2.81 -29.97
C THR B 53 -25.53 -2.50 -29.01
N PRO B 54 -25.01 -3.51 -28.29
CA PRO B 54 -23.96 -3.23 -27.30
C PRO B 54 -22.63 -2.76 -27.93
N ILE B 55 -21.96 -1.83 -27.26
CA ILE B 55 -20.59 -1.45 -27.62
C ILE B 55 -19.65 -2.26 -26.72
N THR B 56 -18.68 -2.96 -27.32
CA THR B 56 -17.73 -3.76 -26.56
C THR B 56 -16.43 -2.97 -26.34
N VAL B 57 -15.55 -3.50 -25.48
CA VAL B 57 -14.25 -2.86 -25.27
C VAL B 57 -13.41 -2.85 -26.55
N ALA B 58 -13.60 -3.85 -27.42
CA ALA B 58 -12.94 -3.86 -28.72
C ALA B 58 -13.35 -2.69 -29.64
N HIS B 59 -14.66 -2.39 -29.66
CA HIS B 59 -15.19 -1.25 -30.42
C HIS B 59 -14.62 0.06 -29.93
N VAL B 60 -14.61 0.25 -28.60
CA VAL B 60 -14.03 1.46 -27.99
C VAL B 60 -12.55 1.61 -28.37
N ALA B 61 -11.78 0.54 -28.14
CA ALA B 61 -10.37 0.50 -28.52
C ALA B 61 -10.14 0.77 -30.01
N ALA B 62 -10.95 0.18 -30.88
CA ALA B 62 -10.84 0.42 -32.33
C ALA B 62 -11.15 1.87 -32.72
N LEU B 63 -12.22 2.45 -32.15
CA LEU B 63 -12.47 3.87 -32.33
C LEU B 63 -11.25 4.70 -31.91
N ALA B 64 -10.69 4.40 -30.74
CA ALA B 64 -9.60 5.19 -30.18
C ALA B 64 -8.31 5.11 -31.00
N ARG B 65 -8.05 3.93 -31.57
CA ARG B 65 -6.75 3.64 -32.14
C ARG B 65 -6.72 3.54 -33.67
N ARG B 66 -7.87 3.25 -34.29
CA ARG B 66 -7.95 3.14 -35.75
C ARG B 66 -8.81 4.29 -36.30
N HIS B 67 -8.17 5.26 -36.96
CA HIS B 67 -8.88 6.47 -37.38
C HIS B 67 -9.77 6.30 -38.57
N ASP B 68 -9.69 5.14 -39.23
CA ASP B 68 -10.62 4.79 -40.29
C ASP B 68 -11.97 4.28 -39.73
N VAL B 69 -12.01 3.98 -38.43
CA VAL B 69 -13.24 3.54 -37.78
C VAL B 69 -14.15 4.75 -37.53
N LYS B 70 -15.41 4.63 -37.96
CA LYS B 70 -16.35 5.74 -37.89
C LYS B 70 -17.53 5.41 -36.96
N VAL B 71 -18.14 6.44 -36.39
CA VAL B 71 -19.33 6.27 -35.56
C VAL B 71 -20.57 6.45 -36.45
N ALA B 72 -21.57 5.61 -36.27
CA ALA B 72 -22.86 5.76 -36.95
C ALA B 72 -24.01 5.87 -35.98
N LEU B 73 -24.44 7.11 -35.73
CA LEU B 73 -25.60 7.36 -34.90
C LEU B 73 -26.87 7.04 -35.70
N GLU B 74 -27.65 6.08 -35.22
CA GLU B 74 -28.79 5.60 -35.97
C GLU B 74 -30.10 6.19 -35.48
N ALA B 75 -30.68 7.09 -36.27
CA ALA B 75 -31.96 7.72 -35.96
C ALA B 75 -33.13 6.71 -36.00
N CYS B 78 -33.83 5.29 -32.18
CA CYS B 78 -33.67 5.95 -30.89
C CYS B 78 -33.93 7.47 -30.90
N ARG B 79 -33.90 8.09 -32.09
CA ARG B 79 -34.16 9.53 -32.22
C ARG B 79 -35.49 9.99 -31.62
N ALA B 80 -36.53 9.16 -31.73
CA ALA B 80 -37.86 9.47 -31.22
C ALA B 80 -37.90 9.60 -29.70
N ARG B 81 -37.40 8.60 -28.99
CA ARG B 81 -37.41 8.64 -27.54
C ARG B 81 -36.52 9.77 -27.00
N VAL B 82 -35.42 10.03 -27.70
CA VAL B 82 -34.54 11.16 -27.39
C VAL B 82 -35.27 12.51 -27.47
N GLU B 83 -35.99 12.73 -28.57
CA GLU B 83 -36.72 13.98 -28.77
C GLU B 83 -37.86 14.12 -27.79
N THR B 84 -38.54 13.01 -27.50
CA THR B 84 -39.60 12.98 -26.48
C THR B 84 -39.05 13.42 -25.12
N CYS B 85 -37.86 12.91 -24.81
CA CYS B 85 -37.21 13.19 -23.54
C CYS B 85 -36.82 14.66 -23.42
N SER B 86 -36.13 15.19 -24.42
CA SER B 86 -35.65 16.57 -24.38
C SER B 86 -36.77 17.62 -24.37
N SER B 87 -37.86 17.31 -25.07
CA SER B 87 -39.00 18.22 -25.09
C SER B 87 -39.78 18.12 -23.79
N TRP B 88 -39.86 16.90 -23.24
CA TRP B 88 -40.44 16.71 -21.92
C TRP B 88 -39.73 17.52 -20.87
N VAL B 89 -38.39 17.50 -20.88
CA VAL B 89 -37.60 18.22 -19.88
C VAL B 89 -37.78 19.73 -20.07
N GLN B 90 -37.73 20.20 -21.30
CA GLN B 90 -37.88 21.63 -21.60
C GLN B 90 -39.23 22.21 -21.16
N ARG B 91 -40.29 21.44 -21.36
CA ARG B 91 -41.65 21.84 -21.02
C ARG B 91 -41.83 21.93 -19.51
N LYS B 92 -41.46 20.86 -18.84
CA LYS B 92 -41.50 20.77 -17.38
C LYS B 92 -40.77 21.93 -16.73
N ALA B 93 -39.53 22.16 -17.17
CA ALA B 93 -38.71 23.27 -16.70
C ALA B 93 -39.37 24.62 -16.93
N GLU B 94 -39.77 24.90 -18.17
CA GLU B 94 -40.51 26.13 -18.49
C GLU B 94 -41.76 26.32 -17.62
N ASP B 95 -42.51 25.25 -17.41
CA ASP B 95 -43.69 25.29 -16.53
C ASP B 95 -43.36 25.32 -15.04
N GLY B 96 -42.06 25.35 -14.71
CA GLY B 96 -41.63 25.50 -13.32
C GLY B 96 -41.67 24.25 -12.45
N ALA B 97 -41.62 23.07 -13.08
CA ALA B 97 -41.54 21.82 -12.33
C ALA B 97 -40.25 21.73 -11.50
N ASP B 98 -40.36 21.17 -10.30
CA ASP B 98 -39.23 21.02 -9.39
C ASP B 98 -38.40 19.77 -9.69
N ILE B 99 -37.27 19.97 -10.36
CA ILE B 99 -36.45 18.86 -10.82
C ILE B 99 -34.98 19.21 -10.58
N TYR B 100 -34.26 18.29 -9.93
CA TYR B 100 -32.85 18.55 -9.60
C TYR B 100 -32.03 18.87 -10.84
N GLY B 101 -31.23 19.93 -10.72
CA GLY B 101 -30.26 20.28 -11.76
C GLY B 101 -30.87 20.88 -13.00
N VAL B 102 -32.18 21.10 -12.98
CA VAL B 102 -32.89 21.75 -14.08
C VAL B 102 -33.62 23.02 -13.63
N THR B 103 -34.32 22.95 -12.51
CA THR B 103 -34.84 24.13 -11.84
C THR B 103 -34.25 24.25 -10.44
N THR B 104 -33.09 23.64 -10.25
CA THR B 104 -32.44 23.47 -8.95
C THR B 104 -30.93 23.64 -9.07
N GLY B 105 -30.31 24.21 -8.04
CA GLY B 105 -28.86 24.25 -7.90
C GLY B 105 -28.22 22.87 -7.79
N PHE B 106 -26.91 22.79 -7.93
CA PHE B 106 -26.23 21.50 -8.07
C PHE B 106 -25.57 20.99 -6.79
N GLY B 107 -25.41 19.66 -6.70
CA GLY B 107 -24.74 19.02 -5.57
C GLY B 107 -25.29 19.42 -4.21
N ALA B 108 -24.41 19.96 -3.37
CA ALA B 108 -24.76 20.38 -2.03
C ALA B 108 -25.72 21.59 -2.02
N CYS B 109 -25.89 22.23 -3.18
CA CYS B 109 -26.74 23.43 -3.31
C CYS B 109 -28.13 23.14 -3.87
N SER B 110 -28.58 21.91 -3.76
CA SER B 110 -29.83 21.48 -4.41
C SER B 110 -31.09 22.11 -3.78
N SER B 111 -30.91 22.78 -2.64
CA SER B 111 -31.96 23.59 -2.01
C SER B 111 -32.37 24.79 -2.86
N ARG B 112 -31.42 25.36 -3.59
CA ARG B 112 -31.62 26.59 -4.36
C ARG B 112 -32.44 26.32 -5.59
N ARG B 113 -33.55 27.04 -5.73
CA ARG B 113 -34.39 26.95 -6.93
C ARG B 113 -34.13 28.14 -7.84
N THR B 114 -34.39 27.94 -9.13
CA THR B 114 -34.25 29.00 -10.12
C THR B 114 -35.12 28.70 -11.33
N ASN B 115 -35.62 29.77 -11.96
CA ASN B 115 -36.29 29.66 -13.25
C ASN B 115 -35.34 30.08 -14.37
N ARG B 116 -34.08 30.34 -14.01
CA ARG B 116 -33.05 30.77 -14.96
C ARG B 116 -32.40 29.57 -15.65
N LEU B 117 -33.14 28.98 -16.59
CA LEU B 117 -32.87 27.64 -17.14
C LEU B 117 -31.51 27.46 -17.85
N SER B 118 -31.20 28.38 -18.75
CA SER B 118 -29.97 28.31 -19.52
C SER B 118 -28.74 28.80 -18.75
N GLU B 119 -28.93 29.88 -18.01
CA GLU B 119 -27.86 30.43 -17.18
C GLU B 119 -27.42 29.42 -16.11
N LEU B 120 -28.37 28.69 -15.53
CA LEU B 120 -28.06 27.62 -14.61
C LEU B 120 -27.07 26.63 -15.24
N GLN B 121 -27.35 26.19 -16.46
CA GLN B 121 -26.49 25.21 -17.15
C GLN B 121 -25.15 25.80 -17.55
N GLU B 122 -25.17 27.05 -18.03
CA GLU B 122 -23.94 27.80 -18.32
C GLU B 122 -23.04 27.94 -17.08
N SER B 123 -23.64 28.18 -15.91
CA SER B 123 -22.87 28.39 -14.68
C SER B 123 -22.19 27.11 -14.19
N LEU B 124 -22.84 25.96 -14.41
CA LEU B 124 -22.24 24.66 -14.15
C LEU B 124 -20.96 24.46 -14.97
N ILE B 125 -21.01 24.74 -16.26
CA ILE B 125 -19.85 24.54 -17.12
C ILE B 125 -18.70 25.47 -16.72
N ARG B 126 -19.01 26.74 -16.45
CA ARG B 126 -17.98 27.71 -16.03
C ARG B 126 -17.28 27.29 -14.74
N CYS B 127 -18.05 26.84 -13.78
CA CYS B 127 -17.51 26.39 -12.52
C CYS B 127 -16.70 25.08 -12.63
N LEU B 128 -17.04 24.23 -13.60
CA LEU B 128 -16.37 22.94 -13.79
C LEU B 128 -15.13 23.03 -14.69
N LEU B 129 -14.95 24.14 -15.36
CA LEU B 129 -13.74 24.39 -16.10
C LEU B 129 -12.64 24.86 -15.15
N ALA B 130 -12.04 23.88 -14.52
CA ALA B 130 -11.23 24.07 -13.32
C ALA B 130 -10.03 23.18 -13.23
N GLY B 131 -9.75 22.47 -14.30
CA GLY B 131 -8.56 21.70 -14.46
C GLY B 131 -7.37 22.59 -14.69
N VAL B 132 -6.19 22.04 -14.53
CA VAL B 132 -4.95 22.76 -14.80
C VAL B 132 -4.06 21.84 -15.63
N PHE B 133 -3.35 22.41 -16.60
CA PHE B 133 -2.40 21.66 -17.41
C PHE B 133 -1.01 21.75 -16.81
N THR B 134 -0.48 20.63 -16.32
CA THR B 134 0.80 20.58 -15.61
C THR B 134 1.97 20.34 -16.54
N VAL B 141 2.46 19.17 -22.05
CA VAL B 141 1.52 19.17 -20.94
C VAL B 141 1.09 17.75 -20.60
N ASP B 142 0.77 17.50 -19.33
CA ASP B 142 0.02 16.31 -18.97
C ASP B 142 -1.42 16.60 -19.32
N GLU B 143 -2.09 15.62 -19.89
CA GLU B 143 -3.47 15.78 -20.32
C GLU B 143 -4.02 14.38 -20.51
N LEU B 144 -5.33 14.23 -20.45
CA LEU B 144 -5.93 13.00 -20.95
C LEU B 144 -5.69 12.95 -22.45
N PRO B 145 -5.18 11.81 -22.96
CA PRO B 145 -4.88 11.75 -24.39
C PRO B 145 -6.14 11.82 -25.26
N ALA B 146 -5.97 12.26 -26.50
CA ALA B 146 -7.02 12.26 -27.53
C ALA B 146 -7.77 10.93 -27.62
N THR B 147 -7.05 9.82 -27.48
CA THR B 147 -7.64 8.49 -27.53
C THR B 147 -8.71 8.29 -26.46
N ALA B 148 -8.42 8.73 -25.24
CA ALA B 148 -9.35 8.64 -24.12
C ALA B 148 -10.48 9.66 -24.23
N THR B 149 -10.15 10.86 -24.70
CA THR B 149 -11.13 11.91 -24.93
C THR B 149 -12.17 11.48 -25.97
N ARG B 150 -11.71 11.01 -27.13
CA ARG B 150 -12.62 10.53 -28.19
C ARG B 150 -13.46 9.34 -27.72
N SER B 151 -12.82 8.37 -27.04
CA SER B 151 -13.57 7.29 -26.39
C SER B 151 -14.62 7.79 -25.43
N ALA B 152 -14.28 8.81 -24.64
CA ALA B 152 -15.22 9.40 -23.68
C ALA B 152 -16.40 10.06 -24.39
N MET B 153 -16.13 10.69 -25.54
CA MET B 153 -17.18 11.33 -26.35
C MET B 153 -18.16 10.28 -26.89
N LEU B 154 -17.63 9.14 -27.33
CA LEU B 154 -18.43 7.99 -27.77
C LEU B 154 -19.34 7.47 -26.65
N LEU B 155 -18.74 7.25 -25.48
CA LEU B 155 -19.48 6.75 -24.34
C LEU B 155 -20.56 7.73 -23.88
N ARG B 156 -20.28 9.02 -23.94
CA ARG B 156 -21.31 10.02 -23.59
C ARG B 156 -22.42 9.97 -24.62
N LEU B 157 -22.05 10.00 -25.90
CA LEU B 157 -23.00 9.85 -26.98
C LEU B 157 -23.88 8.60 -26.79
N ASN B 158 -23.26 7.48 -26.41
CA ASN B 158 -23.99 6.22 -26.18
C ASN B 158 -25.03 6.30 -25.06
N SER B 159 -24.63 6.85 -23.90
CA SER B 159 -25.53 7.04 -22.76
C SER B 159 -26.80 7.75 -23.21
N PHE B 160 -26.61 8.77 -24.03
CA PHE B 160 -27.68 9.63 -24.51
C PHE B 160 -28.72 8.90 -25.34
N THR B 161 -28.33 7.82 -26.03
CA THR B 161 -29.25 7.07 -26.92
C THR B 161 -30.35 6.32 -26.17
N TYR B 162 -30.16 6.09 -24.87
CA TYR B 162 -31.19 5.41 -24.08
C TYR B 162 -32.40 6.28 -23.78
N GLY B 163 -32.28 7.57 -24.08
CA GLY B 163 -33.40 8.52 -23.99
C GLY B 163 -33.85 8.84 -22.58
N CYS B 164 -32.88 8.92 -21.66
CA CYS B 164 -33.17 9.24 -20.27
C CYS B 164 -32.60 10.60 -19.87
N SER B 165 -31.90 11.24 -20.79
CA SER B 165 -31.03 12.39 -20.47
C SER B 165 -31.58 13.78 -20.74
N GLY B 166 -32.43 13.90 -21.76
CA GLY B 166 -33.05 15.18 -22.08
C GLY B 166 -32.19 16.04 -22.96
N ILE B 167 -31.09 15.48 -23.47
CA ILE B 167 -30.22 16.20 -24.40
C ILE B 167 -30.91 16.30 -25.78
N ARG B 168 -30.71 17.40 -26.50
CA ARG B 168 -31.23 17.54 -27.85
C ARG B 168 -30.48 16.61 -28.81
N TRP B 169 -31.24 15.97 -29.69
CA TRP B 169 -30.68 15.11 -30.74
C TRP B 169 -29.57 15.78 -31.53
N GLU B 170 -29.72 17.07 -31.76
CA GLU B 170 -28.75 17.85 -32.50
C GLU B 170 -27.39 17.93 -31.80
N VAL B 171 -27.39 17.88 -30.46
CA VAL B 171 -26.14 17.83 -29.72
C VAL B 171 -25.48 16.46 -29.95
N MET B 172 -26.30 15.42 -29.96
CA MET B 172 -25.84 14.07 -30.26
C MET B 172 -25.23 13.98 -31.67
N GLU B 173 -25.88 14.60 -32.64
CA GLU B 173 -25.35 14.66 -34.00
C GLU B 173 -24.02 15.41 -34.01
N ALA B 174 -23.94 16.49 -33.25
CA ALA B 174 -22.70 17.26 -33.13
C ALA B 174 -21.55 16.37 -32.63
N LEU B 175 -21.86 15.54 -31.63
CA LEU B 175 -20.86 14.62 -31.05
C LEU B 175 -20.40 13.60 -32.09
N GLU B 176 -21.33 12.99 -32.81
CA GLU B 176 -21.00 12.11 -33.95
C GLU B 176 -20.05 12.79 -34.97
N LYS B 177 -20.37 14.02 -35.37
CA LYS B 177 -19.57 14.77 -36.33
C LYS B 177 -18.15 15.09 -35.80
N LEU B 178 -18.06 15.54 -34.55
CA LEU B 178 -16.76 15.82 -33.94
C LEU B 178 -15.88 14.57 -33.93
N LEU B 179 -16.48 13.46 -33.53
CA LEU B 179 -15.82 12.14 -33.54
C LEU B 179 -15.31 11.73 -34.92
N ASN B 180 -16.20 11.78 -35.91
CA ASN B 180 -15.86 11.45 -37.30
C ASN B 180 -14.91 12.43 -37.98
N SER B 181 -14.84 13.64 -37.44
CA SER B 181 -13.90 14.67 -37.94
C SER B 181 -12.60 14.72 -37.16
N ASN B 182 -12.43 13.83 -36.17
CA ASN B 182 -11.21 13.80 -35.37
C ASN B 182 -10.94 15.14 -34.65
N VAL B 183 -12.00 15.77 -34.16
CA VAL B 183 -11.87 16.98 -33.34
C VAL B 183 -12.12 16.59 -31.87
N SER B 184 -11.17 16.93 -30.98
CA SER B 184 -11.24 16.63 -29.53
C SER B 184 -10.81 17.82 -28.69
N PRO B 185 -11.51 18.10 -27.59
CA PRO B 185 -10.95 19.11 -26.68
C PRO B 185 -9.68 18.60 -25.99
N LYS B 186 -8.82 19.53 -25.59
CA LYS B 186 -7.66 19.22 -24.77
C LYS B 186 -8.10 19.23 -23.32
N VAL B 187 -7.91 18.10 -22.63
CA VAL B 187 -8.49 17.95 -21.30
C VAL B 187 -7.41 17.72 -20.23
N PRO B 188 -7.44 18.51 -19.14
CA PRO B 188 -6.48 18.30 -18.04
C PRO B 188 -6.58 16.89 -17.48
N LEU B 189 -5.42 16.35 -17.09
CA LEU B 189 -5.33 14.99 -16.63
C LEU B 189 -6.14 14.73 -15.36
N ARG B 190 -6.09 15.66 -14.41
CA ARG B 190 -6.66 15.41 -13.08
C ARG B 190 -7.80 16.34 -12.69
N GLY B 191 -8.52 15.97 -11.63
CA GLY B 191 -9.63 16.76 -11.14
C GLY B 191 -10.89 15.95 -10.89
N SER B 192 -10.99 14.79 -11.54
CA SER B 192 -12.18 13.95 -11.38
C SER B 192 -12.07 12.98 -10.21
N VAL B 193 -13.15 12.86 -9.43
CA VAL B 193 -13.31 11.77 -8.46
C VAL B 193 -14.26 10.70 -9.01
N SER B 194 -14.70 10.88 -10.27
CA SER B 194 -15.55 9.89 -10.95
C SER B 194 -16.83 9.55 -10.17
N1 MDO B 195 -17.36 10.58 -9.62
CA1 MDO B 195 -18.76 10.49 -9.18
C1 MDO B 195 -19.59 11.63 -9.78
CB MDO B 195 -18.88 10.43 -7.64
N2 MDO B 195 -20.29 12.51 -9.06
CA2 MDO B 195 -20.87 13.33 -9.92
C2 MDO B 195 -20.52 12.94 -11.20
O2 MDO B 195 -20.89 13.49 -12.38
CB2 MDO B 195 -21.80 14.50 -9.55
N3 MDO B 195 -19.73 11.89 -11.08
CA3 MDO B 195 -19.14 11.19 -12.24
C3 MDO B 195 -17.95 12.01 -12.79
O3 MDO B 195 -17.31 12.78 -11.74
N ASP B 196 -17.55 12.10 -14.00
CA ASP B 196 -16.27 12.75 -14.43
C ASP B 196 -16.51 14.22 -14.77
N LEU B 197 -17.03 14.96 -13.78
CA LEU B 197 -17.46 16.34 -13.94
C LEU B 197 -16.50 17.27 -14.70
N ILE B 198 -15.30 17.45 -14.13
CA ILE B 198 -14.33 18.38 -14.73
C ILE B 198 -13.94 17.96 -16.16
N PRO B 199 -13.43 16.72 -16.36
CA PRO B 199 -13.03 16.36 -17.73
C PRO B 199 -14.15 16.48 -18.77
N LEU B 200 -15.35 16.03 -18.43
CA LEU B 200 -16.50 16.15 -19.32
C LEU B 200 -16.89 17.60 -19.62
N ALA B 201 -16.59 18.51 -18.69
CA ALA B 201 -16.87 19.94 -18.90
C ALA B 201 -16.12 20.51 -20.12
N TYR B 202 -14.99 19.90 -20.48
CA TYR B 202 -14.20 20.33 -21.63
C TYR B 202 -14.84 19.94 -22.98
N ILE B 203 -15.55 18.82 -22.99
CA ILE B 203 -16.38 18.41 -24.12
C ILE B 203 -17.61 19.34 -24.22
N ALA B 204 -18.23 19.62 -23.07
CA ALA B 204 -19.31 20.58 -23.03
C ALA B 204 -18.81 21.96 -23.46
N GLY B 205 -17.63 22.36 -22.98
CA GLY B 205 -17.00 23.62 -23.35
C GLY B 205 -16.75 23.75 -24.86
N LEU B 206 -16.34 22.66 -25.49
CA LEU B 206 -16.19 22.61 -26.95
C LEU B 206 -17.52 22.88 -27.67
N LEU B 207 -18.57 22.20 -27.22
CA LEU B 207 -19.90 22.29 -27.83
C LEU B 207 -20.51 23.69 -27.80
N ILE B 208 -20.25 24.42 -26.72
CA ILE B 208 -20.80 25.76 -26.53
C ILE B 208 -19.85 26.85 -26.99
N GLY B 209 -18.72 26.45 -27.60
CA GLY B 209 -17.73 27.39 -28.13
C GLY B 209 -16.95 28.25 -27.15
N LYS B 210 -16.57 27.70 -25.99
CA LYS B 210 -15.75 28.46 -25.02
C LYS B 210 -14.39 28.75 -25.63
N PRO B 211 -13.99 30.04 -25.69
CA PRO B 211 -12.68 30.37 -26.29
C PRO B 211 -11.48 29.79 -25.53
N SER B 212 -11.63 29.61 -24.21
CA SER B 212 -10.55 29.08 -23.36
C SER B 212 -10.29 27.58 -23.56
N VAL B 213 -11.28 26.87 -24.09
CA VAL B 213 -11.13 25.46 -24.40
C VAL B 213 -10.39 25.34 -25.74
N ILE B 214 -9.28 24.61 -25.73
CA ILE B 214 -8.53 24.34 -26.96
C ILE B 214 -8.99 23.01 -27.56
N ALA B 215 -9.03 22.92 -28.90
CA ALA B 215 -9.39 21.66 -29.57
C ALA B 215 -8.32 21.18 -30.56
N ARG B 216 -8.11 19.87 -30.60
CA ARG B 216 -7.30 19.23 -31.63
C ARG B 216 -8.13 18.99 -32.88
N ILE B 217 -7.53 19.17 -34.05
CA ILE B 217 -8.09 18.68 -35.31
C ILE B 217 -6.97 17.88 -35.98
N GLY B 218 -7.15 16.56 -36.04
CA GLY B 218 -6.07 15.67 -36.47
C GLY B 218 -4.92 15.71 -35.47
N ASP B 219 -3.72 15.34 -35.91
CA ASP B 219 -2.58 15.20 -35.01
C ASP B 219 -1.71 16.46 -34.95
N ASP B 220 -1.96 17.40 -35.84
CA ASP B 220 -1.04 18.51 -36.05
C ASP B 220 -1.61 19.91 -35.80
N VAL B 221 -2.89 19.99 -35.41
CA VAL B 221 -3.56 21.28 -35.31
C VAL B 221 -4.28 21.47 -33.97
N GLU B 222 -4.02 22.61 -33.33
CA GLU B 222 -4.74 23.03 -32.13
C GLU B 222 -5.29 24.43 -32.33
N VAL B 223 -6.62 24.58 -32.24
CA VAL B 223 -7.25 25.91 -32.32
C VAL B 223 -8.25 26.09 -31.18
N PRO B 224 -8.60 27.36 -30.84
CA PRO B 224 -9.67 27.54 -29.85
C PRO B 224 -10.98 26.87 -30.27
N ALA B 225 -11.79 26.52 -29.29
CA ALA B 225 -13.06 25.83 -29.54
C ALA B 225 -13.98 26.45 -30.61
N PRO B 226 -14.19 27.79 -30.57
CA PRO B 226 -15.07 28.40 -31.59
C PRO B 226 -14.58 28.13 -33.03
N GLU B 227 -13.26 28.15 -33.23
CA GLU B 227 -12.69 27.90 -34.55
C GLU B 227 -12.78 26.43 -34.97
N ALA B 228 -12.66 25.52 -34.00
CA ALA B 228 -12.79 24.08 -34.27
C ALA B 228 -14.20 23.74 -34.75
N LEU B 229 -15.21 24.33 -34.13
CA LEU B 229 -16.60 24.12 -34.51
C LEU B 229 -16.85 24.68 -35.91
N SER B 230 -16.25 25.85 -36.18
CA SER B 230 -16.37 26.52 -37.47
C SER B 230 -15.89 25.60 -38.58
N ARG B 231 -14.75 24.95 -38.36
CA ARG B 231 -14.09 24.15 -39.39
C ARG B 231 -14.81 22.86 -39.77
N VAL B 232 -15.79 22.46 -38.97
CA VAL B 232 -16.57 21.24 -39.26
C VAL B 232 -18.04 21.55 -39.49
N GLY B 233 -18.33 22.83 -39.73
CA GLY B 233 -19.67 23.28 -40.12
C GLY B 233 -20.65 23.35 -38.97
N LEU B 234 -20.12 23.56 -37.76
CA LEU B 234 -20.96 23.66 -36.57
C LEU B 234 -20.97 25.06 -35.97
N ARG B 235 -22.10 25.42 -35.37
CA ARG B 235 -22.21 26.64 -34.61
C ARG B 235 -22.28 26.31 -33.11
N PRO B 236 -21.77 27.21 -32.25
CA PRO B 236 -21.86 26.98 -30.80
C PRO B 236 -23.28 26.69 -30.37
N PHE B 237 -23.46 25.73 -29.48
CA PHE B 237 -24.76 25.46 -28.90
C PHE B 237 -25.06 26.40 -27.73
N LYS B 238 -26.35 26.66 -27.54
CA LYS B 238 -26.86 27.39 -26.40
C LYS B 238 -27.55 26.33 -25.55
N LEU B 239 -27.10 26.16 -24.32
CA LEU B 239 -27.59 25.07 -23.46
C LEU B 239 -29.05 25.23 -23.03
N GLN B 240 -29.83 24.18 -23.25
CA GLN B 240 -31.23 24.15 -22.82
C GLN B 240 -31.30 23.52 -21.43
N ALA B 241 -32.49 23.51 -20.83
CA ALA B 241 -32.71 22.89 -19.52
C ALA B 241 -32.06 21.51 -19.41
N LYS B 242 -31.21 21.33 -18.39
CA LYS B 242 -30.56 20.02 -18.05
C LYS B 242 -29.38 19.62 -18.95
N GLU B 243 -29.14 20.37 -20.02
CA GLU B 243 -28.13 20.00 -21.02
C GLU B 243 -26.68 20.08 -20.55
N GLY B 244 -26.36 21.10 -19.75
CA GLY B 244 -25.03 21.20 -19.15
C GLY B 244 -24.77 20.00 -18.24
N LEU B 245 -25.76 19.69 -17.40
CA LEU B 245 -25.65 18.57 -16.46
C LEU B 245 -25.57 17.23 -17.19
N ALA B 246 -26.40 17.08 -18.23
CA ALA B 246 -26.44 15.84 -19.00
C ALA B 246 -25.09 15.55 -19.63
N LEU B 247 -24.43 16.59 -20.12
CA LEU B 247 -23.10 16.46 -20.70
C LEU B 247 -22.02 16.06 -19.69
N VAL B 248 -22.13 16.51 -18.42
CA VAL B 248 -21.02 16.33 -17.44
C VAL B 248 -21.23 15.24 -16.39
N ASN B 249 -22.47 14.79 -16.22
CA ASN B 249 -22.84 13.94 -15.08
C ASN B 249 -22.72 12.46 -15.44
N GLY B 250 -21.58 12.08 -16.01
CA GLY B 250 -21.37 10.71 -16.48
C GLY B 250 -20.05 10.10 -16.05
N THR B 251 -19.91 8.80 -16.28
CA THR B 251 -18.70 8.06 -15.99
C THR B 251 -17.82 7.88 -17.24
N SER B 252 -17.96 8.78 -18.20
CA SER B 252 -17.38 8.62 -19.56
C SER B 252 -15.86 8.50 -19.64
N PHE B 253 -15.15 9.33 -18.88
CA PHE B 253 -13.69 9.25 -18.90
C PHE B 253 -13.14 8.02 -18.19
N ALA B 254 -13.68 7.71 -17.01
CA ALA B 254 -13.22 6.55 -16.26
C ALA B 254 -13.45 5.29 -17.11
N THR B 255 -14.63 5.22 -17.71
CA THR B 255 -15.05 4.07 -18.51
C THR B 255 -14.31 4.00 -19.85
N ALA B 256 -13.98 5.15 -20.45
CA ALA B 256 -13.12 5.19 -21.66
C ALA B 256 -11.74 4.58 -21.44
N VAL B 257 -11.06 5.02 -20.39
CA VAL B 257 -9.74 4.47 -20.05
C VAL B 257 -9.88 2.99 -19.60
N ALA B 258 -10.93 2.67 -18.85
CA ALA B 258 -11.15 1.26 -18.44
C ALA B 258 -11.38 0.34 -19.65
N SER B 259 -11.96 0.87 -20.73
CA SER B 259 -12.31 0.06 -21.91
C SER B 259 -11.06 -0.38 -22.65
N THR B 260 -10.15 0.56 -22.89
CA THR B 260 -8.90 0.26 -23.58
C THR B 260 -7.96 -0.51 -22.66
N VAL B 261 -8.02 -0.22 -21.36
CA VAL B 261 -7.35 -1.04 -20.35
C VAL B 261 -7.83 -2.50 -20.40
N MET B 262 -9.14 -2.73 -20.44
CA MET B 262 -9.65 -4.10 -20.44
C MET B 262 -9.37 -4.82 -21.77
N TYR B 263 -9.42 -4.07 -22.87
CA TYR B 263 -9.07 -4.63 -24.17
C TYR B 263 -7.62 -5.14 -24.10
N ASP B 264 -6.72 -4.28 -23.63
CA ASP B 264 -5.31 -4.61 -23.56
C ASP B 264 -5.05 -5.75 -22.59
N ALA B 265 -5.75 -5.73 -21.46
CA ALA B 265 -5.61 -6.75 -20.42
C ALA B 265 -5.98 -8.13 -20.97
N ASN B 266 -7.06 -8.21 -21.76
CA ASN B 266 -7.44 -9.47 -22.43
C ASN B 266 -6.36 -10.00 -23.38
N VAL B 267 -5.85 -9.11 -24.24
CA VAL B 267 -4.85 -9.50 -25.26
C VAL B 267 -3.55 -9.94 -24.60
N LEU B 268 -3.07 -9.12 -23.67
CA LEU B 268 -1.84 -9.40 -22.96
C LEU B 268 -1.93 -10.65 -22.09
N LEU B 269 -3.07 -10.84 -21.41
CA LEU B 269 -3.34 -12.09 -20.71
C LEU B 269 -3.17 -13.32 -21.64
N LEU B 270 -3.89 -13.34 -22.76
CA LEU B 270 -3.81 -14.46 -23.70
C LEU B 270 -2.37 -14.70 -24.18
N LEU B 271 -1.68 -13.61 -24.48
CA LEU B 271 -0.26 -13.63 -24.82
C LEU B 271 0.62 -14.25 -23.72
N VAL B 272 0.42 -13.85 -22.47
CA VAL B 272 1.19 -14.41 -21.33
C VAL B 272 0.92 -15.92 -21.19
N GLU B 273 -0.36 -16.30 -21.24
CA GLU B 273 -0.77 -17.70 -21.12
C GLU B 273 -0.10 -18.55 -22.19
N THR B 274 -0.14 -18.05 -23.41
CA THR B 274 0.41 -18.72 -24.59
C THR B 274 1.90 -18.89 -24.44
N LEU B 275 2.60 -17.79 -24.13
CA LEU B 275 4.04 -17.80 -23.96
C LEU B 275 4.55 -18.65 -22.81
N CYS B 276 3.66 -19.04 -21.89
CA CYS B 276 4.02 -20.05 -20.88
C CYS B 276 4.42 -21.38 -21.55
N GLY B 277 3.71 -21.75 -22.61
CA GLY B 277 4.07 -22.91 -23.44
C GLY B 277 5.44 -22.77 -24.11
N MET B 278 5.75 -21.58 -24.60
CA MET B 278 7.06 -21.36 -25.23
C MET B 278 8.15 -21.44 -24.17
N PHE B 279 7.84 -21.01 -22.95
CA PHE B 279 8.78 -21.12 -21.84
C PHE B 279 9.10 -22.56 -21.52
N CYS B 280 8.05 -23.39 -21.41
CA CYS B 280 8.22 -24.84 -21.25
C CYS B 280 9.20 -25.41 -22.29
N GLU B 281 9.01 -25.03 -23.55
CA GLU B 281 9.81 -25.58 -24.63
C GLU B 281 11.30 -25.23 -24.50
N VAL B 282 11.60 -23.97 -24.19
CA VAL B 282 13.01 -23.55 -24.09
C VAL B 282 13.69 -23.99 -22.77
N ILE B 283 12.92 -24.07 -21.69
CA ILE B 283 13.49 -24.38 -20.38
C ILE B 283 13.65 -25.90 -20.15
N PHE B 284 13.18 -26.70 -21.12
CA PHE B 284 13.08 -28.16 -20.97
C PHE B 284 12.15 -28.51 -19.80
N GLY B 285 10.92 -28.02 -19.89
CA GLY B 285 9.90 -28.36 -18.89
C GLY B 285 9.29 -29.71 -19.17
N ARG B 286 8.51 -30.20 -18.20
CA ARG B 286 7.73 -31.42 -18.33
C ARG B 286 6.28 -30.98 -18.52
N GLU B 287 5.74 -31.23 -19.72
CA GLU B 287 4.40 -30.74 -20.10
C GLU B 287 3.25 -31.35 -19.29
N GLU B 288 3.56 -32.36 -18.49
CA GLU B 288 2.64 -32.99 -17.56
C GLU B 288 1.87 -32.00 -16.67
N PHE B 289 2.50 -30.89 -16.29
CA PHE B 289 1.87 -29.88 -15.40
C PHE B 289 0.47 -29.45 -15.88
N ALA B 290 0.26 -29.52 -17.20
CA ALA B 290 -1.00 -29.14 -17.86
C ALA B 290 -2.00 -30.29 -18.11
N HIS B 291 -1.67 -31.49 -17.63
CA HIS B 291 -2.57 -32.65 -17.79
C HIS B 291 -3.97 -32.34 -17.31
N PRO B 292 -5.00 -32.65 -18.13
CA PRO B 292 -6.38 -32.25 -17.79
C PRO B 292 -6.89 -32.76 -16.43
N LEU B 293 -6.41 -33.90 -15.96
CA LEU B 293 -6.89 -34.47 -14.69
C LEU B 293 -6.46 -33.66 -13.45
N ILE B 294 -5.26 -33.10 -13.48
CA ILE B 294 -4.78 -32.25 -12.38
C ILE B 294 -5.80 -31.15 -12.14
N HIS B 295 -6.27 -30.57 -13.23
CA HIS B 295 -7.13 -29.39 -13.17
C HIS B 295 -8.60 -29.69 -13.04
N LYS B 296 -9.06 -30.79 -13.64
CA LYS B 296 -10.42 -31.29 -13.37
C LYS B 296 -10.66 -31.45 -11.85
N VAL B 297 -9.59 -31.82 -11.16
CA VAL B 297 -9.62 -32.16 -9.74
C VAL B 297 -9.44 -30.89 -8.85
N LYS B 298 -9.20 -29.72 -9.45
CA LYS B 298 -9.16 -28.39 -8.82
C LYS B 298 -9.77 -27.36 -9.78
N PRO B 299 -11.06 -27.48 -10.03
CA PRO B 299 -11.70 -26.91 -11.20
C PRO B 299 -12.05 -25.41 -11.21
N HIS B 300 -11.13 -24.58 -10.78
CA HIS B 300 -11.24 -23.14 -11.04
C HIS B 300 -11.26 -22.95 -12.54
N PRO B 301 -12.29 -22.23 -13.07
CA PRO B 301 -12.48 -22.17 -14.54
C PRO B 301 -11.24 -21.69 -15.30
N GLY B 302 -10.54 -20.70 -14.75
CA GLY B 302 -9.31 -20.16 -15.34
C GLY B 302 -8.16 -21.16 -15.28
N GLN B 303 -8.16 -22.03 -14.28
CA GLN B 303 -7.15 -23.10 -14.17
C GLN B 303 -7.33 -24.16 -15.29
N ILE B 304 -8.58 -24.63 -15.46
CA ILE B 304 -8.89 -25.64 -16.50
C ILE B 304 -8.58 -25.07 -17.89
N GLU B 305 -9.03 -23.84 -18.14
CA GLU B 305 -8.96 -23.26 -19.47
C GLU B 305 -7.52 -22.91 -19.88
N SER B 306 -6.72 -22.35 -18.97
CA SER B 306 -5.31 -22.09 -19.25
C SER B 306 -4.53 -23.40 -19.47
N ALA B 307 -4.76 -24.38 -18.60
CA ALA B 307 -4.11 -25.70 -18.75
C ALA B 307 -4.54 -26.39 -20.05
N GLU B 308 -5.80 -26.26 -20.42
CA GLU B 308 -6.32 -26.81 -21.69
C GLU B 308 -5.54 -26.24 -22.87
N LEU B 309 -5.36 -24.91 -22.87
CA LEU B 309 -4.57 -24.23 -23.91
C LEU B 309 -3.14 -24.77 -23.94
N LEU B 310 -2.53 -24.89 -22.76
CA LEU B 310 -1.11 -25.28 -22.68
C LEU B 310 -0.89 -26.74 -23.10
N GLU B 311 -1.82 -27.61 -22.73
CA GLU B 311 -1.73 -29.01 -23.14
C GLU B 311 -1.73 -29.08 -24.67
N TRP B 312 -2.60 -28.30 -25.30
CA TRP B 312 -2.74 -28.26 -26.75
C TRP B 312 -1.50 -27.73 -27.43
N LEU B 313 -0.97 -26.62 -26.91
CA LEU B 313 0.25 -26.01 -27.42
C LEU B 313 1.46 -26.96 -27.35
N LEU B 314 1.49 -27.81 -26.32
CA LEU B 314 2.67 -28.63 -26.09
C LEU B 314 2.54 -30.09 -26.61
N ARG B 315 1.36 -30.49 -27.05
CA ARG B 315 1.11 -31.84 -27.59
C ARG B 315 1.95 -31.99 -28.86
N SER B 316 2.66 -33.11 -29.00
CA SER B 316 3.51 -33.33 -30.19
C SER B 316 4.61 -32.27 -30.42
N SER B 317 5.06 -31.62 -29.35
CA SER B 317 6.12 -30.61 -29.47
C SER B 317 7.49 -31.22 -29.73
N PRO B 318 8.22 -30.71 -30.75
CA PRO B 318 9.59 -31.19 -30.99
C PRO B 318 10.53 -30.81 -29.86
N PHE B 319 10.23 -29.72 -29.17
CA PHE B 319 11.04 -29.31 -28.02
C PHE B 319 10.78 -30.21 -26.81
N GLN B 320 9.53 -30.58 -26.58
CA GLN B 320 9.21 -31.56 -25.53
C GLN B 320 9.86 -32.93 -25.77
N GLU B 321 10.04 -33.28 -27.05
CA GLU B 321 10.79 -34.49 -27.40
C GLU B 321 12.22 -34.43 -26.87
N LEU B 322 12.92 -33.31 -27.13
CA LEU B 322 14.27 -33.06 -26.61
C LEU B 322 14.33 -33.06 -25.10
N SER B 323 13.33 -32.45 -24.47
CA SER B 323 13.19 -32.46 -23.01
C SER B 323 13.14 -33.90 -22.49
N ARG B 324 12.29 -34.73 -23.06
CA ARG B 324 12.21 -36.15 -22.65
C ARG B 324 13.56 -36.87 -22.77
N GLU B 325 14.31 -36.58 -23.84
CA GLU B 325 15.63 -37.15 -24.02
C GLU B 325 16.64 -36.64 -22.99
N TYR B 326 16.58 -35.34 -22.72
CA TYR B 326 17.44 -34.71 -21.74
C TYR B 326 17.35 -35.38 -20.35
N TYR B 327 16.12 -35.62 -19.89
CA TYR B 327 15.91 -36.25 -18.59
C TYR B 327 16.16 -37.76 -18.58
N SER B 328 16.22 -38.39 -19.75
CA SER B 328 16.55 -39.82 -19.84
C SER B 328 18.05 -40.06 -19.64
N ILE B 329 18.85 -39.00 -19.79
CA ILE B 329 20.32 -39.05 -19.62
C ILE B 329 20.72 -38.53 -18.23
N ASP B 330 21.43 -39.37 -17.47
CA ASP B 330 21.70 -39.13 -16.05
C ASP B 330 20.43 -38.78 -15.30
N LYS B 331 19.36 -39.54 -15.54
CA LYS B 331 18.03 -39.27 -15.01
C LYS B 331 18.03 -38.91 -13.53
N LEU B 332 18.83 -39.65 -12.77
CA LEU B 332 18.77 -39.61 -11.31
C LEU B 332 19.61 -38.48 -10.72
N LYS B 333 20.30 -37.74 -11.57
CA LYS B 333 21.07 -36.56 -11.16
C LYS B 333 20.31 -35.27 -11.47
N LYS B 334 19.12 -35.40 -12.06
CA LYS B 334 18.34 -34.25 -12.54
C LYS B 334 16.96 -34.15 -11.87
N PRO B 335 16.43 -32.91 -11.71
CA PRO B 335 15.15 -32.71 -10.99
C PRO B 335 13.98 -33.53 -11.54
N LYS B 336 13.19 -34.08 -10.64
CA LYS B 336 12.00 -34.84 -11.03
C LYS B 336 10.89 -33.90 -11.47
N GLN B 337 10.83 -32.71 -10.85
CA GLN B 337 9.82 -31.72 -11.17
C GLN B 337 10.44 -30.38 -11.55
N ASP B 338 9.68 -29.59 -12.31
CA ASP B 338 10.07 -28.21 -12.64
C ASP B 338 9.76 -27.28 -11.48
N ARG B 339 10.40 -26.12 -11.50
CA ARG B 339 10.17 -25.08 -10.52
C ARG B 339 8.80 -24.45 -10.76
N TYR B 340 8.33 -23.63 -9.82
CA TYR B 340 6.93 -23.15 -9.83
C TYR B 340 6.54 -22.28 -11.02
N ALA B 341 7.45 -21.41 -11.47
CA ALA B 341 7.16 -20.43 -12.53
C ALA B 341 6.55 -21.09 -13.77
N LEU B 342 6.91 -22.35 -14.04
CA LEU B 342 6.22 -23.12 -15.07
C LEU B 342 5.09 -24.02 -14.54
N ARG B 343 5.44 -24.91 -13.60
CA ARG B 343 4.56 -26.00 -13.20
C ARG B 343 3.28 -25.52 -12.49
N SER B 344 3.39 -24.37 -11.82
CA SER B 344 2.26 -23.77 -11.11
C SER B 344 1.60 -22.65 -11.93
N SER B 345 1.99 -22.51 -13.20
CA SER B 345 1.40 -21.45 -14.04
C SER B 345 -0.13 -21.51 -14.21
N PRO B 346 -0.72 -22.71 -14.43
CA PRO B 346 -2.20 -22.74 -14.55
C PRO B 346 -2.94 -22.34 -13.27
N GLN B 347 -2.41 -22.76 -12.11
CA GLN B 347 -2.99 -22.39 -10.81
C GLN B 347 -2.85 -20.88 -10.53
N TRP B 348 -1.73 -20.32 -10.97
CA TRP B 348 -1.42 -18.90 -10.84
C TRP B 348 -2.29 -18.08 -11.75
N LEU B 349 -2.43 -18.54 -13.00
CA LEU B 349 -3.21 -17.84 -14.01
C LEU B 349 -4.70 -17.80 -13.70
N ALA B 350 -5.19 -18.85 -13.05
CA ALA B 350 -6.63 -19.02 -12.79
C ALA B 350 -7.32 -17.73 -12.35
N PRO B 351 -6.89 -17.14 -11.21
CA PRO B 351 -7.64 -15.96 -10.74
C PRO B 351 -7.41 -14.76 -11.65
N LEU B 352 -6.26 -14.73 -12.31
CA LEU B 352 -5.88 -13.64 -13.19
C LEU B 352 -6.82 -13.62 -14.39
N VAL B 353 -7.01 -14.79 -15.00
CA VAL B 353 -7.99 -14.95 -16.09
C VAL B 353 -9.39 -14.54 -15.62
N GLN B 354 -9.81 -15.06 -14.48
CA GLN B 354 -11.18 -14.80 -14.01
C GLN B 354 -11.42 -13.31 -13.69
N THR B 355 -10.44 -12.65 -13.09
CA THR B 355 -10.56 -11.22 -12.79
C THR B 355 -10.68 -10.38 -14.06
N ILE B 356 -9.78 -10.63 -15.01
CA ILE B 356 -9.78 -9.89 -16.26
C ILE B 356 -11.07 -10.09 -17.09
N ARG B 357 -11.55 -11.34 -17.17
CA ARG B 357 -12.80 -11.63 -17.88
C ARG B 357 -14.01 -11.00 -17.19
N ASP B 358 -14.11 -11.15 -15.87
CA ASP B 358 -15.22 -10.56 -15.10
C ASP B 358 -15.24 -9.03 -15.15
N ALA B 359 -14.06 -8.39 -15.08
CA ALA B 359 -13.95 -6.92 -15.21
C ALA B 359 -14.35 -6.43 -16.59
N THR B 360 -14.08 -7.21 -17.63
CA THR B 360 -14.51 -6.85 -18.99
C THR B 360 -16.04 -6.74 -19.06
N THR B 361 -16.73 -7.70 -18.46
CA THR B 361 -18.21 -7.67 -18.40
C THR B 361 -18.67 -6.39 -17.70
N THR B 362 -18.12 -6.15 -16.50
CA THR B 362 -18.45 -4.98 -15.70
C THR B 362 -18.24 -3.67 -16.46
N VAL B 363 -17.09 -3.55 -17.12
CA VAL B 363 -16.78 -2.33 -17.86
C VAL B 363 -17.75 -2.17 -19.04
N GLU B 364 -18.07 -3.27 -19.72
CA GLU B 364 -19.01 -3.19 -20.85
C GLU B 364 -20.43 -2.86 -20.43
N THR B 365 -20.86 -3.40 -19.28
CA THR B 365 -22.13 -2.98 -18.69
C THR B 365 -22.18 -1.45 -18.47
N GLU B 366 -21.06 -0.86 -18.07
CA GLU B 366 -20.99 0.60 -17.85
C GLU B 366 -20.99 1.41 -19.16
N VAL B 367 -20.23 0.93 -20.14
CA VAL B 367 -20.24 1.50 -21.50
C VAL B 367 -21.69 1.58 -22.01
N ASN B 368 -22.44 0.51 -21.76
CA ASN B 368 -23.82 0.40 -22.21
C ASN B 368 -24.82 0.71 -21.11
N SER B 369 -24.70 1.89 -20.53
CA SER B 369 -25.58 2.29 -19.43
C SER B 369 -25.95 3.76 -19.61
N ALA B 370 -27.07 4.15 -18.99
CA ALA B 370 -27.39 5.57 -18.89
C ALA B 370 -26.79 6.10 -17.59
N ASN B 371 -25.52 6.49 -17.65
CA ASN B 371 -24.88 7.10 -16.51
C ASN B 371 -25.12 8.61 -16.58
N ASP B 372 -26.14 9.04 -15.85
CA ASP B 372 -26.64 10.40 -15.84
C ASP B 372 -27.58 10.50 -14.65
N ASN B 373 -27.89 11.73 -14.24
CA ASN B 373 -28.87 12.00 -13.18
C ASN B 373 -29.33 13.44 -13.29
N PRO B 374 -30.64 13.69 -13.13
CA PRO B 374 -31.73 12.71 -12.97
C PRO B 374 -31.99 11.88 -14.24
N ILE B 375 -32.64 10.73 -14.05
CA ILE B 375 -33.05 9.81 -15.10
C ILE B 375 -34.52 10.12 -15.44
N ILE B 376 -34.77 10.59 -16.64
CA ILE B 376 -36.11 10.99 -17.01
C ILE B 376 -36.95 9.81 -17.48
N ASP B 377 -37.98 9.47 -16.75
CA ASP B 377 -38.95 8.48 -17.17
C ASP B 377 -40.13 9.23 -17.76
N HIS B 378 -39.97 9.63 -19.01
CA HIS B 378 -40.95 10.46 -19.63
C HIS B 378 -42.27 9.77 -19.85
N ALA B 379 -42.25 8.46 -19.96
CA ALA B 379 -43.46 7.65 -20.07
C ALA B 379 -44.39 7.86 -18.88
N ASN B 380 -43.82 7.96 -17.68
CA ASN B 380 -44.61 8.11 -16.45
C ASN B 380 -44.51 9.51 -15.85
N ASP B 381 -44.06 10.46 -16.65
CA ASP B 381 -43.86 11.85 -16.24
C ASP B 381 -43.17 12.03 -14.88
N ARG B 382 -42.07 11.31 -14.67
CA ARG B 382 -41.19 11.63 -13.55
C ARG B 382 -39.70 11.64 -13.89
N ALA B 383 -39.02 12.55 -13.21
CA ALA B 383 -37.58 12.64 -13.21
C ALA B 383 -37.16 11.88 -11.96
N LEU B 384 -36.38 10.82 -12.15
CA LEU B 384 -35.98 9.97 -11.03
C LEU B 384 -34.59 10.38 -10.53
N HIS B 385 -34.49 10.56 -9.22
CA HIS B 385 -33.28 11.08 -8.58
C HIS B 385 -32.48 9.98 -7.97
N GLY B 386 -31.31 9.76 -8.54
CA GLY B 386 -30.41 8.69 -8.15
C GLY B 386 -28.95 9.03 -8.30
N ALA B 387 -28.12 8.05 -8.60
CA ALA B 387 -26.68 8.25 -8.66
C ALA B 387 -25.99 7.40 -9.69
N ASN B 388 -26.47 7.43 -10.91
CA ASN B 388 -25.91 6.62 -11.96
C ASN B 388 -24.57 7.15 -12.48
N PHE B 389 -24.21 8.35 -12.06
CA PHE B 389 -22.88 8.96 -12.31
C PHE B 389 -21.78 8.33 -11.45
N GLN B 390 -22.16 7.49 -10.48
CA GLN B 390 -21.20 6.87 -9.58
C GLN B 390 -20.48 5.72 -10.31
N GLY B 391 -19.18 5.91 -10.55
CA GLY B 391 -18.37 4.94 -11.27
C GLY B 391 -17.75 3.83 -10.40
N SER B 392 -18.44 3.45 -9.33
CA SER B 392 -17.89 2.50 -8.36
C SER B 392 -17.62 1.11 -8.93
N ALA B 393 -18.51 0.62 -9.79
CA ALA B 393 -18.33 -0.68 -10.45
C ALA B 393 -17.02 -0.73 -11.21
N VAL B 394 -16.76 0.29 -12.02
CA VAL B 394 -15.50 0.39 -12.77
C VAL B 394 -14.29 0.61 -11.83
N GLY B 395 -14.48 1.44 -10.80
CA GLY B 395 -13.41 1.78 -9.86
C GLY B 395 -12.86 0.58 -9.10
N PHE B 396 -13.76 -0.21 -8.51
CA PHE B 396 -13.37 -1.41 -7.75
C PHE B 396 -12.75 -2.46 -8.66
N TYR B 397 -13.28 -2.62 -9.88
CA TYR B 397 -12.70 -3.62 -10.78
C TYR B 397 -11.34 -3.22 -11.35
N MET B 398 -11.13 -1.92 -11.56
CA MET B 398 -9.85 -1.40 -11.94
C MET B 398 -8.77 -1.75 -10.89
N ASP B 399 -9.11 -1.63 -9.61
CA ASP B 399 -8.24 -2.03 -8.51
C ASP B 399 -7.95 -3.54 -8.58
N TYR B 400 -9.00 -4.35 -8.81
CA TYR B 400 -8.82 -5.81 -8.88
C TYR B 400 -7.88 -6.19 -10.03
N VAL B 401 -8.13 -5.62 -11.21
CA VAL B 401 -7.35 -5.88 -12.42
C VAL B 401 -5.88 -5.45 -12.30
N ARG B 402 -5.63 -4.30 -11.66
CA ARG B 402 -4.25 -3.88 -11.43
C ARG B 402 -3.53 -4.92 -10.58
N ILE B 403 -4.22 -5.49 -9.60
CA ILE B 403 -3.68 -6.61 -8.81
C ILE B 403 -3.42 -7.85 -9.68
N ALA B 404 -4.35 -8.16 -10.57
CA ALA B 404 -4.19 -9.30 -11.49
C ALA B 404 -3.01 -9.10 -12.42
N VAL B 405 -2.83 -7.87 -12.90
CA VAL B 405 -1.74 -7.53 -13.82
C VAL B 405 -0.38 -7.65 -13.09
N ALA B 406 -0.33 -7.23 -11.84
CA ALA B 406 0.85 -7.40 -11.02
C ALA B 406 1.18 -8.89 -10.89
N GLY B 407 0.16 -9.72 -10.77
CA GLY B 407 0.34 -11.17 -10.75
C GLY B 407 0.90 -11.72 -12.05
N LEU B 408 0.42 -11.20 -13.17
CA LEU B 408 0.98 -11.55 -14.48
C LEU B 408 2.45 -11.11 -14.59
N GLY B 409 2.77 -9.91 -14.11
CA GLY B 409 4.17 -9.44 -14.12
C GLY B 409 5.10 -10.35 -13.31
N LYS B 410 4.63 -10.77 -12.13
CA LYS B 410 5.42 -11.61 -11.23
C LYS B 410 5.70 -12.98 -11.85
N LEU B 411 4.69 -13.54 -12.53
CA LEU B 411 4.84 -14.77 -13.27
C LEU B 411 5.92 -14.66 -14.35
N LEU B 412 5.88 -13.59 -15.14
CA LEU B 412 6.94 -13.33 -16.14
C LEU B 412 8.31 -13.15 -15.50
N PHE B 413 8.37 -12.40 -14.40
CA PHE B 413 9.64 -12.13 -13.72
C PHE B 413 10.27 -13.42 -13.21
N ALA B 414 9.47 -14.29 -12.62
CA ALA B 414 9.96 -15.60 -12.14
C ALA B 414 10.48 -16.49 -13.31
N GLN B 415 9.73 -16.52 -14.41
CA GLN B 415 10.13 -17.31 -15.57
C GLN B 415 11.44 -16.77 -16.18
N PHE B 416 11.50 -15.46 -16.38
CA PHE B 416 12.70 -14.78 -16.88
C PHE B 416 13.91 -15.08 -16.00
N THR B 417 13.72 -15.01 -14.69
CA THR B 417 14.79 -15.26 -13.71
C THR B 417 15.39 -16.67 -13.87
N GLU B 418 14.53 -17.69 -13.99
CA GLU B 418 14.99 -19.07 -14.16
C GLU B 418 15.84 -19.20 -15.41
N LEU B 419 15.38 -18.57 -16.49
CA LEU B 419 16.04 -18.62 -17.80
C LEU B 419 17.47 -18.05 -17.81
N MET B 420 17.73 -17.07 -16.94
CA MET B 420 19.04 -16.41 -16.88
C MET B 420 20.06 -17.17 -16.02
N ILE B 421 19.58 -18.13 -15.23
CA ILE B 421 20.44 -18.80 -14.27
C ILE B 421 20.72 -20.23 -14.70
N GLU B 422 22.01 -20.53 -14.97
CA GLU B 422 22.47 -21.85 -15.45
C GLU B 422 21.96 -22.98 -14.57
N TYR B 423 21.90 -22.75 -13.26
CA TYR B 423 21.47 -23.77 -12.29
C TYR B 423 20.01 -24.23 -12.48
N TYR B 424 19.19 -23.37 -13.10
CA TYR B 424 17.75 -23.63 -13.27
C TYR B 424 17.31 -23.74 -14.74
N SER B 425 18.24 -23.60 -15.68
CA SER B 425 17.89 -23.54 -17.08
C SER B 425 18.19 -24.81 -17.90
N ASN B 426 18.67 -25.84 -17.20
CA ASN B 426 18.84 -27.17 -17.78
C ASN B 426 19.70 -27.23 -19.04
N GLY B 427 20.91 -26.65 -18.93
CA GLY B 427 21.89 -26.68 -20.02
C GLY B 427 22.13 -25.33 -20.68
N LEU B 428 21.25 -24.35 -20.49
CA LEU B 428 21.43 -23.03 -21.09
C LEU B 428 22.51 -22.23 -20.35
N PRO B 429 23.26 -21.39 -21.11
CA PRO B 429 24.29 -20.58 -20.46
C PRO B 429 23.68 -19.47 -19.64
N GLY B 430 24.37 -19.07 -18.57
CA GLY B 430 23.93 -17.94 -17.76
C GLY B 430 23.71 -16.73 -18.64
N ASN B 431 22.63 -15.98 -18.34
CA ASN B 431 22.30 -14.75 -19.05
C ASN B 431 21.98 -14.97 -20.52
N LEU B 432 21.81 -16.24 -20.89
CA LEU B 432 21.63 -16.65 -22.29
C LEU B 432 22.76 -16.11 -23.18
N SER B 433 23.96 -16.02 -22.60
CA SER B 433 25.16 -15.54 -23.30
C SER B 433 25.63 -16.58 -24.31
N LEU B 434 25.65 -16.22 -25.58
CA LEU B 434 26.21 -17.10 -26.61
C LEU B 434 27.73 -17.23 -26.40
N GLY B 435 28.39 -16.11 -26.13
CA GLY B 435 29.85 -16.08 -26.07
C GLY B 435 30.42 -16.29 -27.45
N PRO B 436 31.35 -17.26 -27.60
CA PRO B 436 31.77 -18.25 -26.61
C PRO B 436 32.64 -17.67 -25.49
N ASP B 437 33.31 -16.55 -25.75
CA ASP B 437 34.06 -15.88 -24.70
C ASP B 437 33.10 -15.08 -23.83
N LEU B 438 32.80 -15.66 -22.66
CA LEU B 438 31.80 -15.10 -21.75
C LEU B 438 32.32 -13.89 -20.96
N SER B 439 33.63 -13.70 -20.96
CA SER B 439 34.20 -12.55 -20.24
C SER B 439 33.88 -11.22 -20.96
N VAL B 440 33.45 -11.30 -22.22
CA VAL B 440 33.11 -10.11 -22.99
C VAL B 440 31.73 -10.28 -23.63
N ASP B 441 30.89 -11.07 -22.97
CA ASP B 441 29.50 -11.22 -23.37
C ASP B 441 28.63 -11.55 -22.16
N TYR B 442 27.96 -10.53 -21.63
CA TYR B 442 27.08 -10.68 -20.46
C TYR B 442 25.62 -10.88 -20.87
N GLY B 443 25.43 -11.17 -22.14
CA GLY B 443 24.14 -11.64 -22.65
C GLY B 443 23.00 -10.70 -22.35
N LEU B 444 21.94 -11.27 -21.79
CA LEU B 444 20.73 -10.51 -21.51
C LEU B 444 20.67 -10.00 -20.06
N LYS B 445 21.84 -9.87 -19.41
CA LYS B 445 21.91 -9.38 -18.01
C LYS B 445 21.22 -8.02 -17.81
N GLY B 446 21.34 -7.14 -18.80
CA GLY B 446 20.71 -5.83 -18.77
C GLY B 446 19.20 -5.95 -18.75
N LEU B 447 18.67 -6.83 -19.59
CA LEU B 447 17.26 -7.11 -19.60
C LEU B 447 16.81 -7.73 -18.27
N ASP B 448 17.65 -8.60 -17.71
CA ASP B 448 17.36 -9.25 -16.42
C ASP B 448 17.17 -8.19 -15.36
N ILE B 449 18.11 -7.25 -15.29
CA ILE B 449 18.04 -6.13 -14.34
C ILE B 449 16.78 -5.29 -14.55
N ALA B 450 16.50 -4.92 -15.80
CA ALA B 450 15.29 -4.16 -16.09
C ALA B 450 14.01 -4.90 -15.69
N MET B 451 13.99 -6.23 -15.83
CA MET B 451 12.81 -7.03 -15.43
C MET B 451 12.48 -6.91 -13.92
N ALA B 452 13.52 -6.88 -13.10
CA ALA B 452 13.35 -6.62 -11.66
C ALA B 452 12.82 -5.21 -11.42
N ALA B 453 13.31 -4.24 -12.19
CA ALA B 453 12.85 -2.85 -12.07
C ALA B 453 11.40 -2.73 -12.50
N TYR B 454 11.04 -3.45 -13.57
CA TYR B 454 9.66 -3.48 -14.06
C TYR B 454 8.70 -4.10 -13.02
N SER B 455 9.02 -5.30 -12.54
CA SER B 455 8.18 -5.97 -11.55
C SER B 455 8.01 -5.15 -10.27
N SER B 456 9.12 -4.63 -9.75
CA SER B 456 9.11 -3.83 -8.52
C SER B 456 8.13 -2.65 -8.58
N GLU B 457 8.21 -1.83 -9.63
CA GLU B 457 7.31 -0.69 -9.80
C GLU B 457 5.85 -1.18 -9.99
N LEU B 458 5.69 -2.27 -10.73
CA LEU B 458 4.38 -2.86 -10.99
C LEU B 458 3.66 -3.28 -9.70
N GLN B 459 4.40 -3.95 -8.81
CA GLN B 459 3.86 -4.40 -7.54
C GLN B 459 3.44 -3.20 -6.68
N TYR B 460 4.28 -2.17 -6.64
CA TYR B 460 3.94 -0.88 -6.04
C TYR B 460 2.63 -0.28 -6.58
N LEU B 461 2.45 -0.29 -7.91
CA LEU B 461 1.27 0.33 -8.53
C LEU B 461 -0.03 -0.35 -8.14
N ALA B 462 0.04 -1.64 -7.85
CA ALA B 462 -1.13 -2.47 -7.61
C ALA B 462 -1.81 -2.28 -6.24
N ASN B 463 -1.30 -1.36 -5.41
CA ASN B 463 -2.05 -0.89 -4.25
C ASN B 463 -3.36 -0.26 -4.71
N PRO B 464 -4.43 -0.38 -3.89
CA PRO B 464 -5.74 0.15 -4.29
C PRO B 464 -5.83 1.68 -4.22
N VAL B 465 -6.67 2.22 -5.10
CA VAL B 465 -6.98 3.64 -5.12
C VAL B 465 -8.27 3.84 -4.33
N THR B 466 -9.13 2.83 -4.41
CA THR B 466 -10.50 2.85 -3.91
C THR B 466 -10.58 3.00 -2.37
N THR B 467 -9.48 2.67 -1.70
CA THR B 467 -9.36 2.84 -0.24
C THR B 467 -9.11 4.31 0.19
N HIS B 468 -8.95 5.20 -0.77
CA HIS B 468 -8.57 6.58 -0.45
C HIS B 468 -9.70 7.55 -0.64
N VAL B 469 -10.93 7.11 -0.35
CA VAL B 469 -12.09 7.98 -0.50
C VAL B 469 -12.12 9.12 0.53
N HIS B 470 -12.11 10.35 0.02
CA HIS B 470 -12.30 11.58 0.81
C HIS B 470 -13.75 12.00 0.76
N SER B 471 -14.22 12.64 1.83
CA SER B 471 -15.57 13.23 1.81
C SER B 471 -15.49 14.56 1.05
N ALA B 472 -16.10 14.59 -0.14
CA ALA B 472 -15.86 15.65 -1.11
C ALA B 472 -17.08 16.52 -1.40
N GLU B 473 -16.82 17.68 -2.04
CA GLU B 473 -17.83 18.59 -2.55
C GLU B 473 -18.80 19.04 -1.45
N GLN B 474 -18.28 19.84 -0.52
CA GLN B 474 -19.01 20.28 0.66
C GLN B 474 -19.68 19.13 1.41
N HIS B 475 -18.98 18.03 1.53
CA HIS B 475 -19.47 16.80 2.08
C HIS B 475 -20.73 16.23 1.43
N ASN B 476 -21.05 16.61 0.19
CA ASN B 476 -22.11 15.97 -0.60
C ASN B 476 -21.69 14.60 -1.11
N GLN B 477 -20.50 14.51 -1.62
CA GLN B 477 -19.92 13.30 -2.20
C GLN B 477 -19.07 12.55 -1.16
N ASP B 478 -19.74 12.05 -0.13
CA ASP B 478 -19.07 11.40 1.00
C ASP B 478 -18.68 9.94 0.70
N ILE B 479 -19.15 9.43 -0.42
CA ILE B 479 -18.51 8.31 -1.11
C ILE B 479 -18.31 8.69 -2.58
N ASN B 480 -17.19 8.28 -3.16
CA ASN B 480 -16.90 8.57 -4.56
C ASN B 480 -15.90 7.53 -5.06
N SER B 481 -16.05 7.15 -6.33
CA SER B 481 -15.42 5.93 -6.84
C SER B 481 -13.91 6.02 -7.11
N LEU B 482 -13.45 7.22 -7.47
CA LEU B 482 -12.06 7.45 -7.94
C LEU B 482 -11.66 6.55 -9.12
N ALA B 483 -12.65 6.18 -9.93
CA ALA B 483 -12.49 5.19 -11.01
C ALA B 483 -11.49 5.60 -12.09
N LEU B 484 -11.52 6.88 -12.48
CA LEU B 484 -10.58 7.39 -13.47
C LEU B 484 -9.14 7.32 -12.96
N ILE B 485 -8.92 7.75 -11.73
CA ILE B 485 -7.61 7.62 -11.10
C ILE B 485 -7.21 6.14 -11.09
N SER B 486 -8.10 5.26 -10.66
CA SER B 486 -7.77 3.83 -10.65
C SER B 486 -7.43 3.30 -12.05
N ALA B 487 -8.27 3.65 -13.04
CA ALA B 487 -8.08 3.20 -14.43
C ALA B 487 -6.74 3.65 -15.01
N ARG B 488 -6.34 4.89 -14.72
CA ARG B 488 -5.02 5.41 -15.09
C ARG B 488 -3.86 4.61 -14.50
N LYS B 489 -3.99 4.17 -13.25
CA LYS B 489 -2.93 3.38 -12.61
C LYS B 489 -2.82 1.98 -13.22
N THR B 490 -3.96 1.38 -13.53
CA THR B 490 -4.01 0.08 -14.20
C THR B 490 -3.43 0.17 -15.60
N GLU B 491 -3.69 1.29 -16.28
CA GLU B 491 -3.10 1.56 -17.59
C GLU B 491 -1.58 1.65 -17.47
N GLU B 492 -1.11 2.37 -16.45
CA GLU B 492 0.32 2.42 -16.17
C GLU B 492 0.90 1.03 -15.90
N ALA B 493 0.19 0.24 -15.09
CA ALA B 493 0.58 -1.15 -14.84
C ALA B 493 0.69 -1.97 -16.13
N LEU B 494 -0.20 -1.70 -17.08
CA LEU B 494 -0.20 -2.42 -18.36
C LEU B 494 0.94 -2.00 -19.26
N ASP B 495 1.28 -0.70 -19.26
CA ASP B 495 2.51 -0.20 -19.90
C ASP B 495 3.75 -1.03 -19.47
N ILE B 496 3.89 -1.26 -18.18
CA ILE B 496 5.03 -1.99 -17.64
C ILE B 496 4.96 -3.46 -18.05
N LEU B 497 3.75 -4.03 -18.02
CA LEU B 497 3.57 -5.43 -18.42
C LEU B 497 3.96 -5.66 -19.92
N LYS B 498 3.60 -4.71 -20.78
CA LYS B 498 4.05 -4.75 -22.18
C LYS B 498 5.57 -4.82 -22.30
N LEU B 499 6.26 -3.96 -21.54
CA LEU B 499 7.73 -4.01 -21.43
C LEU B 499 8.24 -5.39 -21.03
N MET B 500 7.63 -5.99 -20.01
CA MET B 500 8.04 -7.29 -19.52
C MET B 500 7.79 -8.40 -20.55
N ILE B 501 6.68 -8.33 -21.26
CA ILE B 501 6.33 -9.35 -22.27
C ILE B 501 7.32 -9.24 -23.45
N ALA B 502 7.63 -8.00 -23.84
CA ALA B 502 8.56 -7.74 -24.91
C ALA B 502 9.93 -8.33 -24.58
N SER B 503 10.38 -8.12 -23.34
CA SER B 503 11.65 -8.69 -22.87
C SER B 503 11.62 -10.21 -22.81
N HIS B 504 10.55 -10.75 -22.24
CA HIS B 504 10.38 -12.21 -22.11
C HIS B 504 10.34 -12.93 -23.45
N LEU B 505 9.59 -12.39 -24.41
CA LEU B 505 9.55 -12.95 -25.75
C LEU B 505 10.93 -12.89 -26.43
N THR B 506 11.62 -11.76 -26.28
CA THR B 506 12.96 -11.61 -26.86
C THR B 506 13.91 -12.65 -26.28
N ALA B 507 13.84 -12.85 -24.96
CA ALA B 507 14.69 -13.84 -24.29
C ALA B 507 14.40 -15.25 -24.77
N MET B 508 13.13 -15.57 -24.97
CA MET B 508 12.76 -16.93 -25.36
C MET B 508 13.17 -17.24 -26.80
N CYS B 509 13.22 -16.23 -27.65
CA CYS B 509 13.74 -16.39 -29.00
C CYS B 509 15.25 -16.60 -29.00
N GLN B 510 15.96 -15.87 -28.12
CA GLN B 510 17.36 -16.17 -27.83
C GLN B 510 17.53 -17.63 -27.39
N ALA B 511 16.67 -18.08 -26.49
CA ALA B 511 16.78 -19.44 -25.96
C ALA B 511 16.48 -20.48 -27.03
N VAL B 512 15.54 -20.19 -27.92
CA VAL B 512 15.25 -21.08 -29.05
C VAL B 512 16.53 -21.30 -29.84
N ASP B 513 17.19 -20.20 -30.22
CA ASP B 513 18.45 -20.30 -30.97
C ASP B 513 19.50 -21.08 -30.19
N LEU B 514 19.59 -20.82 -28.88
CA LEU B 514 20.57 -21.54 -28.07
C LEU B 514 20.29 -23.05 -27.99
N ARG B 515 19.01 -23.43 -27.92
CA ARG B 515 18.64 -24.85 -27.90
C ARG B 515 18.97 -25.56 -29.22
N GLN B 516 18.76 -24.87 -30.34
CA GLN B 516 18.96 -25.47 -31.65
C GLN B 516 20.44 -25.59 -31.93
N LEU B 517 21.20 -24.53 -31.63
CA LEU B 517 22.65 -24.61 -31.71
C LEU B 517 23.19 -25.71 -30.80
N GLU B 518 22.67 -25.79 -29.57
CA GLU B 518 23.08 -26.83 -28.62
C GLU B 518 22.97 -28.24 -29.21
N GLU B 519 21.84 -28.54 -29.84
CA GLU B 519 21.62 -29.87 -30.40
C GLU B 519 22.64 -30.19 -31.49
N ALA B 520 22.88 -29.20 -32.35
CA ALA B 520 23.91 -29.28 -33.39
C ALA B 520 25.31 -29.46 -32.81
N LEU B 521 25.66 -28.72 -31.77
CA LEU B 521 26.99 -28.80 -31.17
C LEU B 521 27.23 -30.17 -30.53
N VAL B 522 26.23 -30.70 -29.85
CA VAL B 522 26.32 -32.01 -29.20
C VAL B 522 26.55 -33.14 -30.22
N LYS B 523 25.84 -33.07 -31.34
CA LYS B 523 26.06 -34.04 -32.42
C LYS B 523 27.49 -34.00 -32.96
N VAL B 524 28.06 -32.81 -33.10
CA VAL B 524 29.46 -32.66 -33.55
C VAL B 524 30.45 -33.27 -32.54
N VAL B 525 30.28 -32.94 -31.26
CA VAL B 525 31.11 -33.50 -30.20
C VAL B 525 31.07 -35.03 -30.27
N GLU B 526 29.87 -35.59 -30.38
CA GLU B 526 29.69 -37.05 -30.51
C GLU B 526 30.46 -37.65 -31.69
N ASN B 527 30.26 -37.07 -32.87
CA ASN B 527 30.96 -37.50 -34.10
C ASN B 527 32.48 -37.46 -33.96
N VAL B 528 33.01 -36.33 -33.50
CA VAL B 528 34.45 -36.17 -33.31
C VAL B 528 35.00 -37.20 -32.31
N VAL B 529 34.30 -37.37 -31.19
CA VAL B 529 34.72 -38.34 -30.18
C VAL B 529 34.62 -39.76 -30.75
N SER B 530 33.53 -40.04 -31.45
CA SER B 530 33.29 -41.35 -32.05
C SER B 530 34.40 -41.74 -33.03
N THR B 531 34.67 -40.87 -34.00
CA THR B 531 35.58 -41.18 -35.09
C THR B 531 37.01 -41.22 -34.57
N LEU B 532 37.38 -40.24 -33.74
CA LEU B 532 38.70 -40.22 -33.10
C LEU B 532 38.98 -41.41 -32.19
N ALA B 533 37.94 -41.95 -31.56
CA ALA B 533 38.10 -43.16 -30.74
C ALA B 533 38.50 -44.36 -31.62
N ASP B 534 37.83 -44.51 -32.76
CA ASP B 534 38.16 -45.53 -33.75
C ASP B 534 39.58 -45.37 -34.26
N GLU B 535 39.92 -44.15 -34.68
CA GLU B 535 41.19 -43.87 -35.35
C GLU B 535 42.41 -44.01 -34.46
N CYS B 536 42.19 -43.85 -33.15
CA CYS B 536 43.24 -44.03 -32.14
C CYS B 536 43.28 -45.47 -31.64
N GLY B 537 42.46 -46.33 -32.23
CA GLY B 537 42.41 -47.75 -31.89
C GLY B 537 42.04 -48.02 -30.45
N LEU B 538 41.06 -47.28 -29.93
CA LEU B 538 40.57 -47.51 -28.58
C LEU B 538 39.57 -48.66 -28.55
N PRO B 539 39.54 -49.43 -27.45
CA PRO B 539 38.58 -50.52 -27.24
C PRO B 539 37.14 -50.03 -27.27
N ASN B 540 36.20 -50.94 -27.53
CA ASN B 540 34.79 -50.60 -27.64
C ASN B 540 34.14 -50.13 -26.34
N ASP B 541 34.72 -50.55 -25.22
CA ASP B 541 34.19 -50.14 -23.93
C ASP B 541 34.70 -48.75 -23.55
N THR B 542 35.87 -48.38 -24.07
CA THR B 542 36.35 -47.01 -23.94
C THR B 542 35.49 -46.07 -24.79
N LYS B 543 35.41 -46.36 -26.09
CA LYS B 543 34.57 -45.61 -27.03
C LYS B 543 33.16 -45.35 -26.48
N ALA B 544 32.53 -46.39 -25.95
CA ALA B 544 31.19 -46.28 -25.36
C ALA B 544 31.14 -45.38 -24.10
N ARG B 545 32.14 -45.52 -23.21
CA ARG B 545 32.26 -44.62 -22.07
C ARG B 545 32.39 -43.17 -22.52
N LEU B 546 33.29 -42.93 -23.48
CA LEU B 546 33.61 -41.58 -23.95
C LEU B 546 32.41 -40.93 -24.63
N LEU B 547 31.69 -41.72 -25.43
CA LEU B 547 30.48 -41.25 -26.09
C LEU B 547 29.37 -40.90 -25.11
N TYR B 548 29.32 -41.62 -23.99
CA TYR B 548 28.39 -41.25 -22.93
C TYR B 548 28.68 -39.85 -22.41
N VAL B 549 29.95 -39.60 -22.06
CA VAL B 549 30.40 -38.28 -21.64
C VAL B 549 30.02 -37.20 -22.68
N ALA B 550 30.24 -37.50 -23.96
CA ALA B 550 29.96 -36.54 -25.04
C ALA B 550 28.47 -36.19 -25.12
N LYS B 551 27.61 -37.15 -24.78
CA LYS B 551 26.17 -36.98 -24.79
C LYS B 551 25.67 -36.28 -23.52
N ALA B 552 26.30 -36.60 -22.38
CA ALA B 552 25.80 -36.21 -21.07
C ALA B 552 26.24 -34.84 -20.56
N VAL B 553 27.43 -34.39 -20.96
CA VAL B 553 27.90 -33.10 -20.46
C VAL B 553 27.22 -31.96 -21.23
N PRO B 554 26.59 -31.01 -20.49
CA PRO B 554 25.99 -29.84 -21.13
C PRO B 554 27.04 -29.01 -21.89
N VAL B 555 26.89 -28.96 -23.21
CA VAL B 555 27.89 -28.31 -24.07
C VAL B 555 28.22 -26.85 -23.67
N TYR B 556 27.24 -26.13 -23.09
CA TYR B 556 27.47 -24.72 -22.76
C TYR B 556 28.39 -24.55 -21.57
N THR B 557 28.64 -25.64 -20.81
CA THR B 557 29.62 -25.60 -19.72
C THR B 557 31.08 -25.64 -20.20
N TYR B 558 31.31 -25.94 -21.49
CA TYR B 558 32.70 -25.99 -21.99
C TYR B 558 32.91 -25.34 -23.35
N LEU B 559 31.86 -24.79 -23.94
CA LEU B 559 31.97 -24.08 -25.22
C LEU B 559 33.07 -23.02 -25.25
N GLU B 560 33.25 -22.30 -24.14
CA GLU B 560 34.27 -21.29 -24.05
C GLU B 560 35.64 -21.77 -24.47
N SER B 561 35.97 -23.02 -24.22
CA SER B 561 37.28 -23.59 -24.49
C SER B 561 37.17 -25.09 -24.36
N PRO B 562 36.66 -25.71 -25.41
CA PRO B 562 36.26 -27.12 -25.36
C PRO B 562 37.33 -28.06 -24.80
N CYS B 563 38.61 -27.75 -25.02
CA CYS B 563 39.67 -28.63 -24.57
C CYS B 563 40.50 -28.10 -23.38
N ASP B 564 39.90 -27.16 -22.64
CA ASP B 564 40.40 -26.76 -21.34
C ASP B 564 40.37 -27.98 -20.40
N PRO B 565 41.54 -28.39 -19.86
CA PRO B 565 41.53 -29.61 -19.04
C PRO B 565 40.73 -29.51 -17.73
N THR B 566 40.39 -28.29 -17.32
CA THR B 566 39.66 -28.04 -16.08
C THR B 566 38.15 -27.86 -16.31
N LEU B 567 37.72 -27.85 -17.56
CA LEU B 567 36.30 -27.73 -17.89
C LEU B 567 35.66 -29.12 -18.05
N PRO B 568 34.32 -29.22 -17.94
CA PRO B 568 33.61 -30.50 -17.77
C PRO B 568 33.78 -31.59 -18.84
N LEU B 569 34.04 -31.23 -20.10
CA LEU B 569 34.24 -32.27 -21.12
C LEU B 569 35.49 -33.09 -20.82
N LEU B 570 36.63 -32.41 -20.69
CA LEU B 570 37.89 -33.12 -20.47
C LEU B 570 37.98 -33.71 -19.07
N LEU B 571 37.28 -33.11 -18.12
CA LEU B 571 37.07 -33.73 -16.81
C LEU B 571 36.49 -35.13 -16.95
N GLY B 572 35.35 -35.24 -17.62
CA GLY B 572 34.67 -36.53 -17.82
C GLY B 572 35.49 -37.53 -18.63
N LEU B 573 36.11 -37.02 -19.69
CA LEU B 573 36.99 -37.82 -20.54
C LEU B 573 38.18 -38.39 -19.76
N LYS B 574 38.82 -37.56 -18.95
CA LYS B 574 39.92 -38.02 -18.11
C LYS B 574 39.50 -39.12 -17.15
N GLN B 575 38.34 -38.97 -16.51
CA GLN B 575 37.82 -39.98 -15.57
C GLN B 575 37.59 -41.29 -16.31
N SER B 576 36.95 -41.20 -17.47
CA SER B 576 36.63 -42.37 -18.30
C SER B 576 37.90 -43.07 -18.77
N CYS B 577 38.92 -42.28 -19.11
CA CYS B 577 40.19 -42.84 -19.58
C CYS B 577 40.92 -43.60 -18.47
N PHE B 578 40.93 -43.04 -17.25
CA PHE B 578 41.51 -43.73 -16.10
C PHE B 578 40.77 -45.03 -15.79
N ASP B 579 39.43 -44.99 -15.79
CA ASP B 579 38.60 -46.16 -15.57
C ASP B 579 38.86 -47.26 -16.59
N THR B 580 39.08 -46.86 -17.85
CA THR B 580 39.42 -47.80 -18.92
C THR B 580 40.73 -48.53 -18.64
N ILE B 581 41.75 -47.78 -18.23
CA ILE B 581 43.04 -48.36 -17.88
C ILE B 581 42.90 -49.42 -16.77
N LEU B 582 42.13 -49.12 -15.74
CA LEU B 582 41.88 -50.07 -14.63
C LEU B 582 41.07 -51.30 -15.06
N ALA B 583 40.07 -51.08 -15.90
CA ALA B 583 39.15 -52.13 -16.33
C ALA B 583 39.79 -53.16 -17.26
N LEU B 584 40.72 -52.71 -18.09
CA LEU B 584 41.32 -53.55 -19.13
C LEU B 584 42.74 -53.95 -18.72
N HIS B 585 43.16 -53.39 -17.58
CA HIS B 585 44.40 -53.73 -16.93
C HIS B 585 44.57 -55.22 -16.79
N THR B 592 49.25 -52.53 -22.45
CA THR B 592 49.09 -51.45 -21.47
C THR B 592 49.73 -50.15 -21.93
N ASP B 593 51.02 -50.19 -22.26
CA ASP B 593 51.73 -49.01 -22.75
C ASP B 593 51.18 -48.54 -24.09
N THR B 594 50.63 -49.47 -24.85
CA THR B 594 49.99 -49.16 -26.13
C THR B 594 48.65 -48.48 -25.85
N LEU B 595 47.88 -49.02 -24.90
CA LEU B 595 46.63 -48.41 -24.48
C LEU B 595 46.86 -46.96 -24.06
N VAL B 596 47.83 -46.76 -23.17
CA VAL B 596 48.16 -45.43 -22.65
C VAL B 596 48.61 -44.47 -23.77
N ASP B 597 49.42 -44.97 -24.71
CA ASP B 597 49.83 -44.16 -25.88
C ASP B 597 48.64 -43.69 -26.70
N ARG B 598 47.70 -44.61 -26.93
CA ARG B 598 46.55 -44.35 -27.76
C ARG B 598 45.54 -43.41 -27.08
N LEU B 599 45.39 -43.56 -25.76
CA LEU B 599 44.56 -42.66 -24.93
C LEU B 599 45.14 -41.25 -24.85
N ALA B 600 46.46 -41.15 -24.67
CA ALA B 600 47.13 -39.85 -24.71
C ALA B 600 46.98 -39.22 -26.11
N GLU B 601 47.12 -40.04 -27.14
CA GLU B 601 46.95 -39.55 -28.50
C GLU B 601 45.53 -39.04 -28.71
N PHE B 602 44.55 -39.78 -28.20
CA PHE B 602 43.15 -39.38 -28.32
C PHE B 602 42.91 -37.97 -27.74
N GLU B 603 43.47 -37.74 -26.56
CA GLU B 603 43.33 -36.45 -25.90
C GLU B 603 43.97 -35.30 -26.69
N LYS B 604 45.19 -35.52 -27.18
CA LYS B 604 45.92 -34.54 -27.98
C LYS B 604 45.20 -34.19 -29.28
N ARG B 605 44.65 -35.20 -29.95
CA ARG B 605 44.00 -35.00 -31.24
C ARG B 605 42.63 -34.37 -31.11
N LEU B 606 41.89 -34.73 -30.06
CA LEU B 606 40.67 -34.02 -29.71
C LEU B 606 40.98 -32.54 -29.45
N SER B 607 42.08 -32.30 -28.73
CA SER B 607 42.59 -30.96 -28.49
C SER B 607 42.84 -30.17 -29.80
N ASP B 608 43.29 -30.87 -30.85
CA ASP B 608 43.50 -30.25 -32.17
C ASP B 608 42.23 -29.98 -33.00
N ARG B 609 41.25 -30.87 -32.92
CA ARG B 609 40.14 -30.83 -33.89
C ARG B 609 38.81 -30.27 -33.37
N LEU B 610 38.50 -30.56 -32.11
CA LEU B 610 37.16 -30.32 -31.58
C LEU B 610 36.73 -28.86 -31.59
N GLU B 611 37.64 -27.99 -31.17
CA GLU B 611 37.31 -26.57 -31.17
C GLU B 611 37.03 -26.03 -32.58
N ASN B 612 37.87 -26.39 -33.55
CA ASN B 612 37.65 -26.03 -34.95
C ASN B 612 36.26 -26.44 -35.44
N GLU B 613 35.88 -27.69 -35.16
CA GLU B 613 34.56 -28.22 -35.55
C GLU B 613 33.39 -27.50 -34.85
N MET B 614 33.55 -27.24 -33.55
CA MET B 614 32.51 -26.54 -32.77
C MET B 614 32.35 -25.10 -33.22
N THR B 615 33.46 -24.41 -33.43
CA THR B 615 33.46 -23.04 -33.99
C THR B 615 32.75 -23.00 -35.34
N ALA B 616 33.06 -23.97 -36.21
CA ALA B 616 32.47 -24.04 -37.54
C ALA B 616 30.95 -24.18 -37.50
N VAL B 617 30.42 -25.09 -36.68
CA VAL B 617 28.95 -25.21 -36.66
C VAL B 617 28.27 -23.99 -36.03
N ARG B 618 28.93 -23.35 -35.06
CA ARG B 618 28.38 -22.13 -34.48
C ARG B 618 28.35 -20.98 -35.49
N VAL B 619 29.49 -20.73 -36.15
CA VAL B 619 29.60 -19.64 -37.11
C VAL B 619 28.54 -19.84 -38.21
N LEU B 620 28.43 -21.10 -38.66
CA LEU B 620 27.44 -21.54 -39.63
C LEU B 620 26.00 -21.26 -39.16
N TYR B 621 25.72 -21.52 -37.87
CA TYR B 621 24.41 -21.23 -37.29
C TYR B 621 24.12 -19.73 -37.26
N GLU B 622 25.10 -18.95 -36.82
CA GLU B 622 25.01 -17.49 -36.85
C GLU B 622 24.80 -16.95 -38.28
N LYS B 623 25.31 -17.67 -39.27
CA LYS B 623 25.08 -17.37 -40.69
C LYS B 623 23.81 -18.04 -41.18
N VAL B 636 15.23 -27.81 -38.35
CA VAL B 636 15.27 -27.19 -37.03
C VAL B 636 13.97 -27.47 -36.27
N ARG B 637 14.10 -27.57 -34.96
CA ARG B 637 13.00 -27.95 -34.09
C ARG B 637 11.89 -26.90 -33.94
N ILE B 638 12.22 -25.62 -34.12
CA ILE B 638 11.18 -24.58 -34.06
C ILE B 638 10.17 -24.70 -35.22
N GLN B 639 10.62 -25.30 -36.33
CA GLN B 639 9.73 -25.47 -37.48
C GLN B 639 8.56 -26.41 -37.21
N GLY B 640 8.73 -27.29 -36.23
CA GLY B 640 7.66 -28.20 -35.82
C GLY B 640 6.91 -27.71 -34.59
N SER B 641 7.23 -26.51 -34.11
CA SER B 641 6.68 -26.00 -32.84
C SER B 641 5.49 -25.07 -33.08
N LYS B 642 4.47 -25.15 -32.23
CA LYS B 642 3.34 -24.21 -32.35
C LYS B 642 3.77 -22.74 -32.14
N PHE B 643 5.01 -22.54 -31.67
CA PHE B 643 5.54 -21.19 -31.44
C PHE B 643 6.37 -20.62 -32.59
N LEU B 644 6.50 -21.42 -33.66
CA LEU B 644 7.12 -20.95 -34.89
C LEU B 644 6.68 -19.53 -35.33
N PRO B 645 5.36 -19.24 -35.38
CA PRO B 645 4.99 -17.87 -35.78
C PRO B 645 5.58 -16.76 -34.88
N PHE B 646 5.75 -17.01 -33.57
CA PHE B 646 6.45 -16.02 -32.71
C PHE B 646 7.93 -15.88 -33.06
N TYR B 647 8.62 -17.01 -33.13
CA TYR B 647 10.03 -16.98 -33.47
C TYR B 647 10.22 -16.33 -34.85
N ARG B 648 9.41 -16.76 -35.81
CA ARG B 648 9.49 -16.23 -37.17
C ARG B 648 9.14 -14.73 -37.25
N PHE B 649 8.12 -14.31 -36.51
CA PHE B 649 7.78 -12.87 -36.40
C PHE B 649 8.94 -12.03 -35.86
N VAL B 650 9.52 -12.45 -34.73
CA VAL B 650 10.64 -11.71 -34.10
C VAL B 650 11.93 -11.73 -34.95
N ARG B 651 12.28 -12.90 -35.48
CA ARG B 651 13.51 -13.05 -36.26
C ARG B 651 13.42 -12.51 -37.68
N GLU B 652 12.43 -12.98 -38.44
CA GLU B 652 12.29 -12.61 -39.85
C GLU B 652 11.58 -11.29 -40.06
N GLU B 653 10.33 -11.18 -39.60
CA GLU B 653 9.56 -9.97 -39.86
C GLU B 653 10.13 -8.73 -39.17
N LEU B 654 10.61 -8.87 -37.95
CA LEU B 654 11.22 -7.77 -37.21
C LEU B 654 12.71 -7.62 -37.47
N ASP B 655 13.27 -8.55 -38.21
CA ASP B 655 14.67 -8.56 -38.58
C ASP B 655 15.64 -8.51 -37.37
N THR B 656 15.72 -9.58 -36.62
CA THR B 656 16.71 -9.75 -35.52
C THR B 656 17.54 -11.02 -35.73
N GLY B 657 18.45 -11.32 -34.79
CA GLY B 657 19.26 -12.54 -34.84
C GLY B 657 19.70 -12.93 -33.44
N VAL B 658 20.36 -14.09 -33.30
CA VAL B 658 20.95 -14.48 -32.02
C VAL B 658 21.77 -13.33 -31.50
N MET B 659 21.58 -13.02 -30.23
CA MET B 659 22.31 -11.92 -29.62
C MET B 659 23.70 -12.40 -29.22
N SER B 660 24.71 -11.58 -29.49
CA SER B 660 26.10 -11.92 -29.17
C SER B 660 26.99 -10.71 -29.36
N ALA B 661 28.27 -10.86 -29.03
CA ALA B 661 29.24 -9.77 -29.19
C ALA B 661 29.51 -9.45 -30.67
N ARG B 662 29.03 -10.33 -31.55
CA ARG B 662 29.24 -10.16 -33.00
C ARG B 662 28.07 -9.45 -33.68
N ARG B 663 26.95 -9.36 -32.97
CA ARG B 663 25.78 -8.63 -33.45
C ARG B 663 25.87 -7.18 -32.98
N GLU B 664 25.85 -6.23 -33.91
CA GLU B 664 25.94 -4.81 -33.56
C GLU B 664 24.72 -4.22 -32.87
N GLN B 665 23.53 -4.76 -33.14
CA GLN B 665 22.31 -4.24 -32.51
C GLN B 665 22.34 -4.45 -30.97
N THR B 666 21.98 -3.42 -30.23
CA THR B 666 21.90 -3.48 -28.77
C THR B 666 20.61 -4.19 -28.36
N PRO B 667 20.53 -4.66 -27.09
CA PRO B 667 19.28 -5.25 -26.61
C PRO B 667 18.08 -4.30 -26.74
N GLN B 668 18.30 -3.01 -26.48
CA GLN B 668 17.28 -1.99 -26.71
C GLN B 668 16.66 -2.09 -28.10
N GLU B 669 17.52 -2.15 -29.11
CA GLU B 669 17.06 -2.13 -30.49
C GLU B 669 16.19 -3.35 -30.79
N ASP B 670 16.59 -4.50 -30.25
CA ASP B 670 15.84 -5.75 -30.44
C ASP B 670 14.53 -5.73 -29.67
N VAL B 671 14.58 -5.39 -28.38
CA VAL B 671 13.38 -5.33 -27.54
C VAL B 671 12.43 -4.21 -28.00
N GLN B 672 12.99 -3.09 -28.49
CA GLN B 672 12.13 -1.98 -28.99
C GLN B 672 11.17 -2.43 -30.09
N LYS B 673 11.69 -3.20 -31.05
CA LYS B 673 10.87 -3.73 -32.15
C LYS B 673 9.72 -4.59 -31.63
N VAL B 674 10.04 -5.52 -30.73
CA VAL B 674 9.04 -6.42 -30.15
C VAL B 674 8.02 -5.61 -29.36
N PHE B 675 8.51 -4.65 -28.57
CA PHE B 675 7.62 -3.78 -27.81
C PHE B 675 6.67 -3.00 -28.73
N ASP B 676 7.20 -2.40 -29.79
CA ASP B 676 6.37 -1.66 -30.74
C ASP B 676 5.24 -2.52 -31.33
N ALA B 677 5.60 -3.74 -31.73
CA ALA B 677 4.64 -4.73 -32.23
C ALA B 677 3.58 -5.11 -31.22
N ILE B 678 3.95 -5.21 -29.95
CA ILE B 678 2.97 -5.47 -28.88
C ILE B 678 2.07 -4.23 -28.72
N ALA B 679 2.67 -3.05 -28.70
CA ALA B 679 1.95 -1.78 -28.52
C ALA B 679 0.92 -1.52 -29.61
N ASP B 680 1.28 -1.76 -30.87
CA ASP B 680 0.38 -1.43 -31.98
C ASP B 680 -0.49 -2.60 -32.48
N GLY B 681 -0.43 -3.74 -31.80
CA GLY B 681 -1.28 -4.88 -32.12
C GLY B 681 -0.75 -5.84 -33.18
N ARG B 682 0.39 -5.53 -33.81
CA ARG B 682 0.98 -6.45 -34.79
C ARG B 682 1.27 -7.85 -34.22
N ILE B 683 1.48 -7.92 -32.90
CA ILE B 683 1.75 -9.16 -32.20
C ILE B 683 0.57 -10.15 -32.26
N THR B 684 -0.64 -9.64 -32.52
CA THR B 684 -1.82 -10.50 -32.58
C THR B 684 -1.78 -11.43 -33.81
N VAL B 685 -1.03 -11.02 -34.83
CA VAL B 685 -0.87 -11.83 -36.05
C VAL B 685 -0.20 -13.17 -35.72
N PRO B 686 1.04 -13.16 -35.15
CA PRO B 686 1.57 -14.47 -34.73
C PRO B 686 0.77 -15.16 -33.62
N LEU B 687 0.12 -14.40 -32.74
CA LEU B 687 -0.76 -14.99 -31.72
C LEU B 687 -1.89 -15.81 -32.37
N LEU B 688 -2.60 -15.20 -33.33
CA LEU B 688 -3.70 -15.88 -34.05
C LEU B 688 -3.21 -17.09 -34.88
N HIS B 689 -2.06 -16.96 -35.56
CA HIS B 689 -1.47 -18.08 -36.32
C HIS B 689 -1.14 -19.24 -35.42
N CYS B 690 -0.47 -18.94 -34.31
CA CYS B 690 -0.12 -19.92 -33.27
C CYS B 690 -1.34 -20.68 -32.72
N LEU B 691 -2.42 -19.96 -32.47
CA LEU B 691 -3.62 -20.54 -31.86
C LEU B 691 -4.60 -21.19 -32.84
N GLN B 692 -4.28 -21.08 -34.14
CA GLN B 692 -5.07 -21.66 -35.24
C GLN B 692 -5.43 -23.13 -35.00
N GLY B 693 -6.72 -23.44 -35.03
CA GLY B 693 -7.16 -24.82 -34.84
C GLY B 693 -7.58 -25.14 -33.40
N PHE B 694 -7.19 -24.31 -32.44
CA PHE B 694 -7.65 -24.47 -31.05
C PHE B 694 -9.11 -24.06 -30.96
N SER C 29 29.01 7.42 18.30
CA SER C 29 28.32 6.36 17.51
C SER C 29 26.96 6.00 18.10
N HIS C 30 25.99 5.76 17.22
CA HIS C 30 24.68 5.24 17.62
C HIS C 30 24.82 3.94 18.39
N VAL C 31 25.90 3.18 18.11
CA VAL C 31 26.15 1.92 18.83
C VAL C 31 26.27 2.14 20.35
N LYS C 32 27.05 3.15 20.73
CA LYS C 32 27.24 3.53 22.14
C LYS C 32 25.93 4.00 22.76
N ASP C 33 25.14 4.74 22.00
CA ASP C 33 23.82 5.19 22.45
C ASP C 33 22.91 3.99 22.74
N ILE C 34 22.88 3.02 21.83
CA ILE C 34 22.01 1.86 22.02
C ILE C 34 22.49 1.01 23.21
N LEU C 35 23.80 0.86 23.36
CA LEU C 35 24.35 0.18 24.56
C LEU C 35 23.92 0.88 25.86
N GLY C 36 23.92 2.21 25.87
CA GLY C 36 23.44 3.01 27.01
C GLY C 36 21.96 2.78 27.30
N LEU C 37 21.16 2.64 26.23
CA LEU C 37 19.74 2.30 26.40
C LEU C 37 19.55 0.95 27.05
N ILE C 38 20.34 -0.04 26.63
CA ILE C 38 20.20 -1.39 27.20
C ILE C 38 20.65 -1.42 28.68
N ASN C 39 21.74 -0.71 28.97
CA ASN C 39 22.21 -0.53 30.34
C ASN C 39 21.16 0.13 31.24
N ALA C 40 20.58 1.24 30.77
CA ALA C 40 19.52 1.92 31.51
C ALA C 40 18.31 1.02 31.73
N PHE C 41 17.90 0.27 30.70
CA PHE C 41 16.78 -0.65 30.85
C PHE C 41 17.05 -1.69 31.95
N ASN C 42 18.26 -2.27 31.93
CA ASN C 42 18.66 -3.28 32.90
C ASN C 42 18.78 -2.72 34.30
N GLU C 43 19.33 -1.52 34.42
CA GLU C 43 19.81 -0.99 35.70
C GLU C 43 18.88 -0.02 36.44
N VAL C 44 17.89 0.56 35.76
CA VAL C 44 16.98 1.48 36.42
C VAL C 44 16.13 0.79 37.51
N LYS C 45 16.01 1.46 38.66
CA LYS C 45 15.22 0.97 39.79
C LYS C 45 14.01 1.85 40.06
N LYS C 46 14.21 3.17 40.07
CA LYS C 46 13.11 4.13 40.24
C LYS C 46 13.03 5.04 39.03
N ILE C 47 11.84 5.21 38.48
CA ILE C 47 11.64 6.27 37.49
C ILE C 47 11.17 7.52 38.19
N THR C 48 12.05 8.53 38.20
CA THR C 48 11.74 9.81 38.82
C THR C 48 10.92 10.67 37.85
N VAL C 49 9.74 11.09 38.29
CA VAL C 49 8.95 12.01 37.49
C VAL C 49 8.77 13.30 38.28
N ASP C 50 9.32 14.39 37.74
CA ASP C 50 9.47 15.65 38.47
C ASP C 50 9.21 16.88 37.60
N GLY C 51 8.91 16.66 36.33
CA GLY C 51 8.71 17.78 35.43
C GLY C 51 10.01 18.34 34.91
N THR C 52 11.11 17.67 35.21
CA THR C 52 12.40 18.16 34.73
C THR C 52 13.34 17.07 34.21
N THR C 53 13.43 15.93 34.91
CA THR C 53 14.26 14.80 34.50
C THR C 53 13.59 14.05 33.32
N PRO C 54 14.29 13.90 32.18
CA PRO C 54 13.69 13.22 31.02
C PRO C 54 13.44 11.74 31.29
N ILE C 55 12.30 11.25 30.82
CA ILE C 55 12.01 9.83 30.79
C ILE C 55 12.35 9.34 29.38
N THR C 56 13.21 8.32 29.28
CA THR C 56 13.68 7.82 27.99
C THR C 56 12.81 6.60 27.60
N VAL C 57 13.00 6.07 26.39
CA VAL C 57 12.22 4.88 25.99
C VAL C 57 12.66 3.64 26.76
N ALA C 58 13.91 3.60 27.21
CA ALA C 58 14.37 2.53 28.12
C ALA C 58 13.62 2.54 29.45
N HIS C 59 13.43 3.73 30.02
CA HIS C 59 12.60 3.88 31.23
C HIS C 59 11.19 3.39 31.03
N VAL C 60 10.55 3.77 29.93
CA VAL C 60 9.18 3.31 29.66
C VAL C 60 9.11 1.78 29.53
N ALA C 61 10.02 1.22 28.72
CA ALA C 61 10.11 -0.22 28.54
C ALA C 61 10.41 -0.95 29.86
N ALA C 62 11.25 -0.34 30.69
CA ALA C 62 11.60 -0.93 32.00
C ALA C 62 10.37 -0.99 32.91
N LEU C 63 9.67 0.14 33.04
CA LEU C 63 8.43 0.17 33.81
C LEU C 63 7.45 -0.91 33.35
N ALA C 64 7.25 -1.01 32.04
CA ALA C 64 6.28 -1.96 31.47
C ALA C 64 6.65 -3.43 31.70
N ARG C 65 7.93 -3.75 31.70
CA ARG C 65 8.34 -5.16 31.59
C ARG C 65 9.03 -5.70 32.84
N ARG C 66 9.46 -4.82 33.73
CA ARG C 66 10.16 -5.23 34.94
C ARG C 66 9.35 -4.77 36.16
N HIS C 67 8.74 -5.71 36.86
CA HIS C 67 7.86 -5.34 37.96
C HIS C 67 8.50 -4.78 39.20
N ASP C 68 9.81 -4.95 39.36
CA ASP C 68 10.53 -4.29 40.46
C ASP C 68 10.79 -2.79 40.23
N VAL C 69 10.44 -2.29 39.04
CA VAL C 69 10.68 -0.87 38.72
C VAL C 69 9.53 -0.01 39.24
N LYS C 70 9.86 1.02 40.03
CA LYS C 70 8.84 1.83 40.68
C LYS C 70 8.87 3.28 40.19
N VAL C 71 7.72 3.93 40.27
CA VAL C 71 7.62 5.32 39.90
C VAL C 71 7.74 6.16 41.16
N ALA C 72 8.58 7.18 41.12
CA ALA C 72 8.75 8.10 42.24
C ALA C 72 8.41 9.49 41.77
N LEU C 73 7.24 9.96 42.18
CA LEU C 73 6.79 11.31 41.89
C LEU C 73 7.41 12.26 42.91
N GLU C 74 8.26 13.18 42.48
CA GLU C 74 8.94 14.08 43.42
C GLU C 74 8.25 15.43 43.47
N ALA C 75 7.93 15.90 44.68
CA ALA C 75 7.22 17.18 44.88
C ALA C 75 8.08 18.41 44.59
N CYS C 78 7.83 20.40 41.64
CA CYS C 78 6.76 20.57 40.67
C CYS C 78 5.38 20.53 41.28
N ARG C 79 5.28 20.03 42.52
CA ARG C 79 4.03 20.04 43.28
C ARG C 79 3.37 21.43 43.40
N ALA C 80 4.18 22.43 43.75
CA ALA C 80 3.71 23.80 43.93
C ALA C 80 3.08 24.32 42.63
N ARG C 81 3.80 24.12 41.54
CA ARG C 81 3.37 24.44 40.18
C ARG C 81 2.04 23.78 39.84
N VAL C 82 1.88 22.49 40.16
CA VAL C 82 0.63 21.75 39.92
C VAL C 82 -0.55 22.34 40.72
N GLU C 83 -0.33 22.60 42.00
CA GLU C 83 -1.40 23.15 42.86
C GLU C 83 -1.79 24.55 42.42
N THR C 84 -0.79 25.35 42.08
CA THR C 84 -1.02 26.68 41.54
C THR C 84 -1.94 26.60 40.32
N CYS C 85 -1.56 25.73 39.38
CA CYS C 85 -2.32 25.56 38.15
C CYS C 85 -3.74 25.08 38.43
N SER C 86 -3.86 24.11 39.34
CA SER C 86 -5.14 23.51 39.71
C SER C 86 -6.07 24.54 40.36
N SER C 87 -5.49 25.33 41.25
CA SER C 87 -6.23 26.35 41.97
C SER C 87 -6.70 27.48 41.02
N TRP C 88 -5.84 27.87 40.09
CA TRP C 88 -6.23 28.85 39.07
C TRP C 88 -7.45 28.38 38.30
N VAL C 89 -7.40 27.13 37.82
CA VAL C 89 -8.49 26.58 36.99
C VAL C 89 -9.83 26.59 37.73
N GLN C 90 -9.87 26.00 38.92
CA GLN C 90 -11.08 26.00 39.75
C GLN C 90 -11.61 27.40 40.04
N ARG C 91 -10.71 28.30 40.43
CA ARG C 91 -11.04 29.70 40.77
C ARG C 91 -11.68 30.38 39.56
N LYS C 92 -10.99 30.33 38.42
CA LYS C 92 -11.49 30.92 37.18
C LYS C 92 -12.80 30.31 36.71
N ALA C 93 -12.90 28.98 36.75
CA ALA C 93 -14.13 28.30 36.33
C ALA C 93 -15.32 28.80 37.15
N GLU C 94 -15.14 28.85 38.48
CA GLU C 94 -16.19 29.33 39.38
C GLU C 94 -16.58 30.80 39.17
N ASP C 95 -15.61 31.63 38.77
CA ASP C 95 -15.86 33.04 38.45
C ASP C 95 -16.56 33.25 37.12
N GLY C 96 -16.80 32.17 36.38
CA GLY C 96 -17.50 32.23 35.10
C GLY C 96 -16.63 32.62 33.91
N ALA C 97 -15.30 32.48 34.05
CA ALA C 97 -14.39 32.73 32.93
C ALA C 97 -14.70 31.79 31.76
N ASP C 98 -14.47 32.26 30.54
CA ASP C 98 -14.82 31.50 29.33
C ASP C 98 -13.60 30.71 28.88
N ILE C 99 -13.61 29.40 29.09
CA ILE C 99 -12.43 28.58 28.83
C ILE C 99 -12.87 27.26 28.21
N TYR C 100 -12.24 26.89 27.10
CA TYR C 100 -12.65 25.67 26.41
C TYR C 100 -12.52 24.44 27.31
N GLY C 101 -13.55 23.59 27.30
CA GLY C 101 -13.54 22.30 27.97
C GLY C 101 -13.58 22.38 29.49
N VAL C 102 -13.78 23.59 30.02
CA VAL C 102 -14.00 23.80 31.45
C VAL C 102 -15.32 24.53 31.74
N THR C 103 -15.62 25.59 30.99
CA THR C 103 -16.94 26.24 31.06
C THR C 103 -17.58 26.17 29.69
N THR C 104 -17.09 25.25 28.88
CA THR C 104 -17.46 25.14 27.48
C THR C 104 -17.66 23.66 27.12
N GLY C 105 -18.50 23.38 26.13
CA GLY C 105 -18.66 22.03 25.60
C GLY C 105 -17.42 21.60 24.83
N PHE C 106 -17.37 20.31 24.46
CA PHE C 106 -16.17 19.69 23.88
C PHE C 106 -16.19 19.52 22.36
N GLY C 107 -15.02 19.57 21.72
CA GLY C 107 -14.90 19.33 20.28
C GLY C 107 -15.69 20.31 19.41
N ALA C 108 -16.41 19.76 18.44
CA ALA C 108 -17.30 20.56 17.57
C ALA C 108 -18.42 21.24 18.35
N CYS C 109 -18.58 20.89 19.64
CA CYS C 109 -19.60 21.51 20.49
C CYS C 109 -19.07 22.61 21.40
N SER C 110 -17.98 23.28 21.00
CA SER C 110 -17.34 24.29 21.87
C SER C 110 -18.14 25.60 21.99
N SER C 111 -19.22 25.71 21.23
CA SER C 111 -20.19 26.81 21.36
C SER C 111 -20.97 26.79 22.66
N ARG C 112 -21.26 25.60 23.17
CA ARG C 112 -22.08 25.43 24.36
C ARG C 112 -21.29 25.82 25.59
N ARG C 113 -21.82 26.78 26.35
CA ARG C 113 -21.26 27.19 27.63
C ARG C 113 -22.05 26.56 28.77
N THR C 114 -21.42 26.48 29.96
CA THR C 114 -22.07 25.89 31.14
C THR C 114 -21.33 26.23 32.45
N ASN C 115 -22.08 26.35 33.54
CA ASN C 115 -21.50 26.52 34.88
C ASN C 115 -21.56 25.21 35.66
N ARG C 116 -21.95 24.13 34.98
CA ARG C 116 -22.07 22.81 35.59
C ARG C 116 -20.71 22.10 35.50
N LEU C 117 -19.78 22.62 36.30
CA LEU C 117 -18.35 22.30 36.17
C LEU C 117 -18.02 20.81 36.26
N SER C 118 -18.56 20.14 37.28
CA SER C 118 -18.28 18.72 37.48
C SER C 118 -19.01 17.82 36.50
N GLU C 119 -20.30 18.09 36.31
CA GLU C 119 -21.13 17.26 35.46
C GLU C 119 -20.67 17.38 33.99
N LEU C 120 -20.12 18.53 33.61
CA LEU C 120 -19.51 18.69 32.28
C LEU C 120 -18.37 17.66 32.11
N GLN C 121 -17.50 17.57 33.12
CA GLN C 121 -16.39 16.62 33.11
C GLN C 121 -16.85 15.16 33.15
N GLU C 122 -17.82 14.83 33.99
CA GLU C 122 -18.40 13.49 34.05
C GLU C 122 -19.03 13.08 32.71
N SER C 123 -19.76 14.00 32.07
CA SER C 123 -20.42 13.73 30.79
C SER C 123 -19.42 13.36 29.67
N LEU C 124 -18.26 14.00 29.67
CA LEU C 124 -17.19 13.66 28.75
C LEU C 124 -16.70 12.21 28.89
N ILE C 125 -16.45 11.78 30.13
CA ILE C 125 -15.97 10.41 30.38
C ILE C 125 -17.03 9.38 29.97
N ARG C 126 -18.28 9.65 30.33
CA ARG C 126 -19.41 8.80 29.96
C ARG C 126 -19.49 8.64 28.43
N CYS C 127 -19.30 9.74 27.73
CA CYS C 127 -19.32 9.80 26.26
C CYS C 127 -18.20 8.95 25.62
N LEU C 128 -17.03 8.99 26.23
CA LEU C 128 -15.84 8.37 25.67
C LEU C 128 -15.66 6.91 26.07
N LEU C 129 -16.45 6.44 27.04
CA LEU C 129 -16.43 5.02 27.38
C LEU C 129 -17.21 4.28 26.30
N ALA C 130 -16.60 4.17 25.13
CA ALA C 130 -17.29 3.84 23.91
C ALA C 130 -16.55 2.80 23.05
N GLY C 131 -15.56 2.13 23.64
CA GLY C 131 -14.85 1.05 22.96
C GLY C 131 -15.61 -0.24 23.13
N VAL C 132 -15.18 -1.28 22.39
CA VAL C 132 -15.79 -2.60 22.45
C VAL C 132 -14.70 -3.67 22.58
N PHE C 133 -14.94 -4.71 23.36
CA PHE C 133 -13.98 -5.83 23.41
C PHE C 133 -14.29 -6.88 22.33
N THR C 134 -13.38 -7.08 21.39
CA THR C 134 -13.61 -7.98 20.25
C THR C 134 -12.99 -9.35 20.45
N ASP C 142 -9.11 -9.27 22.78
CA ASP C 142 -8.37 -8.17 22.17
C ASP C 142 -8.49 -6.97 23.04
N GLU C 143 -7.35 -6.41 23.39
CA GLU C 143 -7.29 -5.26 24.27
C GLU C 143 -5.91 -4.67 24.13
N LEU C 144 -5.77 -3.40 24.52
CA LEU C 144 -4.44 -2.84 24.71
C LEU C 144 -3.87 -3.54 25.93
N PRO C 145 -2.69 -4.19 25.79
CA PRO C 145 -2.14 -4.96 26.91
C PRO C 145 -1.80 -4.10 28.12
N ALA C 146 -1.70 -4.74 29.28
CA ALA C 146 -1.38 -4.08 30.53
C ALA C 146 -0.06 -3.29 30.43
N THR C 147 0.92 -3.80 29.67
CA THR C 147 2.20 -3.12 29.48
C THR C 147 2.01 -1.70 28.87
N ALA C 148 1.19 -1.62 27.82
CA ALA C 148 0.91 -0.34 27.16
C ALA C 148 0.05 0.57 28.05
N THR C 149 -0.91 -0.01 28.77
CA THR C 149 -1.80 0.76 29.64
C THR C 149 -1.04 1.37 30.82
N ARG C 150 -0.17 0.60 31.46
CA ARG C 150 0.66 1.16 32.54
C ARG C 150 1.64 2.23 32.00
N SER C 151 2.17 2.00 30.81
CA SER C 151 3.05 2.99 30.14
C SER C 151 2.31 4.28 29.87
N ALA C 152 1.06 4.16 29.40
CA ALA C 152 0.19 5.32 29.15
C ALA C 152 -0.04 6.09 30.45
N MET C 153 -0.28 5.35 31.54
CA MET C 153 -0.48 5.96 32.85
C MET C 153 0.73 6.81 33.26
N LEU C 154 1.93 6.26 33.10
CA LEU C 154 3.17 6.98 33.40
C LEU C 154 3.31 8.23 32.53
N LEU C 155 2.99 8.08 31.24
CA LEU C 155 3.07 9.19 30.31
C LEU C 155 2.09 10.31 30.65
N ARG C 156 0.87 9.94 31.04
CA ARG C 156 -0.12 10.94 31.47
C ARG C 156 0.38 11.67 32.72
N LEU C 157 0.83 10.89 33.70
CA LEU C 157 1.44 11.41 34.92
C LEU C 157 2.57 12.37 34.62
N ASN C 158 3.45 11.99 33.68
CA ASN C 158 4.56 12.87 33.32
C ASN C 158 4.09 14.20 32.75
N SER C 159 3.10 14.14 31.86
CA SER C 159 2.54 15.34 31.25
C SER C 159 2.03 16.32 32.29
N PHE C 160 1.43 15.75 33.33
CA PHE C 160 0.84 16.54 34.41
C PHE C 160 1.91 17.32 35.19
N THR C 161 3.13 16.77 35.28
CA THR C 161 4.20 17.42 36.06
C THR C 161 4.62 18.81 35.60
N TYR C 162 4.35 19.14 34.34
CA TYR C 162 4.73 20.45 33.79
C TYR C 162 3.90 21.63 34.33
N GLY C 163 2.82 21.34 35.05
CA GLY C 163 2.00 22.35 35.68
C GLY C 163 1.10 23.16 34.76
N CYS C 164 0.75 22.59 33.61
CA CYS C 164 -0.10 23.25 32.63
C CYS C 164 -1.51 22.73 32.54
N SER C 165 -1.80 21.63 33.24
CA SER C 165 -3.04 20.86 33.01
C SER C 165 -4.21 21.16 33.93
N GLY C 166 -3.92 21.65 35.15
CA GLY C 166 -4.97 21.96 36.11
C GLY C 166 -5.54 20.78 36.88
N ILE C 167 -4.96 19.60 36.70
CA ILE C 167 -5.34 18.41 37.48
C ILE C 167 -4.86 18.53 38.94
N ARG C 168 -5.63 17.99 39.89
CA ARG C 168 -5.21 18.00 41.30
C ARG C 168 -3.98 17.14 41.51
N TRP C 169 -3.05 17.66 42.30
CA TRP C 169 -1.87 16.90 42.71
C TRP C 169 -2.26 15.55 43.26
N GLU C 170 -3.37 15.51 44.00
CA GLU C 170 -3.86 14.27 44.57
C GLU C 170 -4.14 13.17 43.53
N VAL C 171 -4.73 13.55 42.39
CA VAL C 171 -4.96 12.61 41.28
C VAL C 171 -3.62 12.06 40.78
N MET C 172 -2.60 12.90 40.76
CA MET C 172 -1.26 12.47 40.38
C MET C 172 -0.68 11.42 41.36
N GLU C 173 -0.90 11.64 42.65
CA GLU C 173 -0.48 10.68 43.69
C GLU C 173 -1.18 9.34 43.51
N ALA C 174 -2.48 9.40 43.20
CA ALA C 174 -3.23 8.21 42.88
C ALA C 174 -2.65 7.45 41.68
N LEU C 175 -2.31 8.18 40.61
CA LEU C 175 -1.64 7.55 39.47
C LEU C 175 -0.36 6.84 39.87
N GLU C 176 0.49 7.52 40.65
CA GLU C 176 1.70 6.91 41.17
C GLU C 176 1.37 5.61 41.92
N LYS C 177 0.41 5.68 42.84
CA LYS C 177 0.02 4.51 43.64
C LYS C 177 -0.50 3.36 42.76
N LEU C 178 -1.33 3.66 41.77
CA LEU C 178 -1.84 2.61 40.88
C LEU C 178 -0.70 1.99 40.09
N LEU C 179 0.17 2.84 39.56
CA LEU C 179 1.37 2.38 38.84
C LEU C 179 2.24 1.42 39.64
N ASN C 180 2.53 1.80 40.89
CA ASN C 180 3.32 0.96 41.82
C ASN C 180 2.60 -0.25 42.39
N SER C 181 1.27 -0.27 42.26
CA SER C 181 0.44 -1.37 42.74
C SER C 181 0.01 -2.32 41.63
N ASN C 182 0.51 -2.11 40.41
CA ASN C 182 0.15 -2.94 39.27
C ASN C 182 -1.34 -2.93 38.92
N VAL C 183 -2.00 -1.81 39.21
CA VAL C 183 -3.40 -1.65 38.82
C VAL C 183 -3.49 -0.90 37.49
N SER C 184 -4.29 -1.44 36.58
CA SER C 184 -4.52 -0.78 35.30
C SER C 184 -5.87 -1.21 34.75
N PRO C 185 -6.58 -0.27 34.10
CA PRO C 185 -7.85 -0.67 33.50
C PRO C 185 -7.67 -1.57 32.28
N LYS C 186 -8.66 -2.43 32.04
CA LYS C 186 -8.80 -3.13 30.77
C LYS C 186 -9.27 -2.14 29.70
N VAL C 187 -8.53 -2.03 28.62
CA VAL C 187 -8.81 -1.05 27.58
C VAL C 187 -9.04 -1.72 26.23
N PRO C 188 -10.16 -1.41 25.56
CA PRO C 188 -10.36 -1.88 24.19
C PRO C 188 -9.24 -1.47 23.25
N LEU C 189 -8.89 -2.37 22.34
CA LEU C 189 -7.82 -2.15 21.39
C LEU C 189 -8.00 -0.88 20.53
N ARG C 190 -9.21 -0.68 20.03
CA ARG C 190 -9.46 0.27 18.93
C ARG C 190 -10.43 1.37 19.33
N GLY C 191 -10.43 2.43 18.52
CA GLY C 191 -11.33 3.55 18.71
C GLY C 191 -10.64 4.90 18.77
N SER C 192 -9.32 4.89 18.95
CA SER C 192 -8.56 6.15 18.96
C SER C 192 -8.03 6.53 17.58
N VAL C 193 -8.13 7.82 17.23
CA VAL C 193 -7.42 8.41 16.08
C VAL C 193 -6.21 9.23 16.57
N SER C 194 -5.93 9.17 17.87
CA SER C 194 -4.75 9.82 18.47
C SER C 194 -4.66 11.31 18.16
N1 MDO C 195 -5.76 11.96 18.24
CA1 MDO C 195 -5.76 13.44 18.29
C1 MDO C 195 -6.63 13.91 19.46
CB MDO C 195 -6.23 14.01 16.94
N2 MDO C 195 -7.70 14.74 19.38
CA2 MDO C 195 -8.14 14.89 20.63
C2 MDO C 195 -7.34 14.12 21.48
O2 MDO C 195 -7.42 13.98 22.81
CB2 MDO C 195 -9.33 15.73 21.08
N3 MDO C 195 -6.42 13.55 20.74
CA3 MDO C 195 -5.39 12.66 21.30
C3 MDO C 195 -5.96 11.25 21.57
O3 MDO C 195 -7.12 11.02 20.78
N ASP C 196 -5.75 10.33 22.41
CA ASP C 196 -6.23 8.93 22.63
C ASP C 196 -7.41 8.98 23.58
N LEU C 197 -8.46 9.70 23.16
CA LEU C 197 -9.63 9.99 24.02
C LEU C 197 -10.28 8.77 24.64
N ILE C 198 -10.72 7.84 23.80
CA ILE C 198 -11.42 6.65 24.27
C ILE C 198 -10.56 5.81 25.23
N PRO C 199 -9.36 5.38 24.79
CA PRO C 199 -8.58 4.56 25.72
C PRO C 199 -8.22 5.28 27.05
N LEU C 200 -7.91 6.56 26.99
CA LEU C 200 -7.64 7.32 28.21
C LEU C 200 -8.87 7.48 29.13
N ALA C 201 -10.06 7.48 28.55
CA ALA C 201 -11.31 7.51 29.32
C ALA C 201 -11.43 6.33 30.31
N TYR C 202 -10.80 5.21 29.96
CA TYR C 202 -10.76 4.04 30.86
C TYR C 202 -9.88 4.27 32.09
N ILE C 203 -8.79 5.01 31.90
CA ILE C 203 -7.96 5.43 33.03
C ILE C 203 -8.72 6.43 33.92
N ALA C 204 -9.38 7.40 33.30
CA ALA C 204 -10.28 8.30 34.02
C ALA C 204 -11.41 7.52 34.71
N GLY C 205 -11.99 6.54 34.01
CA GLY C 205 -13.04 5.67 34.56
C GLY C 205 -12.59 4.90 35.81
N LEU C 206 -11.35 4.42 35.78
CA LEU C 206 -10.75 3.82 36.96
C LEU C 206 -10.72 4.82 38.13
N LEU C 207 -10.17 6.00 37.89
CA LEU C 207 -9.96 6.98 38.95
C LEU C 207 -11.23 7.47 39.63
N ILE C 208 -12.36 7.41 38.92
CA ILE C 208 -13.64 7.86 39.46
C ILE C 208 -14.51 6.68 39.85
N GLY C 209 -13.95 5.47 39.79
CA GLY C 209 -14.66 4.26 40.20
C GLY C 209 -15.92 3.91 39.43
N LYS C 210 -15.91 4.09 38.11
CA LYS C 210 -17.00 3.58 37.27
C LYS C 210 -17.09 2.07 37.40
N PRO C 211 -18.27 1.55 37.80
CA PRO C 211 -18.44 0.10 37.99
C PRO C 211 -18.26 -0.71 36.69
N SER C 212 -18.60 -0.09 35.56
CA SER C 212 -18.47 -0.76 34.26
C SER C 212 -17.01 -0.87 33.78
N VAL C 213 -16.10 -0.14 34.43
CA VAL C 213 -14.68 -0.22 34.07
C VAL C 213 -13.98 -1.33 34.85
N ILE C 214 -13.60 -2.37 34.13
CA ILE C 214 -12.90 -3.51 34.74
C ILE C 214 -11.41 -3.19 34.84
N ALA C 215 -10.81 -3.45 35.99
CA ALA C 215 -9.38 -3.21 36.19
C ALA C 215 -8.62 -4.49 36.51
N ARG C 216 -7.37 -4.54 36.06
CA ARG C 216 -6.44 -5.60 36.39
C ARG C 216 -5.62 -5.25 37.61
N ILE C 217 -5.30 -6.25 38.41
CA ILE C 217 -4.29 -6.10 39.45
C ILE C 217 -3.34 -7.28 39.28
N GLY C 218 -2.12 -6.99 38.83
CA GLY C 218 -1.16 -8.02 38.43
C GLY C 218 -1.66 -8.73 37.19
N ASP C 219 -1.23 -9.98 37.00
CA ASP C 219 -1.57 -10.74 35.81
C ASP C 219 -2.92 -11.50 35.79
N ASP C 220 -3.51 -11.78 36.96
CA ASP C 220 -4.75 -12.58 36.99
C ASP C 220 -5.99 -11.82 37.42
N VAL C 221 -5.89 -11.10 38.54
CA VAL C 221 -7.04 -10.49 39.15
C VAL C 221 -7.63 -9.44 38.22
N GLU C 222 -8.92 -9.60 37.95
CA GLU C 222 -9.74 -8.59 37.31
C GLU C 222 -10.95 -8.32 38.19
N VAL C 223 -11.10 -7.06 38.60
CA VAL C 223 -12.23 -6.64 39.44
C VAL C 223 -12.78 -5.30 38.92
N PRO C 224 -14.02 -4.94 39.32
CA PRO C 224 -14.54 -3.62 38.96
C PRO C 224 -13.70 -2.50 39.57
N ALA C 225 -13.72 -1.33 38.94
CA ALA C 225 -12.91 -0.21 39.37
C ALA C 225 -13.03 0.15 40.87
N PRO C 226 -14.28 0.25 41.39
CA PRO C 226 -14.40 0.56 42.83
C PRO C 226 -13.61 -0.44 43.72
N GLU C 227 -13.73 -1.73 43.43
CA GLU C 227 -13.08 -2.79 44.21
C GLU C 227 -11.55 -2.68 44.09
N ALA C 228 -11.07 -2.37 42.88
CA ALA C 228 -9.63 -2.19 42.62
C ALA C 228 -9.04 -1.01 43.39
N LEU C 229 -9.76 0.12 43.41
CA LEU C 229 -9.32 1.29 44.19
C LEU C 229 -9.23 0.91 45.66
N SER C 230 -10.28 0.26 46.15
CA SER C 230 -10.35 -0.22 47.54
C SER C 230 -9.14 -1.10 47.89
N ARG C 231 -8.83 -2.08 47.04
CA ARG C 231 -7.70 -3.00 47.27
C ARG C 231 -6.33 -2.36 47.34
N VAL C 232 -6.23 -1.10 46.96
CA VAL C 232 -4.95 -0.39 47.02
C VAL C 232 -5.00 0.89 47.84
N GLY C 233 -6.05 1.02 48.66
CA GLY C 233 -6.15 2.10 49.63
C GLY C 233 -6.58 3.44 49.07
N LEU C 234 -7.27 3.42 47.93
CA LEU C 234 -7.81 4.64 47.31
C LEU C 234 -9.34 4.67 47.33
N ARG C 235 -9.89 5.87 47.29
CA ARG C 235 -11.32 6.11 47.10
C ARG C 235 -11.55 6.81 45.73
N PRO C 236 -12.75 6.63 45.12
CA PRO C 236 -13.03 7.25 43.82
C PRO C 236 -12.94 8.77 43.89
N PHE C 237 -12.43 9.39 42.82
CA PHE C 237 -12.40 10.85 42.74
C PHE C 237 -13.68 11.40 42.14
N LYS C 238 -14.09 12.57 42.62
CA LYS C 238 -15.11 13.37 41.95
C LYS C 238 -14.37 14.39 41.09
N LEU C 239 -14.61 14.34 39.78
CA LEU C 239 -13.93 15.24 38.85
C LEU C 239 -14.22 16.72 39.10
N GLN C 240 -13.17 17.52 39.17
CA GLN C 240 -13.30 18.97 39.30
C GLN C 240 -13.16 19.61 37.91
N ALA C 241 -13.27 20.94 37.83
CA ALA C 241 -13.14 21.65 36.55
C ALA C 241 -11.87 21.27 35.77
N LYS C 242 -12.07 20.92 34.49
CA LYS C 242 -11.00 20.58 33.52
C LYS C 242 -10.42 19.16 33.67
N GLU C 243 -10.72 18.47 34.78
CA GLU C 243 -10.04 17.21 35.14
C GLU C 243 -10.34 16.03 34.24
N GLY C 244 -11.60 15.86 33.86
CA GLY C 244 -11.99 14.87 32.85
C GLY C 244 -11.17 15.08 31.58
N LEU C 245 -11.17 16.30 31.06
CA LEU C 245 -10.45 16.61 29.82
C LEU C 245 -8.95 16.41 29.96
N ALA C 246 -8.39 16.91 31.06
CA ALA C 246 -6.96 16.71 31.35
C ALA C 246 -6.59 15.22 31.33
N LEU C 247 -7.42 14.38 31.92
CA LEU C 247 -7.15 12.95 31.91
C LEU C 247 -7.15 12.36 30.50
N VAL C 248 -8.03 12.85 29.61
CA VAL C 248 -8.22 12.20 28.29
C VAL C 248 -7.53 12.83 27.07
N ASN C 249 -7.13 14.10 27.20
CA ASN C 249 -6.71 14.91 26.08
C ASN C 249 -5.21 14.83 25.83
N GLY C 250 -4.69 13.61 25.80
CA GLY C 250 -3.27 13.40 25.52
C GLY C 250 -2.97 12.34 24.49
N THR C 251 -1.68 12.12 24.27
CA THR C 251 -1.17 11.14 23.31
C THR C 251 -0.55 9.95 24.02
N SER C 252 -0.97 9.70 25.26
CA SER C 252 -0.32 8.72 26.13
C SER C 252 -0.26 7.29 25.57
N PHE C 253 -1.32 6.82 24.90
CA PHE C 253 -1.32 5.43 24.39
C PHE C 253 -0.47 5.22 23.13
N ALA C 254 -0.60 6.11 22.14
CA ALA C 254 0.24 6.06 20.95
C ALA C 254 1.73 6.08 21.33
N THR C 255 2.06 7.02 22.23
CA THR C 255 3.43 7.25 22.70
C THR C 255 3.92 6.11 23.62
N ALA C 256 3.03 5.50 24.39
CA ALA C 256 3.38 4.35 25.20
C ALA C 256 3.84 3.19 24.31
N VAL C 257 3.02 2.84 23.31
CA VAL C 257 3.36 1.81 22.32
C VAL C 257 4.58 2.22 21.49
N ALA C 258 4.67 3.49 21.10
CA ALA C 258 5.81 3.96 20.33
C ALA C 258 7.14 3.87 21.13
N SER C 259 7.04 3.98 22.45
CA SER C 259 8.23 3.94 23.33
C SER C 259 8.83 2.55 23.40
N THR C 260 8.01 1.54 23.66
CA THR C 260 8.48 0.16 23.63
C THR C 260 8.87 -0.29 22.21
N VAL C 261 8.14 0.21 21.21
CA VAL C 261 8.51 -0.01 19.79
C VAL C 261 9.92 0.53 19.53
N MET C 262 10.20 1.76 19.96
CA MET C 262 11.51 2.34 19.74
C MET C 262 12.61 1.65 20.55
N TYR C 263 12.33 1.31 21.81
CA TYR C 263 13.30 0.55 22.59
C TYR C 263 13.66 -0.74 21.83
N ASP C 264 12.65 -1.45 21.33
CA ASP C 264 12.88 -2.71 20.64
C ASP C 264 13.58 -2.48 19.30
N ALA C 265 13.20 -1.42 18.59
CA ALA C 265 13.80 -1.10 17.30
C ALA C 265 15.29 -0.88 17.46
N ASN C 266 15.68 -0.17 18.53
CA ASN C 266 17.10 0.09 18.82
C ASN C 266 17.91 -1.17 19.11
N VAL C 267 17.38 -2.04 19.96
CA VAL C 267 18.07 -3.28 20.34
C VAL C 267 18.20 -4.21 19.13
N LEU C 268 17.10 -4.37 18.40
CA LEU C 268 17.08 -5.28 17.23
C LEU C 268 17.91 -4.75 16.07
N LEU C 269 17.91 -3.43 15.85
CA LEU C 269 18.84 -2.80 14.91
C LEU C 269 20.28 -3.21 15.20
N LEU C 270 20.71 -2.99 16.45
CA LEU C 270 22.08 -3.31 16.83
C LEU C 270 22.37 -4.81 16.67
N LEU C 271 21.40 -5.63 17.04
CA LEU C 271 21.47 -7.07 16.86
C LEU C 271 21.68 -7.44 15.39
N VAL C 272 20.90 -6.84 14.49
CA VAL C 272 21.04 -7.13 13.05
C VAL C 272 22.40 -6.64 12.49
N GLU C 273 22.82 -5.44 12.86
CA GLU C 273 24.13 -4.94 12.42
C GLU C 273 25.23 -5.90 12.85
N THR C 274 25.14 -6.32 14.12
CA THR C 274 26.17 -7.17 14.72
C THR C 274 26.20 -8.52 14.00
N LEU C 275 25.03 -9.10 13.79
CA LEU C 275 24.94 -10.40 13.13
C LEU C 275 25.37 -10.41 11.66
N CYS C 276 25.46 -9.23 11.03
CA CYS C 276 26.02 -9.15 9.66
C CYS C 276 27.47 -9.64 9.65
N GLY C 277 28.18 -9.41 10.75
CA GLY C 277 29.56 -9.88 10.91
C GLY C 277 29.60 -11.39 11.07
N MET C 278 28.71 -11.91 11.90
CA MET C 278 28.57 -13.35 12.04
C MET C 278 28.23 -13.98 10.69
N PHE C 279 27.36 -13.32 9.92
CA PHE C 279 27.06 -13.76 8.55
C PHE C 279 28.32 -13.84 7.70
N CYS C 280 29.11 -12.76 7.70
CA CYS C 280 30.38 -12.75 6.96
C CYS C 280 31.26 -13.94 7.36
N GLU C 281 31.38 -14.21 8.65
CA GLU C 281 32.24 -15.31 9.12
C GLU C 281 31.85 -16.67 8.55
N VAL C 282 30.57 -17.00 8.59
CA VAL C 282 30.10 -18.33 8.18
C VAL C 282 29.98 -18.50 6.67
N ILE C 283 29.76 -17.41 5.95
CA ILE C 283 29.50 -17.48 4.50
C ILE C 283 30.82 -17.40 3.71
N PHE C 284 31.93 -17.17 4.42
CA PHE C 284 33.24 -16.93 3.81
C PHE C 284 33.19 -15.64 3.01
N GLY C 285 32.72 -14.57 3.65
CA GLY C 285 32.77 -13.24 3.03
C GLY C 285 34.15 -12.59 3.02
N ARG C 286 34.27 -11.49 2.28
CA ARG C 286 35.47 -10.67 2.27
C ARG C 286 35.21 -9.42 3.11
N GLU C 287 35.93 -9.29 4.22
CA GLU C 287 35.67 -8.22 5.20
C GLU C 287 36.01 -6.83 4.69
N GLU C 288 36.66 -6.76 3.53
CA GLU C 288 37.00 -5.50 2.89
C GLU C 288 35.80 -4.56 2.65
N PHE C 289 34.59 -5.12 2.55
CA PHE C 289 33.36 -4.32 2.35
C PHE C 289 33.17 -3.24 3.41
N ALA C 290 33.76 -3.46 4.58
CA ALA C 290 33.60 -2.58 5.74
C ALA C 290 34.80 -1.63 5.95
N HIS C 291 35.75 -1.65 5.01
CA HIS C 291 36.92 -0.75 5.02
C HIS C 291 36.51 0.70 5.11
N PRO C 292 37.12 1.47 6.05
CA PRO C 292 36.72 2.87 6.31
C PRO C 292 36.83 3.88 5.16
N LEU C 293 37.71 3.68 4.19
CA LEU C 293 37.77 4.61 3.07
C LEU C 293 36.49 4.57 2.19
N ILE C 294 35.95 3.38 1.95
CA ILE C 294 34.72 3.21 1.18
C ILE C 294 33.62 4.10 1.75
N HIS C 295 33.52 4.11 3.07
CA HIS C 295 32.45 4.83 3.74
C HIS C 295 32.74 6.27 4.02
N LYS C 296 34.01 6.59 4.29
CA LYS C 296 34.40 7.99 4.44
C LYS C 296 34.01 8.76 3.17
N VAL C 297 34.14 8.07 2.04
CA VAL C 297 33.88 8.59 0.71
C VAL C 297 32.36 8.66 0.33
N LYS C 298 31.50 8.05 1.15
CA LYS C 298 30.03 8.12 1.00
C LYS C 298 29.43 8.25 2.41
N PRO C 299 29.64 9.43 3.05
CA PRO C 299 29.58 9.52 4.52
C PRO C 299 28.18 9.70 5.16
N HIS C 300 27.21 8.88 4.80
CA HIS C 300 26.00 8.79 5.63
C HIS C 300 26.41 8.29 6.99
N PRO C 301 26.00 8.99 8.06
CA PRO C 301 26.43 8.62 9.42
C PRO C 301 26.17 7.14 9.73
N GLY C 302 24.99 6.63 9.38
CA GLY C 302 24.65 5.23 9.59
C GLY C 302 25.50 4.27 8.75
N GLN C 303 25.98 4.76 7.60
CA GLN C 303 26.88 3.96 6.77
C GLN C 303 28.26 3.85 7.41
N ILE C 304 28.83 5.00 7.78
CA ILE C 304 30.12 5.03 8.48
C ILE C 304 30.08 4.20 9.77
N GLU C 305 29.04 4.39 10.58
CA GLU C 305 28.99 3.76 11.90
C GLU C 305 28.80 2.25 11.87
N SER C 306 27.95 1.77 10.96
CA SER C 306 27.71 0.33 10.86
C SER C 306 28.96 -0.36 10.36
N ALA C 307 29.62 0.25 9.38
CA ALA C 307 30.85 -0.31 8.81
C ALA C 307 32.00 -0.32 9.82
N GLU C 308 32.08 0.74 10.63
CA GLU C 308 33.07 0.84 11.69
C GLU C 308 32.89 -0.31 12.69
N LEU C 309 31.64 -0.57 13.09
CA LEU C 309 31.34 -1.72 13.92
C LEU C 309 31.79 -3.03 13.27
N LEU C 310 31.43 -3.19 12.00
CA LEU C 310 31.72 -4.43 11.27
C LEU C 310 33.22 -4.67 11.06
N GLU C 311 33.98 -3.63 10.70
CA GLU C 311 35.45 -3.76 10.59
C GLU C 311 36.06 -4.28 11.89
N TRP C 312 35.61 -3.70 13.00
CA TRP C 312 36.09 -4.06 14.32
C TRP C 312 35.72 -5.48 14.67
N LEU C 313 34.52 -5.91 14.31
CA LEU C 313 34.07 -7.27 14.62
C LEU C 313 34.84 -8.33 13.84
N LEU C 314 35.28 -7.97 12.65
CA LEU C 314 35.89 -8.94 11.74
C LEU C 314 37.43 -8.88 11.72
N ARG C 315 38.01 -7.87 12.37
CA ARG C 315 39.47 -7.75 12.49
C ARG C 315 40.00 -8.90 13.33
N SER C 316 41.03 -9.60 12.85
CA SER C 316 41.61 -10.74 13.60
C SER C 316 40.68 -11.95 13.71
N SER C 317 39.61 -11.98 12.92
CA SER C 317 38.70 -13.11 12.91
C SER C 317 39.40 -14.37 12.37
N PRO C 318 39.28 -15.49 13.11
CA PRO C 318 39.82 -16.77 12.64
C PRO C 318 39.01 -17.35 11.48
N PHE C 319 37.74 -16.96 11.38
CA PHE C 319 36.92 -17.35 10.22
C PHE C 319 37.34 -16.61 8.95
N GLN C 320 37.60 -15.31 9.07
CA GLN C 320 38.15 -14.55 7.94
C GLN C 320 39.49 -15.11 7.47
N GLU C 321 40.26 -15.66 8.41
CA GLU C 321 41.48 -16.39 8.09
C GLU C 321 41.18 -17.61 7.19
N LEU C 322 40.18 -18.41 7.55
CA LEU C 322 39.71 -19.52 6.71
C LEU C 322 39.18 -19.06 5.36
N SER C 323 38.45 -17.94 5.37
CA SER C 323 37.93 -17.35 4.16
C SER C 323 39.04 -17.04 3.16
N ARG C 324 40.07 -16.33 3.63
CA ARG C 324 41.25 -16.04 2.83
C ARG C 324 41.90 -17.31 2.26
N GLU C 325 41.92 -18.38 3.05
CA GLU C 325 42.50 -19.65 2.60
C GLU C 325 41.64 -20.24 1.49
N TYR C 326 40.34 -20.13 1.65
CA TYR C 326 39.38 -20.66 0.70
C TYR C 326 39.55 -20.00 -0.67
N TYR C 327 39.67 -18.68 -0.71
CA TYR C 327 39.80 -17.98 -2.00
C TYR C 327 41.20 -18.10 -2.64
N SER C 328 42.20 -18.54 -1.89
CA SER C 328 43.53 -18.76 -2.47
C SER C 328 43.61 -20.09 -3.23
N ILE C 329 42.63 -20.98 -3.01
CA ILE C 329 42.57 -22.24 -3.72
C ILE C 329 41.59 -22.15 -4.89
N ASP C 330 42.08 -22.38 -6.11
CA ASP C 330 41.31 -22.13 -7.34
C ASP C 330 40.78 -20.69 -7.41
N LYS C 331 41.66 -19.72 -7.16
CA LYS C 331 41.27 -18.31 -7.03
C LYS C 331 40.42 -17.80 -8.18
N LEU C 332 40.79 -18.19 -9.40
CA LEU C 332 40.18 -17.63 -10.61
C LEU C 332 38.92 -18.39 -11.02
N LYS C 333 38.59 -19.44 -10.27
CA LYS C 333 37.31 -20.13 -10.43
C LYS C 333 36.28 -19.68 -9.38
N LYS C 334 36.66 -18.74 -8.52
CA LYS C 334 35.78 -18.29 -7.42
C LYS C 334 35.48 -16.78 -7.50
N PRO C 335 34.29 -16.38 -7.03
CA PRO C 335 33.88 -14.97 -7.15
C PRO C 335 34.88 -13.99 -6.55
N LYS C 336 35.12 -12.91 -7.27
CA LYS C 336 35.94 -11.81 -6.80
C LYS C 336 35.30 -11.03 -5.65
N GLN C 337 33.98 -10.88 -5.71
CA GLN C 337 33.21 -10.10 -4.72
C GLN C 337 32.08 -10.93 -4.15
N ASP C 338 31.59 -10.54 -2.97
CA ASP C 338 30.42 -11.14 -2.36
C ASP C 338 29.15 -10.59 -2.98
N ARG C 339 28.05 -11.31 -2.78
CA ARG C 339 26.72 -10.83 -3.17
C ARG C 339 26.28 -9.67 -2.25
N TYR C 340 25.20 -8.99 -2.60
CA TYR C 340 24.86 -7.72 -1.96
C TYR C 340 24.51 -7.81 -0.48
N ALA C 341 23.91 -8.91 -0.07
CA ALA C 341 23.35 -9.09 1.23
C ALA C 341 24.42 -8.93 2.32
N LEU C 342 25.66 -9.23 1.98
CA LEU C 342 26.77 -8.90 2.81
C LEU C 342 27.47 -7.60 2.41
N ARG C 343 27.98 -7.58 1.20
CA ARG C 343 28.82 -6.49 0.71
C ARG C 343 28.15 -5.10 0.78
N SER C 344 26.83 -5.08 0.61
CA SER C 344 26.05 -3.84 0.58
C SER C 344 25.33 -3.55 1.91
N SER C 345 25.60 -4.34 2.94
CA SER C 345 24.97 -4.16 4.25
C SER C 345 25.17 -2.77 4.90
N PRO C 346 26.41 -2.21 4.89
CA PRO C 346 26.51 -0.88 5.50
C PRO C 346 25.72 0.20 4.77
N GLN C 347 25.72 0.17 3.44
CA GLN C 347 24.88 1.11 2.65
C GLN C 347 23.38 0.90 2.93
N TRP C 348 22.97 -0.36 3.04
CA TRP C 348 21.58 -0.72 3.33
C TRP C 348 21.14 -0.27 4.71
N LEU C 349 22.00 -0.53 5.69
CA LEU C 349 21.73 -0.20 7.09
C LEU C 349 21.67 1.29 7.39
N ALA C 350 22.42 2.08 6.61
CA ALA C 350 22.57 3.53 6.85
C ALA C 350 21.25 4.28 7.14
N PRO C 351 20.30 4.27 6.18
CA PRO C 351 19.03 4.98 6.44
C PRO C 351 18.21 4.34 7.57
N LEU C 352 18.41 3.06 7.78
CA LEU C 352 17.67 2.30 8.78
C LEU C 352 18.13 2.73 10.17
N VAL C 353 19.45 2.79 10.36
CA VAL C 353 20.07 3.34 11.56
C VAL C 353 19.51 4.75 11.82
N GLN C 354 19.54 5.59 10.79
CA GLN C 354 19.20 6.99 10.97
C GLN C 354 17.73 7.19 11.34
N THR C 355 16.85 6.42 10.68
CA THR C 355 15.42 6.45 10.95
C THR C 355 15.11 6.01 12.40
N ILE C 356 15.66 4.88 12.82
CA ILE C 356 15.41 4.40 14.18
C ILE C 356 15.97 5.39 15.24
N ARG C 357 17.14 5.98 15.00
CA ARG C 357 17.72 6.94 15.94
C ARG C 357 16.92 8.24 16.03
N ASP C 358 16.54 8.82 14.88
CA ASP C 358 15.78 10.07 14.87
C ASP C 358 14.37 9.89 15.44
N ALA C 359 13.75 8.75 15.17
CA ALA C 359 12.43 8.44 15.71
C ALA C 359 12.46 8.31 17.24
N THR C 360 13.53 7.73 17.78
CA THR C 360 13.72 7.65 19.22
C THR C 360 13.66 9.03 19.90
N THR C 361 14.40 9.98 19.34
CA THR C 361 14.41 11.39 19.78
C THR C 361 13.02 11.97 19.74
N THR C 362 12.37 11.83 18.59
CA THR C 362 11.01 12.32 18.42
C THR C 362 10.04 11.71 19.43
N VAL C 363 10.12 10.40 19.62
CA VAL C 363 9.26 9.76 20.60
C VAL C 363 9.54 10.25 22.03
N GLU C 364 10.81 10.47 22.37
CA GLU C 364 11.15 10.93 23.72
C GLU C 364 10.71 12.36 23.94
N THR C 365 10.77 13.17 22.88
CA THR C 365 10.25 14.53 22.96
C THR C 365 8.75 14.53 23.33
N GLU C 366 8.00 13.62 22.71
CA GLU C 366 6.59 13.43 23.07
C GLU C 366 6.37 12.91 24.51
N VAL C 367 7.18 11.94 24.94
CA VAL C 367 7.08 11.43 26.33
C VAL C 367 7.17 12.62 27.30
N ASN C 368 8.18 13.46 27.05
CA ASN C 368 8.48 14.60 27.91
C ASN C 368 7.83 15.89 27.41
N SER C 369 6.51 15.84 27.24
CA SER C 369 5.75 17.01 26.80
C SER C 369 4.45 17.14 27.59
N ALA C 370 3.94 18.37 27.65
CA ALA C 370 2.60 18.59 28.14
C ALA C 370 1.65 18.45 26.94
N ASN C 371 1.24 17.21 26.69
CA ASN C 371 0.24 16.92 25.66
C ASN C 371 -1.13 16.97 26.31
N ASP C 372 -1.79 18.10 26.09
CA ASP C 372 -3.03 18.45 26.77
C ASP C 372 -3.52 19.73 26.13
N ASN C 373 -4.79 20.05 26.32
CA ASN C 373 -5.37 21.32 25.88
C ASN C 373 -6.65 21.62 26.66
N PRO C 374 -6.86 22.89 27.10
CA PRO C 374 -5.98 24.05 27.05
C PRO C 374 -4.68 23.91 27.83
N ILE C 375 -3.70 24.71 27.48
CA ILE C 375 -2.46 24.82 28.23
C ILE C 375 -2.64 26.03 29.13
N ILE C 376 -2.57 25.81 30.43
CA ILE C 376 -2.81 26.84 31.40
C ILE C 376 -1.52 27.62 31.66
N ASP C 377 -1.53 28.88 31.31
CA ASP C 377 -0.41 29.79 31.53
C ASP C 377 -0.72 30.60 32.78
N HIS C 378 -0.72 29.97 33.93
CA HIS C 378 -1.13 30.65 35.13
C HIS C 378 -0.30 31.86 35.51
N ALA C 379 0.99 31.81 35.28
CA ALA C 379 1.87 32.96 35.52
C ALA C 379 1.39 34.24 34.80
N ASN C 380 0.80 34.08 33.62
CA ASN C 380 0.29 35.21 32.84
C ASN C 380 -1.23 35.28 32.80
N ASP C 381 -1.85 34.53 33.71
CA ASP C 381 -3.29 34.58 33.92
C ASP C 381 -4.16 34.23 32.71
N ARG C 382 -3.69 33.33 31.84
CA ARG C 382 -4.50 32.91 30.69
C ARG C 382 -4.44 31.43 30.32
N ALA C 383 -5.52 30.97 29.70
CA ALA C 383 -5.62 29.60 29.21
C ALA C 383 -5.37 29.66 27.70
N LEU C 384 -4.41 28.88 27.23
CA LEU C 384 -4.01 28.92 25.83
C LEU C 384 -4.64 27.76 25.05
N HIS C 385 -5.19 28.08 23.88
CA HIS C 385 -5.98 27.15 23.09
C HIS C 385 -5.22 26.68 21.89
N GLY C 386 -4.83 25.43 21.90
CA GLY C 386 -4.00 24.80 20.92
C GLY C 386 -4.31 23.34 20.62
N ALA C 387 -3.34 22.57 20.17
CA ALA C 387 -3.57 21.19 19.77
C ALA C 387 -2.48 20.20 20.18
N ASN C 388 -2.05 20.28 21.43
CA ASN C 388 -0.97 19.44 21.92
C ASN C 388 -1.34 17.96 22.07
N PHE C 389 -2.62 17.66 21.97
CA PHE C 389 -3.12 16.28 21.95
C PHE C 389 -2.83 15.59 20.62
N GLN C 390 -2.44 16.36 19.60
CA GLN C 390 -2.24 15.83 18.24
C GLN C 390 -0.95 15.01 18.16
N GLY C 391 -1.07 13.69 17.96
CA GLY C 391 0.10 12.79 18.01
C GLY C 391 0.82 12.60 16.69
N SER C 392 0.77 13.62 15.84
CA SER C 392 1.31 13.51 14.47
C SER C 392 2.81 13.28 14.35
N ALA C 393 3.62 13.88 15.24
CA ALA C 393 5.06 13.61 15.22
C ALA C 393 5.28 12.11 15.44
N VAL C 394 4.52 11.51 16.36
CA VAL C 394 4.65 10.05 16.59
C VAL C 394 4.11 9.24 15.41
N GLY C 395 2.92 9.60 14.91
CA GLY C 395 2.30 8.87 13.79
C GLY C 395 3.21 8.75 12.57
N PHE C 396 3.69 9.89 12.09
CA PHE C 396 4.57 9.91 10.91
C PHE C 396 5.85 9.12 11.12
N TYR C 397 6.47 9.26 12.29
CA TYR C 397 7.69 8.50 12.57
C TYR C 397 7.42 7.01 12.73
N MET C 398 6.24 6.64 13.24
CA MET C 398 5.86 5.22 13.27
C MET C 398 5.76 4.61 11.87
N ASP C 399 5.19 5.35 10.93
CA ASP C 399 5.19 4.93 9.54
C ASP C 399 6.62 4.74 9.02
N TYR C 400 7.50 5.72 9.26
CA TYR C 400 8.88 5.64 8.77
C TYR C 400 9.60 4.44 9.37
N VAL C 401 9.47 4.23 10.69
CA VAL C 401 10.16 3.13 11.37
C VAL C 401 9.69 1.78 10.86
N ARG C 402 8.41 1.68 10.52
CA ARG C 402 7.88 0.43 10.00
C ARG C 402 8.49 0.06 8.65
N ILE C 403 8.73 1.07 7.82
CA ILE C 403 9.46 0.92 6.56
C ILE C 403 10.91 0.50 6.80
N ALA C 404 11.59 1.15 7.75
CA ALA C 404 12.96 0.76 8.12
C ALA C 404 13.03 -0.68 8.64
N VAL C 405 12.03 -1.06 9.44
CA VAL C 405 11.98 -2.43 10.01
C VAL C 405 11.79 -3.44 8.87
N ALA C 406 10.91 -3.12 7.93
CA ALA C 406 10.75 -3.94 6.73
C ALA C 406 12.10 -4.08 6.00
N GLY C 407 12.85 -2.98 5.96
CA GLY C 407 14.18 -2.98 5.36
C GLY C 407 15.15 -3.88 6.09
N LEU C 408 15.08 -3.91 7.42
CA LEU C 408 15.88 -4.84 8.22
C LEU C 408 15.48 -6.29 7.92
N GLY C 409 14.19 -6.55 7.79
CA GLY C 409 13.71 -7.89 7.46
C GLY C 409 14.22 -8.38 6.11
N LYS C 410 14.18 -7.50 5.11
CA LYS C 410 14.63 -7.84 3.76
C LYS C 410 16.11 -8.19 3.76
N LEU C 411 16.90 -7.46 4.54
CA LEU C 411 18.32 -7.77 4.68
C LEU C 411 18.49 -9.18 5.26
N LEU C 412 17.75 -9.46 6.33
CA LEU C 412 17.81 -10.78 6.96
C LEU C 412 17.41 -11.86 5.97
N PHE C 413 16.30 -11.64 5.26
CA PHE C 413 15.81 -12.59 4.28
C PHE C 413 16.83 -12.87 3.19
N ALA C 414 17.51 -11.83 2.71
CA ALA C 414 18.47 -12.01 1.63
C ALA C 414 19.68 -12.83 2.13
N GLN C 415 20.15 -12.51 3.34
CA GLN C 415 21.26 -13.23 3.95
C GLN C 415 20.89 -14.71 4.15
N PHE C 416 19.73 -14.96 4.72
CA PHE C 416 19.27 -16.33 5.00
C PHE C 416 19.16 -17.14 3.70
N THR C 417 18.69 -16.49 2.64
CA THR C 417 18.52 -17.14 1.34
C THR C 417 19.86 -17.60 0.74
N GLU C 418 20.88 -16.76 0.81
CA GLU C 418 22.23 -17.12 0.37
C GLU C 418 22.78 -18.31 1.14
N LEU C 419 22.56 -18.29 2.46
CA LEU C 419 23.06 -19.32 3.36
C LEU C 419 22.49 -20.73 3.08
N MET C 420 21.27 -20.79 2.54
CA MET C 420 20.61 -22.07 2.25
C MET C 420 20.96 -22.69 0.90
N ILE C 421 21.65 -21.96 0.04
CA ILE C 421 21.85 -22.39 -1.34
C ILE C 421 23.32 -22.72 -1.62
N GLU C 422 23.63 -23.97 -1.98
CA GLU C 422 25.03 -24.44 -2.16
C GLU C 422 25.82 -23.52 -3.07
N TYR C 423 25.16 -23.06 -4.15
CA TYR C 423 25.77 -22.22 -5.17
C TYR C 423 26.26 -20.89 -4.63
N TYR C 424 25.69 -20.44 -3.52
CA TYR C 424 26.04 -19.12 -2.99
C TYR C 424 26.69 -19.19 -1.61
N SER C 425 26.84 -20.40 -1.05
CA SER C 425 27.28 -20.51 0.34
C SER C 425 28.74 -20.93 0.52
N ASN C 426 29.47 -21.04 -0.60
CA ASN C 426 30.93 -21.27 -0.60
C ASN C 426 31.37 -22.50 0.18
N GLY C 427 30.72 -23.63 -0.10
CA GLY C 427 31.11 -24.90 0.51
C GLY C 427 30.06 -25.52 1.40
N LEU C 428 29.19 -24.70 1.99
CA LEU C 428 28.17 -25.22 2.91
C LEU C 428 27.12 -26.07 2.17
N PRO C 429 26.55 -27.08 2.83
CA PRO C 429 25.51 -27.88 2.17
C PRO C 429 24.21 -27.09 1.99
N GLY C 430 23.44 -27.43 0.95
CA GLY C 430 22.13 -26.85 0.72
C GLY C 430 21.25 -27.07 1.92
N ASN C 431 20.53 -26.02 2.32
CA ASN C 431 19.67 -26.04 3.51
C ASN C 431 20.40 -26.23 4.84
N LEU C 432 21.74 -26.07 4.81
CA LEU C 432 22.58 -26.40 5.96
C LEU C 432 22.27 -27.81 6.52
N SER C 433 22.01 -28.75 5.60
CA SER C 433 21.73 -30.14 5.97
C SER C 433 23.03 -30.84 6.34
N LEU C 434 23.10 -31.40 7.54
CA LEU C 434 24.29 -32.16 7.92
C LEU C 434 24.36 -33.50 7.19
N GLY C 435 23.21 -34.14 7.02
CA GLY C 435 23.18 -35.51 6.54
C GLY C 435 23.88 -36.44 7.52
N PRO C 436 24.84 -37.26 7.03
CA PRO C 436 25.33 -37.28 5.65
C PRO C 436 24.32 -37.74 4.60
N ASP C 437 23.30 -38.48 5.02
CA ASP C 437 22.25 -38.89 4.09
C ASP C 437 21.23 -37.77 3.85
N LEU C 438 21.41 -37.05 2.74
CA LEU C 438 20.58 -35.90 2.40
C LEU C 438 19.15 -36.24 1.99
N SER C 439 18.93 -37.49 1.56
CA SER C 439 17.60 -37.97 1.20
C SER C 439 16.62 -38.00 2.39
N VAL C 440 17.16 -38.03 3.61
CA VAL C 440 16.32 -37.99 4.80
C VAL C 440 16.75 -36.88 5.75
N ASP C 441 17.36 -35.83 5.20
CA ASP C 441 17.67 -34.64 5.97
C ASP C 441 17.57 -33.39 5.11
N TYR C 442 16.43 -32.70 5.20
CA TYR C 442 16.19 -31.44 4.46
C TYR C 442 16.59 -30.19 5.26
N GLY C 443 17.34 -30.40 6.34
CA GLY C 443 17.98 -29.32 7.08
C GLY C 443 17.06 -28.22 7.54
N LEU C 444 17.42 -26.99 7.22
CA LEU C 444 16.67 -25.83 7.66
C LEU C 444 15.68 -25.30 6.60
N LYS C 445 15.29 -26.18 5.66
CA LYS C 445 14.33 -25.87 4.60
C LYS C 445 12.99 -25.32 5.13
N GLY C 446 12.57 -25.81 6.29
CA GLY C 446 11.33 -25.34 6.92
C GLY C 446 11.49 -23.91 7.40
N LEU C 447 12.63 -23.62 8.04
CA LEU C 447 12.96 -22.23 8.43
C LEU C 447 13.11 -21.29 7.22
N ASP C 448 13.63 -21.82 6.12
CA ASP C 448 13.73 -21.07 4.87
C ASP C 448 12.36 -20.64 4.38
N ILE C 449 11.42 -21.58 4.30
CA ILE C 449 10.05 -21.27 3.85
C ILE C 449 9.44 -20.21 4.78
N ALA C 450 9.60 -20.43 6.08
CA ALA C 450 9.03 -19.52 7.07
C ALA C 450 9.59 -18.08 6.94
N MET C 451 10.88 -17.95 6.63
CA MET C 451 11.52 -16.64 6.43
C MET C 451 10.88 -15.83 5.27
N ALA C 452 10.56 -16.51 4.17
CA ALA C 452 9.78 -15.92 3.09
C ALA C 452 8.39 -15.45 3.55
N ALA C 453 7.72 -16.26 4.36
CA ALA C 453 6.39 -15.91 4.86
C ALA C 453 6.46 -14.70 5.80
N TYR C 454 7.52 -14.66 6.61
CA TYR C 454 7.78 -13.55 7.53
C TYR C 454 8.02 -12.25 6.76
N SER C 455 8.98 -12.26 5.85
CA SER C 455 9.34 -11.09 5.09
C SER C 455 8.14 -10.55 4.30
N SER C 456 7.40 -11.45 3.65
CA SER C 456 6.23 -11.08 2.87
C SER C 456 5.18 -10.27 3.69
N GLU C 457 4.81 -10.79 4.85
CA GLU C 457 3.82 -10.12 5.69
C GLU C 457 4.39 -8.83 6.23
N LEU C 458 5.68 -8.87 6.59
CA LEU C 458 6.37 -7.68 7.05
C LEU C 458 6.34 -6.55 6.00
N GLN C 459 6.60 -6.88 4.72
CA GLN C 459 6.55 -5.84 3.64
C GLN C 459 5.15 -5.25 3.46
N TYR C 460 4.14 -6.12 3.48
CA TYR C 460 2.74 -5.68 3.52
C TYR C 460 2.49 -4.70 4.68
N LEU C 461 2.96 -5.03 5.89
CA LEU C 461 2.64 -4.21 7.07
C LEU C 461 3.14 -2.79 6.95
N ALA C 462 4.22 -2.62 6.19
CA ALA C 462 4.98 -1.38 6.09
C ALA C 462 4.36 -0.28 5.23
N ASN C 463 3.25 -0.57 4.56
CA ASN C 463 2.42 0.53 4.03
C ASN C 463 2.03 1.52 5.14
N PRO C 464 1.89 2.81 4.79
CA PRO C 464 1.62 3.78 5.85
C PRO C 464 0.16 3.79 6.29
N VAL C 465 -0.04 4.19 7.54
CA VAL C 465 -1.36 4.40 8.14
C VAL C 465 -1.76 5.87 7.98
N THR C 466 -0.75 6.71 8.01
CA THR C 466 -0.90 8.15 8.07
C THR C 466 -1.57 8.77 6.82
N THR C 467 -1.51 8.02 5.71
CA THR C 467 -2.20 8.39 4.48
C THR C 467 -3.73 8.16 4.53
N HIS C 468 -4.26 7.63 5.65
CA HIS C 468 -5.68 7.27 5.73
C HIS C 468 -6.49 8.14 6.66
N VAL C 469 -6.14 9.44 6.70
CA VAL C 469 -6.83 10.39 7.55
C VAL C 469 -8.26 10.63 7.07
N HIS C 470 -9.22 10.29 7.92
CA HIS C 470 -10.62 10.61 7.66
C HIS C 470 -10.97 11.91 8.36
N SER C 471 -11.90 12.67 7.79
CA SER C 471 -12.43 13.85 8.49
C SER C 471 -13.41 13.42 9.59
N ALA C 472 -13.01 13.63 10.85
CA ALA C 472 -13.65 12.93 11.98
C ALA C 472 -14.36 13.85 12.97
N GLU C 473 -15.20 13.25 13.81
CA GLU C 473 -15.86 13.95 14.93
C GLU C 473 -16.62 15.22 14.48
N GLN C 474 -17.71 15.02 13.72
CA GLN C 474 -18.48 16.14 13.15
C GLN C 474 -17.60 17.11 12.35
N HIS C 475 -16.59 16.56 11.69
CA HIS C 475 -15.61 17.32 10.88
C HIS C 475 -14.78 18.31 11.64
N ASN C 476 -14.80 18.24 12.97
CA ASN C 476 -13.90 19.05 13.80
C ASN C 476 -12.45 18.56 13.68
N GLN C 477 -12.28 17.24 13.68
CA GLN C 477 -10.96 16.61 13.63
C GLN C 477 -10.59 16.26 12.19
N ASP C 478 -10.37 17.30 11.39
CA ASP C 478 -10.21 17.14 9.94
C ASP C 478 -8.78 16.78 9.50
N ILE C 479 -7.85 16.85 10.45
CA ILE C 479 -6.58 16.13 10.37
C ILE C 479 -6.40 15.41 11.72
N ASN C 480 -5.92 14.18 11.69
CA ASN C 480 -5.70 13.42 12.92
C ASN C 480 -4.64 12.37 12.64
N SER C 481 -3.85 12.04 13.66
CA SER C 481 -2.55 11.43 13.43
C SER C 481 -2.56 9.93 13.20
N LEU C 482 -3.56 9.25 13.76
CA LEU C 482 -3.65 7.79 13.71
C LEU C 482 -2.42 7.13 14.32
N ALA C 483 -1.79 7.81 15.28
CA ALA C 483 -0.48 7.42 15.78
C ALA C 483 -0.50 6.09 16.52
N LEU C 484 -1.56 5.83 17.27
CA LEU C 484 -1.69 4.56 17.98
C LEU C 484 -1.88 3.39 17.03
N ILE C 485 -2.74 3.56 16.01
CA ILE C 485 -2.87 2.55 14.96
C ILE C 485 -1.53 2.32 14.24
N SER C 486 -0.80 3.40 13.92
CA SER C 486 0.50 3.23 13.27
C SER C 486 1.50 2.49 14.18
N ALA C 487 1.61 2.95 15.44
CA ALA C 487 2.48 2.30 16.45
C ALA C 487 2.18 0.81 16.60
N ARG C 488 0.88 0.46 16.66
CA ARG C 488 0.44 -0.94 16.72
C ARG C 488 0.96 -1.76 15.54
N LYS C 489 0.91 -1.19 14.34
CA LYS C 489 1.41 -1.91 13.15
C LYS C 489 2.95 -2.04 13.12
N THR C 490 3.65 -1.03 13.62
CA THR C 490 5.12 -1.08 13.74
C THR C 490 5.49 -2.13 14.78
N GLU C 491 4.69 -2.22 15.83
CA GLU C 491 4.91 -3.24 16.86
C GLU C 491 4.75 -4.66 16.26
N GLU C 492 3.71 -4.85 15.45
CA GLU C 492 3.48 -6.15 14.81
C GLU C 492 4.64 -6.50 13.86
N ALA C 493 5.15 -5.48 13.16
CA ALA C 493 6.30 -5.64 12.30
C ALA C 493 7.54 -6.11 13.08
N LEU C 494 7.76 -5.53 14.26
CA LEU C 494 8.88 -5.90 15.14
C LEU C 494 8.74 -7.32 15.71
N ASP C 495 7.50 -7.78 15.96
CA ASP C 495 7.25 -9.18 16.32
C ASP C 495 7.76 -10.11 15.21
N ILE C 496 7.44 -9.78 13.96
CA ILE C 496 7.93 -10.56 12.82
C ILE C 496 9.44 -10.45 12.71
N LEU C 497 10.01 -9.26 12.86
CA LEU C 497 11.49 -9.10 12.86
C LEU C 497 12.19 -9.99 13.92
N LYS C 498 11.60 -10.08 15.11
CA LYS C 498 12.14 -10.99 16.15
C LYS C 498 12.18 -12.44 15.70
N LEU C 499 11.12 -12.88 15.01
CA LEU C 499 11.07 -14.22 14.44
C LEU C 499 12.20 -14.43 13.43
N MET C 500 12.43 -13.43 12.59
CA MET C 500 13.45 -13.52 11.55
C MET C 500 14.86 -13.54 12.14
N ILE C 501 15.08 -12.69 13.13
CA ILE C 501 16.37 -12.67 13.85
C ILE C 501 16.62 -14.01 14.53
N ALA C 502 15.61 -14.55 15.21
CA ALA C 502 15.70 -15.86 15.86
C ALA C 502 16.11 -16.96 14.88
N SER C 503 15.45 -17.00 13.72
CA SER C 503 15.76 -17.99 12.68
C SER C 503 17.16 -17.81 12.13
N HIS C 504 17.48 -16.58 11.73
CA HIS C 504 18.81 -16.23 11.23
C HIS C 504 19.92 -16.65 12.18
N LEU C 505 19.80 -16.28 13.45
CA LEU C 505 20.84 -16.62 14.42
C LEU C 505 20.95 -18.16 14.61
N THR C 506 19.81 -18.85 14.66
CA THR C 506 19.80 -20.32 14.69
C THR C 506 20.52 -20.91 13.47
N ALA C 507 20.22 -20.41 12.27
CA ALA C 507 20.90 -20.85 11.05
C ALA C 507 22.40 -20.58 11.08
N MET C 508 22.79 -19.42 11.59
CA MET C 508 24.21 -19.11 11.70
C MET C 508 24.97 -20.00 12.70
N CYS C 509 24.33 -20.38 13.80
CA CYS C 509 24.97 -21.32 14.73
C CYS C 509 25.16 -22.69 14.08
N GLN C 510 24.18 -23.10 13.27
CA GLN C 510 24.30 -24.30 12.47
C GLN C 510 25.55 -24.18 11.56
N ALA C 511 25.68 -23.02 10.92
CA ALA C 511 26.75 -22.80 9.95
C ALA C 511 28.12 -22.83 10.62
N VAL C 512 28.23 -22.25 11.82
CA VAL C 512 29.48 -22.33 12.60
C VAL C 512 29.87 -23.81 12.79
N ASP C 513 28.93 -24.62 13.26
CA ASP C 513 29.21 -26.05 13.45
C ASP C 513 29.61 -26.71 12.14
N LEU C 514 28.92 -26.37 11.06
CA LEU C 514 29.22 -26.98 9.75
C LEU C 514 30.59 -26.58 9.23
N ARG C 515 30.98 -25.32 9.45
CA ARG C 515 32.31 -24.84 9.07
C ARG C 515 33.43 -25.48 9.89
N GLN C 516 33.21 -25.70 11.18
CA GLN C 516 34.22 -26.33 12.05
C GLN C 516 34.36 -27.83 11.76
N LEU C 517 33.23 -28.50 11.51
CA LEU C 517 33.25 -29.87 11.03
C LEU C 517 33.90 -29.99 9.65
N GLU C 518 33.65 -29.01 8.78
CA GLU C 518 34.26 -29.01 7.45
C GLU C 518 35.78 -28.98 7.52
N GLU C 519 36.32 -28.05 8.31
CA GLU C 519 37.76 -27.97 8.52
C GLU C 519 38.34 -29.30 8.99
N ALA C 520 37.73 -29.88 10.03
CA ALA C 520 38.16 -31.15 10.60
C ALA C 520 38.11 -32.30 9.58
N LEU C 521 37.10 -32.29 8.69
CA LEU C 521 36.91 -33.38 7.74
C LEU C 521 37.89 -33.28 6.59
N VAL C 522 38.14 -32.05 6.13
CA VAL C 522 39.13 -31.81 5.08
C VAL C 522 40.50 -32.31 5.54
N LYS C 523 40.86 -32.04 6.80
CA LYS C 523 42.14 -32.51 7.36
C LYS C 523 42.23 -34.04 7.41
N VAL C 524 41.13 -34.70 7.79
CA VAL C 524 41.06 -36.16 7.79
C VAL C 524 41.25 -36.72 6.37
N VAL C 525 40.54 -36.16 5.39
CA VAL C 525 40.72 -36.55 3.99
C VAL C 525 42.19 -36.40 3.55
N GLU C 526 42.79 -35.24 3.86
CA GLU C 526 44.20 -34.99 3.56
C GLU C 526 45.13 -36.03 4.20
N ASN C 527 44.95 -36.28 5.50
CA ASN C 527 45.67 -37.33 6.23
C ASN C 527 45.60 -38.67 5.54
N VAL C 528 44.37 -39.16 5.34
CA VAL C 528 44.11 -40.47 4.71
C VAL C 528 44.72 -40.56 3.31
N VAL C 529 44.52 -39.52 2.49
CA VAL C 529 45.07 -39.49 1.14
C VAL C 529 46.60 -39.49 1.17
N SER C 530 47.19 -38.63 2.00
CA SER C 530 48.64 -38.56 2.19
C SER C 530 49.28 -39.88 2.63
N THR C 531 48.73 -40.49 3.68
CA THR C 531 49.29 -41.72 4.23
C THR C 531 49.09 -42.91 3.29
N LEU C 532 47.93 -42.98 2.60
CA LEU C 532 47.69 -44.05 1.63
C LEU C 532 48.52 -43.90 0.35
N ALA C 533 48.91 -42.67 0.05
CA ALA C 533 49.84 -42.40 -1.05
C ALA C 533 51.23 -42.92 -0.73
N ASP C 534 51.63 -42.77 0.54
CA ASP C 534 52.90 -43.30 1.03
C ASP C 534 52.87 -44.82 1.05
N GLU C 535 51.84 -45.38 1.68
CA GLU C 535 51.65 -46.83 1.78
C GLU C 535 51.67 -47.54 0.43
N CYS C 536 51.13 -46.90 -0.60
CA CYS C 536 51.00 -47.52 -1.90
C CYS C 536 52.19 -47.24 -2.81
N GLY C 537 53.17 -46.49 -2.30
CA GLY C 537 54.39 -46.19 -3.03
C GLY C 537 54.19 -45.30 -4.25
N LEU C 538 53.17 -44.43 -4.21
CA LEU C 538 52.91 -43.50 -5.30
C LEU C 538 54.00 -42.43 -5.33
N PRO C 539 54.50 -42.09 -6.53
CA PRO C 539 55.52 -41.04 -6.69
C PRO C 539 55.06 -39.66 -6.20
N ASN C 540 56.00 -38.73 -6.07
CA ASN C 540 55.69 -37.38 -5.57
C ASN C 540 54.69 -36.63 -6.43
N ASP C 541 54.83 -36.75 -7.75
CA ASP C 541 53.90 -36.13 -8.71
C ASP C 541 52.46 -36.56 -8.39
N THR C 542 52.22 -37.86 -8.30
CA THR C 542 50.90 -38.41 -7.97
C THR C 542 50.39 -37.85 -6.64
N LYS C 543 51.23 -37.91 -5.61
CA LYS C 543 50.90 -37.46 -4.25
C LYS C 543 50.52 -35.98 -4.21
N ALA C 544 51.26 -35.16 -4.93
CA ALA C 544 51.00 -33.72 -5.03
C ALA C 544 49.65 -33.43 -5.69
N ARG C 545 49.31 -34.18 -6.73
CA ARG C 545 48.02 -34.06 -7.42
C ARG C 545 46.87 -34.46 -6.51
N LEU C 546 46.98 -35.64 -5.91
CA LEU C 546 45.92 -36.19 -5.07
C LEU C 546 45.65 -35.33 -3.83
N LEU C 547 46.71 -34.79 -3.23
CA LEU C 547 46.56 -33.96 -2.04
C LEU C 547 45.91 -32.62 -2.37
N TYR C 548 46.14 -32.14 -3.58
CA TYR C 548 45.51 -30.93 -4.05
C TYR C 548 44.00 -31.11 -4.20
N VAL C 549 43.59 -32.25 -4.75
CA VAL C 549 42.18 -32.57 -4.92
C VAL C 549 41.51 -32.63 -3.54
N ALA C 550 42.23 -33.20 -2.57
CA ALA C 550 41.73 -33.38 -1.21
C ALA C 550 41.49 -32.04 -0.50
N LYS C 551 42.33 -31.06 -0.79
CA LYS C 551 42.17 -29.74 -0.19
C LYS C 551 41.12 -28.91 -0.94
N ALA C 552 41.00 -29.13 -2.25
CA ALA C 552 40.25 -28.24 -3.15
C ALA C 552 38.77 -28.52 -3.23
N VAL C 553 38.37 -29.79 -3.28
CA VAL C 553 36.97 -30.11 -3.50
C VAL C 553 36.19 -29.94 -2.18
N PRO C 554 35.03 -29.26 -2.25
CA PRO C 554 34.22 -29.04 -1.05
C PRO C 554 33.75 -30.35 -0.44
N VAL C 555 34.11 -30.57 0.82
CA VAL C 555 33.78 -31.83 1.51
C VAL C 555 32.28 -32.13 1.50
N TYR C 556 31.43 -31.10 1.56
CA TYR C 556 29.98 -31.36 1.61
C TYR C 556 29.38 -31.83 0.29
N THR C 557 30.13 -31.72 -0.81
CA THR C 557 29.68 -32.32 -2.08
C THR C 557 29.79 -33.85 -2.11
N TYR C 558 30.56 -34.46 -1.20
CA TYR C 558 30.73 -35.92 -1.21
C TYR C 558 30.60 -36.64 0.13
N LEU C 559 30.38 -35.87 1.19
CA LEU C 559 30.16 -36.45 2.53
C LEU C 559 29.15 -37.59 2.56
N GLU C 560 28.09 -37.48 1.79
CA GLU C 560 27.08 -38.50 1.70
C GLU C 560 27.60 -39.94 1.36
N SER C 561 28.58 -40.05 0.47
CA SER C 561 29.15 -41.30 0.02
C SER C 561 30.53 -40.98 -0.51
N PRO C 562 31.47 -40.89 0.39
CA PRO C 562 32.79 -40.36 0.06
C PRO C 562 33.53 -41.11 -1.03
N CYS C 563 33.29 -42.39 -1.14
CA CYS C 563 33.94 -43.21 -2.15
C CYS C 563 33.06 -43.54 -3.36
N ASP C 564 31.94 -42.85 -3.47
CA ASP C 564 31.08 -42.95 -4.65
C ASP C 564 31.87 -42.42 -5.85
N PRO C 565 32.11 -43.28 -6.88
CA PRO C 565 32.92 -42.83 -8.02
C PRO C 565 32.19 -41.76 -8.85
N THR C 566 30.92 -41.53 -8.53
CA THR C 566 30.06 -40.53 -9.16
C THR C 566 30.21 -39.14 -8.52
N LEU C 567 30.75 -39.09 -7.30
CA LEU C 567 30.81 -37.82 -6.57
C LEU C 567 32.17 -37.13 -6.71
N PRO C 568 32.22 -35.81 -6.40
CA PRO C 568 33.41 -35.01 -6.72
C PRO C 568 34.78 -35.45 -6.20
N LEU C 569 34.87 -36.12 -5.05
CA LEU C 569 36.20 -36.53 -4.55
C LEU C 569 36.85 -37.57 -5.47
N LEU C 570 36.15 -38.68 -5.72
CA LEU C 570 36.72 -39.70 -6.61
C LEU C 570 36.87 -39.24 -8.05
N LEU C 571 35.91 -38.45 -8.54
CA LEU C 571 36.03 -37.79 -9.84
C LEU C 571 37.34 -37.03 -9.97
N GLY C 572 37.63 -36.15 -9.00
CA GLY C 572 38.88 -35.39 -9.01
C GLY C 572 40.12 -36.28 -8.93
N LEU C 573 40.00 -37.34 -8.13
CA LEU C 573 41.10 -38.28 -7.93
C LEU C 573 41.39 -39.12 -9.17
N LYS C 574 40.33 -39.56 -9.85
CA LYS C 574 40.44 -40.31 -11.10
C LYS C 574 41.08 -39.45 -12.18
N GLN C 575 40.66 -38.18 -12.27
CA GLN C 575 41.27 -37.20 -13.18
C GLN C 575 42.78 -37.08 -12.97
N SER C 576 43.17 -36.86 -11.72
CA SER C 576 44.57 -36.75 -11.32
C SER C 576 45.37 -38.02 -11.64
N CYS C 577 44.72 -39.17 -11.47
CA CYS C 577 45.35 -40.46 -11.73
C CYS C 577 45.61 -40.68 -13.21
N PHE C 578 44.68 -40.26 -14.07
CA PHE C 578 44.94 -40.30 -15.48
C PHE C 578 46.08 -39.35 -15.86
N ASP C 579 46.07 -38.14 -15.29
CA ASP C 579 47.11 -37.15 -15.59
C ASP C 579 48.50 -37.60 -15.10
N THR C 580 48.55 -38.35 -14.01
CA THR C 580 49.82 -38.82 -13.47
C THR C 580 50.38 -39.90 -14.41
N ILE C 581 49.51 -40.81 -14.86
CA ILE C 581 49.91 -41.84 -15.82
C ILE C 581 50.51 -41.19 -17.08
N LEU C 582 49.79 -40.24 -17.68
CA LEU C 582 50.30 -39.53 -18.85
C LEU C 582 51.62 -38.81 -18.56
N ALA C 583 51.67 -38.05 -17.45
CA ALA C 583 52.88 -37.31 -17.10
C ALA C 583 54.12 -38.19 -16.84
N LEU C 584 53.91 -39.36 -16.24
CA LEU C 584 55.01 -40.28 -15.89
C LEU C 584 55.36 -41.28 -17.00
N HIS C 585 54.39 -41.54 -17.89
CA HIS C 585 54.57 -42.45 -19.04
C HIS C 585 55.86 -42.23 -19.76
N THR C 592 55.00 -48.61 -15.87
CA THR C 592 53.60 -48.28 -16.13
C THR C 592 52.64 -49.25 -15.45
N ASP C 593 52.78 -50.54 -15.73
CA ASP C 593 51.92 -51.57 -15.13
C ASP C 593 52.03 -51.63 -13.62
N THR C 594 53.19 -51.22 -13.11
CA THR C 594 53.44 -51.13 -11.68
C THR C 594 52.63 -49.96 -11.11
N LEU C 595 52.75 -48.80 -11.74
CA LEU C 595 52.04 -47.58 -11.34
C LEU C 595 50.53 -47.78 -11.31
N VAL C 596 49.98 -48.36 -12.38
CA VAL C 596 48.53 -48.66 -12.45
C VAL C 596 48.10 -49.58 -11.31
N ASP C 597 48.90 -50.60 -11.03
CA ASP C 597 48.66 -51.53 -9.91
C ASP C 597 48.54 -50.79 -8.59
N ARG C 598 49.50 -49.90 -8.34
CA ARG C 598 49.54 -49.08 -7.13
C ARG C 598 48.35 -48.12 -7.04
N LEU C 599 47.99 -47.47 -8.16
CA LEU C 599 46.84 -46.56 -8.18
C LEU C 599 45.52 -47.28 -7.96
N ALA C 600 45.41 -48.50 -8.49
CA ALA C 600 44.26 -49.35 -8.23
C ALA C 600 44.19 -49.76 -6.75
N GLU C 601 45.36 -49.99 -6.16
CA GLU C 601 45.46 -50.32 -4.73
C GLU C 601 45.10 -49.12 -3.85
N PHE C 602 45.66 -47.95 -4.16
CA PHE C 602 45.28 -46.68 -3.51
C PHE C 602 43.76 -46.51 -3.46
N GLU C 603 43.10 -46.85 -4.54
CA GLU C 603 41.64 -46.73 -4.66
C GLU C 603 40.89 -47.75 -3.81
N LYS C 604 41.38 -48.99 -3.77
CA LYS C 604 40.76 -50.05 -2.96
C LYS C 604 40.84 -49.70 -1.46
N ARG C 605 42.01 -49.24 -1.02
CA ARG C 605 42.23 -48.89 0.38
C ARG C 605 41.49 -47.62 0.81
N LEU C 606 41.40 -46.63 -0.10
CA LEU C 606 40.59 -45.43 0.16
C LEU C 606 39.15 -45.85 0.42
N SER C 607 38.65 -46.73 -0.45
CA SER C 607 37.31 -47.31 -0.32
C SER C 607 37.12 -48.05 1.00
N ASP C 608 38.19 -48.68 1.50
CA ASP C 608 38.14 -49.39 2.79
C ASP C 608 38.20 -48.48 4.01
N ARG C 609 39.04 -47.44 3.94
CA ARG C 609 39.37 -46.66 5.14
C ARG C 609 38.70 -45.27 5.27
N LEU C 610 38.52 -44.58 4.16
CA LEU C 610 38.14 -43.16 4.19
C LEU C 610 36.80 -42.86 4.87
N GLU C 611 35.75 -43.60 4.52
CA GLU C 611 34.44 -43.33 5.09
C GLU C 611 34.41 -43.52 6.61
N ASN C 612 35.00 -44.60 7.11
CA ASN C 612 35.09 -44.83 8.55
C ASN C 612 35.80 -43.69 9.26
N GLU C 613 36.88 -43.20 8.67
CA GLU C 613 37.63 -42.12 9.28
C GLU C 613 36.88 -40.78 9.30
N MET C 614 36.05 -40.55 8.28
CA MET C 614 35.22 -39.35 8.21
C MET C 614 34.04 -39.46 9.19
N THR C 615 33.45 -40.64 9.28
CA THR C 615 32.38 -40.92 10.25
C THR C 615 32.86 -40.77 11.70
N ALA C 616 34.06 -41.27 11.99
CA ALA C 616 34.63 -41.21 13.34
C ALA C 616 34.71 -39.76 13.86
N VAL C 617 35.24 -38.86 13.03
CA VAL C 617 35.41 -37.46 13.41
C VAL C 617 34.08 -36.66 13.45
N ARG C 618 33.13 -37.01 12.58
CA ARG C 618 31.80 -36.41 12.59
C ARG C 618 30.99 -36.88 13.82
N VAL C 619 31.09 -38.16 14.16
CA VAL C 619 30.41 -38.69 15.34
C VAL C 619 31.01 -38.10 16.62
N LEU C 620 32.32 -37.87 16.61
CA LEU C 620 32.99 -37.21 17.73
C LEU C 620 32.53 -35.75 17.85
N TYR C 621 32.54 -35.03 16.73
CA TYR C 621 32.05 -33.65 16.71
C TYR C 621 30.64 -33.57 17.29
N GLU C 622 29.77 -34.50 16.89
CA GLU C 622 28.38 -34.52 17.35
C GLU C 622 28.22 -34.75 18.87
N LYS C 623 29.14 -35.48 19.49
CA LYS C 623 29.04 -35.86 20.90
C LYS C 623 29.64 -34.84 21.87
N VAL C 636 39.43 -24.93 18.19
CA VAL C 636 38.14 -24.68 17.52
C VAL C 636 37.95 -23.16 17.29
N ARG C 637 37.57 -22.80 16.05
CA ARG C 637 37.64 -21.40 15.55
C ARG C 637 36.67 -20.37 16.15
N ILE C 638 35.49 -20.82 16.56
CA ILE C 638 34.57 -19.93 17.23
C ILE C 638 35.21 -19.34 18.49
N GLN C 639 36.08 -20.12 19.15
CA GLN C 639 36.74 -19.69 20.38
C GLN C 639 37.54 -18.39 20.24
N GLY C 640 38.08 -18.13 19.06
CA GLY C 640 38.76 -16.87 18.79
C GLY C 640 37.89 -15.84 18.07
N SER C 641 36.59 -16.12 17.94
CA SER C 641 35.68 -15.22 17.23
C SER C 641 34.95 -14.26 18.16
N LYS C 642 34.77 -13.02 17.73
CA LYS C 642 33.93 -12.09 18.50
C LYS C 642 32.47 -12.53 18.65
N PHE C 643 32.04 -13.54 17.89
CA PHE C 643 30.66 -14.05 18.01
C PHE C 643 30.53 -15.25 18.91
N LEU C 644 31.64 -15.64 19.53
CA LEU C 644 31.65 -16.70 20.55
C LEU C 644 30.51 -16.55 21.57
N PRO C 645 30.32 -15.33 22.16
CA PRO C 645 29.19 -15.19 23.12
C PRO C 645 27.83 -15.60 22.54
N PHE C 646 27.57 -15.27 21.27
CA PHE C 646 26.34 -15.72 20.60
C PHE C 646 26.23 -17.24 20.40
N TYR C 647 27.29 -17.83 19.87
CA TYR C 647 27.32 -19.27 19.70
C TYR C 647 27.22 -20.01 21.05
N ARG C 648 28.01 -19.58 22.03
CA ARG C 648 28.00 -20.21 23.34
C ARG C 648 26.63 -20.05 24.02
N PHE C 649 26.05 -18.85 23.93
CA PHE C 649 24.74 -18.61 24.50
C PHE C 649 23.70 -19.55 23.90
N VAL C 650 23.69 -19.68 22.57
CA VAL C 650 22.73 -20.53 21.87
C VAL C 650 22.98 -22.02 22.12
N ARG C 651 24.24 -22.47 22.00
CA ARG C 651 24.55 -23.89 22.19
C ARG C 651 24.51 -24.32 23.68
N GLU C 652 25.23 -23.59 24.53
CA GLU C 652 25.40 -24.02 25.92
C GLU C 652 24.29 -23.52 26.85
N GLU C 653 24.06 -22.21 26.89
CA GLU C 653 23.06 -21.69 27.80
C GLU C 653 21.63 -22.12 27.42
N LEU C 654 21.34 -22.11 26.13
CA LEU C 654 20.03 -22.54 25.66
C LEU C 654 19.94 -24.03 25.43
N ASP C 655 21.05 -24.73 25.44
CA ASP C 655 21.08 -26.20 25.28
C ASP C 655 20.55 -26.74 23.96
N THR C 656 21.26 -26.41 22.91
CA THR C 656 21.02 -26.91 21.58
C THR C 656 22.26 -27.58 21.02
N GLY C 657 22.13 -28.09 19.81
CA GLY C 657 23.22 -28.79 19.12
C GLY C 657 23.08 -28.66 17.61
N VAL C 658 24.10 -29.11 16.87
CA VAL C 658 24.03 -29.16 15.39
C VAL C 658 22.75 -29.89 15.02
N MET C 659 22.01 -29.34 14.06
CA MET C 659 20.74 -29.91 13.65
C MET C 659 20.97 -31.04 12.62
N SER C 660 20.28 -32.16 12.80
CA SER C 660 20.41 -33.35 11.96
C SER C 660 19.29 -34.34 12.26
N ALA C 661 19.23 -35.40 11.46
CA ALA C 661 18.26 -36.47 11.68
C ALA C 661 18.50 -37.26 12.96
N ARG C 662 19.66 -37.07 13.60
CA ARG C 662 19.99 -37.78 14.85
C ARG C 662 19.63 -37.00 16.12
N ARG C 663 19.49 -35.68 16.00
CA ARG C 663 19.06 -34.84 17.12
C ARG C 663 17.53 -34.76 17.10
N GLU C 664 16.90 -35.12 18.21
CA GLU C 664 15.46 -35.29 18.23
C GLU C 664 14.64 -34.00 18.42
N GLN C 665 15.27 -32.93 18.88
CA GLN C 665 14.61 -31.62 18.96
C GLN C 665 14.25 -31.09 17.55
N THR C 666 13.03 -30.60 17.37
CA THR C 666 12.58 -30.03 16.09
C THR C 666 13.18 -28.64 15.83
N PRO C 667 13.14 -28.16 14.57
CA PRO C 667 13.58 -26.77 14.34
C PRO C 667 12.78 -25.78 15.21
N GLN C 668 11.48 -26.00 15.33
CA GLN C 668 10.62 -25.20 16.23
C GLN C 668 11.25 -25.05 17.60
N GLU C 669 11.55 -26.18 18.25
CA GLU C 669 12.09 -26.21 19.61
C GLU C 669 13.39 -25.41 19.74
N ASP C 670 14.26 -25.52 18.72
CA ASP C 670 15.50 -24.76 18.74
C ASP C 670 15.26 -23.25 18.59
N VAL C 671 14.48 -22.86 17.58
CA VAL C 671 14.23 -21.44 17.29
C VAL C 671 13.40 -20.76 18.40
N GLN C 672 12.45 -21.50 18.97
CA GLN C 672 11.63 -21.01 20.10
C GLN C 672 12.48 -20.49 21.27
N LYS C 673 13.52 -21.23 21.62
CA LYS C 673 14.43 -20.85 22.69
C LYS C 673 15.16 -19.55 22.39
N VAL C 674 15.69 -19.45 21.18
CA VAL C 674 16.37 -18.26 20.71
C VAL C 674 15.38 -17.07 20.65
N PHE C 675 14.19 -17.31 20.11
CA PHE C 675 13.14 -16.29 20.06
C PHE C 675 12.78 -15.76 21.46
N ASP C 676 12.62 -16.67 22.42
CA ASP C 676 12.23 -16.29 23.78
C ASP C 676 13.27 -15.39 24.45
N ALA C 677 14.55 -15.69 24.19
CA ALA C 677 15.66 -14.88 24.71
C ALA C 677 15.79 -13.52 24.04
N ILE C 678 15.42 -13.43 22.77
CA ILE C 678 15.27 -12.13 22.10
C ILE C 678 14.06 -11.38 22.70
N ALA C 679 12.92 -12.07 22.81
CA ALA C 679 11.70 -11.45 23.32
C ALA C 679 11.84 -10.94 24.76
N ASP C 680 12.53 -11.69 25.62
CA ASP C 680 12.59 -11.30 27.03
C ASP C 680 13.89 -10.56 27.39
N GLY C 681 14.72 -10.25 26.38
CA GLY C 681 15.90 -9.40 26.57
C GLY C 681 17.17 -10.09 27.01
N ARG C 682 17.11 -11.40 27.26
CA ARG C 682 18.30 -12.17 27.61
C ARG C 682 19.36 -12.17 26.50
N ILE C 683 18.93 -11.95 25.27
CA ILE C 683 19.83 -11.85 24.12
C ILE C 683 20.80 -10.67 24.25
N THR C 684 20.52 -9.71 25.12
CA THR C 684 21.44 -8.57 25.27
C THR C 684 22.72 -8.90 26.03
N VAL C 685 22.72 -10.00 26.79
CA VAL C 685 23.94 -10.42 27.50
C VAL C 685 25.03 -10.85 26.51
N PRO C 686 24.76 -11.83 25.60
CA PRO C 686 25.82 -12.12 24.61
C PRO C 686 26.11 -10.95 23.68
N LEU C 687 25.10 -10.12 23.40
CA LEU C 687 25.32 -8.93 22.58
C LEU C 687 26.32 -7.96 23.23
N LEU C 688 26.11 -7.64 24.51
CA LEU C 688 27.04 -6.79 25.26
C LEU C 688 28.43 -7.44 25.45
N HIS C 689 28.49 -8.76 25.63
CA HIS C 689 29.82 -9.42 25.70
C HIS C 689 30.53 -9.33 24.38
N CYS C 690 29.79 -9.50 23.30
CA CYS C 690 30.36 -9.42 21.95
C CYS C 690 30.98 -8.04 21.66
N LEU C 691 30.31 -6.99 22.10
CA LEU C 691 30.72 -5.61 21.81
C LEU C 691 31.64 -4.95 22.83
N GLN C 692 32.03 -5.65 23.89
CA GLN C 692 32.88 -5.02 24.90
C GLN C 692 34.27 -4.74 24.36
N GLY C 693 34.77 -3.53 24.60
CA GLY C 693 36.00 -3.08 23.99
C GLY C 693 35.78 -2.07 22.87
N PHE C 694 34.64 -2.16 22.18
CA PHE C 694 34.36 -1.29 21.01
C PHE C 694 34.25 0.19 21.36
N LEU C 695 35.06 1.01 20.70
CA LEU C 695 35.11 2.48 20.91
C LEU C 695 35.15 2.97 22.37
N SER D 29 16.67 28.53 12.55
CA SER D 29 15.39 28.05 11.98
C SER D 29 15.53 27.44 10.57
N HIS D 30 14.76 26.39 10.30
CA HIS D 30 14.66 25.81 8.96
C HIS D 30 14.16 26.83 7.98
N VAL D 31 13.34 27.77 8.44
CA VAL D 31 12.86 28.88 7.60
C VAL D 31 14.04 29.63 6.96
N LYS D 32 15.08 29.87 7.74
CA LYS D 32 16.28 30.55 7.24
C LYS D 32 17.08 29.70 6.26
N ASP D 33 17.17 28.39 6.52
CA ASP D 33 17.85 27.47 5.60
C ASP D 33 17.16 27.42 4.23
N ILE D 34 15.83 27.43 4.23
CA ILE D 34 15.06 27.35 3.00
C ILE D 34 15.21 28.65 2.20
N LEU D 35 15.08 29.79 2.89
CA LEU D 35 15.36 31.09 2.26
C LEU D 35 16.77 31.10 1.66
N GLY D 36 17.71 30.48 2.35
CA GLY D 36 19.07 30.31 1.86
C GLY D 36 19.13 29.48 0.59
N LEU D 37 18.36 28.38 0.54
CA LEU D 37 18.28 27.55 -0.65
C LEU D 37 17.68 28.32 -1.82
N ILE D 38 16.60 29.04 -1.56
CA ILE D 38 15.96 29.85 -2.60
C ILE D 38 16.93 30.89 -3.18
N ASN D 39 17.62 31.63 -2.31
CA ASN D 39 18.61 32.63 -2.77
C ASN D 39 19.74 32.02 -3.62
N ALA D 40 20.27 30.88 -3.18
CA ALA D 40 21.30 30.18 -3.93
C ALA D 40 20.79 29.72 -5.30
N PHE D 41 19.58 29.19 -5.35
CA PHE D 41 18.97 28.76 -6.61
C PHE D 41 18.89 29.92 -7.60
N ASN D 42 18.44 31.06 -7.12
CA ASN D 42 18.27 32.27 -7.93
C ASN D 42 19.58 32.92 -8.37
N GLU D 43 20.58 32.85 -7.51
CA GLU D 43 21.80 33.65 -7.68
C GLU D 43 22.99 32.94 -8.32
N VAL D 44 23.08 31.63 -8.16
CA VAL D 44 24.21 30.87 -8.70
C VAL D 44 24.38 31.09 -10.21
N LYS D 45 25.63 31.26 -10.65
CA LYS D 45 25.95 31.43 -12.06
C LYS D 45 26.89 30.31 -12.51
N LYS D 46 27.75 29.86 -11.60
CA LYS D 46 28.74 28.83 -11.88
C LYS D 46 28.69 27.80 -10.79
N ILE D 47 28.53 26.53 -11.15
CA ILE D 47 28.66 25.46 -10.16
C ILE D 47 30.07 24.95 -10.21
N THR D 48 30.78 25.10 -9.10
CA THR D 48 32.17 24.68 -9.01
C THR D 48 32.22 23.21 -8.62
N VAL D 49 32.88 22.41 -9.48
CA VAL D 49 33.10 21.00 -9.17
C VAL D 49 34.61 20.69 -9.10
N ASP D 50 35.07 20.39 -7.88
CA ASP D 50 36.49 20.40 -7.54
C ASP D 50 36.89 19.34 -6.51
N GLY D 51 35.99 18.41 -6.19
CA GLY D 51 36.24 17.45 -5.15
C GLY D 51 36.18 17.88 -3.68
N THR D 52 35.87 19.13 -3.41
CA THR D 52 35.80 19.61 -2.05
C THR D 52 34.64 20.55 -1.76
N THR D 53 34.33 21.44 -2.66
CA THR D 53 33.22 22.34 -2.51
C THR D 53 31.89 21.58 -2.64
N PRO D 54 31.05 21.67 -1.61
CA PRO D 54 29.75 20.96 -1.64
C PRO D 54 28.83 21.43 -2.78
N ILE D 55 28.13 20.49 -3.39
CA ILE D 55 27.06 20.82 -4.32
C ILE D 55 25.74 20.62 -3.55
N THR D 56 24.91 21.66 -3.51
CA THR D 56 23.62 21.59 -2.80
C THR D 56 22.50 21.19 -3.76
N VAL D 57 21.32 20.91 -3.21
CA VAL D 57 20.16 20.62 -4.04
C VAL D 57 19.71 21.84 -4.86
N ALA D 58 19.94 23.04 -4.31
CA ALA D 58 19.71 24.28 -5.07
C ALA D 58 20.63 24.41 -6.27
N HIS D 59 21.88 24.00 -6.12
CA HIS D 59 22.83 23.97 -7.25
C HIS D 59 22.39 23.03 -8.33
N VAL D 60 22.01 21.81 -7.96
CA VAL D 60 21.50 20.83 -8.92
C VAL D 60 20.24 21.35 -9.62
N ALA D 61 19.27 21.81 -8.84
CA ALA D 61 18.04 22.37 -9.38
C ALA D 61 18.28 23.56 -10.33
N ALA D 62 19.24 24.43 -10.01
CA ALA D 62 19.55 25.56 -10.89
C ALA D 62 20.20 25.12 -12.21
N LEU D 63 21.13 24.17 -12.16
CA LEU D 63 21.68 23.61 -13.39
C LEU D 63 20.56 23.03 -14.26
N ALA D 64 19.65 22.30 -13.63
CA ALA D 64 18.56 21.62 -14.35
C ALA D 64 17.65 22.60 -15.07
N ARG D 65 17.35 23.71 -14.40
CA ARG D 65 16.25 24.59 -14.79
C ARG D 65 16.65 25.94 -15.38
N ARG D 66 17.86 26.40 -15.09
CA ARG D 66 18.37 27.67 -15.57
C ARG D 66 19.58 27.37 -16.46
N HIS D 67 19.41 27.47 -17.78
CA HIS D 67 20.48 27.09 -18.72
C HIS D 67 21.61 28.08 -18.80
N ASP D 68 21.39 29.29 -18.28
CA ASP D 68 22.47 30.24 -18.06
C ASP D 68 23.42 29.83 -16.92
N VAL D 69 23.10 28.73 -16.22
CA VAL D 69 23.97 28.21 -15.17
C VAL D 69 25.02 27.28 -15.78
N LYS D 70 26.29 27.55 -15.50
CA LYS D 70 27.37 26.78 -16.08
C LYS D 70 28.16 25.95 -15.06
N VAL D 71 28.81 24.90 -15.56
CA VAL D 71 29.63 24.04 -14.73
C VAL D 71 31.08 24.49 -14.87
N ALA D 72 31.77 24.56 -13.73
CA ALA D 72 33.18 24.88 -13.73
C ALA D 72 33.96 23.76 -13.07
N LEU D 73 34.52 22.88 -13.90
CA LEU D 73 35.38 21.81 -13.42
C LEU D 73 36.77 22.39 -13.17
N GLU D 74 37.23 22.31 -11.92
CA GLU D 74 38.48 22.97 -11.51
C GLU D 74 39.67 22.02 -11.51
N ALA D 75 40.52 22.16 -12.53
CA ALA D 75 41.76 21.39 -12.69
C ALA D 75 42.77 21.73 -11.60
N CYS D 78 41.87 19.04 -8.22
CA CYS D 78 41.52 17.61 -8.20
C CYS D 78 42.04 16.83 -9.43
N ARG D 79 42.49 17.55 -10.46
CA ARG D 79 43.08 16.94 -11.65
C ARG D 79 44.22 15.95 -11.34
N ALA D 80 45.07 16.30 -10.38
CA ALA D 80 46.24 15.47 -10.04
C ALA D 80 45.87 14.12 -9.44
N ARG D 81 44.96 14.11 -8.47
CA ARG D 81 44.46 12.85 -7.91
C ARG D 81 43.67 12.01 -8.94
N VAL D 82 42.96 12.68 -9.86
CA VAL D 82 42.25 11.97 -10.93
C VAL D 82 43.22 11.22 -11.86
N GLU D 83 44.24 11.92 -12.34
CA GLU D 83 45.23 11.33 -13.24
C GLU D 83 46.07 10.25 -12.57
N THR D 84 46.41 10.44 -11.30
CA THR D 84 47.09 9.44 -10.52
C THR D 84 46.26 8.16 -10.40
N CYS D 85 44.97 8.31 -10.10
CA CYS D 85 44.07 7.18 -9.91
C CYS D 85 43.87 6.46 -11.24
N SER D 86 43.72 7.25 -12.31
CA SER D 86 43.57 6.74 -13.67
C SER D 86 44.79 5.92 -14.10
N SER D 87 45.94 6.51 -13.83
CA SER D 87 47.23 5.90 -14.16
C SER D 87 47.36 4.59 -13.39
N TRP D 88 47.07 4.64 -12.10
CA TRP D 88 47.14 3.47 -11.24
C TRP D 88 46.37 2.30 -11.82
N VAL D 89 45.10 2.53 -12.20
CA VAL D 89 44.22 1.49 -12.73
C VAL D 89 44.75 0.88 -14.04
N GLN D 90 45.09 1.73 -15.02
CA GLN D 90 45.65 1.27 -16.30
C GLN D 90 46.88 0.36 -16.14
N ARG D 91 47.86 0.85 -15.38
CA ARG D 91 49.04 0.07 -15.00
C ARG D 91 48.70 -1.25 -14.33
N LYS D 92 47.90 -1.20 -13.27
CA LYS D 92 47.54 -2.42 -12.54
C LYS D 92 46.83 -3.44 -13.42
N ALA D 93 45.90 -2.95 -14.24
CA ALA D 93 45.15 -3.77 -15.20
C ALA D 93 46.08 -4.40 -16.24
N GLU D 94 46.96 -3.61 -16.84
CA GLU D 94 47.92 -4.13 -17.83
C GLU D 94 48.91 -5.15 -17.26
N ASP D 95 49.31 -4.95 -16.01
CA ASP D 95 50.13 -5.94 -15.32
C ASP D 95 49.32 -7.14 -14.82
N GLY D 96 48.02 -7.15 -15.10
CA GLY D 96 47.18 -8.30 -14.79
C GLY D 96 46.87 -8.50 -13.32
N ALA D 97 46.81 -7.40 -12.55
CA ALA D 97 46.31 -7.45 -11.19
C ALA D 97 44.85 -7.94 -11.21
N ASP D 98 44.42 -8.54 -10.12
CA ASP D 98 43.08 -9.11 -10.05
C ASP D 98 42.13 -8.12 -9.34
N ILE D 99 41.34 -7.38 -10.15
CA ILE D 99 40.48 -6.31 -9.66
C ILE D 99 39.08 -6.42 -10.25
N TYR D 100 38.04 -6.39 -9.40
CA TYR D 100 36.68 -6.58 -9.89
C TYR D 100 36.37 -5.57 -11.00
N GLY D 101 35.75 -6.05 -12.07
CA GLY D 101 35.23 -5.18 -13.11
C GLY D 101 36.27 -4.48 -13.95
N VAL D 102 37.53 -4.86 -13.76
CA VAL D 102 38.62 -4.34 -14.59
C VAL D 102 39.43 -5.47 -15.23
N THR D 103 39.62 -6.56 -14.48
CA THR D 103 40.12 -7.79 -15.07
C THR D 103 39.21 -8.98 -14.75
N THR D 104 38.00 -8.69 -14.28
CA THR D 104 36.98 -9.71 -14.01
C THR D 104 35.64 -9.33 -14.64
N GLY D 105 34.78 -10.34 -14.80
CA GLY D 105 33.39 -10.12 -15.21
C GLY D 105 32.58 -9.35 -14.18
N PHE D 106 31.35 -9.01 -14.54
CA PHE D 106 30.53 -8.10 -13.74
C PHE D 106 29.44 -8.84 -12.97
N GLY D 107 29.00 -8.24 -11.86
CA GLY D 107 27.88 -8.77 -11.07
C GLY D 107 28.09 -10.22 -10.67
N ALA D 108 27.06 -11.05 -10.91
CA ALA D 108 27.11 -12.48 -10.63
C ALA D 108 28.23 -13.22 -11.39
N CYS D 109 28.82 -12.59 -12.40
CA CYS D 109 29.87 -13.23 -13.20
C CYS D 109 31.29 -12.80 -12.82
N SER D 110 31.51 -12.37 -11.57
CA SER D 110 32.83 -11.84 -11.12
C SER D 110 33.98 -12.86 -11.01
N SER D 111 33.64 -14.16 -11.08
CA SER D 111 34.65 -15.22 -11.07
C SER D 111 35.41 -15.35 -12.41
N ARG D 112 34.87 -14.82 -13.50
CA ARG D 112 35.55 -14.87 -14.79
C ARG D 112 36.63 -13.80 -14.84
N ARG D 113 37.84 -14.18 -15.25
CA ARG D 113 38.95 -13.24 -15.43
C ARG D 113 39.23 -13.04 -16.92
N THR D 114 39.73 -11.86 -17.28
CA THR D 114 40.13 -11.57 -18.66
C THR D 114 41.21 -10.50 -18.71
N ASN D 115 42.07 -10.59 -19.71
CA ASN D 115 43.04 -9.54 -20.00
C ASN D 115 42.61 -8.62 -21.17
N ARG D 116 41.37 -8.80 -21.65
CA ARG D 116 40.82 -8.00 -22.75
C ARG D 116 40.16 -6.73 -22.18
N LEU D 117 41.02 -5.80 -21.77
CA LEU D 117 40.63 -4.68 -20.91
C LEU D 117 39.55 -3.76 -21.48
N SER D 118 39.73 -3.31 -22.73
CA SER D 118 38.78 -2.39 -23.36
C SER D 118 37.49 -3.07 -23.79
N GLU D 119 37.61 -4.22 -24.42
CA GLU D 119 36.47 -5.02 -24.85
C GLU D 119 35.57 -5.40 -23.66
N LEU D 120 36.17 -5.66 -22.49
CA LEU D 120 35.41 -5.92 -21.27
C LEU D 120 34.48 -4.73 -20.94
N GLN D 121 35.06 -3.53 -20.95
CA GLN D 121 34.33 -2.28 -20.70
C GLN D 121 33.26 -2.02 -21.76
N GLU D 122 33.60 -2.31 -23.03
CA GLU D 122 32.66 -2.15 -24.15
C GLU D 122 31.48 -3.13 -24.04
N SER D 123 31.77 -4.37 -23.68
CA SER D 123 30.72 -5.39 -23.50
C SER D 123 29.71 -5.02 -22.41
N LEU D 124 30.17 -4.34 -21.36
CA LEU D 124 29.27 -3.81 -20.31
C LEU D 124 28.26 -2.81 -20.87
N ILE D 125 28.74 -1.79 -21.57
CA ILE D 125 27.87 -0.77 -22.15
C ILE D 125 26.87 -1.41 -23.11
N ARG D 126 27.35 -2.28 -24.00
CA ARG D 126 26.49 -3.01 -24.94
C ARG D 126 25.35 -3.71 -24.21
N CYS D 127 25.71 -4.43 -23.15
CA CYS D 127 24.79 -5.18 -22.35
C CYS D 127 23.72 -4.31 -21.66
N LEU D 128 24.16 -3.13 -21.22
CA LEU D 128 23.29 -2.23 -20.47
C LEU D 128 22.45 -1.30 -21.36
N LEU D 129 22.66 -1.30 -22.66
CA LEU D 129 21.88 -0.48 -23.54
C LEU D 129 20.63 -1.28 -23.88
N ALA D 130 19.72 -1.24 -22.95
CA ALA D 130 18.65 -2.21 -22.84
C ALA D 130 17.31 -1.68 -22.31
N GLY D 131 17.21 -0.39 -22.17
CA GLY D 131 15.96 0.27 -21.98
C GLY D 131 15.12 0.32 -23.24
N VAL D 132 13.87 0.73 -23.08
CA VAL D 132 12.90 0.81 -24.17
C VAL D 132 12.18 2.15 -24.09
N PHE D 133 11.86 2.75 -25.23
CA PHE D 133 11.07 3.99 -25.23
C PHE D 133 9.62 3.62 -25.41
N THR D 134 8.81 3.86 -24.38
CA THR D 134 7.37 3.57 -24.43
C THR D 134 6.61 4.81 -24.89
N ASP D 142 7.76 8.75 -23.41
CA ASP D 142 8.31 8.51 -22.09
C ASP D 142 9.82 8.40 -22.15
N GLU D 143 10.48 9.11 -21.24
CA GLU D 143 11.93 9.14 -21.13
C GLU D 143 12.25 9.89 -19.87
N LEU D 144 13.44 9.70 -19.32
CA LEU D 144 13.88 10.58 -18.23
C LEU D 144 14.04 11.97 -18.87
N PRO D 145 13.48 13.03 -18.25
CA PRO D 145 13.64 14.32 -18.91
C PRO D 145 15.09 14.79 -19.04
N ALA D 146 15.32 15.76 -19.91
CA ALA D 146 16.63 16.38 -20.09
C ALA D 146 17.15 16.98 -18.79
N THR D 147 16.24 17.57 -18.01
CA THR D 147 16.61 18.16 -16.72
C THR D 147 17.27 17.12 -15.82
N ALA D 148 16.66 15.95 -15.70
CA ALA D 148 17.15 14.87 -14.87
C ALA D 148 18.45 14.28 -15.41
N THR D 149 18.56 14.22 -16.73
CA THR D 149 19.75 13.64 -17.39
C THR D 149 20.95 14.56 -17.23
N ARG D 150 20.73 15.87 -17.30
CA ARG D 150 21.84 16.82 -17.14
C ARG D 150 22.29 16.84 -15.68
N SER D 151 21.34 16.78 -14.76
CA SER D 151 21.65 16.65 -13.34
C SER D 151 22.43 15.37 -13.08
N ALA D 152 22.02 14.26 -13.70
CA ALA D 152 22.75 13.00 -13.56
C ALA D 152 24.21 13.12 -14.09
N MET D 153 24.39 13.80 -15.22
CA MET D 153 25.74 14.03 -15.78
C MET D 153 26.60 14.83 -14.79
N LEU D 154 26.01 15.88 -14.21
CA LEU D 154 26.65 16.67 -13.15
C LEU D 154 27.08 15.81 -11.95
N LEU D 155 26.16 14.99 -11.44
CA LEU D 155 26.43 14.12 -10.29
C LEU D 155 27.53 13.08 -10.57
N ARG D 156 27.55 12.54 -11.78
CA ARG D 156 28.58 11.56 -12.15
C ARG D 156 29.96 12.23 -12.20
N LEU D 157 30.00 13.39 -12.86
CA LEU D 157 31.20 14.21 -12.94
C LEU D 157 31.73 14.53 -11.53
N ASN D 158 30.85 14.97 -10.65
CA ASN D 158 31.21 15.26 -9.25
C ASN D 158 31.80 14.04 -8.51
N SER D 159 31.15 12.88 -8.68
CA SER D 159 31.65 11.63 -8.09
C SER D 159 33.08 11.36 -8.48
N PHE D 160 33.39 11.62 -9.76
CA PHE D 160 34.72 11.40 -10.31
C PHE D 160 35.81 12.29 -9.68
N THR D 161 35.43 13.46 -9.17
CA THR D 161 36.42 14.43 -8.67
C THR D 161 37.14 13.98 -7.41
N TYR D 162 36.52 13.04 -6.68
CA TYR D 162 37.14 12.51 -5.48
C TYR D 162 38.35 11.62 -5.77
N GLY D 163 38.55 11.26 -7.03
CA GLY D 163 39.74 10.53 -7.44
C GLY D 163 39.80 9.10 -6.97
N CYS D 164 38.62 8.47 -6.84
CA CYS D 164 38.51 7.05 -6.47
C CYS D 164 38.08 6.16 -7.65
N SER D 165 37.74 6.78 -8.77
CA SER D 165 37.07 6.06 -9.85
C SER D 165 37.99 5.46 -10.94
N GLY D 166 39.06 6.16 -11.27
CA GLY D 166 40.03 5.67 -12.25
C GLY D 166 39.68 6.08 -13.67
N ILE D 167 38.65 6.91 -13.80
CA ILE D 167 38.28 7.49 -15.07
C ILE D 167 39.32 8.56 -15.49
N ARG D 168 39.49 8.76 -16.81
CA ARG D 168 40.45 9.74 -17.29
C ARG D 168 39.92 11.16 -17.09
N TRP D 169 40.84 12.07 -16.78
CA TRP D 169 40.52 13.50 -16.73
C TRP D 169 39.80 13.98 -17.98
N GLU D 170 40.26 13.54 -19.15
CA GLU D 170 39.68 13.95 -20.43
C GLU D 170 38.19 13.60 -20.61
N VAL D 171 37.74 12.46 -20.09
CA VAL D 171 36.32 12.09 -20.08
C VAL D 171 35.52 13.10 -19.24
N MET D 172 36.06 13.48 -18.09
CA MET D 172 35.46 14.52 -17.24
C MET D 172 35.34 15.88 -17.95
N GLU D 173 36.35 16.28 -18.71
CA GLU D 173 36.26 17.52 -19.51
C GLU D 173 35.16 17.44 -20.56
N ALA D 174 35.03 16.28 -21.18
CA ALA D 174 33.95 16.04 -22.14
C ALA D 174 32.57 16.20 -21.49
N LEU D 175 32.40 15.63 -20.29
CA LEU D 175 31.15 15.79 -19.55
C LEU D 175 30.84 17.26 -19.21
N GLU D 176 31.88 17.99 -18.78
CA GLU D 176 31.74 19.42 -18.54
C GLU D 176 31.31 20.14 -19.80
N LYS D 177 31.97 19.83 -20.92
CA LYS D 177 31.64 20.47 -22.19
C LYS D 177 30.23 20.15 -22.66
N LEU D 178 29.83 18.89 -22.52
CA LEU D 178 28.47 18.46 -22.86
C LEU D 178 27.45 19.23 -22.03
N LEU D 179 27.67 19.29 -20.71
CA LEU D 179 26.82 20.08 -19.82
C LEU D 179 26.69 21.54 -20.24
N ASN D 180 27.83 22.21 -20.43
CA ASN D 180 27.86 23.63 -20.79
C ASN D 180 27.30 23.96 -22.17
N SER D 181 27.22 22.94 -23.02
CA SER D 181 26.72 23.08 -24.39
C SER D 181 25.32 22.50 -24.59
N ASN D 182 24.69 22.08 -23.51
CA ASN D 182 23.36 21.56 -23.58
C ASN D 182 23.13 20.29 -24.38
N VAL D 183 24.08 19.42 -24.34
CA VAL D 183 24.00 18.14 -25.04
C VAL D 183 23.71 17.02 -24.02
N SER D 184 22.65 16.27 -24.29
CA SER D 184 22.10 15.24 -23.41
C SER D 184 21.66 14.01 -24.19
N PRO D 185 21.98 12.80 -23.69
CA PRO D 185 21.40 11.62 -24.33
C PRO D 185 19.93 11.49 -23.97
N LYS D 186 19.14 10.96 -24.91
CA LYS D 186 17.75 10.61 -24.65
C LYS D 186 17.75 9.30 -23.87
N VAL D 187 17.06 9.26 -22.73
CA VAL D 187 17.19 8.11 -21.81
C VAL D 187 15.84 7.49 -21.45
N PRO D 188 15.71 6.16 -21.63
CA PRO D 188 14.51 5.42 -21.23
C PRO D 188 14.13 5.66 -19.77
N LEU D 189 12.82 5.75 -19.51
CA LEU D 189 12.35 6.07 -18.18
C LEU D 189 12.72 4.98 -17.15
N ARG D 190 12.57 3.73 -17.55
CA ARG D 190 12.62 2.60 -16.64
C ARG D 190 13.73 1.61 -16.94
N GLY D 191 14.04 0.76 -15.97
CA GLY D 191 15.09 -0.24 -16.11
C GLY D 191 16.00 -0.28 -14.89
N SER D 192 16.07 0.81 -14.13
CA SER D 192 16.98 0.87 -12.98
C SER D 192 16.34 0.42 -11.67
N VAL D 193 17.09 -0.37 -10.89
CA VAL D 193 16.77 -0.70 -9.50
C VAL D 193 17.69 0.09 -8.55
N SER D 194 18.52 0.96 -9.13
CA SER D 194 19.38 1.89 -8.35
C SER D 194 20.29 1.17 -7.35
N1 MDO D 195 20.88 0.14 -7.78
CA1 MDO D 195 22.05 -0.51 -7.14
C1 MDO D 195 23.19 -0.71 -8.18
CB MDO D 195 21.66 -1.83 -6.43
N2 MDO D 195 23.80 -1.89 -8.42
CA2 MDO D 195 24.71 -1.66 -9.35
C2 MDO D 195 24.68 -0.31 -9.69
O2 MDO D 195 25.44 0.36 -10.59
CB2 MDO D 195 25.64 -2.72 -9.92
N3 MDO D 195 23.73 0.24 -8.95
CA3 MDO D 195 23.38 1.67 -9.02
C3 MDO D 195 22.50 1.97 -10.24
O3 MDO D 195 21.80 0.81 -10.63
N ASP D 196 22.43 3.01 -10.95
CA ASP D 196 21.52 3.29 -12.08
C ASP D 196 22.15 2.84 -13.40
N LEU D 197 22.43 1.54 -13.52
CA LEU D 197 23.19 0.95 -14.64
C LEU D 197 22.69 1.27 -16.05
N ILE D 198 21.43 0.94 -16.33
CA ILE D 198 20.84 1.15 -17.64
C ILE D 198 20.76 2.64 -18.03
N PRO D 199 20.17 3.50 -17.19
CA PRO D 199 20.15 4.90 -17.66
C PRO D 199 21.54 5.54 -17.82
N LEU D 200 22.46 5.27 -16.91
CA LEU D 200 23.84 5.79 -17.04
C LEU D 200 24.58 5.26 -18.27
N ALA D 201 24.23 4.07 -18.72
CA ALA D 201 24.83 3.52 -19.93
C ALA D 201 24.55 4.38 -21.18
N TYR D 202 23.46 5.15 -21.16
CA TYR D 202 23.12 6.12 -22.21
C TYR D 202 24.06 7.33 -22.27
N ILE D 203 24.54 7.76 -21.11
CA ILE D 203 25.56 8.80 -21.01
C ILE D 203 26.91 8.25 -21.51
N ALA D 204 27.26 7.05 -21.04
CA ALA D 204 28.42 6.33 -21.55
C ALA D 204 28.33 6.10 -23.06
N GLY D 205 27.15 5.70 -23.52
CA GLY D 205 26.90 5.48 -24.95
C GLY D 205 27.12 6.72 -25.79
N LEU D 206 26.72 7.89 -25.25
CA LEU D 206 26.99 9.18 -25.91
C LEU D 206 28.51 9.42 -25.99
N LEU D 207 29.19 9.29 -24.87
CA LEU D 207 30.64 9.47 -24.81
C LEU D 207 31.46 8.58 -25.78
N ILE D 208 31.00 7.35 -26.02
CA ILE D 208 31.69 6.45 -26.98
C ILE D 208 31.10 6.48 -28.40
N GLY D 209 30.14 7.37 -28.62
CA GLY D 209 29.51 7.58 -29.91
C GLY D 209 28.77 6.37 -30.48
N LYS D 210 27.97 5.70 -29.65
CA LYS D 210 27.12 4.59 -30.11
C LYS D 210 26.09 5.15 -31.08
N PRO D 211 26.01 4.58 -32.29
CA PRO D 211 25.07 5.12 -33.30
C PRO D 211 23.61 5.11 -32.85
N SER D 212 23.22 4.10 -32.07
CA SER D 212 21.83 3.94 -31.63
C SER D 212 21.40 4.86 -30.46
N VAL D 213 22.37 5.52 -29.84
CA VAL D 213 22.08 6.50 -28.79
C VAL D 213 21.77 7.85 -29.43
N ILE D 214 20.61 8.39 -29.11
CA ILE D 214 20.17 9.67 -29.66
C ILE D 214 20.43 10.75 -28.61
N ALA D 215 20.98 11.88 -29.07
CA ALA D 215 21.28 13.01 -28.20
C ALA D 215 20.53 14.28 -28.58
N ARG D 216 20.07 15.00 -27.56
CA ARG D 216 19.54 16.35 -27.70
C ARG D 216 20.67 17.36 -27.76
N ILE D 217 20.56 18.34 -28.65
CA ILE D 217 21.39 19.54 -28.57
C ILE D 217 20.43 20.72 -28.42
N GLY D 218 20.38 21.30 -27.22
CA GLY D 218 19.38 22.31 -26.88
C GLY D 218 17.99 21.69 -26.85
N ASP D 219 16.97 22.49 -27.20
CA ASP D 219 15.56 22.09 -27.13
C ASP D 219 14.99 21.43 -28.39
N ASP D 220 15.59 21.70 -29.54
CA ASP D 220 15.01 21.29 -30.83
C ASP D 220 15.79 20.21 -31.60
N VAL D 221 17.13 20.29 -31.57
CA VAL D 221 17.97 19.36 -32.32
C VAL D 221 18.07 17.99 -31.64
N GLU D 222 17.83 16.93 -32.41
CA GLU D 222 18.09 15.56 -31.97
C GLU D 222 18.85 14.80 -33.04
N VAL D 223 20.03 14.32 -32.70
CA VAL D 223 20.90 13.63 -33.66
C VAL D 223 21.53 12.39 -33.01
N PRO D 224 22.00 11.43 -33.84
CA PRO D 224 22.72 10.31 -33.26
C PRO D 224 23.97 10.79 -32.51
N ALA D 225 24.35 10.03 -31.47
CA ALA D 225 25.49 10.38 -30.61
C ALA D 225 26.79 10.82 -31.34
N PRO D 226 27.24 10.09 -32.40
CA PRO D 226 28.49 10.57 -33.03
C PRO D 226 28.39 11.94 -33.71
N GLU D 227 27.23 12.26 -34.29
CA GLU D 227 27.05 13.59 -34.88
C GLU D 227 27.02 14.67 -33.80
N ALA D 228 26.45 14.33 -32.64
CA ALA D 228 26.38 15.26 -31.51
C ALA D 228 27.77 15.60 -30.99
N LEU D 229 28.57 14.57 -30.73
CA LEU D 229 29.96 14.77 -30.33
C LEU D 229 30.69 15.66 -31.33
N SER D 230 30.51 15.35 -32.62
CA SER D 230 31.17 16.09 -33.70
C SER D 230 30.80 17.58 -33.66
N ARG D 231 29.52 17.87 -33.46
CA ARG D 231 29.02 19.25 -33.41
C ARG D 231 29.54 20.11 -32.25
N VAL D 232 30.00 19.48 -31.18
CA VAL D 232 30.66 20.20 -30.08
C VAL D 232 32.17 19.92 -30.04
N GLY D 233 32.72 19.51 -31.18
CA GLY D 233 34.15 19.28 -31.33
C GLY D 233 34.76 18.17 -30.48
N LEU D 234 33.97 17.14 -30.17
CA LEU D 234 34.50 15.99 -29.42
C LEU D 234 34.62 14.79 -30.35
N ARG D 235 35.53 13.87 -30.06
CA ARG D 235 35.60 12.59 -30.77
C ARG D 235 35.19 11.46 -29.80
N PRO D 236 34.70 10.33 -30.33
CA PRO D 236 34.28 9.24 -29.43
C PRO D 236 35.42 8.70 -28.58
N PHE D 237 35.19 8.53 -27.29
CA PHE D 237 36.18 7.86 -26.44
C PHE D 237 36.23 6.37 -26.74
N LYS D 238 37.43 5.81 -26.59
CA LYS D 238 37.66 4.39 -26.61
C LYS D 238 37.91 4.04 -25.14
N LEU D 239 37.07 3.18 -24.57
CA LEU D 239 37.08 2.95 -23.12
C LEU D 239 38.36 2.26 -22.65
N GLN D 240 38.96 2.79 -21.58
CA GLN D 240 40.12 2.16 -20.97
C GLN D 240 39.65 1.34 -19.76
N ALA D 241 40.60 0.68 -19.09
CA ALA D 241 40.28 -0.20 -17.96
C ALA D 241 39.40 0.48 -16.91
N LYS D 242 38.31 -0.18 -16.52
CA LYS D 242 37.34 0.33 -15.52
C LYS D 242 36.42 1.48 -15.96
N GLU D 243 36.68 2.07 -17.12
CA GLU D 243 35.94 3.29 -17.51
C GLU D 243 34.45 3.08 -17.81
N GLY D 244 34.10 1.96 -18.44
CA GLY D 244 32.70 1.63 -18.67
C GLY D 244 31.97 1.51 -17.34
N LEU D 245 32.56 0.72 -16.44
CA LEU D 245 32.02 0.50 -15.11
C LEU D 245 31.96 1.79 -14.28
N ALA D 246 33.02 2.62 -14.33
CA ALA D 246 32.99 3.88 -13.58
C ALA D 246 31.83 4.78 -14.02
N LEU D 247 31.60 4.83 -15.33
CA LEU D 247 30.51 5.63 -15.90
C LEU D 247 29.13 5.16 -15.46
N VAL D 248 28.94 3.86 -15.30
CA VAL D 248 27.58 3.32 -15.04
C VAL D 248 27.27 2.96 -13.60
N ASN D 249 28.31 2.87 -12.77
CA ASN D 249 28.21 2.27 -11.43
C ASN D 249 27.89 3.29 -10.33
N GLY D 250 26.94 4.20 -10.59
CA GLY D 250 26.60 5.25 -9.64
C GLY D 250 25.11 5.35 -9.39
N THR D 251 24.74 6.32 -8.55
CA THR D 251 23.35 6.56 -8.16
C THR D 251 22.87 7.87 -8.76
N SER D 252 23.52 8.29 -9.84
CA SER D 252 23.35 9.62 -10.42
C SER D 252 21.93 10.02 -10.82
N PHE D 253 21.15 9.06 -11.31
CA PHE D 253 19.79 9.37 -11.76
C PHE D 253 18.80 9.46 -10.61
N ALA D 254 18.80 8.49 -9.72
CA ALA D 254 18.01 8.57 -8.50
C ALA D 254 18.31 9.87 -7.76
N THR D 255 19.59 10.17 -7.61
CA THR D 255 20.04 11.31 -6.80
C THR D 255 19.73 12.64 -7.51
N ALA D 256 19.85 12.65 -8.84
CA ALA D 256 19.40 13.79 -9.67
C ALA D 256 17.94 14.16 -9.42
N VAL D 257 17.06 13.18 -9.61
CA VAL D 257 15.63 13.38 -9.42
C VAL D 257 15.35 13.74 -7.95
N ALA D 258 16.00 13.02 -7.03
CA ALA D 258 15.88 13.31 -5.59
C ALA D 258 16.30 14.74 -5.24
N SER D 259 17.27 15.29 -5.99
CA SER D 259 17.77 16.64 -5.70
C SER D 259 16.74 17.71 -6.05
N THR D 260 16.12 17.59 -7.22
CA THR D 260 15.08 18.55 -7.59
C THR D 260 13.82 18.31 -6.76
N VAL D 261 13.55 17.03 -6.44
CA VAL D 261 12.50 16.68 -5.49
C VAL D 261 12.69 17.44 -4.17
N MET D 262 13.89 17.37 -3.60
CA MET D 262 14.16 18.01 -2.31
C MET D 262 14.17 19.55 -2.37
N TYR D 263 14.64 20.11 -3.47
CA TYR D 263 14.57 21.56 -3.64
C TYR D 263 13.12 22.00 -3.58
N ASP D 264 12.28 21.40 -4.43
CA ASP D 264 10.85 21.70 -4.48
C ASP D 264 10.21 21.45 -3.13
N ALA D 265 10.58 20.35 -2.48
CA ALA D 265 9.98 19.98 -1.18
C ALA D 265 10.20 21.06 -0.14
N ASN D 266 11.40 21.64 -0.12
CA ASN D 266 11.73 22.73 0.80
C ASN D 266 10.91 23.97 0.50
N VAL D 267 10.88 24.39 -0.76
CA VAL D 267 10.13 25.57 -1.18
C VAL D 267 8.64 25.42 -0.89
N LEU D 268 8.05 24.30 -1.33
CA LEU D 268 6.63 24.08 -1.15
C LEU D 268 6.23 23.92 0.32
N LEU D 269 7.11 23.31 1.12
CA LEU D 269 6.92 23.25 2.56
C LEU D 269 6.80 24.65 3.15
N LEU D 270 7.79 25.50 2.91
CA LEU D 270 7.76 26.85 3.47
C LEU D 270 6.52 27.57 2.99
N LEU D 271 6.18 27.35 1.72
CA LEU D 271 4.99 27.96 1.13
C LEU D 271 3.69 27.53 1.83
N VAL D 272 3.54 26.24 2.10
CA VAL D 272 2.38 25.73 2.85
C VAL D 272 2.35 26.28 4.27
N GLU D 273 3.48 26.26 4.97
CA GLU D 273 3.56 26.82 6.32
C GLU D 273 3.08 28.28 6.33
N THR D 274 3.65 29.08 5.44
CA THR D 274 3.29 30.49 5.34
C THR D 274 1.80 30.67 5.07
N LEU D 275 1.24 29.86 4.17
CA LEU D 275 -0.16 29.99 3.78
C LEU D 275 -1.14 29.60 4.87
N CYS D 276 -0.66 28.86 5.86
CA CYS D 276 -1.45 28.61 7.08
C CYS D 276 -1.82 29.93 7.76
N GLY D 277 -0.90 30.90 7.75
CA GLY D 277 -1.17 32.22 8.30
C GLY D 277 -2.25 32.94 7.51
N MET D 278 -2.15 32.86 6.19
CA MET D 278 -3.13 33.50 5.31
C MET D 278 -4.49 32.87 5.51
N PHE D 279 -4.49 31.54 5.71
CA PHE D 279 -5.71 30.81 6.04
C PHE D 279 -6.36 31.33 7.32
N CYS D 280 -5.58 31.48 8.38
CA CYS D 280 -6.08 32.07 9.64
C CYS D 280 -6.79 33.40 9.39
N GLU D 281 -6.13 34.27 8.62
CA GLU D 281 -6.67 35.61 8.33
C GLU D 281 -8.02 35.57 7.63
N VAL D 282 -8.19 34.72 6.61
CA VAL D 282 -9.45 34.71 5.88
C VAL D 282 -10.57 33.92 6.56
N ILE D 283 -10.22 32.96 7.42
CA ILE D 283 -11.20 32.05 8.04
C ILE D 283 -11.74 32.63 9.34
N PHE D 284 -11.15 33.72 9.82
CA PHE D 284 -11.43 34.28 11.15
C PHE D 284 -10.97 33.26 12.20
N GLY D 285 -9.68 32.93 12.11
CA GLY D 285 -9.04 32.06 13.09
C GLY D 285 -8.64 32.79 14.36
N ARG D 286 -8.28 32.01 15.37
CA ARG D 286 -7.74 32.55 16.62
C ARG D 286 -6.23 32.26 16.64
N GLU D 287 -5.43 33.30 16.51
CA GLU D 287 -3.97 33.16 16.33
C GLU D 287 -3.21 32.60 17.55
N GLU D 288 -3.90 32.52 18.69
CA GLU D 288 -3.37 31.95 19.93
C GLU D 288 -2.82 30.52 19.74
N PHE D 289 -3.31 29.81 18.74
CA PHE D 289 -2.82 28.45 18.45
C PHE D 289 -1.30 28.44 18.25
N ALA D 290 -0.73 29.57 17.85
CA ALA D 290 0.72 29.63 17.58
C ALA D 290 1.52 30.19 18.76
N HIS D 291 0.86 30.37 19.91
CA HIS D 291 1.51 30.93 21.11
C HIS D 291 2.73 30.11 21.49
N PRO D 292 3.89 30.79 21.70
CA PRO D 292 5.14 30.07 21.93
C PRO D 292 5.17 29.11 23.13
N LEU D 293 4.36 29.36 24.15
CA LEU D 293 4.36 28.48 25.35
C LEU D 293 3.79 27.08 25.05
N ILE D 294 2.76 27.05 24.21
CA ILE D 294 2.15 25.80 23.75
C ILE D 294 3.24 24.89 23.17
N HIS D 295 4.13 25.47 22.39
CA HIS D 295 5.13 24.69 21.66
C HIS D 295 6.40 24.46 22.42
N LYS D 296 6.79 25.42 23.26
CA LYS D 296 7.89 25.20 24.20
C LYS D 296 7.62 23.95 25.06
N VAL D 297 6.35 23.74 25.37
CA VAL D 297 5.91 22.65 26.23
C VAL D 297 5.74 21.29 25.49
N LYS D 298 5.82 21.31 24.16
CA LYS D 298 5.84 20.12 23.33
C LYS D 298 6.90 20.37 22.23
N PRO D 299 8.19 20.37 22.61
CA PRO D 299 9.21 21.04 21.77
C PRO D 299 9.78 20.23 20.58
N HIS D 300 8.92 19.69 19.71
CA HIS D 300 9.39 19.14 18.44
C HIS D 300 9.89 20.31 17.66
N PRO D 301 11.13 20.25 17.14
CA PRO D 301 11.73 21.42 16.50
C PRO D 301 10.86 22.02 15.40
N GLY D 302 10.24 21.16 14.58
CA GLY D 302 9.37 21.60 13.50
C GLY D 302 8.08 22.23 14.02
N GLN D 303 7.69 21.85 15.23
CA GLN D 303 6.52 22.44 15.86
C GLN D 303 6.88 23.85 16.36
N ILE D 304 7.98 23.96 17.11
CA ILE D 304 8.47 25.27 17.57
C ILE D 304 8.64 26.25 16.40
N GLU D 305 9.28 25.79 15.33
CA GLU D 305 9.65 26.67 14.23
C GLU D 305 8.48 27.08 13.32
N SER D 306 7.56 26.17 13.05
CA SER D 306 6.39 26.56 12.27
C SER D 306 5.46 27.49 13.07
N ALA D 307 5.32 27.24 14.37
CA ALA D 307 4.51 28.11 15.23
C ALA D 307 5.15 29.50 15.36
N GLU D 308 6.47 29.54 15.49
CA GLU D 308 7.21 30.80 15.57
C GLU D 308 6.97 31.65 14.32
N LEU D 309 7.01 31.00 13.15
CA LEU D 309 6.76 31.67 11.89
C LEU D 309 5.34 32.24 11.87
N LEU D 310 4.39 31.41 12.29
CA LEU D 310 2.98 31.76 12.25
C LEU D 310 2.61 32.89 13.23
N GLU D 311 3.16 32.87 14.44
CA GLU D 311 2.96 33.97 15.41
C GLU D 311 3.43 35.28 14.81
N TRP D 312 4.56 35.25 14.13
CA TRP D 312 5.16 36.44 13.54
C TRP D 312 4.30 36.95 12.41
N LEU D 313 3.80 36.04 11.58
CA LEU D 313 2.95 36.41 10.43
C LEU D 313 1.63 37.00 10.88
N LEU D 314 1.12 36.53 12.03
CA LEU D 314 -0.20 36.93 12.51
C LEU D 314 -0.21 38.07 13.55
N ARG D 315 0.95 38.42 14.10
CA ARG D 315 1.04 39.47 15.14
C ARG D 315 0.52 40.81 14.64
N SER D 316 -0.45 41.40 15.34
CA SER D 316 -1.05 42.68 14.94
C SER D 316 -1.65 42.67 13.52
N SER D 317 -2.07 41.50 13.04
CA SER D 317 -2.75 41.40 11.74
C SER D 317 -4.05 42.20 11.77
N PRO D 318 -4.34 42.93 10.68
CA PRO D 318 -5.65 43.62 10.61
C PRO D 318 -6.84 42.66 10.52
N PHE D 319 -6.63 41.49 9.91
CA PHE D 319 -7.70 40.49 9.79
C PHE D 319 -8.01 39.84 11.14
N GLN D 320 -6.97 39.61 11.93
CA GLN D 320 -7.14 39.08 13.28
C GLN D 320 -7.95 40.03 14.17
N GLU D 321 -7.82 41.33 13.89
CA GLU D 321 -8.66 42.34 14.52
C GLU D 321 -10.13 42.17 14.08
N LEU D 322 -10.38 41.92 12.80
CA LEU D 322 -11.73 41.59 12.33
C LEU D 322 -12.28 40.31 12.98
N SER D 323 -11.44 39.28 13.04
CA SER D 323 -11.78 38.05 13.73
C SER D 323 -12.16 38.30 15.21
N ARG D 324 -11.35 39.09 15.91
CA ARG D 324 -11.64 39.43 17.32
C ARG D 324 -13.01 40.09 17.47
N GLU D 325 -13.32 41.00 16.57
CA GLU D 325 -14.61 41.65 16.49
C GLU D 325 -15.75 40.64 16.28
N TYR D 326 -15.60 39.80 15.26
CA TYR D 326 -16.55 38.73 14.98
C TYR D 326 -16.93 37.85 16.17
N TYR D 327 -15.95 37.38 16.95
CA TYR D 327 -16.28 36.52 18.09
C TYR D 327 -16.85 37.29 19.27
N SER D 328 -16.76 38.61 19.25
CA SER D 328 -17.34 39.43 20.30
C SER D 328 -18.84 39.63 20.07
N ILE D 329 -19.29 39.45 18.83
CA ILE D 329 -20.71 39.57 18.50
C ILE D 329 -21.41 38.22 18.65
N ASP D 330 -22.33 38.13 19.61
CA ASP D 330 -22.96 36.88 20.04
C ASP D 330 -21.94 35.80 20.43
N LYS D 331 -20.99 36.18 21.28
CA LYS D 331 -19.85 35.34 21.70
C LYS D 331 -20.22 33.93 22.08
N LEU D 332 -21.22 33.81 22.96
CA LEU D 332 -21.62 32.53 23.55
C LEU D 332 -22.35 31.60 22.57
N LYS D 333 -22.50 32.05 21.33
CA LYS D 333 -23.15 31.24 20.31
C LYS D 333 -22.17 30.81 19.21
N LYS D 334 -20.91 31.21 19.35
CA LYS D 334 -19.88 30.86 18.38
C LYS D 334 -18.79 29.99 19.02
N PRO D 335 -18.07 29.18 18.21
CA PRO D 335 -17.04 28.26 18.72
C PRO D 335 -15.95 28.95 19.54
N LYS D 336 -15.59 28.35 20.68
CA LYS D 336 -14.48 28.82 21.51
C LYS D 336 -13.13 28.54 20.84
N GLN D 337 -13.08 27.48 20.04
CA GLN D 337 -11.84 27.10 19.34
C GLN D 337 -12.06 26.85 17.86
N ASP D 338 -10.98 27.04 17.09
CA ASP D 338 -10.93 26.66 15.69
C ASP D 338 -10.89 25.14 15.52
N ARG D 339 -11.20 24.69 14.31
CA ARG D 339 -11.06 23.30 13.92
C ARG D 339 -9.58 22.99 13.67
N TYR D 340 -9.26 21.70 13.57
CA TYR D 340 -7.87 21.25 13.55
C TYR D 340 -7.04 21.76 12.37
N ALA D 341 -7.66 21.98 11.22
CA ALA D 341 -6.90 22.30 10.00
C ALA D 341 -6.06 23.55 10.22
N LEU D 342 -6.56 24.46 11.06
CA LEU D 342 -5.78 25.59 11.52
C LEU D 342 -5.12 25.35 12.88
N ARG D 343 -5.92 25.07 13.91
CA ARG D 343 -5.42 25.06 15.29
C ARG D 343 -4.31 24.02 15.52
N SER D 344 -4.35 22.93 14.76
CA SER D 344 -3.44 21.81 14.88
C SER D 344 -2.33 21.86 13.82
N SER D 345 -2.25 22.96 13.07
CA SER D 345 -1.27 23.04 11.98
C SER D 345 0.22 22.92 12.41
N PRO D 346 0.65 23.58 13.53
CA PRO D 346 2.09 23.43 13.89
C PRO D 346 2.45 22.02 14.34
N GLN D 347 1.56 21.37 15.09
CA GLN D 347 1.73 19.97 15.47
C GLN D 347 1.79 19.05 14.23
N TRP D 348 0.95 19.33 13.24
CA TRP D 348 0.89 18.55 11.99
C TRP D 348 2.13 18.75 11.16
N LEU D 349 2.57 20.01 11.07
CA LEU D 349 3.73 20.37 10.24
C LEU D 349 5.07 19.85 10.77
N ALA D 350 5.17 19.71 12.10
CA ALA D 350 6.41 19.33 12.77
C ALA D 350 7.17 18.15 12.14
N PRO D 351 6.51 16.98 11.97
CA PRO D 351 7.27 15.86 11.40
C PRO D 351 7.56 16.08 9.92
N LEU D 352 6.66 16.80 9.26
CA LEU D 352 6.80 17.12 7.85
C LEU D 352 8.03 18.02 7.60
N VAL D 353 8.16 19.09 8.38
CA VAL D 353 9.35 19.95 8.35
C VAL D 353 10.62 19.11 8.59
N GLN D 354 10.60 18.31 9.65
CA GLN D 354 11.77 17.54 10.02
C GLN D 354 12.12 16.52 8.94
N THR D 355 11.10 15.85 8.39
CA THR D 355 11.34 14.86 7.34
C THR D 355 12.03 15.47 6.12
N ILE D 356 11.50 16.59 5.64
CA ILE D 356 12.02 17.25 4.46
C ILE D 356 13.41 17.85 4.69
N ARG D 357 13.66 18.41 5.87
CA ARG D 357 15.00 18.92 6.19
C ARG D 357 16.07 17.81 6.27
N ASP D 358 15.78 16.73 7.01
CA ASP D 358 16.72 15.62 7.15
C ASP D 358 16.99 14.86 5.84
N ALA D 359 15.97 14.72 5.01
CA ALA D 359 16.14 14.09 3.70
C ALA D 359 17.01 14.95 2.77
N THR D 360 16.92 16.28 2.93
CA THR D 360 17.78 17.20 2.15
C THR D 360 19.25 16.94 2.46
N THR D 361 19.59 16.88 3.75
CA THR D 361 20.91 16.51 4.20
C THR D 361 21.35 15.17 3.60
N THR D 362 20.45 14.18 3.65
CA THR D 362 20.76 12.83 3.16
C THR D 362 21.02 12.82 1.66
N VAL D 363 20.16 13.46 0.89
CA VAL D 363 20.35 13.56 -0.56
C VAL D 363 21.66 14.32 -0.90
N GLU D 364 21.94 15.43 -0.20
CA GLU D 364 23.17 16.16 -0.45
C GLU D 364 24.44 15.36 -0.11
N THR D 365 24.38 14.55 0.93
CA THR D 365 25.49 13.64 1.27
C THR D 365 25.76 12.69 0.08
N GLU D 366 24.69 12.25 -0.59
CA GLU D 366 24.81 11.39 -1.78
C GLU D 366 25.38 12.14 -2.99
N VAL D 367 24.92 13.36 -3.21
CA VAL D 367 25.42 14.21 -4.30
C VAL D 367 26.94 14.32 -4.16
N ASN D 368 27.38 14.51 -2.92
CA ASN D 368 28.77 14.74 -2.64
C ASN D 368 29.46 13.46 -2.16
N SER D 369 29.45 12.43 -3.00
CA SER D 369 29.99 11.14 -2.61
C SER D 369 30.63 10.46 -3.80
N ALA D 370 31.56 9.55 -3.53
CA ALA D 370 32.11 8.70 -4.60
C ALA D 370 31.24 7.45 -4.67
N ASN D 371 30.12 7.56 -5.38
CA ASN D 371 29.23 6.44 -5.60
C ASN D 371 29.74 5.68 -6.80
N ASP D 372 30.59 4.70 -6.53
CA ASP D 372 31.29 3.93 -7.53
C ASP D 372 31.80 2.67 -6.85
N ASN D 373 32.19 1.68 -7.65
CA ASN D 373 32.86 0.48 -7.17
C ASN D 373 33.63 -0.23 -8.29
N PRO D 374 34.85 -0.74 -8.01
CA PRO D 374 35.67 -0.59 -6.82
C PRO D 374 36.06 0.85 -6.50
N ILE D 375 36.34 1.12 -5.23
CA ILE D 375 36.90 2.39 -4.79
C ILE D 375 38.42 2.22 -4.81
N ILE D 376 39.12 3.06 -5.58
CA ILE D 376 40.56 2.89 -5.73
C ILE D 376 41.30 3.71 -4.67
N ASP D 377 41.98 3.01 -3.76
CA ASP D 377 42.84 3.64 -2.76
C ASP D 377 44.27 3.63 -3.29
N HIS D 378 44.55 4.47 -4.29
CA HIS D 378 45.84 4.46 -4.95
C HIS D 378 47.01 4.67 -4.01
N ALA D 379 46.82 5.50 -2.99
CA ALA D 379 47.87 5.77 -1.99
C ALA D 379 48.38 4.49 -1.32
N ASN D 380 47.48 3.56 -0.99
CA ASN D 380 47.85 2.26 -0.41
C ASN D 380 47.78 1.07 -1.36
N ASP D 381 47.75 1.35 -2.67
CA ASP D 381 47.69 0.32 -3.73
C ASP D 381 46.63 -0.76 -3.53
N ARG D 382 45.40 -0.33 -3.23
CA ARG D 382 44.30 -1.27 -3.09
C ARG D 382 43.07 -0.82 -3.87
N ALA D 383 42.45 -1.78 -4.53
CA ALA D 383 41.12 -1.60 -5.09
C ALA D 383 40.18 -2.11 -4.01
N LEU D 384 39.36 -1.23 -3.45
CA LEU D 384 38.46 -1.61 -2.37
C LEU D 384 37.09 -2.06 -2.86
N HIS D 385 36.68 -3.25 -2.45
CA HIS D 385 35.47 -3.89 -2.98
C HIS D 385 34.29 -3.69 -2.06
N GLY D 386 33.39 -2.81 -2.44
CA GLY D 386 32.24 -2.46 -1.65
C GLY D 386 30.99 -2.22 -2.46
N ALA D 387 30.12 -1.33 -2.02
CA ALA D 387 28.86 -1.15 -2.68
C ALA D 387 28.30 0.26 -2.65
N ASN D 388 29.12 1.23 -2.97
CA ASN D 388 28.74 2.62 -2.95
C ASN D 388 27.76 3.02 -4.04
N PHE D 389 27.52 2.09 -4.96
CA PHE D 389 26.45 2.21 -5.97
C PHE D 389 25.04 2.01 -5.37
N GLN D 390 24.96 1.59 -4.12
CA GLN D 390 23.67 1.21 -3.52
C GLN D 390 22.92 2.46 -3.09
N GLY D 391 21.79 2.74 -3.74
CA GLY D 391 21.11 4.03 -3.57
C GLY D 391 20.13 4.08 -2.41
N SER D 392 20.40 3.29 -1.36
CA SER D 392 19.45 3.03 -0.29
C SER D 392 19.15 4.20 0.62
N ALA D 393 20.16 5.03 0.90
CA ALA D 393 19.92 6.22 1.72
C ALA D 393 18.88 7.11 1.01
N VAL D 394 19.05 7.31 -0.28
CA VAL D 394 18.11 8.11 -1.09
C VAL D 394 16.72 7.44 -1.19
N GLY D 395 16.72 6.13 -1.45
CA GLY D 395 15.50 5.34 -1.61
C GLY D 395 14.54 5.42 -0.44
N PHE D 396 15.03 5.07 0.75
CA PHE D 396 14.20 5.11 1.93
C PHE D 396 13.74 6.52 2.21
N TYR D 397 14.63 7.50 2.05
CA TYR D 397 14.24 8.87 2.29
C TYR D 397 13.22 9.42 1.30
N MET D 398 13.23 8.92 0.07
CA MET D 398 12.20 9.28 -0.91
C MET D 398 10.83 8.75 -0.50
N ASP D 399 10.80 7.55 0.06
CA ASP D 399 9.58 6.98 0.61
C ASP D 399 9.05 7.85 1.76
N TYR D 400 9.95 8.28 2.66
CA TYR D 400 9.55 9.10 3.82
C TYR D 400 9.01 10.45 3.36
N VAL D 401 9.72 11.09 2.44
CA VAL D 401 9.32 12.40 1.91
C VAL D 401 7.96 12.33 1.19
N ARG D 402 7.71 11.24 0.47
CA ARG D 402 6.42 11.11 -0.21
C ARG D 402 5.27 11.05 0.81
N ILE D 403 5.48 10.33 1.91
CA ILE D 403 4.52 10.33 3.01
C ILE D 403 4.33 11.72 3.61
N ALA D 404 5.42 12.48 3.73
CA ALA D 404 5.32 13.84 4.29
C ALA D 404 4.57 14.76 3.34
N VAL D 405 4.81 14.59 2.03
CA VAL D 405 4.12 15.40 1.01
C VAL D 405 2.61 15.12 1.05
N ALA D 406 2.25 13.84 1.19
CA ALA D 406 0.86 13.44 1.38
C ALA D 406 0.25 14.11 2.62
N GLY D 407 1.04 14.22 3.69
CA GLY D 407 0.62 14.95 4.89
C GLY D 407 0.35 16.43 4.64
N LEU D 408 1.20 17.06 3.83
CA LEU D 408 1.01 18.46 3.47
C LEU D 408 -0.25 18.60 2.63
N GLY D 409 -0.43 17.68 1.67
CA GLY D 409 -1.65 17.70 0.86
C GLY D 409 -2.91 17.55 1.71
N LYS D 410 -2.86 16.70 2.73
CA LYS D 410 -4.02 16.48 3.60
C LYS D 410 -4.38 17.76 4.37
N LEU D 411 -3.37 18.48 4.84
CA LEU D 411 -3.56 19.72 5.55
C LEU D 411 -4.24 20.74 4.64
N LEU D 412 -3.74 20.87 3.41
CA LEU D 412 -4.33 21.79 2.44
C LEU D 412 -5.76 21.42 2.07
N PHE D 413 -6.01 20.12 1.92
CA PHE D 413 -7.36 19.63 1.63
C PHE D 413 -8.35 19.99 2.74
N ALA D 414 -7.95 19.75 3.98
CA ALA D 414 -8.81 20.01 5.15
C ALA D 414 -9.09 21.53 5.27
N GLN D 415 -8.08 22.34 5.05
CA GLN D 415 -8.24 23.79 5.08
C GLN D 415 -9.17 24.29 3.97
N PHE D 416 -8.99 23.75 2.76
CA PHE D 416 -9.82 24.14 1.62
C PHE D 416 -11.29 23.74 1.84
N THR D 417 -11.48 22.55 2.40
CA THR D 417 -12.81 22.03 2.72
C THR D 417 -13.57 22.98 3.68
N GLU D 418 -12.89 23.44 4.73
CA GLU D 418 -13.49 24.37 5.70
C GLU D 418 -13.90 25.68 5.02
N LEU D 419 -13.02 26.17 4.15
CA LEU D 419 -13.22 27.44 3.45
C LEU D 419 -14.43 27.42 2.51
N MET D 420 -14.80 26.23 2.03
CA MET D 420 -15.95 26.10 1.11
C MET D 420 -17.30 25.95 1.78
N ILE D 421 -17.31 25.64 3.07
CA ILE D 421 -18.55 25.28 3.78
C ILE D 421 -18.98 26.39 4.73
N GLU D 422 -20.17 26.97 4.52
CA GLU D 422 -20.64 28.12 5.32
C GLU D 422 -20.71 27.83 6.81
N TYR D 423 -21.03 26.59 7.14
CA TYR D 423 -21.09 26.19 8.54
C TYR D 423 -19.75 26.37 9.26
N TYR D 424 -18.64 26.34 8.52
CA TYR D 424 -17.30 26.42 9.13
C TYR D 424 -16.48 27.61 8.69
N SER D 425 -17.00 28.50 7.85
CA SER D 425 -16.18 29.61 7.35
C SER D 425 -16.42 30.95 8.03
N ASN D 426 -17.26 30.94 9.07
CA ASN D 426 -17.50 32.10 9.92
C ASN D 426 -17.95 33.35 9.15
N GLY D 427 -18.92 33.18 8.25
CA GLY D 427 -19.51 34.31 7.55
C GLY D 427 -19.33 34.28 6.04
N LEU D 428 -18.37 33.49 5.56
CA LEU D 428 -18.13 33.40 4.13
C LEU D 428 -19.23 32.59 3.43
N PRO D 429 -19.53 32.97 2.16
CA PRO D 429 -20.54 32.19 1.45
C PRO D 429 -20.02 30.81 1.07
N GLY D 430 -20.93 29.84 0.99
CA GLY D 430 -20.62 28.52 0.46
C GLY D 430 -19.88 28.62 -0.86
N ASN D 431 -18.83 27.82 -1.02
CA ASN D 431 -18.05 27.78 -2.26
C ASN D 431 -17.33 29.09 -2.58
N LEU D 432 -17.39 30.02 -1.64
CA LEU D 432 -16.87 31.37 -1.87
C LEU D 432 -17.53 31.98 -3.13
N SER D 433 -18.80 31.64 -3.34
CA SER D 433 -19.64 32.23 -4.39
C SER D 433 -19.96 33.69 -4.07
N LEU D 434 -19.58 34.59 -4.96
CA LEU D 434 -19.93 36.01 -4.81
C LEU D 434 -21.44 36.25 -5.02
N GLY D 435 -22.01 35.58 -6.02
CA GLY D 435 -23.40 35.84 -6.38
C GLY D 435 -23.52 37.23 -6.98
N PRO D 436 -24.49 38.03 -6.53
CA PRO D 436 -25.48 37.81 -5.47
C PRO D 436 -26.43 36.64 -5.74
N ASP D 437 -26.74 36.36 -7.01
CA ASP D 437 -27.61 35.24 -7.31
C ASP D 437 -26.81 33.94 -7.29
N LEU D 438 -26.91 33.22 -6.18
CA LEU D 438 -26.15 31.98 -5.97
C LEU D 438 -26.60 30.82 -6.86
N SER D 439 -27.81 30.93 -7.43
CA SER D 439 -28.36 29.86 -8.26
C SER D 439 -27.70 29.82 -9.64
N VAL D 440 -26.98 30.88 -10.00
CA VAL D 440 -26.16 30.90 -11.21
C VAL D 440 -24.68 31.20 -10.89
N ASP D 441 -24.28 30.88 -9.67
CA ASP D 441 -22.87 31.03 -9.30
C ASP D 441 -22.45 29.98 -8.26
N TYR D 442 -21.79 28.92 -8.73
CA TYR D 442 -21.37 27.82 -7.86
C TYR D 442 -19.93 27.99 -7.37
N GLY D 443 -19.41 29.19 -7.59
CA GLY D 443 -18.14 29.63 -7.04
C GLY D 443 -16.99 28.71 -7.38
N LEU D 444 -16.35 28.21 -6.32
CA LEU D 444 -15.13 27.42 -6.45
C LEU D 444 -15.38 25.92 -6.24
N LYS D 445 -16.65 25.51 -6.32
CA LYS D 445 -17.04 24.10 -6.20
C LYS D 445 -16.24 23.15 -7.12
N GLY D 446 -15.95 23.60 -8.33
CA GLY D 446 -15.11 22.84 -9.26
C GLY D 446 -13.71 22.59 -8.68
N LEU D 447 -13.10 23.65 -8.17
CA LEU D 447 -11.82 23.52 -7.47
C LEU D 447 -11.92 22.63 -6.22
N ASP D 448 -13.06 22.69 -5.53
CA ASP D 448 -13.29 21.87 -4.35
C ASP D 448 -13.26 20.38 -4.71
N ILE D 449 -13.97 20.01 -5.77
CA ILE D 449 -14.01 18.62 -6.25
C ILE D 449 -12.62 18.16 -6.65
N ALA D 450 -11.94 19.02 -7.41
CA ALA D 450 -10.57 18.75 -7.83
C ALA D 450 -9.62 18.53 -6.63
N MET D 451 -9.78 19.32 -5.56
CA MET D 451 -8.97 19.13 -4.33
C MET D 451 -9.08 17.73 -3.74
N ALA D 452 -10.30 17.17 -3.71
CA ALA D 452 -10.50 15.78 -3.30
C ALA D 452 -9.80 14.78 -4.22
N ALA D 453 -9.91 15.00 -5.53
CA ALA D 453 -9.23 14.15 -6.51
C ALA D 453 -7.69 14.19 -6.34
N TYR D 454 -7.17 15.39 -6.12
CA TYR D 454 -5.73 15.57 -5.93
C TYR D 454 -5.25 14.83 -4.70
N SER D 455 -5.91 15.05 -3.57
CA SER D 455 -5.51 14.46 -2.29
C SER D 455 -5.62 12.96 -2.35
N SER D 456 -6.69 12.48 -2.99
CA SER D 456 -6.93 11.04 -3.09
C SER D 456 -5.77 10.32 -3.78
N GLU D 457 -5.37 10.82 -4.94
CA GLU D 457 -4.32 10.19 -5.72
C GLU D 457 -2.98 10.36 -4.98
N LEU D 458 -2.75 11.53 -4.40
CA LEU D 458 -1.56 11.79 -3.58
C LEU D 458 -1.41 10.78 -2.43
N GLN D 459 -2.50 10.50 -1.73
CA GLN D 459 -2.46 9.52 -0.63
C GLN D 459 -2.04 8.13 -1.14
N TYR D 460 -2.63 7.70 -2.27
CA TYR D 460 -2.24 6.45 -2.94
C TYR D 460 -0.74 6.42 -3.32
N LEU D 461 -0.25 7.53 -3.88
CA LEU D 461 1.14 7.61 -4.31
C LEU D 461 2.12 7.36 -3.16
N ALA D 462 1.71 7.73 -1.93
CA ALA D 462 2.59 7.69 -0.75
C ALA D 462 2.87 6.32 -0.14
N ASN D 463 2.28 5.24 -0.68
CA ASN D 463 2.73 3.88 -0.30
C ASN D 463 4.22 3.71 -0.65
N PRO D 464 4.95 2.85 0.10
CA PRO D 464 6.39 2.78 -0.15
C PRO D 464 6.76 1.98 -1.40
N VAL D 465 7.86 2.36 -2.02
CA VAL D 465 8.48 1.58 -3.10
C VAL D 465 9.53 0.60 -2.50
N THR D 466 10.18 0.98 -1.41
CA THR D 466 11.31 0.18 -0.90
C THR D 466 10.89 -1.18 -0.33
N THR D 467 9.61 -1.34 -0.08
CA THR D 467 9.10 -2.62 0.40
C THR D 467 8.93 -3.65 -0.74
N HIS D 468 9.30 -3.29 -1.97
CA HIS D 468 9.11 -4.18 -3.12
C HIS D 468 10.41 -4.66 -3.72
N VAL D 469 11.43 -4.83 -2.88
CA VAL D 469 12.72 -5.34 -3.35
C VAL D 469 12.61 -6.77 -3.89
N HIS D 470 12.99 -6.95 -5.16
CA HIS D 470 13.08 -8.27 -5.77
C HIS D 470 14.52 -8.70 -5.73
N SER D 471 14.76 -10.00 -5.61
CA SER D 471 16.11 -10.54 -5.76
C SER D 471 16.46 -10.55 -7.25
N ALA D 472 17.35 -9.67 -7.64
CA ALA D 472 17.65 -9.34 -9.03
C ALA D 472 19.06 -9.76 -9.50
N GLU D 473 19.23 -9.80 -10.81
CA GLU D 473 20.50 -10.02 -11.48
C GLU D 473 21.21 -11.32 -11.06
N GLN D 474 20.62 -12.42 -11.48
CA GLN D 474 20.99 -13.76 -11.10
C GLN D 474 21.19 -13.87 -9.60
N HIS D 475 20.29 -13.25 -8.86
CA HIS D 475 20.33 -13.24 -7.39
C HIS D 475 21.56 -12.65 -6.78
N ASN D 476 22.31 -11.88 -7.58
CA ASN D 476 23.44 -11.12 -7.05
C ASN D 476 22.94 -9.89 -6.28
N GLN D 477 21.92 -9.23 -6.85
CA GLN D 477 21.38 -8.01 -6.28
C GLN D 477 20.17 -8.36 -5.42
N ASP D 478 20.42 -9.11 -4.34
CA ASP D 478 19.34 -9.62 -3.49
C ASP D 478 18.81 -8.58 -2.50
N ILE D 479 19.53 -7.47 -2.38
CA ILE D 479 18.93 -6.20 -1.91
C ILE D 479 19.26 -5.09 -2.89
N ASN D 480 18.29 -4.20 -3.14
CA ASN D 480 18.48 -3.08 -4.06
C ASN D 480 17.51 -1.96 -3.70
N SER D 481 17.92 -0.73 -3.97
CA SER D 481 17.30 0.42 -3.33
C SER D 481 16.00 0.90 -3.97
N LEU D 482 15.89 0.71 -5.28
CA LEU D 482 14.72 1.19 -6.03
C LEU D 482 14.57 2.71 -5.91
N ALA D 483 15.68 3.40 -5.67
CA ALA D 483 15.68 4.83 -5.30
C ALA D 483 15.17 5.73 -6.42
N LEU D 484 15.50 5.39 -7.67
CA LEU D 484 15.03 6.16 -8.83
C LEU D 484 13.53 6.06 -9.00
N ILE D 485 13.00 4.83 -8.95
CA ILE D 485 11.55 4.63 -8.94
C ILE D 485 10.88 5.42 -7.82
N SER D 486 11.40 5.29 -6.59
CA SER D 486 10.82 6.01 -5.46
C SER D 486 10.88 7.53 -5.65
N ALA D 487 12.02 8.03 -6.16
CA ALA D 487 12.19 9.46 -6.41
C ALA D 487 11.17 9.97 -7.45
N ARG D 488 10.96 9.18 -8.51
CA ARG D 488 9.93 9.49 -9.53
C ARG D 488 8.53 9.63 -8.92
N LYS D 489 8.16 8.72 -8.01
CA LYS D 489 6.85 8.78 -7.36
C LYS D 489 6.73 10.01 -6.43
N THR D 490 7.81 10.38 -5.75
CA THR D 490 7.79 11.56 -4.88
C THR D 490 7.65 12.82 -5.73
N GLU D 491 8.32 12.80 -6.89
CA GLU D 491 8.22 13.87 -7.86
C GLU D 491 6.77 14.02 -8.33
N GLU D 492 6.13 12.89 -8.66
CA GLU D 492 4.74 12.89 -9.08
C GLU D 492 3.86 13.45 -7.95
N ALA D 493 4.12 13.03 -6.72
CA ALA D 493 3.37 13.52 -5.57
C ALA D 493 3.51 15.06 -5.40
N LEU D 494 4.68 15.60 -5.74
CA LEU D 494 4.94 17.05 -5.65
C LEU D 494 4.24 17.85 -6.75
N ASP D 495 4.05 17.23 -7.90
CA ASP D 495 3.26 17.83 -9.00
C ASP D 495 1.85 18.10 -8.51
N ILE D 496 1.28 17.10 -7.84
CA ILE D 496 -0.06 17.23 -7.29
C ILE D 496 -0.10 18.28 -6.17
N LEU D 497 0.88 18.27 -5.27
CA LEU D 497 0.96 19.29 -4.23
C LEU D 497 0.98 20.72 -4.81
N LYS D 498 1.76 20.92 -5.88
CA LYS D 498 1.77 22.20 -6.60
C LYS D 498 0.37 22.59 -7.05
N LEU D 499 -0.37 21.64 -7.62
CA LEU D 499 -1.75 21.81 -8.01
C LEU D 499 -2.61 22.22 -6.81
N MET D 500 -2.38 21.57 -5.68
CA MET D 500 -3.16 21.85 -4.46
C MET D 500 -2.84 23.23 -3.85
N ILE D 501 -1.56 23.60 -3.82
CA ILE D 501 -1.16 24.92 -3.34
C ILE D 501 -1.73 26.03 -4.23
N ALA D 502 -1.66 25.83 -5.55
CA ALA D 502 -2.20 26.79 -6.52
C ALA D 502 -3.69 27.05 -6.32
N SER D 503 -4.47 25.98 -6.12
CA SER D 503 -5.90 26.11 -5.87
C SER D 503 -6.22 26.83 -4.56
N HIS D 504 -5.57 26.39 -3.49
CA HIS D 504 -5.68 26.98 -2.16
C HIS D 504 -5.36 28.47 -2.14
N LEU D 505 -4.27 28.87 -2.78
CA LEU D 505 -3.91 30.28 -2.81
C LEU D 505 -4.92 31.10 -3.60
N THR D 506 -5.42 30.52 -4.69
CA THR D 506 -6.45 31.17 -5.51
C THR D 506 -7.70 31.41 -4.65
N ALA D 507 -8.12 30.36 -3.93
CA ALA D 507 -9.30 30.43 -3.06
C ALA D 507 -9.14 31.45 -1.93
N MET D 508 -7.94 31.54 -1.38
CA MET D 508 -7.70 32.48 -0.29
C MET D 508 -7.69 33.94 -0.76
N CYS D 509 -7.20 34.18 -1.99
CA CYS D 509 -7.33 35.50 -2.59
C CYS D 509 -8.82 35.84 -2.79
N GLN D 510 -9.60 34.87 -3.29
CA GLN D 510 -11.05 35.05 -3.39
C GLN D 510 -11.61 35.42 -2.03
N ALA D 511 -11.17 34.71 -0.99
CA ALA D 511 -11.61 34.95 0.38
C ALA D 511 -11.22 36.33 0.91
N VAL D 512 -10.03 36.82 0.51
CA VAL D 512 -9.61 38.18 0.88
C VAL D 512 -10.62 39.19 0.33
N ASP D 513 -10.94 39.07 -0.94
CA ASP D 513 -11.88 39.99 -1.57
C ASP D 513 -13.25 39.95 -0.89
N LEU D 514 -13.71 38.75 -0.59
CA LEU D 514 -15.01 38.54 0.04
C LEU D 514 -15.04 39.07 1.48
N ARG D 515 -13.92 38.98 2.19
CA ARG D 515 -13.84 39.58 3.54
C ARG D 515 -13.86 41.12 3.52
N GLN D 516 -13.19 41.70 2.53
CA GLN D 516 -13.13 43.16 2.44
C GLN D 516 -14.47 43.67 1.96
N LEU D 517 -15.10 42.92 1.05
CA LEU D 517 -16.42 43.31 0.57
C LEU D 517 -17.43 43.21 1.70
N GLU D 518 -17.34 42.14 2.49
CA GLU D 518 -18.18 41.96 3.67
C GLU D 518 -18.11 43.17 4.60
N GLU D 519 -16.90 43.59 4.94
CA GLU D 519 -16.68 44.75 5.80
C GLU D 519 -17.36 46.02 5.25
N ALA D 520 -17.22 46.26 3.94
CA ALA D 520 -17.85 47.40 3.28
C ALA D 520 -19.38 47.27 3.27
N LEU D 521 -19.87 46.05 3.06
CA LEU D 521 -21.31 45.79 3.03
C LEU D 521 -22.01 45.99 4.39
N VAL D 522 -21.42 45.47 5.47
CA VAL D 522 -21.98 45.64 6.83
C VAL D 522 -22.13 47.11 7.22
N LYS D 523 -21.10 47.91 6.95
CA LYS D 523 -21.13 49.37 7.15
C LYS D 523 -22.26 50.05 6.37
N VAL D 524 -22.41 49.66 5.10
CA VAL D 524 -23.51 50.15 4.26
C VAL D 524 -24.88 49.83 4.88
N VAL D 525 -25.08 48.59 5.32
CA VAL D 525 -26.35 48.21 5.95
C VAL D 525 -26.57 49.00 7.25
N GLU D 526 -25.52 49.12 8.06
CA GLU D 526 -25.57 49.87 9.32
C GLU D 526 -25.96 51.34 9.08
N ASN D 527 -25.38 51.94 8.05
CA ASN D 527 -25.69 53.32 7.68
C ASN D 527 -27.15 53.45 7.22
N VAL D 528 -27.57 52.57 6.31
CA VAL D 528 -28.94 52.59 5.81
C VAL D 528 -29.95 52.39 6.94
N VAL D 529 -29.70 51.42 7.81
CA VAL D 529 -30.55 51.15 8.97
C VAL D 529 -30.61 52.38 9.92
N SER D 530 -29.45 52.91 10.30
CA SER D 530 -29.36 54.10 11.14
C SER D 530 -30.11 55.31 10.57
N THR D 531 -29.76 55.70 9.35
CA THR D 531 -30.38 56.85 8.70
C THR D 531 -31.89 56.69 8.51
N LEU D 532 -32.34 55.47 8.22
CA LEU D 532 -33.77 55.22 8.05
C LEU D 532 -34.54 55.16 9.37
N ALA D 533 -33.83 54.87 10.45
CA ALA D 533 -34.45 54.89 11.78
C ALA D 533 -34.73 56.34 12.21
N ASP D 534 -33.80 57.23 11.91
CA ASP D 534 -33.95 58.67 12.13
C ASP D 534 -35.12 59.26 11.33
N GLU D 535 -35.13 59.03 10.01
CA GLU D 535 -36.18 59.52 9.11
C GLU D 535 -37.58 59.05 9.44
N CYS D 536 -37.69 57.91 10.13
CA CYS D 536 -38.98 57.36 10.50
C CYS D 536 -39.32 57.70 11.95
N GLY D 537 -38.41 58.39 12.60
CA GLY D 537 -38.60 58.85 13.98
C GLY D 537 -38.81 57.73 14.97
N LEU D 538 -38.07 56.64 14.78
CA LEU D 538 -38.13 55.49 15.68
C LEU D 538 -37.45 55.80 17.00
N PRO D 539 -38.01 55.33 18.13
CA PRO D 539 -37.39 55.52 19.44
C PRO D 539 -35.98 54.93 19.53
N ASN D 540 -35.11 55.55 20.33
CA ASN D 540 -33.73 55.11 20.53
C ASN D 540 -33.59 53.62 20.81
N ASP D 541 -34.50 53.09 21.63
CA ASP D 541 -34.59 51.66 21.90
C ASP D 541 -34.65 50.87 20.60
N THR D 542 -35.60 51.21 19.74
CA THR D 542 -35.76 50.57 18.44
C THR D 542 -34.45 50.64 17.64
N LYS D 543 -33.95 51.86 17.44
CA LYS D 543 -32.73 52.12 16.69
C LYS D 543 -31.57 51.22 17.16
N ALA D 544 -31.38 51.17 18.48
CA ALA D 544 -30.35 50.31 19.10
C ALA D 544 -30.48 48.82 18.75
N ARG D 545 -31.70 48.29 18.85
CA ARG D 545 -31.99 46.89 18.54
C ARG D 545 -31.72 46.58 17.08
N LEU D 546 -32.20 47.45 16.19
CA LEU D 546 -32.07 47.26 14.74
C LEU D 546 -30.61 47.35 14.29
N LEU D 547 -29.86 48.28 14.89
CA LEU D 547 -28.45 48.46 14.52
C LEU D 547 -27.60 47.25 14.92
N TYR D 548 -28.00 46.60 16.00
CA TYR D 548 -27.34 45.40 16.47
C TYR D 548 -27.58 44.22 15.53
N VAL D 549 -28.80 44.13 14.99
CA VAL D 549 -29.13 43.11 13.98
C VAL D 549 -28.25 43.36 12.75
N ALA D 550 -28.16 44.62 12.32
CA ALA D 550 -27.35 45.01 11.17
C ALA D 550 -25.88 44.60 11.36
N LYS D 551 -25.43 44.60 12.60
CA LYS D 551 -24.06 44.26 12.93
C LYS D 551 -23.90 42.74 13.05
N ALA D 552 -24.92 42.07 13.60
CA ALA D 552 -24.80 40.68 13.99
C ALA D 552 -25.03 39.67 12.88
N VAL D 553 -25.90 39.99 11.92
CA VAL D 553 -26.27 39.00 10.90
C VAL D 553 -25.18 38.95 9.81
N PRO D 554 -24.62 37.75 9.56
CA PRO D 554 -23.60 37.67 8.51
C PRO D 554 -24.20 38.13 7.18
N VAL D 555 -23.56 39.09 6.53
CA VAL D 555 -24.14 39.75 5.35
C VAL D 555 -24.40 38.78 4.18
N TYR D 556 -23.53 37.78 4.03
CA TYR D 556 -23.64 36.80 2.95
C TYR D 556 -24.85 35.85 3.05
N THR D 557 -25.51 35.80 4.20
CA THR D 557 -26.76 35.02 4.35
C THR D 557 -27.97 35.70 3.67
N TYR D 558 -27.87 36.99 3.36
CA TYR D 558 -28.98 37.69 2.73
C TYR D 558 -28.62 38.57 1.53
N LEU D 559 -27.35 38.58 1.15
CA LEU D 559 -26.89 39.38 0.00
C LEU D 559 -27.71 39.11 -1.26
N GLU D 560 -28.12 37.87 -1.41
CA GLU D 560 -28.92 37.46 -2.53
C GLU D 560 -30.18 38.27 -2.71
N SER D 561 -30.84 38.58 -1.61
CA SER D 561 -32.06 39.37 -1.62
C SER D 561 -32.27 40.01 -0.28
N PRO D 562 -31.71 41.19 -0.12
CA PRO D 562 -31.54 41.73 1.22
C PRO D 562 -32.82 41.95 1.94
N CYS D 563 -33.89 42.25 1.23
CA CYS D 563 -35.19 42.49 1.85
C CYS D 563 -36.22 41.37 1.67
N ASP D 564 -35.72 40.16 1.43
CA ASP D 564 -36.54 38.97 1.41
C ASP D 564 -36.94 38.68 2.85
N PRO D 565 -38.27 38.61 3.11
CA PRO D 565 -38.75 38.43 4.49
C PRO D 565 -38.42 37.08 5.10
N THR D 566 -37.95 36.12 4.28
CA THR D 566 -37.58 34.78 4.75
C THR D 566 -36.08 34.65 5.02
N LEU D 567 -35.31 35.68 4.71
CA LEU D 567 -33.86 35.64 4.93
C LEU D 567 -33.45 36.36 6.23
N PRO D 568 -32.29 36.00 6.80
CA PRO D 568 -31.88 36.42 8.14
C PRO D 568 -31.91 37.92 8.51
N LEU D 569 -31.73 38.84 7.56
CA LEU D 569 -31.77 40.26 7.92
C LEU D 569 -33.17 40.69 8.36
N LEU D 570 -34.15 40.59 7.45
CA LEU D 570 -35.53 40.96 7.79
C LEU D 570 -36.11 40.06 8.86
N LEU D 571 -35.58 38.84 8.96
CA LEU D 571 -35.98 37.91 10.00
C LEU D 571 -35.57 38.46 11.38
N GLY D 572 -34.35 38.97 11.48
CA GLY D 572 -33.85 39.58 12.72
C GLY D 572 -34.53 40.91 13.01
N LEU D 573 -34.70 41.71 11.96
CA LEU D 573 -35.40 42.99 12.05
C LEU D 573 -36.83 42.86 12.59
N LYS D 574 -37.58 41.87 12.11
CA LYS D 574 -38.96 41.64 12.58
C LYS D 574 -39.06 41.24 14.05
N GLN D 575 -38.15 40.37 14.50
CA GLN D 575 -38.09 39.97 15.92
C GLN D 575 -37.86 41.17 16.83
N SER D 576 -36.93 42.02 16.44
CA SER D 576 -36.62 43.25 17.16
C SER D 576 -37.79 44.24 17.17
N CYS D 577 -38.58 44.24 16.09
CA CYS D 577 -39.71 45.16 15.96
C CYS D 577 -40.86 44.74 16.86
N PHE D 578 -41.15 43.45 16.90
CA PHE D 578 -42.11 42.92 17.87
C PHE D 578 -41.64 43.19 19.30
N ASP D 579 -40.35 43.04 19.55
CA ASP D 579 -39.80 43.26 20.88
C ASP D 579 -39.92 44.70 21.34
N THR D 580 -39.63 45.63 20.42
CA THR D 580 -39.76 47.06 20.70
C THR D 580 -41.22 47.48 20.94
N ILE D 581 -42.16 46.81 20.28
CA ILE D 581 -43.60 47.06 20.51
C ILE D 581 -44.05 46.58 21.90
N LEU D 582 -43.48 45.47 22.36
CA LEU D 582 -43.73 44.97 23.71
C LEU D 582 -43.09 45.87 24.77
N ALA D 583 -41.86 46.30 24.51
CA ALA D 583 -41.12 47.14 25.44
C ALA D 583 -41.73 48.54 25.63
N LEU D 584 -42.54 49.00 24.67
CA LEU D 584 -43.07 50.37 24.69
C LEU D 584 -44.59 50.50 24.79
N ASP D 593 -49.37 52.35 18.37
CA ASP D 593 -50.08 52.29 17.10
C ASP D 593 -49.53 53.26 16.06
N THR D 594 -48.92 54.35 16.54
CA THR D 594 -48.19 55.27 15.67
C THR D 594 -46.81 54.67 15.46
N LEU D 595 -46.32 53.97 16.50
CA LEU D 595 -45.07 53.23 16.44
C LEU D 595 -45.15 52.14 15.37
N VAL D 596 -46.28 51.43 15.31
CA VAL D 596 -46.51 50.41 14.26
C VAL D 596 -46.45 51.04 12.86
N ASP D 597 -47.09 52.19 12.69
CA ASP D 597 -47.05 52.93 11.44
C ASP D 597 -45.61 53.24 11.02
N ARG D 598 -44.80 53.65 11.99
CA ARG D 598 -43.41 54.04 11.72
C ARG D 598 -42.52 52.84 11.35
N LEU D 599 -42.74 51.72 12.05
CA LEU D 599 -42.02 50.46 11.78
C LEU D 599 -42.39 49.86 10.43
N ALA D 600 -43.66 50.00 10.05
CA ALA D 600 -44.13 49.57 8.73
C ALA D 600 -43.53 50.46 7.65
N GLU D 601 -43.32 51.74 7.99
CA GLU D 601 -42.72 52.71 7.09
C GLU D 601 -41.22 52.44 6.94
N PHE D 602 -40.57 52.08 8.06
CA PHE D 602 -39.17 51.65 8.03
C PHE D 602 -38.96 50.44 7.11
N GLU D 603 -39.81 49.44 7.26
CA GLU D 603 -39.73 48.23 6.45
C GLU D 603 -39.91 48.51 4.95
N LYS D 604 -40.82 49.41 4.60
CA LYS D 604 -41.05 49.79 3.20
C LYS D 604 -39.89 50.61 2.64
N ARG D 605 -39.39 51.55 3.43
CA ARG D 605 -38.24 52.38 3.04
C ARG D 605 -36.98 51.53 2.79
N LEU D 606 -36.70 50.62 3.71
CA LEU D 606 -35.57 49.70 3.60
C LEU D 606 -35.62 48.94 2.27
N SER D 607 -36.82 48.48 1.93
CA SER D 607 -37.08 47.74 0.70
C SER D 607 -36.78 48.57 -0.54
N ASP D 608 -37.14 49.85 -0.50
CA ASP D 608 -36.84 50.78 -1.59
C ASP D 608 -35.34 50.99 -1.75
N ARG D 609 -34.62 50.93 -0.64
CA ARG D 609 -33.31 51.55 -0.55
C ARG D 609 -32.11 50.60 -0.35
N LEU D 610 -32.29 49.55 0.44
CA LEU D 610 -31.15 48.76 0.92
C LEU D 610 -30.35 48.05 -0.20
N GLU D 611 -31.06 47.29 -1.03
CA GLU D 611 -30.42 46.55 -2.12
C GLU D 611 -29.56 47.43 -3.03
N ASN D 612 -30.12 48.55 -3.50
CA ASN D 612 -29.39 49.47 -4.36
C ASN D 612 -28.11 50.00 -3.76
N GLU D 613 -28.17 50.35 -2.49
CA GLU D 613 -27.00 50.82 -1.75
C GLU D 613 -25.95 49.71 -1.65
N MET D 614 -26.39 48.47 -1.45
CA MET D 614 -25.49 47.31 -1.39
C MET D 614 -24.91 46.96 -2.75
N THR D 615 -25.75 47.02 -3.78
CA THR D 615 -25.34 46.76 -5.17
C THR D 615 -24.28 47.78 -5.62
N ALA D 616 -24.48 49.05 -5.24
CA ALA D 616 -23.54 50.12 -5.61
C ALA D 616 -22.15 49.89 -5.04
N VAL D 617 -22.05 49.60 -3.74
CA VAL D 617 -20.75 49.32 -3.10
C VAL D 617 -20.08 48.06 -3.68
N ARG D 618 -20.85 47.01 -3.95
CA ARG D 618 -20.31 45.80 -4.58
C ARG D 618 -19.79 46.04 -5.99
N VAL D 619 -20.58 46.73 -6.81
CA VAL D 619 -20.17 47.10 -8.16
C VAL D 619 -18.84 47.87 -8.12
N LEU D 620 -18.78 48.91 -7.27
CA LEU D 620 -17.56 49.67 -7.02
C LEU D 620 -16.38 48.79 -6.63
N TYR D 621 -16.60 47.86 -5.69
CA TYR D 621 -15.52 46.98 -5.24
C TYR D 621 -14.97 46.16 -6.41
N GLU D 622 -15.88 45.62 -7.21
CA GLU D 622 -15.53 44.88 -8.42
C GLU D 622 -14.87 45.82 -9.43
N ARG D 637 -7.81 46.18 4.23
CA ARG D 637 -7.18 45.34 5.27
C ARG D 637 -5.97 44.55 4.80
N ILE D 638 -5.99 44.10 3.55
CA ILE D 638 -4.86 43.36 3.00
C ILE D 638 -3.62 44.24 2.94
N GLN D 639 -3.83 45.56 2.85
CA GLN D 639 -2.72 46.51 2.82
C GLN D 639 -1.89 46.50 4.11
N GLY D 640 -2.51 46.14 5.23
CA GLY D 640 -1.76 46.01 6.49
C GLY D 640 -1.36 44.59 6.81
N SER D 641 -1.59 43.67 5.88
CA SER D 641 -1.33 42.24 6.12
C SER D 641 0.00 41.81 5.54
N LYS D 642 0.67 40.88 6.21
CA LYS D 642 1.93 40.32 5.70
C LYS D 642 1.73 39.51 4.42
N PHE D 643 0.48 39.14 4.14
CA PHE D 643 0.18 38.36 2.94
C PHE D 643 -0.17 39.24 1.73
N LEU D 644 -0.03 40.55 1.90
CA LEU D 644 -0.21 41.51 0.80
C LEU D 644 0.60 41.15 -0.46
N PRO D 645 1.89 40.81 -0.32
CA PRO D 645 2.64 40.41 -1.53
C PRO D 645 1.98 39.27 -2.33
N PHE D 646 1.39 38.29 -1.65
CA PHE D 646 0.74 37.18 -2.34
C PHE D 646 -0.52 37.64 -3.07
N TYR D 647 -1.37 38.40 -2.36
CA TYR D 647 -2.58 38.96 -2.94
C TYR D 647 -2.27 39.87 -4.14
N ARG D 648 -1.29 40.75 -3.97
CA ARG D 648 -0.91 41.71 -5.00
C ARG D 648 -0.32 40.96 -6.21
N PHE D 649 0.56 39.99 -5.94
CA PHE D 649 1.12 39.16 -7.01
C PHE D 649 0.05 38.44 -7.83
N VAL D 650 -0.90 37.79 -7.16
CA VAL D 650 -1.98 37.07 -7.84
C VAL D 650 -2.97 37.99 -8.58
N ARG D 651 -3.33 39.10 -7.92
CA ARG D 651 -4.33 40.03 -8.51
C ARG D 651 -3.74 40.96 -9.58
N GLU D 652 -2.60 41.57 -9.28
CA GLU D 652 -2.01 42.61 -10.14
C GLU D 652 -1.00 42.07 -11.14
N GLU D 653 0.04 41.41 -10.65
CA GLU D 653 1.05 40.87 -11.53
C GLU D 653 0.52 39.76 -12.46
N LEU D 654 -0.36 38.93 -11.95
CA LEU D 654 -0.93 37.85 -12.74
C LEU D 654 -2.24 38.26 -13.40
N ASP D 655 -2.72 39.45 -13.05
CA ASP D 655 -3.90 40.04 -13.67
C ASP D 655 -5.15 39.19 -13.49
N THR D 656 -5.63 39.10 -12.26
CA THR D 656 -6.87 38.40 -11.94
C THR D 656 -7.86 39.27 -11.18
N GLY D 657 -9.01 38.73 -10.80
CA GLY D 657 -9.97 39.49 -9.99
C GLY D 657 -10.90 38.56 -9.21
N VAL D 658 -11.79 39.12 -8.38
CA VAL D 658 -12.82 38.31 -7.73
C VAL D 658 -13.54 37.45 -8.75
N MET D 659 -13.85 36.23 -8.34
CA MET D 659 -14.51 35.28 -9.22
C MET D 659 -16.00 35.44 -9.07
N SER D 660 -16.69 35.45 -10.21
CA SER D 660 -18.15 35.62 -10.26
C SER D 660 -18.61 35.33 -11.68
N ALA D 661 -19.93 35.32 -11.86
CA ALA D 661 -20.53 35.22 -13.20
C ALA D 661 -20.14 36.38 -14.13
N ARG D 662 -19.82 37.55 -13.58
CA ARG D 662 -19.50 38.72 -14.41
C ARG D 662 -18.05 38.78 -14.90
N ARG D 663 -17.23 37.86 -14.42
CA ARG D 663 -15.85 37.75 -14.88
C ARG D 663 -15.76 36.57 -15.84
N GLU D 664 -15.24 36.82 -17.04
CA GLU D 664 -15.23 35.81 -18.11
C GLU D 664 -14.25 34.66 -17.88
N GLN D 665 -13.06 34.97 -17.37
CA GLN D 665 -12.02 33.99 -17.11
C GLN D 665 -12.52 32.82 -16.26
N THR D 666 -12.20 31.60 -16.69
CA THR D 666 -12.61 30.41 -15.95
C THR D 666 -11.70 30.17 -14.73
N PRO D 667 -12.17 29.38 -13.73
CA PRO D 667 -11.30 28.95 -12.62
C PRO D 667 -9.97 28.39 -13.13
N GLN D 668 -10.01 27.60 -14.21
CA GLN D 668 -8.82 27.07 -14.86
C GLN D 668 -7.81 28.16 -15.22
N GLU D 669 -8.30 29.22 -15.85
CA GLU D 669 -7.46 30.33 -16.29
C GLU D 669 -6.78 31.05 -15.13
N ASP D 670 -7.53 31.23 -14.05
CA ASP D 670 -6.99 31.86 -12.85
C ASP D 670 -5.98 30.93 -12.16
N VAL D 671 -6.37 29.67 -11.95
CA VAL D 671 -5.49 28.73 -11.25
C VAL D 671 -4.25 28.38 -12.08
N GLN D 672 -4.40 28.30 -13.41
CA GLN D 672 -3.25 28.05 -14.29
C GLN D 672 -2.12 29.07 -14.07
N LYS D 673 -2.48 30.36 -14.04
CA LYS D 673 -1.51 31.43 -13.81
C LYS D 673 -0.73 31.24 -12.52
N VAL D 674 -1.46 30.89 -11.45
CA VAL D 674 -0.87 30.69 -10.13
C VAL D 674 0.00 29.44 -10.12
N PHE D 675 -0.50 28.34 -10.71
CA PHE D 675 0.28 27.12 -10.87
C PHE D 675 1.58 27.36 -11.64
N ASP D 676 1.49 28.02 -12.80
CA ASP D 676 2.70 28.30 -13.61
C ASP D 676 3.76 29.04 -12.78
N ALA D 677 3.30 29.96 -11.95
CA ALA D 677 4.21 30.78 -11.13
C ALA D 677 4.84 29.96 -10.00
N ILE D 678 4.12 28.96 -9.51
CA ILE D 678 4.69 28.02 -8.55
C ILE D 678 5.73 27.14 -9.23
N ALA D 679 5.38 26.63 -10.41
CA ALA D 679 6.22 25.74 -11.21
C ALA D 679 7.54 26.39 -11.64
N ASP D 680 7.50 27.63 -12.12
CA ASP D 680 8.74 28.25 -12.59
C ASP D 680 9.53 29.02 -11.51
N GLY D 681 8.98 29.12 -10.29
CA GLY D 681 9.70 29.79 -9.19
C GLY D 681 9.32 31.24 -8.94
N ARG D 682 8.52 31.84 -9.83
CA ARG D 682 8.09 33.24 -9.61
C ARG D 682 7.35 33.44 -8.27
N ILE D 683 6.74 32.38 -7.74
CA ILE D 683 6.10 32.42 -6.43
C ILE D 683 7.07 32.80 -5.31
N THR D 684 8.37 32.61 -5.51
CA THR D 684 9.34 32.88 -4.44
C THR D 684 9.53 34.38 -4.18
N VAL D 685 9.16 35.22 -5.15
CA VAL D 685 9.25 36.68 -4.97
C VAL D 685 8.26 37.18 -3.89
N PRO D 686 6.93 36.99 -4.09
CA PRO D 686 6.04 37.38 -2.99
C PRO D 686 6.34 36.65 -1.67
N LEU D 687 6.84 35.42 -1.74
CA LEU D 687 7.17 34.66 -0.54
C LEU D 687 8.31 35.32 0.25
N LEU D 688 9.36 35.71 -0.46
CA LEU D 688 10.47 36.42 0.13
C LEU D 688 10.09 37.82 0.67
N HIS D 689 9.20 38.55 -0.03
CA HIS D 689 8.69 39.83 0.49
C HIS D 689 7.92 39.64 1.77
N CYS D 690 7.04 38.63 1.79
CA CYS D 690 6.19 38.33 2.92
C CYS D 690 7.01 38.05 4.18
N LEU D 691 8.15 37.40 3.98
CA LEU D 691 8.99 36.93 5.07
C LEU D 691 10.11 37.92 5.46
N GLN D 692 10.23 39.02 4.72
CA GLN D 692 11.24 40.05 5.02
C GLN D 692 11.17 40.48 6.47
N GLY D 693 12.31 40.43 7.15
CA GLY D 693 12.39 40.84 8.54
C GLY D 693 12.22 39.71 9.55
N PHE D 694 11.68 38.57 9.12
CA PHE D 694 11.54 37.43 10.03
C PHE D 694 12.92 36.96 10.48
N LEU D 695 13.14 36.97 11.79
CA LEU D 695 14.41 36.55 12.41
C LEU D 695 15.70 37.22 11.87
C BQ7 E . 5.75 -30.15 -4.18
N BQ7 E . 5.16 -27.98 -2.43
O BQ7 E . 5.33 -30.42 -5.32
O1 BQ7 E . 5.45 -30.76 -3.12
CA BQ7 E . 6.77 -29.00 -4.07
CB BQ7 E . 6.60 -28.18 -2.75
CG BQ7 E . 7.33 -28.75 -1.50
FR BQ7 E . 6.57 -28.21 -5.12
FS BQ7 E . 8.00 -29.48 -4.22
CZ BQ7 E . 8.69 -29.65 0.79
CD1 BQ7 E . 8.55 -28.18 -1.12
CD2 BQ7 E . 6.78 -29.76 -0.69
CE1 BQ7 E . 9.24 -28.62 0.01
CE2 BQ7 E . 7.46 -30.21 0.43
C1 GOL F . -22.81 9.54 26.55
O1 GOL F . -22.75 10.67 25.67
C2 GOL F . -24.19 8.91 26.46
O2 GOL F . -24.08 7.54 26.87
C3 GOL F . -25.11 9.59 27.46
O3 GOL F . -25.59 10.81 26.88
C BQ7 G . -25.86 15.16 -8.98
N BQ7 G . -23.03 14.60 -9.23
O BQ7 G . -25.73 15.81 -10.05
O1 BQ7 G . -26.73 14.27 -8.76
CA BQ7 G . -24.90 15.50 -7.82
CB BQ7 G . -23.43 15.67 -8.28
CG BQ7 G . -23.05 17.08 -8.83
FR BQ7 G . -24.95 14.50 -6.94
FS BQ7 G . -25.34 16.58 -7.17
CZ BQ7 G . -22.26 19.61 -9.73
CD1 BQ7 G . -22.32 17.93 -8.00
CD2 BQ7 G . -23.36 17.51 -10.12
CE1 BQ7 G . -21.93 19.19 -8.43
CE2 BQ7 G . -22.97 18.77 -10.58
C1 GOL H . 25.83 -8.83 -26.62
O1 GOL H . 26.14 -10.14 -26.18
C2 GOL H . 24.44 -8.55 -26.08
O2 GOL H . 23.75 -7.83 -27.09
C3 GOL H . 24.59 -7.73 -24.80
O3 GOL H . 25.26 -8.48 -23.77
C BQ7 I . -9.90 19.72 22.25
N BQ7 I . -9.37 17.00 21.26
O BQ7 I . -10.16 19.17 23.35
O1 BQ7 I . -9.12 20.69 22.09
CA BQ7 I . -10.63 19.18 20.99
CB BQ7 I . -10.68 17.62 20.91
CG BQ7 I . -11.85 16.96 21.67
FR BQ7 I . -10.00 19.64 19.90
FS BQ7 I . -11.85 19.69 20.92
CZ BQ7 I . -14.01 15.66 22.94
CD1 BQ7 I . -12.96 16.51 20.94
CD2 BQ7 I . -11.83 16.72 23.07
CE1 BQ7 I . -14.03 15.87 21.57
CE2 BQ7 I . -12.90 16.08 23.69
C BQ7 J . 29.38 -4.11 -8.87
N BQ7 J . 26.64 -3.29 -9.36
O BQ7 J . 29.63 -3.47 -9.92
O1 BQ7 J . 29.99 -3.99 -7.78
CA BQ7 J . 28.25 -5.15 -8.91
CB BQ7 J . 27.02 -4.68 -9.73
CG BQ7 J . 27.09 -4.78 -11.29
FR BQ7 J . 27.86 -5.27 -7.63
FS BQ7 J . 28.70 -6.36 -9.27
CZ BQ7 J . 27.09 -4.96 -14.10
CD1 BQ7 J . 26.35 -5.76 -11.94
CD2 BQ7 J . 27.81 -3.85 -12.07
CE1 BQ7 J . 26.37 -5.87 -13.33
CE2 BQ7 J . 27.82 -3.96 -13.45
#